data_8QBG
#
_entry.id   8QBG
#
_cell.length_a   1.00
_cell.length_b   1.00
_cell.length_c   1.00
_cell.angle_alpha   90.00
_cell.angle_beta   90.00
_cell.angle_gamma   90.00
#
_symmetry.space_group_name_H-M   'P 1'
#
_entity_poly.entity_id   1
_entity_poly.type   'polypeptide(L)'
_entity_poly.pdbx_seq_one_letter_code
;MHRTYSLRNSRAPTASQLQNPPPPPSTTKGRFFGKGGLAYSFRRSAAGAFGPELSRKLSQLVKIEKNVLRSMELTANERR
DAAKQLSIWGLENDDDVSDITDKLGVLIYEVSELDDQFIDRYDQYRLTLKSIRDIEGSVQPSRDRKDKITDKIAYLKYKD
PQSPKIEVLEQELVRAEAESLVAEAQLSNITRSKLRAAFNYQFDSIIEHSEKIALIAGYGKALLELLDDSPVTPGETRPA
YDGYEASKQIIIDAESALNEWTLDSAQVKPTLSFKQDYEDFEPEEGEEEEEEDGQGRWSEDEQEDGQIEEPEQEEEGAVE
EHEQVGHQQSESLPQQTTA
;
_entity_poly.pdbx_strand_id   A,B,C,I,D,J,E,K,F,L,G,M,H,N
#
# COMPACT_ATOMS: atom_id res chain seq x y z
N MET A 1 -31.85 3.68 5.23
CA MET A 1 -33.07 3.37 5.95
C MET A 1 -34.06 4.53 5.85
N HIS A 2 -33.54 5.72 5.58
CA HIS A 2 -34.35 6.92 5.47
C HIS A 2 -35.01 7.06 4.09
N ARG A 3 -34.85 6.06 3.23
CA ARG A 3 -35.42 6.12 1.89
C ARG A 3 -36.95 6.15 1.95
N THR A 4 -37.55 6.86 1.00
CA THR A 4 -38.99 6.99 0.93
C THR A 4 -39.62 5.69 0.40
N TYR A 5 -40.94 5.70 0.30
CA TYR A 5 -41.68 4.53 -0.17
C TYR A 5 -41.78 4.58 -1.70
N SER A 6 -40.63 4.37 -2.34
CA SER A 6 -40.52 4.35 -3.78
C SER A 6 -39.58 3.23 -4.18
N LEU A 7 -39.20 3.20 -5.45
CA LEU A 7 -38.32 2.17 -5.98
C LEU A 7 -36.86 2.60 -5.94
N ARG A 8 -36.58 3.79 -5.43
CA ARG A 8 -35.24 4.37 -5.42
C ARG A 8 -34.72 4.40 -3.99
N ASN A 9 -33.42 4.18 -3.83
CA ASN A 9 -32.78 4.34 -2.52
C ASN A 9 -32.42 5.82 -2.31
N SER A 10 -33.46 6.65 -2.32
CA SER A 10 -33.33 8.08 -2.10
C SER A 10 -33.95 8.43 -0.76
N ARG A 11 -33.15 8.98 0.14
CA ARG A 11 -33.64 9.33 1.47
C ARG A 11 -34.59 10.50 1.40
N ALA A 12 -35.56 10.50 2.30
CA ALA A 12 -36.52 11.61 2.38
C ALA A 12 -35.79 12.89 2.78
N PRO A 13 -35.94 13.97 2.03
CA PRO A 13 -35.22 15.21 2.37
C PRO A 13 -35.77 15.84 3.64
N THR A 14 -34.87 16.21 4.54
CA THR A 14 -35.25 16.88 5.78
C THR A 14 -35.43 18.38 5.51
N ALA A 15 -35.84 19.12 6.54
CA ALA A 15 -36.06 20.55 6.39
C ALA A 15 -34.80 21.27 5.94
N SER A 16 -33.63 20.80 6.38
CA SER A 16 -32.37 21.38 5.91
C SER A 16 -32.20 21.19 4.41
N GLN A 17 -32.58 20.02 3.90
CA GLN A 17 -32.47 19.77 2.46
C GLN A 17 -33.38 20.69 1.67
N LEU A 18 -34.60 20.94 2.17
CA LEU A 18 -35.47 21.91 1.52
C LEU A 18 -34.89 23.32 1.59
N GLN A 19 -34.29 23.67 2.73
CA GLN A 19 -33.71 25.00 2.88
C GLN A 19 -32.55 25.21 1.90
N ASN A 20 -31.64 24.25 1.83
CA ASN A 20 -30.53 24.31 0.88
C ASN A 20 -30.44 22.96 0.16
N PRO A 21 -30.47 22.95 -1.17
CA PRO A 21 -30.48 21.69 -1.89
C PRO A 21 -29.21 20.90 -1.63
N PRO A 22 -29.30 19.57 -1.65
CA PRO A 22 -28.10 18.77 -1.42
C PRO A 22 -27.08 18.97 -2.52
N PRO A 23 -25.78 18.91 -2.20
CA PRO A 23 -24.76 19.09 -3.23
C PRO A 23 -24.62 17.84 -4.08
N PRO A 24 -23.99 17.95 -5.23
CA PRO A 24 -23.76 16.76 -6.07
C PRO A 24 -22.82 15.79 -5.38
N PRO A 25 -22.88 14.50 -5.75
CA PRO A 25 -22.01 13.51 -5.10
C PRO A 25 -20.54 13.84 -5.30
N SER A 26 -19.73 13.46 -4.31
CA SER A 26 -18.32 13.78 -4.31
C SER A 26 -17.60 13.13 -5.49
N THR A 27 -16.62 13.85 -6.04
CA THR A 27 -15.80 13.36 -7.14
C THR A 27 -14.58 12.60 -6.68
N THR A 28 -14.43 12.39 -5.37
CA THR A 28 -13.28 11.69 -4.81
C THR A 28 -13.45 10.17 -4.85
N LYS A 29 -14.57 9.66 -5.38
CA LYS A 29 -14.80 8.23 -5.46
C LYS A 29 -13.78 7.59 -6.39
N GLY A 30 -12.81 6.85 -5.82
CA GLY A 30 -11.80 6.21 -6.61
C GLY A 30 -12.15 4.77 -6.97
N ARG A 31 -11.48 4.27 -8.00
CA ARG A 31 -11.67 2.89 -8.45
C ARG A 31 -10.83 1.98 -7.57
N PHE A 32 -11.39 1.64 -6.41
CA PHE A 32 -10.70 0.83 -5.42
C PHE A 32 -11.72 0.10 -4.56
N PHE A 33 -11.25 -0.91 -3.82
CA PHE A 33 -12.13 -1.69 -2.97
C PHE A 33 -12.72 -0.85 -1.84
N GLY A 34 -12.02 0.20 -1.40
CA GLY A 34 -12.49 1.00 -0.30
C GLY A 34 -12.24 0.43 1.07
N LYS A 35 -11.40 -0.60 1.20
CA LYS A 35 -11.06 -1.19 2.48
C LYS A 35 -9.57 -1.09 2.79
N GLY A 36 -8.87 -0.13 2.19
CA GLY A 36 -7.45 0.02 2.41
C GLY A 36 -6.58 -0.96 1.66
N GLY A 37 -7.11 -1.64 0.65
CA GLY A 37 -6.35 -2.61 -0.10
C GLY A 37 -6.25 -3.95 0.59
N LEU A 38 -5.51 -4.85 -0.06
CA LEU A 38 -5.32 -6.19 0.51
C LEU A 38 -4.50 -6.14 1.79
N ALA A 39 -3.60 -5.15 1.92
CA ALA A 39 -2.82 -5.03 3.14
C ALA A 39 -3.70 -4.78 4.35
N TYR A 40 -4.67 -3.87 4.20
CA TYR A 40 -5.59 -3.58 5.30
C TYR A 40 -6.75 -4.57 5.39
N SER A 41 -6.99 -5.34 4.32
CA SER A 41 -7.99 -6.40 4.35
C SER A 41 -7.43 -7.72 4.84
N PHE A 42 -6.11 -7.82 5.03
CA PHE A 42 -5.53 -9.03 5.60
C PHE A 42 -6.05 -9.28 7.00
N ARG A 43 -6.16 -8.22 7.81
CA ARG A 43 -6.73 -8.37 9.15
C ARG A 43 -8.18 -8.82 9.08
N ARG A 44 -8.96 -8.24 8.17
CA ARG A 44 -10.36 -8.63 8.04
C ARG A 44 -10.48 -10.10 7.64
N SER A 45 -9.64 -10.56 6.71
CA SER A 45 -9.65 -11.96 6.32
C SER A 45 -9.23 -12.86 7.48
N ALA A 46 -8.20 -12.46 8.23
CA ALA A 46 -7.74 -13.25 9.37
C ALA A 46 -8.77 -13.30 10.48
N ALA A 47 -9.65 -12.30 10.56
CA ALA A 47 -10.75 -12.39 11.52
C ALA A 47 -11.67 -13.56 11.20
N GLY A 48 -11.97 -13.76 9.92
CA GLY A 48 -12.73 -14.91 9.48
C GLY A 48 -11.84 -16.11 9.20
N ALA A 49 -11.37 -16.74 10.26
CA ALA A 49 -10.37 -17.81 10.15
C ALA A 49 -10.63 -18.83 11.25
N PHE A 50 -9.64 -19.68 11.53
CA PHE A 50 -9.82 -20.77 12.46
C PHE A 50 -9.98 -20.26 13.89
N GLY A 51 -11.21 -19.89 14.25
CA GLY A 51 -11.50 -19.43 15.59
C GLY A 51 -12.52 -20.31 16.27
N PRO A 52 -13.02 -19.86 17.43
CA PRO A 52 -14.00 -20.66 18.17
C PRO A 52 -15.38 -20.64 17.54
N GLU A 53 -15.50 -20.05 16.35
CA GLU A 53 -16.71 -20.08 15.52
C GLU A 53 -17.88 -19.37 16.19
N LEU A 54 -17.69 -18.93 17.43
CA LEU A 54 -18.70 -18.16 18.16
C LEU A 54 -18.34 -16.69 18.27
N SER A 55 -17.14 -16.39 18.75
CA SER A 55 -16.65 -15.02 18.78
C SER A 55 -16.05 -14.60 17.45
N ARG A 56 -16.19 -15.42 16.41
CA ARG A 56 -15.69 -15.05 15.09
C ARG A 56 -16.29 -13.74 14.62
N LYS A 57 -17.62 -13.62 14.73
CA LYS A 57 -18.27 -12.36 14.36
C LYS A 57 -17.83 -11.23 15.27
N LEU A 58 -17.73 -11.48 16.57
CA LEU A 58 -17.33 -10.44 17.50
C LEU A 58 -15.88 -10.04 17.29
N SER A 59 -14.99 -11.01 17.05
CA SER A 59 -13.61 -10.67 16.75
C SER A 59 -13.49 -9.90 15.45
N GLN A 60 -14.28 -10.27 14.45
CA GLN A 60 -14.29 -9.52 13.20
C GLN A 60 -14.76 -8.09 13.43
N LEU A 61 -15.78 -7.91 14.27
CA LEU A 61 -16.24 -6.56 14.59
C LEU A 61 -15.15 -5.77 15.30
N VAL A 62 -14.44 -6.43 16.23
CA VAL A 62 -13.37 -5.74 16.96
C VAL A 62 -12.27 -5.30 16.02
N LYS A 63 -11.88 -6.17 15.08
CA LYS A 63 -10.81 -5.81 14.16
C LYS A 63 -11.26 -4.75 13.17
N ILE A 64 -12.54 -4.78 12.78
CA ILE A 64 -13.10 -3.71 11.96
C ILE A 64 -13.08 -2.39 12.73
N GLU A 65 -13.38 -2.44 14.03
CA GLU A 65 -13.30 -1.25 14.85
C GLU A 65 -11.86 -0.74 14.94
N LYS A 66 -10.90 -1.67 14.96
CA LYS A 66 -9.51 -1.26 14.89
C LYS A 66 -9.19 -0.55 13.59
N ASN A 67 -9.73 -1.04 12.48
CA ASN A 67 -9.58 -0.32 11.22
C ASN A 67 -10.22 1.07 11.29
N VAL A 68 -11.38 1.16 11.93
CA VAL A 68 -12.02 2.45 12.15
C VAL A 68 -11.08 3.37 12.89
N LEU A 69 -10.44 2.85 13.94
CA LEU A 69 -9.57 3.65 14.79
C LEU A 69 -8.34 4.10 14.01
N ARG A 70 -7.79 3.21 13.20
CA ARG A 70 -6.62 3.57 12.40
C ARG A 70 -6.96 4.66 11.38
N SER A 71 -8.11 4.53 10.72
CA SER A 71 -8.53 5.56 9.77
C SER A 71 -8.77 6.89 10.46
N MET A 72 -9.39 6.87 11.64
CA MET A 72 -9.62 8.11 12.38
C MET A 72 -8.30 8.73 12.83
N GLU A 73 -7.35 7.90 13.22
CA GLU A 73 -6.02 8.40 13.57
C GLU A 73 -5.35 9.03 12.36
N LEU A 74 -5.56 8.42 11.19
CA LEU A 74 -5.01 8.97 9.95
C LEU A 74 -5.61 10.34 9.64
N THR A 75 -6.91 10.51 9.86
CA THR A 75 -7.57 11.77 9.52
C THR A 75 -7.45 12.80 10.62
N ALA A 76 -6.98 12.43 11.80
CA ALA A 76 -6.78 13.43 12.85
C ALA A 76 -5.43 14.12 12.73
N ASN A 77 -4.35 13.33 12.69
CA ASN A 77 -3.01 13.90 12.55
C ASN A 77 -2.88 14.67 11.24
N GLU A 78 -3.39 14.10 10.16
CA GLU A 78 -3.26 14.76 8.87
C GLU A 78 -4.22 15.95 8.76
N ARG A 79 -5.34 15.96 9.50
CA ARG A 79 -6.15 17.18 9.58
C ARG A 79 -5.42 18.29 10.33
N ARG A 80 -4.74 17.96 11.43
CA ARG A 80 -3.97 19.00 12.11
C ARG A 80 -2.82 19.49 11.24
N ASP A 81 -2.28 18.59 10.41
CA ASP A 81 -1.32 19.01 9.38
C ASP A 81 -1.97 19.98 8.41
N ALA A 82 -3.22 19.73 8.02
CA ALA A 82 -3.95 20.64 7.14
C ALA A 82 -4.12 22.01 7.80
N ALA A 83 -4.42 22.02 9.10
CA ALA A 83 -4.54 23.29 9.81
C ALA A 83 -3.22 24.05 9.82
N LYS A 84 -2.12 23.33 10.08
CA LYS A 84 -0.81 23.98 10.03
C LYS A 84 -0.52 24.55 8.65
N GLN A 85 -0.87 23.80 7.61
CA GLN A 85 -0.65 24.27 6.25
C GLN A 85 -1.51 25.49 5.95
N LEU A 86 -2.74 25.51 6.48
CA LEU A 86 -3.60 26.67 6.30
C LEU A 86 -3.00 27.91 6.95
N SER A 87 -2.47 27.77 8.15
CA SER A 87 -1.80 28.90 8.80
C SER A 87 -0.59 29.35 7.99
N ILE A 88 0.19 28.40 7.48
CA ILE A 88 1.36 28.74 6.67
C ILE A 88 0.94 29.51 5.42
N TRP A 89 -0.14 29.08 4.78
CA TRP A 89 -0.64 29.79 3.61
C TRP A 89 -1.12 31.18 3.97
N GLY A 90 -1.82 31.32 5.09
CA GLY A 90 -2.30 32.61 5.49
C GLY A 90 -1.25 33.54 6.04
N LEU A 91 -0.02 33.04 6.23
CA LEU A 91 1.08 33.89 6.67
C LEU A 91 1.23 35.13 5.79
N GLU A 92 1.24 34.94 4.48
CA GLU A 92 1.45 36.04 3.54
C GLU A 92 0.11 36.40 2.90
N ASN A 93 -0.64 37.26 3.59
CA ASN A 93 -1.94 37.69 3.11
C ASN A 93 -2.30 38.98 3.84
N ASP A 94 -3.56 39.40 3.71
CA ASP A 94 -4.02 40.59 4.41
C ASP A 94 -4.00 40.35 5.92
N ASP A 95 -3.84 41.44 6.68
CA ASP A 95 -3.74 41.32 8.13
C ASP A 95 -4.99 40.70 8.73
N ASP A 96 -6.17 41.18 8.32
CA ASP A 96 -7.41 40.58 8.79
C ASP A 96 -7.51 39.13 8.31
N VAL A 97 -7.16 38.88 7.05
CA VAL A 97 -7.20 37.52 6.52
C VAL A 97 -6.23 36.63 7.29
N SER A 98 -5.01 37.13 7.55
CA SER A 98 -4.03 36.32 8.27
C SER A 98 -4.51 35.99 9.67
N ASP A 99 -5.04 36.99 10.38
CA ASP A 99 -5.53 36.75 11.75
C ASP A 99 -6.69 35.77 11.75
N ILE A 100 -7.65 35.96 10.84
CA ILE A 100 -8.83 35.10 10.84
C ILE A 100 -8.46 33.68 10.44
N THR A 101 -7.53 33.52 9.50
CA THR A 101 -7.14 32.17 9.10
C THR A 101 -6.30 31.50 10.17
N ASP A 102 -5.51 32.26 10.93
CA ASP A 102 -4.80 31.67 12.06
C ASP A 102 -5.78 31.21 13.12
N LYS A 103 -6.83 31.99 13.36
CA LYS A 103 -7.84 31.58 14.34
C LYS A 103 -8.60 30.35 13.86
N LEU A 104 -8.93 30.28 12.57
CA LEU A 104 -9.55 29.07 12.04
C LEU A 104 -8.61 27.87 12.16
N GLY A 105 -7.31 28.10 11.94
CA GLY A 105 -6.35 27.02 12.10
C GLY A 105 -6.28 26.51 13.53
N VAL A 106 -6.32 27.43 14.50
CA VAL A 106 -6.28 26.98 15.89
C VAL A 106 -7.58 26.28 16.26
N LEU A 107 -8.71 26.72 15.70
CA LEU A 107 -9.97 26.00 15.93
C LEU A 107 -9.91 24.59 15.36
N ILE A 108 -9.32 24.43 14.16
CA ILE A 108 -9.16 23.10 13.59
C ILE A 108 -8.20 22.27 14.43
N TYR A 109 -7.18 22.90 15.02
CA TYR A 109 -6.30 22.18 15.93
C TYR A 109 -7.07 21.67 17.15
N GLU A 110 -7.94 22.52 17.70
CA GLU A 110 -8.83 22.06 18.77
C GLU A 110 -9.68 20.88 18.30
N VAL A 111 -10.18 20.96 17.08
CA VAL A 111 -10.97 19.87 16.51
C VAL A 111 -10.16 18.58 16.48
N SER A 112 -8.91 18.66 16.06
CA SER A 112 -8.06 17.48 15.99
C SER A 112 -7.77 16.92 17.38
N GLU A 113 -7.56 17.80 18.36
CA GLU A 113 -7.32 17.33 19.72
C GLU A 113 -8.56 16.62 20.27
N LEU A 114 -9.74 17.17 20.04
CA LEU A 114 -10.97 16.51 20.45
C LEU A 114 -11.13 15.18 19.72
N ASP A 115 -10.72 15.12 18.45
CA ASP A 115 -10.75 13.87 17.72
C ASP A 115 -9.85 12.84 18.37
N ASP A 116 -8.66 13.26 18.81
CA ASP A 116 -7.75 12.33 19.48
C ASP A 116 -8.34 11.82 20.80
N GLN A 117 -8.97 12.71 21.56
CA GLN A 117 -9.64 12.26 22.78
C GLN A 117 -10.77 11.28 22.47
N PHE A 118 -11.55 11.56 21.41
CA PHE A 118 -12.58 10.64 20.97
C PHE A 118 -11.98 9.31 20.55
N ILE A 119 -10.79 9.34 19.96
CA ILE A 119 -10.09 8.11 19.59
C ILE A 119 -9.72 7.30 20.83
N ASP A 120 -9.24 7.97 21.87
CA ASP A 120 -8.92 7.27 23.10
C ASP A 120 -10.17 6.63 23.72
N ARG A 121 -11.28 7.36 23.73
CA ARG A 121 -12.53 6.78 24.26
C ARG A 121 -13.01 5.65 23.36
N TYR A 122 -12.78 5.78 22.04
CA TYR A 122 -13.09 4.70 21.11
C TYR A 122 -12.26 3.47 21.43
N ASP A 123 -11.01 3.66 21.81
CA ASP A 123 -10.18 2.53 22.20
C ASP A 123 -10.68 1.90 23.50
N GLN A 124 -11.21 2.71 24.41
CA GLN A 124 -11.86 2.14 25.59
C GLN A 124 -13.05 1.27 25.18
N TYR A 125 -13.87 1.76 24.27
CA TYR A 125 -14.98 0.97 23.73
C TYR A 125 -14.49 -0.33 23.10
N ARG A 126 -13.43 -0.24 22.30
CA ARG A 126 -12.89 -1.41 21.62
C ARG A 126 -12.29 -2.40 22.61
N LEU A 127 -11.71 -1.90 23.70
CA LEU A 127 -11.16 -2.79 24.71
C LEU A 127 -12.25 -3.51 25.48
N THR A 128 -13.35 -2.81 25.78
CA THR A 128 -14.49 -3.49 26.40
C THR A 128 -15.04 -4.57 25.48
N LEU A 129 -15.13 -4.26 24.18
CA LEU A 129 -15.59 -5.27 23.23
C LEU A 129 -14.58 -6.42 23.10
N LYS A 130 -13.29 -6.13 23.23
CA LYS A 130 -12.29 -7.20 23.26
C LYS A 130 -12.50 -8.10 24.45
N SER A 131 -12.81 -7.51 25.61
CA SER A 131 -13.06 -8.31 26.81
C SER A 131 -14.27 -9.22 26.61
N ILE A 132 -15.36 -8.67 26.05
CA ILE A 132 -16.56 -9.48 25.85
C ILE A 132 -16.29 -10.58 24.81
N ARG A 133 -15.51 -10.24 23.77
CA ARG A 133 -15.13 -11.25 22.78
C ARG A 133 -14.34 -12.38 23.42
N ASP A 134 -13.41 -12.03 24.31
CA ASP A 134 -12.55 -13.05 24.89
C ASP A 134 -13.30 -13.94 25.86
N ILE A 135 -14.23 -13.37 26.64
CA ILE A 135 -15.00 -14.23 27.54
C ILE A 135 -15.93 -15.13 26.73
N GLU A 136 -16.51 -14.61 25.65
CA GLU A 136 -17.35 -15.46 24.79
C GLU A 136 -16.53 -16.58 24.16
N GLY A 137 -15.32 -16.26 23.70
CA GLY A 137 -14.45 -17.29 23.15
C GLY A 137 -14.04 -18.32 24.17
N SER A 138 -13.86 -17.91 25.43
CA SER A 138 -13.52 -18.86 26.47
C SER A 138 -14.72 -19.71 26.87
N VAL A 139 -15.92 -19.19 26.70
CA VAL A 139 -17.11 -19.98 27.08
C VAL A 139 -17.57 -20.89 25.95
N GLN A 140 -17.18 -20.62 24.71
CA GLN A 140 -17.56 -21.50 23.60
C GLN A 140 -17.13 -22.95 23.75
N PRO A 141 -15.89 -23.27 24.16
CA PRO A 141 -15.50 -24.69 24.21
C PRO A 141 -16.37 -25.54 25.11
N SER A 142 -17.03 -24.93 26.11
CA SER A 142 -17.97 -25.69 26.91
C SER A 142 -19.09 -26.27 26.06
N ARG A 143 -19.74 -25.43 25.25
CA ARG A 143 -20.81 -25.92 24.39
C ARG A 143 -20.27 -26.80 23.27
N ASP A 144 -19.04 -26.55 22.82
CA ASP A 144 -18.44 -27.43 21.82
C ASP A 144 -18.29 -28.84 22.38
N ARG A 145 -17.75 -28.96 23.59
CA ARG A 145 -17.61 -30.25 24.24
C ARG A 145 -18.97 -30.88 24.51
N LYS A 146 -19.97 -30.06 24.87
CA LYS A 146 -21.31 -30.58 25.07
C LYS A 146 -21.85 -31.22 23.80
N ASP A 147 -21.69 -30.53 22.66
CA ASP A 147 -22.17 -31.06 21.38
C ASP A 147 -21.43 -32.34 21.03
N LYS A 148 -20.11 -32.36 21.21
CA LYS A 148 -19.34 -33.56 20.92
C LYS A 148 -19.78 -34.74 21.78
N ILE A 149 -20.00 -34.48 23.08
CA ILE A 149 -20.39 -35.53 24.00
C ILE A 149 -21.77 -36.07 23.65
N THR A 150 -22.72 -35.18 23.32
CA THR A 150 -24.05 -35.68 22.99
C THR A 150 -24.04 -36.46 21.69
N ASP A 151 -23.23 -36.05 20.71
CA ASP A 151 -23.12 -36.84 19.48
C ASP A 151 -22.53 -38.21 19.76
N LYS A 152 -21.46 -38.27 20.57
CA LYS A 152 -20.83 -39.54 20.86
C LYS A 152 -21.75 -40.46 21.66
N ILE A 153 -22.52 -39.90 22.61
CA ILE A 153 -23.42 -40.73 23.39
C ILE A 153 -24.59 -41.21 22.53
N ALA A 154 -25.02 -40.40 21.56
CA ALA A 154 -26.04 -40.87 20.63
C ALA A 154 -25.53 -42.03 19.79
N TYR A 155 -24.29 -41.92 19.30
CA TYR A 155 -23.72 -43.03 18.54
C TYR A 155 -23.58 -44.28 19.40
N LEU A 156 -23.13 -44.11 20.64
CA LEU A 156 -22.97 -45.26 21.54
C LEU A 156 -24.31 -45.90 21.86
N LYS A 157 -25.35 -45.08 22.04
CA LYS A 157 -26.70 -45.61 22.21
C LYS A 157 -27.13 -46.39 20.97
N TYR A 158 -26.78 -45.90 19.78
CA TYR A 158 -27.05 -46.66 18.57
C TYR A 158 -26.37 -48.01 18.61
N LYS A 159 -25.12 -48.06 19.06
CA LYS A 159 -24.38 -49.32 19.05
C LYS A 159 -25.01 -50.35 19.97
N ASP A 160 -25.31 -49.98 21.20
CA ASP A 160 -25.90 -50.91 22.17
C ASP A 160 -26.60 -50.11 23.25
N PRO A 161 -27.51 -50.73 24.01
CA PRO A 161 -28.19 -50.02 25.11
C PRO A 161 -27.60 -50.24 26.50
N GLN A 162 -26.45 -50.92 26.63
CA GLN A 162 -25.97 -51.25 27.97
C GLN A 162 -24.46 -51.11 28.14
N SER A 163 -23.80 -50.36 27.27
CA SER A 163 -22.37 -50.12 27.47
C SER A 163 -22.15 -49.30 28.73
N PRO A 164 -21.20 -49.70 29.60
CA PRO A 164 -20.88 -48.85 30.75
C PRO A 164 -20.40 -47.48 30.35
N LYS A 165 -19.69 -47.40 29.22
CA LYS A 165 -19.23 -46.12 28.70
C LYS A 165 -20.40 -45.17 28.47
N ILE A 166 -21.54 -45.73 28.05
CA ILE A 166 -22.74 -44.93 27.82
C ILE A 166 -23.18 -44.24 29.10
N GLU A 167 -23.31 -45.01 30.18
CA GLU A 167 -23.78 -44.45 31.44
C GLU A 167 -22.76 -43.47 32.02
N VAL A 168 -21.47 -43.77 31.82
CA VAL A 168 -20.43 -42.88 32.35
C VAL A 168 -20.48 -41.53 31.63
N LEU A 169 -20.61 -41.55 30.30
CA LEU A 169 -20.71 -40.28 29.58
C LEU A 169 -22.04 -39.58 29.82
N GLU A 170 -23.11 -40.31 30.11
CA GLU A 170 -24.34 -39.64 30.53
C GLU A 170 -24.15 -38.94 31.87
N GLN A 171 -23.46 -39.59 32.79
CA GLN A 171 -23.19 -38.98 34.10
C GLN A 171 -22.27 -37.78 33.97
N GLU A 172 -21.33 -37.83 33.04
CA GLU A 172 -20.49 -36.65 32.81
C GLU A 172 -21.24 -35.56 32.05
N LEU A 173 -22.22 -35.95 31.21
CA LEU A 173 -22.97 -34.97 30.44
C LEU A 173 -23.98 -34.25 31.31
N VAL A 174 -24.52 -34.90 32.34
CA VAL A 174 -25.40 -34.17 33.24
C VAL A 174 -24.62 -33.12 34.02
N ARG A 175 -23.34 -33.37 34.30
CA ARG A 175 -22.49 -32.34 34.89
C ARG A 175 -22.18 -31.24 33.87
N ALA A 176 -21.86 -31.64 32.64
CA ALA A 176 -21.55 -30.66 31.60
C ALA A 176 -22.73 -29.76 31.31
N GLU A 177 -23.94 -30.30 31.36
CA GLU A 177 -25.13 -29.50 31.12
C GLU A 177 -25.31 -28.44 32.21
N ALA A 178 -25.12 -28.82 33.48
CA ALA A 178 -25.23 -27.84 34.55
C ALA A 178 -24.14 -26.77 34.45
N GLU A 179 -22.91 -27.19 34.17
CA GLU A 179 -21.84 -26.21 34.03
C GLU A 179 -22.06 -25.31 32.82
N SER A 180 -22.64 -25.84 31.75
CA SER A 180 -22.94 -25.02 30.58
C SER A 180 -24.10 -24.08 30.85
N LEU A 181 -25.09 -24.51 31.65
CA LEU A 181 -26.16 -23.60 32.04
C LEU A 181 -25.61 -22.44 32.85
N VAL A 182 -24.75 -22.74 33.82
CA VAL A 182 -24.15 -21.67 34.61
C VAL A 182 -23.29 -20.77 33.72
N ALA A 183 -22.51 -21.37 32.82
CA ALA A 183 -21.65 -20.61 31.93
C ALA A 183 -22.46 -19.70 31.02
N GLU A 184 -23.58 -20.20 30.48
CA GLU A 184 -24.41 -19.38 29.62
C GLU A 184 -25.14 -18.29 30.39
N ALA A 185 -25.57 -18.58 31.62
CA ALA A 185 -26.19 -17.53 32.43
C ALA A 185 -25.20 -16.40 32.70
N GLN A 186 -23.99 -16.75 33.15
CA GLN A 186 -23.00 -15.71 33.40
C GLN A 186 -22.55 -15.05 32.10
N LEU A 187 -22.56 -15.79 30.99
CA LEU A 187 -22.21 -15.21 29.70
C LEU A 187 -23.24 -14.18 29.28
N SER A 188 -24.52 -14.49 29.43
CA SER A 188 -25.57 -13.52 29.13
C SER A 188 -25.45 -12.30 30.02
N ASN A 189 -25.20 -12.52 31.32
CA ASN A 189 -25.09 -11.39 32.24
C ASN A 189 -23.91 -10.49 31.87
N ILE A 190 -22.75 -11.09 31.61
CA ILE A 190 -21.57 -10.29 31.30
C ILE A 190 -21.72 -9.61 29.94
N THR A 191 -22.34 -10.29 28.97
CA THR A 191 -22.56 -9.66 27.68
C THR A 191 -23.48 -8.46 27.81
N ARG A 192 -24.58 -8.60 28.54
CA ARG A 192 -25.49 -7.49 28.72
C ARG A 192 -24.81 -6.33 29.44
N SER A 193 -24.07 -6.63 30.51
CA SER A 193 -23.41 -5.57 31.28
C SER A 193 -22.37 -4.85 30.43
N LYS A 194 -21.47 -5.61 29.79
CA LYS A 194 -20.44 -5.00 28.97
C LYS A 194 -21.04 -4.23 27.81
N LEU A 195 -22.06 -4.80 27.16
CA LEU A 195 -22.69 -4.13 26.02
C LEU A 195 -23.30 -2.80 26.46
N ARG A 196 -24.11 -2.82 27.51
CA ARG A 196 -24.76 -1.60 27.96
C ARG A 196 -23.73 -0.55 28.39
N ALA A 197 -22.76 -0.96 29.22
CA ALA A 197 -21.79 0.00 29.72
C ALA A 197 -20.94 0.58 28.59
N ALA A 198 -20.42 -0.29 27.71
CA ALA A 198 -19.56 0.17 26.64
C ALA A 198 -20.29 1.08 25.69
N PHE A 199 -21.52 0.73 25.31
CA PHE A 199 -22.22 1.57 24.35
C PHE A 199 -22.78 2.83 24.99
N ASN A 200 -23.17 2.80 26.26
CA ASN A 200 -23.54 4.03 26.92
C ASN A 200 -22.35 4.98 27.03
N TYR A 201 -21.18 4.45 27.38
CA TYR A 201 -19.98 5.28 27.44
C TYR A 201 -19.62 5.79 26.05
N GLN A 202 -19.76 4.95 25.02
CA GLN A 202 -19.45 5.36 23.66
C GLN A 202 -20.38 6.48 23.20
N PHE A 203 -21.67 6.34 23.49
CA PHE A 203 -22.62 7.37 23.07
C PHE A 203 -22.43 8.65 23.87
N ASP A 204 -22.11 8.55 25.15
CA ASP A 204 -21.79 9.75 25.92
C ASP A 204 -20.55 10.44 25.37
N SER A 205 -19.52 9.65 25.02
CA SER A 205 -18.32 10.23 24.43
C SER A 205 -18.63 10.91 23.11
N ILE A 206 -19.41 10.27 22.24
CA ILE A 206 -19.66 10.85 20.94
C ILE A 206 -20.54 12.09 21.06
N ILE A 207 -21.53 12.09 21.96
CA ILE A 207 -22.35 13.29 22.11
C ILE A 207 -21.54 14.41 22.72
N GLU A 208 -20.65 14.10 23.68
CA GLU A 208 -19.80 15.13 24.25
C GLU A 208 -18.88 15.74 23.19
N HIS A 209 -18.17 14.90 22.46
CA HIS A 209 -17.26 15.39 21.43
C HIS A 209 -18.00 16.16 20.36
N SER A 210 -19.17 15.66 19.95
CA SER A 210 -19.91 16.30 18.87
C SER A 210 -20.49 17.64 19.30
N GLU A 211 -21.11 17.71 20.47
CA GLU A 211 -21.65 18.97 20.93
C GLU A 211 -20.53 19.96 21.22
N LYS A 212 -19.38 19.48 21.67
CA LYS A 212 -18.22 20.36 21.86
C LYS A 212 -17.74 20.93 20.54
N ILE A 213 -17.64 20.08 19.51
CA ILE A 213 -17.16 20.57 18.22
C ILE A 213 -18.21 21.48 17.58
N ALA A 214 -19.48 21.27 17.90
CA ALA A 214 -20.52 22.17 17.42
C ALA A 214 -20.44 23.52 18.12
N LEU A 215 -20.13 23.50 19.41
CA LEU A 215 -19.95 24.72 20.19
C LEU A 215 -18.76 25.48 19.63
N ILE A 216 -17.75 24.76 19.17
CA ILE A 216 -16.59 25.33 18.51
C ILE A 216 -16.98 25.94 17.16
N ALA A 217 -17.79 25.21 16.39
CA ALA A 217 -18.19 25.70 15.07
C ALA A 217 -19.04 26.96 15.18
N GLY A 218 -19.92 27.03 16.18
CA GLY A 218 -20.69 28.24 16.39
C GLY A 218 -19.82 29.44 16.72
N TYR A 219 -18.82 29.22 17.58
CA TYR A 219 -17.88 30.31 17.89
C TYR A 219 -17.10 30.72 16.66
N GLY A 220 -16.71 29.75 15.83
CA GLY A 220 -16.02 30.09 14.60
C GLY A 220 -16.91 30.88 13.64
N LYS A 221 -18.19 30.52 13.56
CA LYS A 221 -19.12 31.28 12.73
C LYS A 221 -19.26 32.71 13.25
N ALA A 222 -19.33 32.88 14.56
CA ALA A 222 -19.38 34.23 15.13
C ALA A 222 -18.10 34.99 14.84
N LEU A 223 -16.96 34.30 14.89
CA LEU A 223 -15.67 34.93 14.64
C LEU A 223 -15.53 35.36 13.19
N LEU A 224 -16.12 34.60 12.26
CA LEU A 224 -16.00 34.92 10.85
C LEU A 224 -16.63 36.26 10.50
N GLU A 225 -17.48 36.80 11.38
CA GLU A 225 -18.09 38.10 11.13
C GLU A 225 -17.08 39.23 11.17
N LEU A 226 -15.88 39.01 11.72
CA LEU A 226 -14.93 40.10 11.89
C LEU A 226 -14.46 40.65 10.54
N LEU A 227 -14.11 39.77 9.61
CA LEU A 227 -13.62 40.23 8.32
C LEU A 227 -14.75 40.86 7.51
N ASP A 228 -14.39 41.80 6.65
CA ASP A 228 -15.35 42.52 5.83
C ASP A 228 -15.37 41.93 4.43
N ASP A 229 -16.55 41.53 3.97
CA ASP A 229 -16.71 40.95 2.66
C ASP A 229 -17.04 41.98 1.58
N SER A 230 -17.10 43.25 1.95
CA SER A 230 -17.40 44.30 0.97
C SER A 230 -16.23 44.44 0.01
N PRO A 231 -16.46 44.32 -1.30
CA PRO A 231 -15.35 44.46 -2.25
C PRO A 231 -14.78 45.86 -2.26
N VAL A 232 -13.49 45.95 -2.57
CA VAL A 232 -12.77 47.21 -2.62
C VAL A 232 -12.40 47.52 -4.06
N THR A 233 -12.61 48.76 -4.47
CA THR A 233 -12.27 49.17 -5.81
C THR A 233 -10.75 49.19 -5.99
N PRO A 234 -10.27 48.93 -7.21
CA PRO A 234 -8.82 49.02 -7.46
C PRO A 234 -8.33 50.44 -7.20
N GLY A 235 -7.09 50.53 -6.70
CA GLY A 235 -6.54 51.82 -6.33
C GLY A 235 -6.35 51.97 -4.83
N GLU A 236 -7.20 52.76 -4.20
CA GLU A 236 -7.08 53.02 -2.77
C GLU A 236 -7.26 51.73 -1.97
N THR A 237 -6.72 51.74 -0.75
CA THR A 237 -6.73 50.58 0.13
C THR A 237 -7.72 50.81 1.26
N ARG A 238 -8.44 49.75 1.64
CA ARG A 238 -9.41 49.83 2.71
C ARG A 238 -8.72 50.12 4.04
N PRO A 239 -9.44 50.68 5.01
CA PRO A 239 -8.83 50.97 6.31
C PRO A 239 -8.30 49.72 6.99
N ALA A 240 -7.23 49.89 7.76
CA ALA A 240 -6.56 48.76 8.39
C ALA A 240 -7.47 48.07 9.38
N TYR A 241 -7.24 46.78 9.58
CA TYR A 241 -8.05 45.95 10.46
C TYR A 241 -7.50 46.06 11.88
N ASP A 242 -8.33 46.56 12.80
CA ASP A 242 -7.93 46.74 14.19
C ASP A 242 -8.73 45.84 15.13
N GLY A 243 -9.39 44.80 14.60
CA GLY A 243 -10.20 43.93 15.41
C GLY A 243 -9.43 42.79 16.04
N TYR A 244 -8.15 43.02 16.34
CA TYR A 244 -7.36 42.01 17.03
C TYR A 244 -7.92 41.72 18.41
N GLU A 245 -8.29 42.77 19.14
CA GLU A 245 -8.84 42.61 20.48
C GLU A 245 -10.14 41.83 20.46
N ALA A 246 -11.00 42.10 19.46
CA ALA A 246 -12.26 41.38 19.37
C ALA A 246 -12.03 39.90 19.11
N SER A 247 -11.11 39.57 18.21
CA SER A 247 -10.82 38.17 17.92
C SER A 247 -10.21 37.47 19.14
N LYS A 248 -9.32 38.15 19.85
CA LYS A 248 -8.74 37.55 21.05
C LYS A 248 -9.79 37.36 22.13
N GLN A 249 -10.72 38.31 22.26
CA GLN A 249 -11.81 38.15 23.22
C GLN A 249 -12.70 36.98 22.84
N ILE A 250 -12.97 36.81 21.53
CA ILE A 250 -13.78 35.69 21.08
C ILE A 250 -13.11 34.36 21.41
N ILE A 251 -11.80 34.27 21.14
CA ILE A 251 -11.10 33.02 21.43
C ILE A 251 -11.00 32.80 22.94
N ILE A 252 -10.88 33.86 23.72
CA ILE A 252 -10.84 33.72 25.18
C ILE A 252 -12.18 33.20 25.69
N ASP A 253 -13.28 33.75 25.19
CA ASP A 253 -14.60 33.28 25.60
C ASP A 253 -14.83 31.84 25.15
N ALA A 254 -14.33 31.48 23.96
CA ALA A 254 -14.43 30.10 23.51
C ALA A 254 -13.67 29.16 24.43
N GLU A 255 -12.46 29.56 24.85
CA GLU A 255 -11.70 28.75 25.80
C GLU A 255 -12.43 28.64 27.13
N SER A 256 -13.03 29.73 27.59
CA SER A 256 -13.74 29.70 28.87
C SER A 256 -14.93 28.77 28.81
N ALA A 257 -15.72 28.83 27.73
CA ALA A 257 -16.85 27.92 27.58
C ALA A 257 -16.38 26.48 27.38
N LEU A 258 -15.22 26.31 26.74
CA LEU A 258 -14.66 24.97 26.57
C LEU A 258 -14.31 24.34 27.91
N ASN A 259 -13.60 25.09 28.76
CA ASN A 259 -13.24 24.58 30.07
C ASN A 259 -14.46 24.42 30.97
N GLU A 260 -15.44 25.31 30.84
CA GLU A 260 -16.63 25.25 31.68
C GLU A 260 -17.58 24.15 31.26
N TRP A 261 -17.41 23.59 30.05
CA TRP A 261 -18.33 22.58 29.57
C TRP A 261 -18.32 21.35 30.47
N THR A 262 -19.51 20.85 30.79
CA THR A 262 -19.66 19.66 31.61
C THR A 262 -20.89 18.90 31.16
N LEU A 263 -21.00 17.66 31.60
CA LEU A 263 -22.15 16.83 31.25
C LEU A 263 -23.45 17.45 31.75
N ASP A 264 -23.41 18.11 32.91
CA ASP A 264 -24.59 18.80 33.41
C ASP A 264 -25.00 19.92 32.47
N SER A 265 -24.04 20.68 31.97
CA SER A 265 -24.30 21.77 31.03
C SER A 265 -24.38 21.26 29.60
N ALA A 266 -25.19 20.23 29.37
CA ALA A 266 -25.41 19.65 28.05
C ALA A 266 -26.67 20.28 27.49
N GLN A 267 -26.50 21.38 26.76
CA GLN A 267 -27.64 22.12 26.22
C GLN A 267 -28.35 21.36 25.10
N VAL A 268 -27.76 20.27 24.58
CA VAL A 268 -28.47 19.43 23.63
C VAL A 268 -29.53 18.63 24.35
N LYS A 269 -30.76 18.67 23.85
CA LYS A 269 -31.87 18.02 24.52
C LYS A 269 -32.74 17.25 23.54
N PRO A 270 -32.93 15.95 23.75
CA PRO A 270 -33.86 15.19 22.91
C PRO A 270 -35.31 15.47 23.30
N THR A 271 -36.22 14.97 22.49
CA THR A 271 -37.65 15.13 22.74
C THR A 271 -38.43 13.88 22.36
N MET B 1 -2.51 23.70 22.00
CA MET B 1 -2.65 25.10 22.37
C MET B 1 -3.29 25.23 23.75
N HIS B 2 -4.00 24.20 24.16
CA HIS B 2 -4.67 24.18 25.45
C HIS B 2 -3.75 23.81 26.60
N ARG B 3 -2.45 23.64 26.33
CA ARG B 3 -1.49 23.26 27.36
C ARG B 3 -1.38 24.35 28.42
N THR B 4 -1.14 23.93 29.65
CA THR B 4 -1.02 24.85 30.77
C THR B 4 0.34 25.55 30.73
N TYR B 5 0.57 26.42 31.70
CA TYR B 5 1.82 27.18 31.78
C TYR B 5 2.86 26.37 32.56
N SER B 6 3.30 25.29 31.92
CA SER B 6 4.31 24.40 32.47
C SER B 6 5.27 24.01 31.37
N LEU B 7 6.14 23.04 31.66
CA LEU B 7 7.12 22.57 30.69
C LEU B 7 6.62 21.38 29.89
N ARG B 8 5.38 20.95 30.13
CA ARG B 8 4.80 19.77 29.51
C ARG B 8 3.72 20.20 28.53
N ASN B 9 3.62 19.48 27.41
CA ASN B 9 2.52 19.68 26.48
C ASN B 9 1.28 18.92 26.95
N SER B 10 0.82 19.28 28.15
CA SER B 10 -0.36 18.69 28.75
C SER B 10 -1.47 19.73 28.79
N ARG B 11 -2.58 19.44 28.12
CA ARG B 11 -3.69 20.38 28.06
C ARG B 11 -4.36 20.50 29.43
N ALA B 12 -4.88 21.69 29.70
CA ALA B 12 -5.59 21.92 30.95
C ALA B 12 -6.87 21.09 30.98
N PRO B 13 -7.10 20.29 32.02
CA PRO B 13 -8.30 19.44 32.06
C PRO B 13 -9.57 20.27 32.22
N THR B 14 -10.56 19.99 31.39
CA THR B 14 -11.85 20.66 31.48
C THR B 14 -12.69 19.98 32.56
N ALA B 15 -13.89 20.53 32.79
CA ALA B 15 -14.78 19.98 33.81
C ALA B 15 -15.14 18.53 33.53
N SER B 16 -15.24 18.16 32.25
CA SER B 16 -15.48 16.77 31.90
C SER B 16 -14.32 15.88 32.35
N GLN B 17 -13.09 16.36 32.19
CA GLN B 17 -11.93 15.58 32.61
C GLN B 17 -11.93 15.37 34.12
N LEU B 18 -12.30 16.39 34.88
CA LEU B 18 -12.42 16.22 36.33
C LEU B 18 -13.55 15.25 36.67
N GLN B 19 -14.66 15.32 35.93
CA GLN B 19 -15.78 14.41 36.20
C GLN B 19 -15.37 12.96 35.95
N ASN B 20 -14.76 12.70 34.80
CA ASN B 20 -14.27 11.36 34.47
C ASN B 20 -12.83 11.48 33.98
N PRO B 21 -11.90 10.74 34.58
CA PRO B 21 -10.50 10.90 34.21
C PRO B 21 -10.27 10.49 32.77
N PRO B 22 -9.30 11.12 32.09
CA PRO B 22 -9.05 10.76 30.71
C PRO B 22 -8.54 9.33 30.60
N PRO B 23 -8.88 8.63 29.53
CA PRO B 23 -8.42 7.26 29.35
C PRO B 23 -6.96 7.22 28.94
N PRO B 24 -6.29 6.07 29.07
CA PRO B 24 -4.90 5.96 28.62
C PRO B 24 -4.81 6.11 27.12
N PRO B 25 -3.63 6.49 26.60
CA PRO B 25 -3.49 6.68 25.16
C PRO B 25 -3.75 5.40 24.39
N SER B 26 -4.27 5.56 23.17
CA SER B 26 -4.67 4.42 22.36
C SER B 26 -3.47 3.54 22.02
N THR B 27 -3.72 2.24 21.98
CA THR B 27 -2.71 1.25 21.63
C THR B 27 -2.63 0.99 20.13
N THR B 28 -3.41 1.71 19.33
CA THR B 28 -3.44 1.52 17.88
C THR B 28 -2.32 2.28 17.18
N LYS B 29 -1.47 2.98 17.92
CA LYS B 29 -0.35 3.72 17.32
C LYS B 29 0.62 2.76 16.66
N GLY B 30 0.62 2.73 15.33
CA GLY B 30 1.52 1.85 14.61
C GLY B 30 2.82 2.51 14.21
N ARG B 31 3.81 1.68 13.92
CA ARG B 31 5.13 2.16 13.49
C ARG B 31 5.06 2.47 11.99
N PHE B 32 4.56 3.66 11.69
CA PHE B 32 4.37 4.08 10.31
C PHE B 32 4.41 5.60 10.24
N PHE B 33 4.55 6.12 9.02
CA PHE B 33 4.61 7.56 8.83
C PHE B 33 3.31 8.25 9.21
N GLY B 34 2.18 7.55 9.10
CA GLY B 34 0.90 8.16 9.38
C GLY B 34 0.32 9.01 8.28
N LYS B 35 0.87 8.92 7.06
CA LYS B 35 0.35 9.67 5.92
C LYS B 35 -0.12 8.76 4.79
N GLY B 36 -0.47 7.51 5.11
CA GLY B 36 -0.90 6.57 4.09
C GLY B 36 0.22 5.96 3.27
N GLY B 37 1.46 6.07 3.71
CA GLY B 37 2.58 5.52 2.98
C GLY B 37 3.04 6.43 1.85
N LEU B 38 4.04 5.94 1.12
CA LEU B 38 4.57 6.70 0.00
C LEU B 38 3.55 6.83 -1.13
N ALA B 39 2.66 5.86 -1.27
CA ALA B 39 1.63 5.93 -2.30
C ALA B 39 0.71 7.12 -2.06
N TYR B 40 0.28 7.34 -0.81
CA TYR B 40 -0.58 8.47 -0.50
C TYR B 40 0.21 9.75 -0.27
N SER B 41 1.52 9.66 -0.06
CA SER B 41 2.36 10.83 0.05
C SER B 41 2.90 11.30 -1.31
N PHE B 42 2.68 10.51 -2.37
CA PHE B 42 3.08 10.96 -3.70
C PHE B 42 2.33 12.22 -4.10
N ARG B 43 1.04 12.30 -3.80
CA ARG B 43 0.28 13.51 -4.07
C ARG B 43 0.82 14.69 -3.28
N ARG B 44 1.14 14.48 -2.00
CA ARG B 44 1.68 15.55 -1.17
C ARG B 44 3.01 16.05 -1.74
N SER B 45 3.88 15.13 -2.16
CA SER B 45 5.14 15.53 -2.76
C SER B 45 4.93 16.28 -4.07
N ALA B 46 4.00 15.80 -4.91
CA ALA B 46 3.71 16.46 -6.17
C ALA B 46 3.09 17.84 -5.97
N ALA B 47 2.44 18.07 -4.84
CA ALA B 47 1.97 19.42 -4.54
C ALA B 47 3.14 20.39 -4.41
N GLY B 48 4.20 19.97 -3.74
CA GLY B 48 5.42 20.76 -3.64
C GLY B 48 6.35 20.49 -4.81
N ALA B 49 6.01 21.03 -5.97
CA ALA B 49 6.72 20.74 -7.21
C ALA B 49 6.70 21.98 -8.08
N PHE B 50 6.99 21.82 -9.37
CA PHE B 50 7.15 22.94 -10.28
C PHE B 50 5.80 23.63 -10.51
N GLY B 51 5.45 24.54 -9.61
CA GLY B 51 4.22 25.30 -9.74
C GLY B 51 4.49 26.79 -9.82
N PRO B 52 3.43 27.60 -9.73
CA PRO B 52 3.61 29.05 -9.82
C PRO B 52 4.20 29.66 -8.56
N GLU B 53 4.61 28.82 -7.61
CA GLU B 53 5.35 29.20 -6.41
C GLU B 53 4.53 30.11 -5.49
N LEU B 54 3.33 30.47 -5.93
CA LEU B 54 2.41 31.27 -5.13
C LEU B 54 1.24 30.43 -4.61
N SER B 55 0.54 29.74 -5.50
CA SER B 55 -0.50 28.81 -5.10
C SER B 55 0.05 27.45 -4.69
N ARG B 56 1.37 27.32 -4.59
CA ARG B 56 1.97 26.06 -4.14
C ARG B 56 1.44 25.65 -2.78
N LYS B 57 1.43 26.59 -1.83
CA LYS B 57 0.88 26.29 -0.51
C LYS B 57 -0.61 26.00 -0.59
N LEU B 58 -1.35 26.78 -1.39
CA LEU B 58 -2.78 26.57 -1.49
C LEU B 58 -3.10 25.26 -2.20
N SER B 59 -2.34 24.93 -3.25
CA SER B 59 -2.54 23.64 -3.92
C SER B 59 -2.20 22.48 -2.99
N GLN B 60 -1.13 22.64 -2.19
CA GLN B 60 -0.80 21.62 -1.21
C GLN B 60 -1.93 21.45 -0.19
N LEU B 61 -2.51 22.55 0.26
CA LEU B 61 -3.63 22.47 1.19
C LEU B 61 -4.82 21.78 0.54
N VAL B 62 -5.09 22.07 -0.73
CA VAL B 62 -6.21 21.45 -1.43
C VAL B 62 -6.00 19.95 -1.54
N LYS B 63 -4.78 19.53 -1.88
CA LYS B 63 -4.52 18.09 -2.02
C LYS B 63 -4.53 17.40 -0.67
N ILE B 64 -4.08 18.09 0.38
CA ILE B 64 -4.21 17.56 1.73
C ILE B 64 -5.67 17.40 2.11
N GLU B 65 -6.50 18.36 1.72
CA GLU B 65 -7.94 18.25 1.96
C GLU B 65 -8.53 17.08 1.19
N LYS B 66 -8.00 16.81 0.00
CA LYS B 66 -8.41 15.62 -0.74
C LYS B 66 -8.05 14.36 0.02
N ASN B 67 -6.87 14.32 0.63
CA ASN B 67 -6.52 13.19 1.47
C ASN B 67 -7.48 13.07 2.66
N VAL B 68 -7.84 14.21 3.25
CA VAL B 68 -8.84 14.23 4.32
C VAL B 68 -10.12 13.58 3.83
N LEU B 69 -10.55 13.96 2.63
CA LEU B 69 -11.81 13.48 2.08
C LEU B 69 -11.75 11.98 1.82
N ARG B 70 -10.62 11.51 1.29
CA ARG B 70 -10.45 10.09 1.03
C ARG B 70 -10.47 9.28 2.33
N SER B 71 -9.78 9.77 3.35
CA SER B 71 -9.81 9.08 4.65
C SER B 71 -11.21 9.06 5.25
N MET B 72 -11.94 10.17 5.15
CA MET B 72 -13.29 10.21 5.68
C MET B 72 -14.20 9.27 4.89
N GLU B 73 -14.01 9.18 3.59
CA GLU B 73 -14.76 8.23 2.78
C GLU B 73 -14.44 6.81 3.20
N LEU B 74 -13.17 6.55 3.52
CA LEU B 74 -12.79 5.23 3.99
C LEU B 74 -13.45 4.88 5.32
N THR B 75 -13.57 5.84 6.23
CA THR B 75 -14.14 5.57 7.54
C THR B 75 -15.66 5.65 7.54
N ALA B 76 -16.28 6.15 6.47
CA ALA B 76 -17.74 6.17 6.43
C ALA B 76 -18.30 4.86 5.91
N ASN B 77 -17.84 4.43 4.73
CA ASN B 77 -18.32 3.16 4.18
C ASN B 77 -17.97 1.99 5.08
N GLU B 78 -16.75 1.98 5.62
CA GLU B 78 -16.34 0.88 6.47
C GLU B 78 -16.98 0.97 7.86
N ARG B 79 -17.38 2.17 8.30
CA ARG B 79 -18.20 2.25 9.52
C ARG B 79 -19.60 1.68 9.29
N ARG B 80 -20.21 1.96 8.14
CA ARG B 80 -21.51 1.36 7.88
C ARG B 80 -21.38 -0.14 7.73
N ASP B 81 -20.24 -0.61 7.22
CA ASP B 81 -19.94 -2.04 7.23
C ASP B 81 -19.87 -2.55 8.68
N ALA B 82 -19.27 -1.78 9.57
CA ALA B 82 -19.22 -2.17 10.98
C ALA B 82 -20.63 -2.27 11.57
N ALA B 83 -21.50 -1.34 11.21
CA ALA B 83 -22.88 -1.40 11.68
C ALA B 83 -23.59 -2.65 11.17
N LYS B 84 -23.39 -2.97 9.89
CA LYS B 84 -23.98 -4.19 9.34
C LYS B 84 -23.46 -5.42 10.08
N GLN B 85 -22.15 -5.45 10.36
CA GLN B 85 -21.57 -6.57 11.08
C GLN B 85 -22.12 -6.65 12.50
N LEU B 86 -22.36 -5.51 13.14
CA LEU B 86 -22.95 -5.52 14.47
C LEU B 86 -24.36 -6.11 14.44
N SER B 87 -25.16 -5.74 13.44
CA SER B 87 -26.49 -6.33 13.33
C SER B 87 -26.39 -7.84 13.09
N ILE B 88 -25.46 -8.25 12.24
CA ILE B 88 -25.28 -9.68 11.97
C ILE B 88 -24.90 -10.42 13.24
N TRP B 89 -24.02 -9.84 14.04
CA TRP B 89 -23.64 -10.46 15.31
C TRP B 89 -24.83 -10.53 16.27
N GLY B 90 -25.62 -9.46 16.33
CA GLY B 90 -26.77 -9.46 17.21
C GLY B 90 -27.93 -10.30 16.75
N LEU B 91 -27.85 -10.82 15.51
CA LEU B 91 -28.89 -11.72 15.01
C LEU B 91 -29.17 -12.85 16.00
N GLU B 92 -28.13 -13.53 16.47
CA GLU B 92 -28.28 -14.68 17.35
C GLU B 92 -27.94 -14.25 18.78
N ASN B 93 -28.93 -13.72 19.47
CA ASN B 93 -28.74 -13.26 20.85
C ASN B 93 -30.12 -13.15 21.49
N ASP B 94 -30.19 -12.53 22.66
CA ASP B 94 -31.46 -12.32 23.33
C ASP B 94 -32.34 -11.39 22.51
N ASP B 95 -33.66 -11.54 22.67
CA ASP B 95 -34.59 -10.75 21.89
C ASP B 95 -34.42 -9.26 22.14
N ASP B 96 -34.34 -8.87 23.43
CA ASP B 96 -34.08 -7.47 23.75
C ASP B 96 -32.71 -7.04 23.24
N VAL B 97 -31.70 -7.89 23.41
CA VAL B 97 -30.37 -7.58 22.92
C VAL B 97 -30.39 -7.44 21.41
N SER B 98 -31.06 -8.35 20.71
CA SER B 98 -31.11 -8.29 19.25
C SER B 98 -31.80 -7.01 18.79
N ASP B 99 -32.93 -6.67 19.39
CA ASP B 99 -33.65 -5.47 18.99
C ASP B 99 -32.82 -4.22 19.26
N ILE B 100 -32.20 -4.14 20.45
CA ILE B 100 -31.46 -2.94 20.80
C ILE B 100 -30.22 -2.80 19.93
N THR B 101 -29.55 -3.92 19.60
CA THR B 101 -28.37 -3.84 18.76
C THR B 101 -28.73 -3.54 17.32
N ASP B 102 -29.90 -3.99 16.85
CA ASP B 102 -30.35 -3.60 15.52
C ASP B 102 -30.65 -2.10 15.48
N LYS B 103 -31.24 -1.57 16.54
CA LYS B 103 -31.51 -0.13 16.59
C LYS B 103 -30.21 0.68 16.66
N LEU B 104 -29.23 0.20 17.42
CA LEU B 104 -27.92 0.86 17.42
C LEU B 104 -27.28 0.79 16.04
N GLY B 105 -27.43 -0.34 15.35
CA GLY B 105 -26.90 -0.46 14.00
C GLY B 105 -27.54 0.52 13.04
N VAL B 106 -28.87 0.70 13.14
CA VAL B 106 -29.52 1.65 12.25
C VAL B 106 -29.13 3.08 12.61
N LEU B 107 -28.90 3.36 13.90
CA LEU B 107 -28.40 4.68 14.27
C LEU B 107 -27.01 4.93 13.70
N ILE B 108 -26.15 3.92 13.74
CA ILE B 108 -24.82 4.05 13.14
C ILE B 108 -24.93 4.21 11.63
N TYR B 109 -25.91 3.56 11.00
CA TYR B 109 -26.14 3.78 9.57
C TYR B 109 -26.54 5.22 9.29
N GLU B 110 -27.41 5.78 10.13
CA GLU B 110 -27.72 7.21 10.02
C GLU B 110 -26.47 8.05 10.17
N VAL B 111 -25.60 7.67 11.11
CA VAL B 111 -24.34 8.37 11.31
C VAL B 111 -23.50 8.36 10.04
N SER B 112 -23.42 7.20 9.40
CA SER B 112 -22.64 7.08 8.17
C SER B 112 -23.24 7.90 7.04
N GLU B 113 -24.57 7.93 6.94
CA GLU B 113 -25.21 8.74 5.91
C GLU B 113 -24.93 10.22 6.13
N LEU B 114 -25.03 10.68 7.38
CA LEU B 114 -24.69 12.06 7.68
C LEU B 114 -23.23 12.34 7.40
N ASP B 115 -22.36 11.36 7.65
CA ASP B 115 -20.96 11.52 7.29
C ASP B 115 -20.78 11.69 5.79
N ASP B 116 -21.54 10.93 5.00
CA ASP B 116 -21.45 11.07 3.54
C ASP B 116 -21.92 12.44 3.08
N GLN B 117 -23.01 12.94 3.68
CA GLN B 117 -23.46 14.30 3.36
C GLN B 117 -22.41 15.33 3.75
N PHE B 118 -21.79 15.16 4.91
CA PHE B 118 -20.71 16.04 5.33
C PHE B 118 -19.54 15.95 4.35
N ILE B 119 -19.30 14.78 3.79
CA ILE B 119 -18.25 14.60 2.78
C ILE B 119 -18.58 15.39 1.53
N ASP B 120 -19.84 15.36 1.11
CA ASP B 120 -20.23 16.14 -0.06
C ASP B 120 -20.06 17.64 0.19
N ARG B 121 -20.46 18.11 1.36
CA ARG B 121 -20.26 19.52 1.68
C ARG B 121 -18.78 19.86 1.81
N TYR B 122 -17.98 18.91 2.29
CA TYR B 122 -16.54 19.05 2.33
C TYR B 122 -15.98 19.19 0.92
N ASP B 123 -16.53 18.44 -0.02
CA ASP B 123 -16.10 18.57 -1.41
C ASP B 123 -16.50 19.93 -1.99
N GLN B 124 -17.64 20.46 -1.56
CA GLN B 124 -17.98 21.84 -1.95
C GLN B 124 -16.93 22.82 -1.43
N TYR B 125 -16.54 22.66 -0.16
CA TYR B 125 -15.49 23.48 0.41
C TYR B 125 -14.18 23.35 -0.37
N ARG B 126 -13.81 22.11 -0.70
CA ARG B 126 -12.57 21.86 -1.44
C ARG B 126 -12.63 22.42 -2.84
N LEU B 127 -13.82 22.42 -3.46
CA LEU B 127 -13.95 22.99 -4.80
C LEU B 127 -13.85 24.50 -4.77
N THR B 128 -14.41 25.14 -3.74
CA THR B 128 -14.23 26.58 -3.60
C THR B 128 -12.75 26.92 -3.40
N LEU B 129 -12.06 26.12 -2.59
CA LEU B 129 -10.63 26.34 -2.41
C LEU B 129 -9.85 26.06 -3.69
N LYS B 130 -10.30 25.10 -4.50
CA LYS B 130 -9.68 24.88 -5.80
C LYS B 130 -9.85 26.09 -6.69
N SER B 131 -11.03 26.70 -6.67
CA SER B 131 -11.27 27.90 -7.46
C SER B 131 -10.34 29.04 -7.03
N ILE B 132 -10.21 29.24 -5.71
CA ILE B 132 -9.36 30.32 -5.23
C ILE B 132 -7.89 30.02 -5.56
N ARG B 133 -7.49 28.75 -5.46
CA ARG B 133 -6.14 28.36 -5.84
C ARG B 133 -5.88 28.65 -7.31
N ASP B 134 -6.85 28.35 -8.17
CA ASP B 134 -6.63 28.51 -9.60
C ASP B 134 -6.59 29.98 -10.00
N ILE B 135 -7.43 30.83 -9.38
CA ILE B 135 -7.35 32.25 -9.71
C ILE B 135 -6.04 32.84 -9.20
N GLU B 136 -5.58 32.40 -8.02
CA GLU B 136 -4.29 32.89 -7.53
C GLU B 136 -3.15 32.43 -8.44
N GLY B 137 -3.19 31.18 -8.91
CA GLY B 137 -2.19 30.71 -9.85
C GLY B 137 -2.22 31.45 -11.16
N SER B 138 -3.41 31.85 -11.62
CA SER B 138 -3.50 32.62 -12.85
C SER B 138 -3.02 34.05 -12.66
N VAL B 139 -3.13 34.59 -11.45
CA VAL B 139 -2.70 35.97 -11.22
C VAL B 139 -1.21 36.05 -10.91
N GLN B 140 -0.59 34.96 -10.48
CA GLN B 140 0.85 34.99 -10.20
C GLN B 140 1.73 35.39 -11.38
N PRO B 141 1.52 34.89 -12.61
CA PRO B 141 2.44 35.26 -13.69
C PRO B 141 2.52 36.75 -13.95
N SER B 142 1.48 37.52 -13.60
CA SER B 142 1.57 38.97 -13.72
C SER B 142 2.71 39.52 -12.88
N ARG B 143 2.75 39.15 -11.59
CA ARG B 143 3.82 39.62 -10.73
C ARG B 143 5.16 39.01 -11.10
N ASP B 144 5.16 37.77 -11.62
CA ASP B 144 6.40 37.17 -12.09
C ASP B 144 7.00 37.99 -13.23
N ARG B 145 6.16 38.34 -14.21
CA ARG B 145 6.61 39.18 -15.31
C ARG B 145 7.04 40.56 -14.82
N LYS B 146 6.33 41.10 -13.84
CA LYS B 146 6.72 42.39 -13.26
C LYS B 146 8.12 42.33 -12.68
N ASP B 147 8.41 41.27 -11.90
CA ASP B 147 9.72 41.12 -11.29
C ASP B 147 10.79 40.96 -12.37
N LYS B 148 10.51 40.14 -13.38
CA LYS B 148 11.48 39.95 -14.45
C LYS B 148 11.76 41.27 -15.18
N ILE B 149 10.71 42.03 -15.46
CA ILE B 149 10.87 43.29 -16.19
C ILE B 149 11.65 44.30 -15.36
N THR B 150 11.37 44.39 -14.06
CA THR B 150 12.10 45.35 -13.25
C THR B 150 13.57 44.96 -13.11
N ASP B 151 13.86 43.65 -13.02
CA ASP B 151 15.26 43.22 -12.99
C ASP B 151 15.97 43.56 -14.29
N LYS B 152 15.31 43.29 -15.42
CA LYS B 152 15.94 43.57 -16.71
C LYS B 152 16.14 45.07 -16.92
N ILE B 153 15.18 45.90 -16.50
CA ILE B 153 15.33 47.33 -16.67
C ILE B 153 16.41 47.87 -15.74
N ALA B 154 16.56 47.28 -14.55
CA ALA B 154 17.67 47.67 -13.69
C ALA B 154 19.01 47.34 -14.32
N TYR B 155 19.13 46.15 -14.90
CA TYR B 155 20.37 45.80 -15.58
C TYR B 155 20.63 46.73 -16.76
N LEU B 156 19.60 47.05 -17.54
CA LEU B 156 19.78 47.93 -18.69
C LEU B 156 20.16 49.33 -18.24
N LYS B 157 19.60 49.81 -17.14
CA LYS B 157 20.01 51.08 -16.57
C LYS B 157 21.47 51.03 -16.13
N TYR B 158 21.91 49.90 -15.58
CA TYR B 158 23.32 49.73 -15.28
C TYR B 158 24.18 49.86 -16.52
N LYS B 159 23.74 49.26 -17.64
CA LYS B 159 24.55 49.28 -18.85
C LYS B 159 24.73 50.70 -19.39
N ASP B 160 23.63 51.45 -19.52
CA ASP B 160 23.70 52.80 -20.05
C ASP B 160 22.46 53.55 -19.59
N PRO B 161 22.49 54.89 -19.64
CA PRO B 161 21.30 55.68 -19.26
C PRO B 161 20.42 56.15 -20.42
N GLN B 162 20.68 55.72 -21.66
CA GLN B 162 19.92 56.28 -22.77
C GLN B 162 19.52 55.25 -23.82
N SER B 163 19.50 53.96 -23.50
CA SER B 163 19.04 52.98 -24.46
C SER B 163 17.54 53.18 -24.71
N PRO B 164 17.11 53.18 -25.98
CA PRO B 164 15.67 53.23 -26.26
C PRO B 164 14.92 52.06 -25.64
N LYS B 165 15.57 50.90 -25.59
CA LYS B 165 14.96 49.73 -24.98
C LYS B 165 14.60 50.01 -23.53
N ILE B 166 15.41 50.81 -22.84
CA ILE B 166 15.15 51.17 -21.46
C ILE B 166 13.82 51.91 -21.34
N GLU B 167 13.64 52.95 -22.16
CA GLU B 167 12.42 53.74 -22.07
C GLU B 167 11.21 52.92 -22.51
N VAL B 168 11.39 52.04 -23.49
CA VAL B 168 10.27 51.22 -23.95
C VAL B 168 9.82 50.27 -22.85
N LEU B 169 10.77 49.61 -22.17
CA LEU B 169 10.39 48.73 -21.08
C LEU B 169 9.89 49.49 -19.87
N GLU B 170 10.33 50.72 -19.66
CA GLU B 170 9.72 51.53 -18.61
C GLU B 170 8.26 51.85 -18.94
N GLN B 171 8.00 52.17 -20.21
CA GLN B 171 6.63 52.45 -20.63
C GLN B 171 5.76 51.21 -20.55
N GLU B 172 6.32 50.04 -20.83
CA GLU B 172 5.54 48.82 -20.67
C GLU B 172 5.39 48.45 -19.19
N LEU B 173 6.36 48.82 -18.35
CA LEU B 173 6.29 48.49 -16.93
C LEU B 173 5.30 49.38 -16.21
N VAL B 174 5.12 50.62 -16.65
CA VAL B 174 4.08 51.43 -16.02
C VAL B 174 2.70 50.87 -16.33
N ARG B 175 2.53 50.24 -17.50
CA ARG B 175 1.29 49.52 -17.79
C ARG B 175 1.17 48.26 -16.95
N ALA B 176 2.27 47.51 -16.83
CA ALA B 176 2.26 46.27 -16.06
C ALA B 176 1.97 46.54 -14.59
N GLU B 177 2.47 47.67 -14.07
CA GLU B 177 2.20 48.02 -12.68
C GLU B 177 0.72 48.30 -12.45
N ALA B 178 0.08 49.03 -13.36
CA ALA B 178 -1.34 49.30 -13.22
C ALA B 178 -2.16 48.02 -13.33
N GLU B 179 -1.81 47.17 -14.31
CA GLU B 179 -2.54 45.92 -14.45
C GLU B 179 -2.31 45.00 -13.26
N SER B 180 -1.12 45.03 -12.67
CA SER B 180 -0.85 44.23 -11.49
C SER B 180 -1.57 44.79 -10.27
N LEU B 181 -1.70 46.11 -10.18
CA LEU B 181 -2.48 46.70 -9.09
C LEU B 181 -3.94 46.27 -9.19
N VAL B 182 -4.51 46.33 -10.39
CA VAL B 182 -5.89 45.89 -10.57
C VAL B 182 -6.01 44.40 -10.28
N ALA B 183 -5.05 43.61 -10.75
CA ALA B 183 -5.07 42.17 -10.54
C ALA B 183 -4.99 41.83 -9.07
N GLU B 184 -4.13 42.53 -8.32
CA GLU B 184 -4.01 42.26 -6.90
C GLU B 184 -5.22 42.74 -6.11
N ALA B 185 -5.83 43.85 -6.53
CA ALA B 185 -7.05 44.30 -5.88
C ALA B 185 -8.17 43.26 -6.06
N GLN B 186 -8.39 42.83 -7.29
CA GLN B 186 -9.41 41.81 -7.53
C GLN B 186 -9.03 40.47 -6.90
N LEU B 187 -7.73 40.18 -6.81
CA LEU B 187 -7.28 38.95 -6.16
C LEU B 187 -7.61 38.99 -4.67
N SER B 188 -7.34 40.11 -4.02
CA SER B 188 -7.68 40.26 -2.61
C SER B 188 -9.19 40.15 -2.41
N ASN B 189 -9.96 40.80 -3.28
CA ASN B 189 -11.42 40.75 -3.15
C ASN B 189 -11.93 39.33 -3.31
N ILE B 190 -11.47 38.63 -4.34
CA ILE B 190 -11.96 37.27 -4.59
C ILE B 190 -11.49 36.31 -3.50
N THR B 191 -10.26 36.49 -3.01
CA THR B 191 -9.78 35.64 -1.94
C THR B 191 -10.61 35.84 -0.67
N ARG B 192 -10.88 37.10 -0.31
CA ARG B 192 -11.69 37.35 0.87
C ARG B 192 -13.08 36.77 0.72
N SER B 193 -13.71 36.99 -0.45
CA SER B 193 -15.07 36.50 -0.67
C SER B 193 -15.12 34.98 -0.61
N LYS B 194 -14.24 34.31 -1.38
CA LYS B 194 -14.23 32.86 -1.40
C LYS B 194 -13.90 32.30 -0.03
N LEU B 195 -12.92 32.88 0.66
CA LEU B 195 -12.53 32.41 1.97
C LEU B 195 -13.70 32.49 2.94
N ARG B 196 -14.32 33.67 3.04
CA ARG B 196 -15.43 33.85 3.97
C ARG B 196 -16.59 32.92 3.64
N ALA B 197 -16.98 32.87 2.36
CA ALA B 197 -18.14 32.06 1.99
C ALA B 197 -17.86 30.59 2.22
N ALA B 198 -16.70 30.10 1.76
CA ALA B 198 -16.38 28.69 1.88
C ALA B 198 -16.28 28.27 3.34
N PHE B 199 -15.61 29.07 4.17
CA PHE B 199 -15.46 28.65 5.55
C PHE B 199 -16.73 28.85 6.37
N ASN B 200 -17.55 29.86 6.05
CA ASN B 200 -18.84 29.96 6.71
C ASN B 200 -19.72 28.78 6.35
N TYR B 201 -19.75 28.39 5.08
CA TYR B 201 -20.51 27.21 4.66
C TYR B 201 -19.95 25.94 5.31
N GLN B 202 -18.63 25.83 5.41
CA GLN B 202 -18.00 24.67 6.03
C GLN B 202 -18.36 24.58 7.49
N PHE B 203 -18.31 25.71 8.21
CA PHE B 203 -18.64 25.70 9.63
C PHE B 203 -20.12 25.45 9.86
N ASP B 204 -20.98 26.00 8.99
CA ASP B 204 -22.41 25.69 9.10
C ASP B 204 -22.66 24.21 8.85
N SER B 205 -21.98 23.63 7.85
CA SER B 205 -22.13 22.20 7.59
C SER B 205 -21.65 21.36 8.77
N ILE B 206 -20.51 21.72 9.35
CA ILE B 206 -19.98 20.89 10.43
C ILE B 206 -20.84 21.04 11.68
N ILE B 207 -21.34 22.24 11.97
CA ILE B 207 -22.20 22.39 13.14
C ILE B 207 -23.52 21.67 12.93
N GLU B 208 -24.07 21.73 11.72
CA GLU B 208 -25.31 21.00 11.43
C GLU B 208 -25.10 19.51 11.60
N HIS B 209 -24.08 18.95 10.95
CA HIS B 209 -23.83 17.51 11.05
C HIS B 209 -23.54 17.10 12.48
N SER B 210 -22.76 17.90 13.20
CA SER B 210 -22.38 17.53 14.56
C SER B 210 -23.56 17.60 15.52
N GLU B 211 -24.34 18.68 15.46
CA GLU B 211 -25.50 18.76 16.34
C GLU B 211 -26.53 17.71 15.99
N LYS B 212 -26.64 17.36 14.70
CA LYS B 212 -27.54 16.29 14.30
C LYS B 212 -27.08 14.95 14.86
N ILE B 213 -25.78 14.66 14.78
CA ILE B 213 -25.27 13.40 15.29
C ILE B 213 -25.36 13.37 16.81
N ALA B 214 -25.27 14.53 17.45
CA ALA B 214 -25.46 14.61 18.90
C ALA B 214 -26.91 14.36 19.27
N LEU B 215 -27.84 14.88 18.47
CA LEU B 215 -29.25 14.65 18.67
C LEU B 215 -29.56 13.18 18.51
N ILE B 216 -28.84 12.52 17.60
CA ILE B 216 -28.93 11.08 17.41
C ILE B 216 -28.38 10.32 18.61
N ALA B 217 -27.22 10.78 19.13
CA ALA B 217 -26.61 10.10 20.27
C ALA B 217 -27.48 10.22 21.51
N GLY B 218 -28.11 11.37 21.72
CA GLY B 218 -29.02 11.50 22.84
C GLY B 218 -30.20 10.56 22.75
N TYR B 219 -30.78 10.42 21.54
CA TYR B 219 -31.87 9.49 21.35
C TYR B 219 -31.41 8.06 21.58
N GLY B 220 -30.20 7.73 21.14
CA GLY B 220 -29.65 6.41 21.40
C GLY B 220 -29.44 6.15 22.88
N LYS B 221 -28.98 7.15 23.61
CA LYS B 221 -28.83 7.02 25.06
C LYS B 221 -30.18 6.78 25.72
N ALA B 222 -31.21 7.51 25.28
CA ALA B 222 -32.55 7.27 25.81
C ALA B 222 -33.04 5.87 25.46
N LEU B 223 -32.72 5.41 24.26
CA LEU B 223 -33.16 4.08 23.81
C LEU B 223 -32.47 2.97 24.61
N LEU B 224 -31.21 3.19 25.00
CA LEU B 224 -30.47 2.17 25.72
C LEU B 224 -31.10 1.83 27.07
N GLU B 225 -31.99 2.69 27.57
CA GLU B 225 -32.66 2.43 28.83
C GLU B 225 -33.63 1.23 28.74
N LEU B 226 -33.99 0.81 27.53
CA LEU B 226 -35.00 -0.24 27.39
C LEU B 226 -34.50 -1.57 27.96
N LEU B 227 -33.27 -1.96 27.65
CA LEU B 227 -32.76 -3.23 28.13
C LEU B 227 -32.52 -3.17 29.64
N ASP B 228 -32.63 -4.32 30.29
CA ASP B 228 -32.45 -4.42 31.73
C ASP B 228 -31.05 -4.93 32.04
N ASP B 229 -30.31 -4.19 32.85
CA ASP B 229 -28.97 -4.57 33.23
C ASP B 229 -28.92 -5.39 34.51
N SER B 230 -30.06 -5.70 35.10
CA SER B 230 -30.09 -6.50 36.31
C SER B 230 -29.65 -7.93 36.00
N PRO B 231 -28.65 -8.45 36.69
CA PRO B 231 -28.20 -9.82 36.41
C PRO B 231 -29.27 -10.83 36.78
N VAL B 232 -29.27 -11.95 36.07
CA VAL B 232 -30.22 -13.03 36.29
C VAL B 232 -29.47 -14.24 36.83
N THR B 233 -30.05 -14.86 37.86
CA THR B 233 -29.44 -16.04 38.45
C THR B 233 -29.51 -17.21 37.47
N PRO B 234 -28.55 -18.12 37.52
CA PRO B 234 -28.62 -19.32 36.67
C PRO B 234 -29.85 -20.15 37.00
N GLY B 235 -30.41 -20.77 35.97
CA GLY B 235 -31.65 -21.51 36.12
C GLY B 235 -32.82 -20.86 35.41
N GLU B 236 -33.73 -20.24 36.16
CA GLU B 236 -34.91 -19.63 35.58
C GLU B 236 -34.53 -18.49 34.64
N THR B 237 -35.45 -18.20 33.73
CA THR B 237 -35.24 -17.18 32.69
C THR B 237 -36.07 -15.95 33.02
N ARG B 238 -35.50 -14.77 32.76
CA ARG B 238 -36.18 -13.52 33.01
C ARG B 238 -37.38 -13.38 32.09
N PRO B 239 -38.37 -12.57 32.48
CA PRO B 239 -39.56 -12.39 31.63
C PRO B 239 -39.20 -11.84 30.27
N ALA B 240 -39.99 -12.22 29.27
CA ALA B 240 -39.70 -11.85 27.89
C ALA B 240 -39.81 -10.35 27.70
N TYR B 241 -39.05 -9.84 26.72
CA TYR B 241 -38.98 -8.41 26.44
C TYR B 241 -40.10 -8.04 25.48
N ASP B 242 -41.01 -7.17 25.94
CA ASP B 242 -42.14 -6.73 25.14
C ASP B 242 -42.06 -5.25 24.79
N GLY B 243 -40.88 -4.65 24.90
CA GLY B 243 -40.73 -3.23 24.63
C GLY B 243 -40.46 -2.92 23.17
N TYR B 244 -40.98 -3.75 22.26
CA TYR B 244 -40.83 -3.48 20.84
C TYR B 244 -41.52 -2.18 20.46
N GLU B 245 -42.73 -1.96 20.99
CA GLU B 245 -43.48 -0.76 20.68
C GLU B 245 -42.76 0.49 21.18
N ALA B 246 -42.16 0.41 22.37
CA ALA B 246 -41.42 1.55 22.90
C ALA B 246 -40.22 1.90 22.03
N SER B 247 -39.47 0.87 21.60
CA SER B 247 -38.31 1.12 20.74
C SER B 247 -38.74 1.69 19.39
N LYS B 248 -39.83 1.16 18.82
CA LYS B 248 -40.30 1.70 17.55
C LYS B 248 -40.79 3.13 17.70
N GLN B 249 -41.45 3.44 18.82
CA GLN B 249 -41.86 4.82 19.08
C GLN B 249 -40.65 5.74 19.22
N ILE B 250 -39.60 5.26 19.89
CA ILE B 250 -38.39 6.06 20.04
C ILE B 250 -37.76 6.35 18.68
N ILE B 251 -37.67 5.32 17.83
CA ILE B 251 -37.07 5.53 16.51
C ILE B 251 -37.96 6.42 15.65
N ILE B 252 -39.28 6.31 15.81
CA ILE B 252 -40.20 7.17 15.06
C ILE B 252 -40.03 8.62 15.47
N ASP B 253 -39.93 8.87 16.78
CA ASP B 253 -39.73 10.23 17.26
C ASP B 253 -38.37 10.77 16.83
N ALA B 254 -37.36 9.91 16.81
CA ALA B 254 -36.05 10.32 16.31
C ALA B 254 -36.11 10.71 14.85
N GLU B 255 -36.83 9.92 14.03
CA GLU B 255 -37.01 10.28 12.63
C GLU B 255 -37.75 11.60 12.48
N SER B 256 -38.79 11.80 13.30
CA SER B 256 -39.57 13.03 13.23
C SER B 256 -38.71 14.25 13.57
N ALA B 257 -37.92 14.15 14.63
CA ALA B 257 -37.03 15.26 14.99
C ALA B 257 -35.94 15.44 13.95
N LEU B 258 -35.50 14.35 13.31
CA LEU B 258 -34.50 14.43 12.25
C LEU B 258 -35.03 15.22 11.07
N ASN B 259 -36.24 14.87 10.61
CA ASN B 259 -36.84 15.57 9.48
C ASN B 259 -37.20 17.01 9.85
N GLU B 260 -37.63 17.24 11.09
CA GLU B 260 -38.03 18.57 11.53
C GLU B 260 -36.83 19.49 11.76
N TRP B 261 -35.63 18.93 11.87
CA TRP B 261 -34.45 19.74 12.17
C TRP B 261 -34.21 20.78 11.08
N THR B 262 -33.93 22.01 11.50
CA THR B 262 -33.64 23.09 10.57
C THR B 262 -32.64 24.03 11.22
N LEU B 263 -32.04 24.90 10.40
CA LEU B 263 -31.09 25.87 10.92
C LEU B 263 -31.72 26.79 11.94
N ASP B 264 -33.00 27.14 11.76
CA ASP B 264 -33.69 27.95 12.76
C ASP B 264 -33.78 27.22 14.09
N SER B 265 -34.09 25.92 14.05
CA SER B 265 -34.18 25.11 15.26
C SER B 265 -32.80 24.57 15.67
N ALA B 266 -31.83 25.47 15.76
CA ALA B 266 -30.47 25.12 16.19
C ALA B 266 -30.38 25.42 17.67
N GLN B 267 -30.67 24.42 18.50
CA GLN B 267 -30.67 24.58 19.94
C GLN B 267 -29.28 24.78 20.52
N VAL B 268 -28.22 24.55 19.73
CA VAL B 268 -26.88 24.86 20.18
C VAL B 268 -26.69 26.38 20.16
N LYS B 269 -26.21 26.93 21.27
CA LYS B 269 -26.09 28.38 21.39
C LYS B 269 -24.75 28.76 22.01
N PRO B 270 -23.95 29.58 21.34
CA PRO B 270 -22.72 30.09 21.94
C PRO B 270 -23.02 31.21 22.93
N THR B 271 -21.99 31.60 23.66
CA THR B 271 -22.11 32.68 24.63
C THR B 271 -20.86 33.55 24.66
N MET C 1 6.87 29.70 26.20
CA MET C 1 5.62 29.74 26.94
C MET C 1 4.86 31.03 26.66
N HIS C 2 5.60 32.06 26.22
CA HIS C 2 5.01 33.35 25.92
C HIS C 2 4.38 33.41 24.53
N ARG C 3 4.34 32.28 23.82
CA ARG C 3 3.75 32.26 22.48
C ARG C 3 2.27 32.58 22.53
N THR C 4 1.79 33.24 21.47
CA THR C 4 0.40 33.61 21.37
C THR C 4 -0.46 32.40 21.03
N TYR C 5 -1.77 32.62 20.91
CA TYR C 5 -2.72 31.56 20.60
C TYR C 5 -2.82 31.40 19.09
N SER C 6 -1.74 30.90 18.51
CA SER C 6 -1.67 30.64 17.07
C SER C 6 -0.95 29.31 16.86
N LEU C 7 -0.60 29.03 15.61
CA LEU C 7 0.06 27.79 15.25
C LEU C 7 1.58 27.94 15.25
N ARG C 8 2.09 29.12 15.58
CA ARG C 8 3.50 29.44 15.52
C ARG C 8 4.05 29.58 16.94
N ASN C 9 5.28 29.14 17.15
CA ASN C 9 5.96 29.39 18.42
C ASN C 9 6.58 30.78 18.42
N SER C 10 5.72 31.78 18.28
CA SER C 10 6.12 33.18 18.28
C SER C 10 5.59 33.84 19.55
N ARG C 11 6.49 34.34 20.37
CA ARG C 11 6.10 34.97 21.62
C ARG C 11 5.38 36.29 21.37
N ALA C 12 4.44 36.60 22.25
CA ALA C 12 3.70 37.85 22.14
C ALA C 12 4.66 39.03 22.37
N PRO C 13 4.71 40.00 21.45
CA PRO C 13 5.64 41.12 21.62
C PRO C 13 5.24 42.01 22.78
N THR C 14 6.21 42.34 23.63
CA THR C 14 5.98 43.25 24.74
C THR C 14 6.08 44.70 24.25
N ALA C 15 5.83 45.64 25.17
CA ALA C 15 5.87 47.05 24.80
C ALA C 15 7.24 47.45 24.27
N SER C 16 8.31 46.84 24.79
CA SER C 16 9.64 47.11 24.26
C SER C 16 9.74 46.67 22.80
N GLN C 17 9.14 45.52 22.46
CA GLN C 17 9.20 45.05 21.08
C GLN C 17 8.46 46.00 20.15
N LEU C 18 7.32 46.54 20.58
CA LEU C 18 6.63 47.54 19.79
C LEU C 18 7.46 48.82 19.66
N GLN C 19 8.13 49.22 20.74
CA GLN C 19 8.95 50.42 20.70
C GLN C 19 10.11 50.27 19.71
N ASN C 20 10.83 49.16 19.79
CA ASN C 20 11.92 48.87 18.87
C ASN C 20 11.73 47.43 18.36
N PRO C 21 11.70 47.24 17.04
CA PRO C 21 11.43 45.90 16.52
C PRO C 21 12.55 44.94 16.90
N PRO C 22 12.21 43.65 17.08
CA PRO C 22 13.25 42.69 17.44
C PRO C 22 14.27 42.54 16.33
N PRO C 23 15.53 42.30 16.67
CA PRO C 23 16.56 42.13 15.65
C PRO C 23 16.45 40.76 14.99
N PRO C 24 17.07 40.57 13.84
CA PRO C 24 17.07 39.25 13.18
C PRO C 24 17.81 38.23 14.02
N PRO C 25 17.52 36.95 13.85
CA PRO C 25 18.20 35.93 14.66
C PRO C 25 19.71 35.93 14.42
N SER C 26 20.44 35.56 15.47
CA SER C 26 21.90 35.62 15.43
C SER C 26 22.45 34.67 14.37
N THR C 27 23.54 35.11 13.74
CA THR C 27 24.23 34.33 12.73
C THR C 27 25.30 33.42 13.32
N THR C 28 25.43 33.39 14.65
CA THR C 28 26.43 32.57 15.31
C THR C 28 26.00 31.13 15.50
N LYS C 29 24.80 30.76 15.04
CA LYS C 29 24.31 29.40 15.16
C LYS C 29 25.17 28.44 14.35
N GLY C 30 25.99 27.64 15.04
CA GLY C 30 26.86 26.71 14.36
C GLY C 30 26.24 25.33 14.21
N ARG C 31 26.80 24.56 13.28
CA ARG C 31 26.35 23.18 13.03
C ARG C 31 27.02 22.28 14.06
N PHE C 32 26.42 22.23 15.25
CA PHE C 32 26.96 21.45 16.35
C PHE C 32 25.84 21.07 17.29
N PHE C 33 26.14 20.10 18.17
CA PHE C 33 25.13 19.64 19.12
C PHE C 33 24.72 20.73 20.11
N GLY C 34 25.61 21.67 20.40
CA GLY C 34 25.31 22.71 21.36
C GLY C 34 25.47 22.30 22.81
N LYS C 35 26.12 21.18 23.09
CA LYS C 35 26.37 20.73 24.46
C LYS C 35 27.85 20.59 24.77
N GLY C 36 28.70 21.31 24.04
CA GLY C 36 30.13 21.22 24.25
C GLY C 36 30.80 20.00 23.66
N GLY C 37 30.12 19.29 22.77
CA GLY C 37 30.68 18.10 22.17
C GLY C 37 30.54 16.88 23.05
N LEU C 38 31.10 15.77 22.56
CA LEU C 38 31.05 14.52 23.32
C LEU C 38 31.88 14.60 24.59
N ALA C 39 32.94 15.41 24.58
CA ALA C 39 33.76 15.56 25.78
C ALA C 39 32.95 16.16 26.93
N TYR C 40 32.16 17.19 26.64
CA TYR C 40 31.33 17.81 27.67
C TYR C 40 30.01 17.07 27.87
N SER C 41 29.62 16.21 26.94
CA SER C 41 28.44 15.38 27.11
C SER C 41 28.75 14.05 27.79
N PHE C 42 30.03 13.74 28.01
CA PHE C 42 30.39 12.54 28.77
C PHE C 42 29.85 12.61 30.18
N ARG C 43 29.94 13.78 30.82
CA ARG C 43 29.39 13.94 32.16
C ARG C 43 27.88 13.76 32.15
N ARG C 44 27.20 14.33 31.15
CA ARG C 44 25.75 14.18 31.06
C ARG C 44 25.35 12.72 30.89
N SER C 45 26.08 11.98 30.04
CA SER C 45 25.81 10.57 29.87
C SER C 45 26.07 9.79 31.15
N ALA C 46 27.17 10.09 31.84
CA ALA C 46 27.50 9.41 33.08
C ALA C 46 26.49 9.72 34.19
N ALA C 47 25.81 10.86 34.10
CA ALA C 47 24.73 11.12 35.05
C ALA C 47 23.61 10.10 34.89
N GLY C 48 23.24 9.77 33.66
CA GLY C 48 22.28 8.73 33.38
C GLY C 48 22.93 7.37 33.29
N ALA C 49 23.30 6.81 34.45
CA ALA C 49 24.07 5.58 34.50
C ALA C 49 23.65 4.80 35.74
N PHE C 50 24.47 3.84 36.16
CA PHE C 50 24.11 2.94 37.23
C PHE C 50 24.07 3.69 38.56
N GLY C 51 22.94 4.31 38.86
CA GLY C 51 22.75 5.02 40.10
C GLY C 51 21.60 4.46 40.90
N PRO C 52 21.21 5.15 41.97
CA PRO C 52 20.11 4.66 42.81
C PRO C 52 18.74 4.84 42.17
N GLU C 53 18.71 5.27 40.90
CA GLU C 53 17.51 5.34 40.07
C GLU C 53 16.50 6.34 40.61
N LEU C 54 16.79 6.93 41.78
CA LEU C 54 15.95 7.96 42.37
C LEU C 54 16.58 9.33 42.27
N SER C 55 17.81 9.48 42.72
CA SER C 55 18.55 10.72 42.55
C SER C 55 19.21 10.83 41.18
N ARG C 56 18.90 9.90 40.27
CA ARG C 56 19.44 9.97 38.91
C ARG C 56 19.08 11.29 38.25
N LYS C 57 17.80 11.67 38.33
CA LYS C 57 17.38 12.95 37.76
C LYS C 57 18.05 14.11 38.50
N LEU C 58 18.12 14.03 39.82
CA LEU C 58 18.71 15.12 40.60
C LEU C 58 20.21 15.21 40.35
N SER C 59 20.90 14.06 40.26
CA SER C 59 22.31 14.09 39.94
C SER C 59 22.56 14.63 38.54
N GLN C 60 21.70 14.26 37.59
CA GLN C 60 21.80 14.81 36.25
C GLN C 60 21.62 16.32 36.26
N LEU C 61 20.65 16.80 37.04
CA LEU C 61 20.45 18.25 37.16
C LEU C 61 21.68 18.92 37.77
N VAL C 62 22.28 18.29 38.78
CA VAL C 62 23.46 18.87 39.42
C VAL C 62 24.61 18.95 38.43
N LYS C 63 24.82 17.90 37.64
CA LYS C 63 25.92 17.91 36.69
C LYS C 63 25.66 18.88 35.55
N ILE C 64 24.38 19.03 35.15
CA ILE C 64 24.03 20.05 34.18
C ILE C 64 24.30 21.44 34.74
N GLU C 65 24.02 21.64 36.03
CA GLU C 65 24.33 22.91 36.66
C GLU C 65 25.83 23.14 36.70
N LYS C 66 26.61 22.07 36.87
CA LYS C 66 28.06 22.19 36.76
C LYS C 66 28.49 22.64 35.37
N ASN C 67 27.84 22.10 34.34
CA ASN C 67 28.11 22.59 32.98
C ASN C 67 27.74 24.06 32.85
N VAL C 68 26.62 24.46 33.45
CA VAL C 68 26.23 25.86 33.47
C VAL C 68 27.34 26.70 34.09
N LEU C 69 27.88 26.23 35.20
CA LEU C 69 28.89 26.96 35.93
C LEU C 69 30.17 27.07 35.12
N ARG C 70 30.55 25.97 34.45
CA ARG C 70 31.75 25.99 33.61
C ARG C 70 31.60 26.95 32.45
N SER C 71 30.44 26.95 31.79
CA SER C 71 30.20 27.89 30.71
C SER C 71 30.23 29.33 31.19
N MET C 72 29.63 29.59 32.35
CA MET C 72 29.64 30.96 32.89
C MET C 72 31.06 31.39 33.26
N GLU C 73 31.85 30.46 33.79
CA GLU C 73 33.25 30.75 34.07
C GLU C 73 34.00 31.05 32.79
N LEU C 74 33.68 30.33 31.71
CA LEU C 74 34.30 30.58 30.42
C LEU C 74 33.95 31.98 29.90
N THR C 75 32.70 32.41 30.07
CA THR C 75 32.28 33.70 29.55
C THR C 75 32.61 34.86 30.48
N ALA C 76 33.03 34.58 31.72
CA ALA C 76 33.42 35.67 32.61
C ALA C 76 34.88 36.06 32.40
N ASN C 77 35.79 35.09 32.50
CA ASN C 77 37.21 35.38 32.29
C ASN C 77 37.46 35.91 30.89
N GLU C 78 36.83 35.30 29.88
CA GLU C 78 37.07 35.72 28.52
C GLU C 78 36.34 37.04 28.22
N ARG C 79 35.26 37.36 28.94
CA ARG C 79 34.69 38.71 28.83
C ARG C 79 35.62 39.77 29.41
N ARG C 80 36.25 39.48 30.56
CA ARG C 80 37.20 40.46 31.08
C ARG C 80 38.40 40.58 30.16
N ASP C 81 38.76 39.49 29.49
CA ASP C 81 39.76 39.57 28.42
C ASP C 81 39.29 40.49 27.31
N ALA C 82 38.00 40.41 26.95
CA ALA C 82 37.45 41.30 25.93
C ALA C 82 37.54 42.76 26.38
N ALA C 83 37.27 43.03 27.66
CA ALA C 83 37.40 44.38 28.18
C ALA C 83 38.84 44.88 28.09
N LYS C 84 39.80 44.02 28.46
CA LYS C 84 41.20 44.39 28.34
C LYS C 84 41.56 44.70 26.89
N GLN C 85 41.08 43.87 25.96
CA GLN C 85 41.34 44.09 24.55
C GLN C 85 40.72 45.39 24.06
N LEU C 86 39.53 45.72 24.57
CA LEU C 86 38.89 46.98 24.21
C LEU C 86 39.72 48.16 24.68
N SER C 87 40.24 48.10 25.91
CA SER C 87 41.11 49.18 26.38
C SER C 87 42.37 49.28 25.52
N ILE C 88 42.96 48.13 25.17
CA ILE C 88 44.16 48.13 24.34
C ILE C 88 43.87 48.77 22.99
N TRP C 89 42.71 48.45 22.40
CA TRP C 89 42.34 49.05 21.13
C TRP C 89 42.13 50.55 21.27
N GLY C 90 41.49 50.98 22.35
CA GLY C 90 41.26 52.39 22.55
C GLY C 90 42.48 53.18 22.97
N LEU C 91 43.59 52.48 23.25
CA LEU C 91 44.83 53.18 23.58
C LEU C 91 45.18 54.22 22.53
N GLU C 92 45.15 53.84 21.25
CA GLU C 92 45.54 54.74 20.16
C GLU C 92 44.29 55.24 19.46
N ASN C 93 43.72 56.31 20.00
CA ASN C 93 42.52 56.91 19.45
C ASN C 93 42.41 58.34 19.99
N ASP C 94 41.25 58.96 19.77
CA ASP C 94 41.03 60.30 20.29
C ASP C 94 41.02 60.28 21.82
N ASP C 95 41.39 61.43 22.41
CA ASP C 95 41.50 61.50 23.86
C ASP C 95 40.16 61.22 24.53
N ASP C 96 39.10 61.85 24.04
CA ASP C 96 37.76 61.55 24.58
C ASP C 96 37.38 60.11 24.31
N VAL C 97 37.67 59.62 23.11
CA VAL C 97 37.38 58.22 22.78
C VAL C 97 38.16 57.28 23.68
N SER C 98 39.45 57.58 23.89
CA SER C 98 40.29 56.72 24.72
C SER C 98 39.77 56.71 26.16
N ASP C 99 39.45 57.87 26.71
CA ASP C 99 38.95 57.93 28.08
C ASP C 99 37.63 57.19 28.22
N ILE C 100 36.71 57.42 27.28
CA ILE C 100 35.38 56.81 27.40
C ILE C 100 35.47 55.30 27.22
N THR C 101 36.35 54.83 26.32
CA THR C 101 36.48 53.39 26.12
C THR C 101 37.19 52.73 27.29
N ASP C 102 38.12 53.44 27.94
CA ASP C 102 38.73 52.91 29.15
C ASP C 102 37.70 52.79 30.27
N LYS C 103 36.81 53.78 30.37
CA LYS C 103 35.76 53.71 31.39
C LYS C 103 34.77 52.59 31.09
N LEU C 104 34.42 52.39 29.81
CA LEU C 104 33.58 51.25 29.46
C LEU C 104 34.29 49.94 29.77
N GLY C 105 35.60 49.88 29.53
CA GLY C 105 36.35 48.68 29.86
C GLY C 105 36.34 48.38 31.36
N VAL C 106 36.49 49.43 32.18
CA VAL C 106 36.46 49.19 33.62
C VAL C 106 35.06 48.80 34.07
N LEU C 107 34.02 49.36 33.43
CA LEU C 107 32.66 48.92 33.75
C LEU C 107 32.45 47.45 33.40
N ILE C 108 32.98 47.02 32.25
CA ILE C 108 32.89 45.62 31.88
C ILE C 108 33.69 44.75 32.85
N TYR C 109 34.81 45.26 33.35
CA TYR C 109 35.56 44.53 34.36
C TYR C 109 34.73 44.37 35.64
N GLU C 110 34.03 45.42 36.04
CA GLU C 110 33.09 45.31 37.16
C GLU C 110 32.04 44.25 36.86
N VAL C 111 31.55 44.23 35.63
CA VAL C 111 30.55 43.24 35.22
C VAL C 111 31.10 41.84 35.40
N SER C 112 32.35 41.61 34.98
CA SER C 112 32.96 40.30 35.10
C SER C 112 33.17 39.90 36.56
N GLU C 113 33.56 40.87 37.40
CA GLU C 113 33.71 40.57 38.82
C GLU C 113 32.38 40.18 39.46
N LEU C 114 31.31 40.92 39.12
CA LEU C 114 29.99 40.55 39.62
C LEU C 114 29.57 39.19 39.09
N ASP C 115 29.95 38.88 37.85
CA ASP C 115 29.68 37.55 37.31
C ASP C 115 30.39 36.47 38.11
N ASP C 116 31.64 36.73 38.50
CA ASP C 116 32.37 35.76 39.31
C ASP C 116 31.71 35.56 40.67
N GLN C 117 31.26 36.66 41.30
CA GLN C 117 30.54 36.52 42.57
C GLN C 117 29.25 35.73 42.38
N PHE C 118 28.52 36.00 41.30
CA PHE C 118 27.33 35.23 40.98
C PHE C 118 27.67 33.77 40.77
N ILE C 119 28.85 33.48 40.20
CA ILE C 119 29.29 32.10 40.01
C ILE C 119 29.53 31.43 41.35
N ASP C 120 30.13 32.15 42.30
CA ASP C 120 30.33 31.58 43.63
C ASP C 120 29.00 31.29 44.32
N ARG C 121 28.05 32.21 44.21
CA ARG C 121 26.72 31.95 44.79
C ARG C 121 26.02 30.81 44.06
N TYR C 122 26.24 30.70 42.76
CA TYR C 122 25.74 29.58 41.99
C TYR C 122 26.32 28.27 42.49
N ASP C 123 27.60 28.28 42.86
CA ASP C 123 28.21 27.08 43.42
C ASP C 123 27.63 26.76 44.78
N GLN C 124 27.27 27.78 45.56
CA GLN C 124 26.54 27.52 46.80
C GLN C 124 25.21 26.83 46.52
N TYR C 125 24.47 27.32 45.53
CA TYR C 125 23.22 26.68 45.11
C TYR C 125 23.46 25.24 44.68
N ARG C 126 24.50 25.01 43.88
CA ARG C 126 24.81 23.67 43.39
C ARG C 126 25.23 22.75 44.53
N LEU C 127 25.91 23.28 45.54
CA LEU C 127 26.31 22.46 46.68
C LEU C 127 25.11 22.08 47.53
N THR C 128 24.16 23.01 47.71
CA THR C 128 22.93 22.65 48.41
C THR C 128 22.17 21.57 47.65
N LEU C 129 22.11 21.69 46.32
CA LEU C 129 21.46 20.65 45.53
C LEU C 129 22.24 19.34 45.58
N LYS C 130 23.56 19.40 45.68
CA LYS C 130 24.35 18.18 45.87
C LYS C 130 24.00 17.52 47.19
N SER C 131 23.82 18.31 48.24
CA SER C 131 23.45 17.76 49.54
C SER C 131 22.08 17.09 49.46
N ILE C 132 21.11 17.73 48.82
CA ILE C 132 19.79 17.13 48.73
C ILE C 132 19.82 15.87 47.86
N ARG C 133 20.64 15.89 46.79
CA ARG C 133 20.80 14.70 45.97
C ARG C 133 21.39 13.56 46.77
N ASP C 134 22.37 13.85 47.61
CA ASP C 134 23.04 12.77 48.34
C ASP C 134 22.15 12.20 49.43
N ILE C 135 21.36 13.04 50.11
CA ILE C 135 20.45 12.48 51.11
C ILE C 135 19.37 11.66 50.44
N GLU C 136 18.87 12.10 49.28
CA GLU C 136 17.88 11.32 48.56
C GLU C 136 18.46 9.98 48.09
N GLY C 137 19.71 9.99 47.60
CA GLY C 137 20.36 8.75 47.23
C GLY C 137 20.60 7.82 48.39
N SER C 138 20.87 8.39 49.57
CA SER C 138 21.04 7.55 50.76
C SER C 138 19.72 7.00 51.26
N VAL C 139 18.61 7.70 51.01
CA VAL C 139 17.31 7.22 51.48
C VAL C 139 16.67 6.24 50.50
N GLN C 140 17.10 6.25 49.23
CA GLN C 140 16.53 5.32 48.26
C GLN C 140 16.69 3.84 48.63
N PRO C 141 17.85 3.36 49.09
CA PRO C 141 17.98 1.91 49.35
C PRO C 141 16.98 1.39 50.37
N SER C 142 16.46 2.24 51.26
CA SER C 142 15.40 1.81 52.16
C SER C 142 14.18 1.32 51.38
N ARG C 143 13.69 2.14 50.44
CA ARG C 143 12.54 1.73 49.66
C ARG C 143 12.89 0.61 48.69
N ASP C 144 14.14 0.56 48.21
CA ASP C 144 14.55 -0.56 47.36
C ASP C 144 14.44 -1.87 48.12
N ARG C 145 14.98 -1.90 49.35
CA ARG C 145 14.88 -3.09 50.19
C ARG C 145 13.43 -3.40 50.52
N LYS C 146 12.61 -2.38 50.75
CA LYS C 146 11.19 -2.60 51.00
C LYS C 146 10.52 -3.31 49.83
N ASP C 147 10.79 -2.84 48.61
CA ASP C 147 10.20 -3.45 47.42
C ASP C 147 10.69 -4.90 47.27
N LYS C 148 11.99 -5.12 47.47
CA LYS C 148 12.51 -6.48 47.36
C LYS C 148 11.87 -7.40 48.39
N ILE C 149 11.73 -6.92 49.63
CA ILE C 149 11.17 -7.75 50.69
C ILE C 149 9.70 -8.06 50.41
N THR C 150 8.93 -7.08 49.94
CA THR C 150 7.52 -7.35 49.67
C THR C 150 7.37 -8.32 48.49
N ASP C 151 8.23 -8.21 47.47
CA ASP C 151 8.18 -9.17 46.39
C ASP C 151 8.50 -10.58 46.87
N LYS C 152 9.55 -10.70 47.69
CA LYS C 152 9.94 -12.02 48.17
C LYS C 152 8.88 -12.62 49.09
N ILE C 153 8.25 -11.80 49.93
CA ILE C 153 7.22 -12.32 50.81
C ILE C 153 5.97 -12.70 50.02
N ALA C 154 5.67 -11.97 48.94
CA ALA C 154 4.57 -12.38 48.08
C ALA C 154 4.85 -13.73 47.42
N TYR C 155 6.07 -13.93 46.94
CA TYR C 155 6.43 -15.22 46.35
C TYR C 155 6.35 -16.33 47.40
N LEU C 156 6.84 -16.07 48.61
CA LEU C 156 6.80 -17.08 49.66
C LEU C 156 5.38 -17.41 50.06
N LYS C 157 4.50 -16.39 50.11
CA LYS C 157 3.08 -16.64 50.33
C LYS C 157 2.48 -17.49 49.22
N TYR C 158 2.91 -17.25 47.97
CA TYR C 158 2.49 -18.12 46.88
C TYR C 158 2.90 -19.56 47.13
N LYS C 159 4.14 -19.77 47.60
CA LYS C 159 4.63 -21.13 47.78
C LYS C 159 3.82 -21.89 48.83
N ASP C 160 3.62 -21.28 50.00
CA ASP C 160 2.88 -21.94 51.08
C ASP C 160 2.36 -20.86 52.02
N PRO C 161 1.37 -21.19 52.86
CA PRO C 161 0.84 -20.22 53.83
C PRO C 161 1.41 -20.33 55.25
N GLN C 162 2.40 -21.19 55.49
CA GLN C 162 2.84 -21.40 56.87
C GLN C 162 4.35 -21.52 57.03
N SER C 163 5.14 -21.03 56.07
CA SER C 163 6.58 -21.05 56.26
C SER C 163 6.97 -20.10 57.38
N PRO C 164 7.83 -20.54 58.31
CA PRO C 164 8.33 -19.60 59.33
C PRO C 164 9.05 -18.41 58.73
N LYS C 165 9.73 -18.63 57.61
CA LYS C 165 10.42 -17.56 56.91
C LYS C 165 9.43 -16.46 56.53
N ILE C 166 8.21 -16.84 56.19
CA ILE C 166 7.18 -15.87 55.82
C ILE C 166 6.89 -14.93 56.99
N GLU C 167 6.64 -15.51 58.16
CA GLU C 167 6.30 -14.68 59.32
C GLU C 167 7.50 -13.84 59.75
N VAL C 168 8.70 -14.40 59.63
CA VAL C 168 9.89 -13.64 60.03
C VAL C 168 10.08 -12.43 59.12
N LEU C 169 9.93 -12.62 57.81
CA LEU C 169 10.05 -11.47 56.90
C LEU C 169 8.88 -10.51 57.03
N GLU C 170 7.70 -10.99 57.41
CA GLU C 170 6.62 -10.04 57.70
C GLU C 170 6.96 -9.20 58.92
N GLN C 171 7.54 -9.82 59.95
CA GLN C 171 7.93 -9.09 61.14
C GLN C 171 9.06 -8.11 60.86
N GLU C 172 9.96 -8.46 59.95
CA GLU C 172 10.99 -7.51 59.57
C GLU C 172 10.44 -6.43 58.65
N LEU C 173 9.41 -6.75 57.86
CA LEU C 173 8.83 -5.77 56.94
C LEU C 173 7.99 -4.75 57.68
N VAL C 174 7.35 -5.14 58.79
CA VAL C 174 6.63 -4.13 59.56
C VAL C 174 7.60 -3.14 60.19
N ARG C 175 8.82 -3.58 60.53
CA ARG C 175 9.86 -2.65 60.96
C ARG C 175 10.35 -1.79 59.81
N ALA C 176 10.57 -2.42 58.64
CA ALA C 176 11.05 -1.68 57.48
C ALA C 176 10.05 -0.63 57.03
N GLU C 177 8.75 -0.92 57.15
CA GLU C 177 7.73 0.05 56.78
C GLU C 177 7.77 1.26 57.70
N ALA C 178 7.91 1.04 59.01
CA ALA C 178 7.99 2.18 59.93
C ALA C 178 9.26 3.00 59.69
N GLU C 179 10.39 2.32 59.48
CA GLU C 179 11.62 3.07 59.22
C GLU C 179 11.54 3.80 57.89
N SER C 180 10.86 3.23 56.90
CA SER C 180 10.70 3.91 55.62
C SER C 180 9.74 5.09 55.73
N LEU C 181 8.71 4.97 56.56
CA LEU C 181 7.82 6.10 56.81
C LEU C 181 8.58 7.25 57.44
N VAL C 182 9.40 6.94 58.46
CA VAL C 182 10.20 7.99 59.09
C VAL C 182 11.19 8.57 58.09
N ALA C 183 11.83 7.71 57.29
CA ALA C 183 12.81 8.15 56.31
C ALA C 183 12.16 9.05 55.27
N GLU C 184 10.97 8.69 54.81
CA GLU C 184 10.29 9.52 53.80
C GLU C 184 9.78 10.82 54.40
N ALA C 185 9.33 10.81 55.66
CA ALA C 185 8.92 12.06 56.30
C ALA C 185 10.11 13.01 56.41
N GLN C 186 11.24 12.53 56.92
CA GLN C 186 12.41 13.39 57.03
C GLN C 186 12.95 13.75 55.65
N LEU C 187 12.79 12.87 54.66
CA LEU C 187 13.22 13.18 53.30
C LEU C 187 12.39 14.32 52.72
N SER C 188 11.07 14.27 52.90
CA SER C 188 10.23 15.36 52.45
C SER C 188 10.58 16.65 53.16
N ASN C 189 10.80 16.58 54.48
CA ASN C 189 11.14 17.79 55.22
C ASN C 189 12.45 18.39 54.73
N ILE C 190 13.49 17.56 54.58
CA ILE C 190 14.79 18.07 54.17
C ILE C 190 14.75 18.56 52.73
N THR C 191 14.00 17.87 51.86
CA THR C 191 13.88 18.34 50.48
C THR C 191 13.19 19.69 50.41
N ARG C 192 12.10 19.86 51.16
CA ARG C 192 11.41 21.15 51.15
C ARG C 192 12.30 22.24 51.71
N SER C 193 12.99 21.98 52.81
CA SER C 193 13.85 22.99 53.42
C SER C 193 14.99 23.38 52.50
N LYS C 194 15.72 22.38 51.99
CA LYS C 194 16.84 22.67 51.10
C LYS C 194 16.37 23.36 49.83
N LEU C 195 15.26 22.90 49.25
CA LEU C 195 14.74 23.49 48.03
C LEU C 195 14.40 24.96 48.25
N ARG C 196 13.61 25.25 49.29
CA ARG C 196 13.21 26.62 49.55
C ARG C 196 14.41 27.50 49.84
N ALA C 197 15.31 27.05 50.72
CA ALA C 197 16.45 27.88 51.08
C ALA C 197 17.36 28.12 49.89
N ALA C 198 17.71 27.05 49.17
CA ALA C 198 18.62 27.18 48.05
C ALA C 198 18.05 28.07 46.95
N PHE C 199 16.77 27.89 46.61
CA PHE C 199 16.23 28.69 45.53
C PHE C 199 15.92 30.12 45.97
N ASN C 200 15.55 30.35 47.23
CA ASN C 200 15.43 31.72 47.71
C ASN C 200 16.77 32.44 47.69
N TYR C 201 17.84 31.75 48.13
CA TYR C 201 19.16 32.34 48.07
C TYR C 201 19.60 32.56 46.62
N GLN C 202 19.29 31.62 45.73
CA GLN C 202 19.64 31.77 44.33
C GLN C 202 18.93 32.95 43.70
N PHE C 203 17.64 33.10 43.98
CA PHE C 203 16.89 34.21 43.42
C PHE C 203 17.32 35.54 44.01
N ASP C 204 17.64 35.57 45.30
CA ASP C 204 18.18 36.79 45.89
C ASP C 204 19.53 37.15 45.26
N SER C 205 20.39 36.15 45.04
CA SER C 205 21.67 36.40 44.39
C SER C 205 21.47 36.93 42.98
N ILE C 206 20.57 36.31 42.21
CA ILE C 206 20.42 36.74 40.82
C ILE C 206 19.78 38.12 40.75
N ILE C 207 18.82 38.43 41.63
CA ILE C 207 18.24 39.77 41.59
C ILE C 207 19.26 40.81 42.04
N GLU C 208 20.08 40.48 43.05
CA GLU C 208 21.12 41.42 43.46
C GLU C 208 22.11 41.68 42.35
N HIS C 209 22.65 40.61 41.74
CA HIS C 209 23.62 40.78 40.67
C HIS C 209 23.01 41.50 39.49
N SER C 210 21.77 41.17 39.14
CA SER C 210 21.14 41.78 37.97
C SER C 210 20.84 43.25 38.19
N GLU C 211 20.25 43.60 39.34
CA GLU C 211 19.96 45.00 39.60
C GLU C 211 21.24 45.79 39.75
N LYS C 212 22.30 45.17 40.29
CA LYS C 212 23.59 45.85 40.36
C LYS C 212 24.15 46.11 38.97
N ILE C 213 24.09 45.12 38.07
CA ILE C 213 24.62 45.31 36.73
C ILE C 213 23.76 46.30 35.96
N ALA C 214 22.47 46.38 36.28
CA ALA C 214 21.60 47.37 35.66
C ALA C 214 21.94 48.78 36.16
N LEU C 215 22.27 48.89 37.45
CA LEU C 215 22.68 50.15 38.04
C LEU C 215 23.99 50.60 37.39
N ILE C 216 24.83 49.63 37.05
CA ILE C 216 26.07 49.88 36.32
C ILE C 216 25.78 50.34 34.90
N ALA C 217 24.83 49.68 34.23
CA ALA C 217 24.51 50.03 32.85
C ALA C 217 23.91 51.43 32.75
N GLY C 218 23.08 51.80 33.73
CA GLY C 218 22.54 53.16 33.75
C GLY C 218 23.62 54.19 33.91
N TYR C 219 24.59 53.94 34.80
CA TYR C 219 25.70 54.86 34.97
C TYR C 219 26.53 54.94 33.70
N GLY C 220 26.73 53.80 33.02
CA GLY C 220 27.44 53.83 31.75
C GLY C 220 26.71 54.62 30.69
N LYS C 221 25.39 54.48 30.64
CA LYS C 221 24.60 55.28 29.70
C LYS C 221 24.73 56.77 30.00
N ALA C 222 24.71 57.14 31.27
CA ALA C 222 24.91 58.54 31.64
C ALA C 222 26.32 59.00 31.25
N LEU C 223 27.31 58.12 31.42
CA LEU C 223 28.69 58.46 31.09
C LEU C 223 28.89 58.64 29.59
N LEU C 224 28.16 57.87 28.78
CA LEU C 224 28.31 57.96 27.33
C LEU C 224 27.93 59.32 26.79
N GLU C 225 27.21 60.13 27.56
CA GLU C 225 26.84 61.48 27.13
C GLU C 225 28.04 62.40 27.00
N LEU C 226 29.19 62.04 27.60
CA LEU C 226 30.33 62.95 27.61
C LEU C 226 30.88 63.18 26.21
N LEU C 227 31.05 62.13 25.42
CA LEU C 227 31.59 62.30 24.08
C LEU C 227 30.58 63.00 23.18
N ASP C 228 31.09 63.73 22.20
CA ASP C 228 30.26 64.49 21.26
C ASP C 228 30.12 63.70 19.97
N ASP C 229 28.88 63.46 19.56
CA ASP C 229 28.59 62.74 18.33
C ASP C 229 28.46 63.65 17.12
N SER C 230 28.63 64.95 17.30
CA SER C 230 28.52 65.86 16.17
C SER C 230 29.68 65.65 15.21
N PRO C 231 29.41 65.39 13.94
CA PRO C 231 30.51 65.17 12.98
C PRO C 231 31.33 66.43 12.78
N VAL C 232 32.61 66.23 12.48
CA VAL C 232 33.55 67.32 12.24
C VAL C 232 33.95 67.33 10.78
N THR C 233 33.95 68.52 10.19
CA THR C 233 34.35 68.66 8.80
C THR C 233 35.84 68.36 8.64
N PRO C 234 36.26 67.84 7.49
CA PRO C 234 37.69 67.63 7.25
C PRO C 234 38.44 68.96 7.30
N GLY C 235 39.68 68.89 7.79
CA GLY C 235 40.46 70.10 7.98
C GLY C 235 40.70 70.42 9.43
N GLU C 236 40.02 71.45 9.93
CA GLU C 236 40.21 71.89 11.31
C GLU C 236 39.80 70.79 12.29
N THR C 237 40.36 70.87 13.50
CA THR C 237 40.15 69.88 14.54
C THR C 237 39.23 70.46 15.62
N ARG C 238 38.34 69.62 16.14
CA ARG C 238 37.41 70.03 17.17
C ARG C 238 38.17 70.37 18.45
N PRO C 239 37.57 71.20 19.32
CA PRO C 239 38.25 71.56 20.57
C PRO C 239 38.55 70.34 21.43
N ALA C 240 39.64 70.42 22.18
CA ALA C 240 40.10 69.30 22.97
C ALA C 240 39.09 68.94 24.06
N TYR C 241 39.09 67.67 24.44
CA TYR C 241 38.15 67.14 25.43
C TYR C 241 38.73 67.35 26.83
N ASP C 242 38.04 68.14 27.65
CA ASP C 242 38.47 68.44 29.01
C ASP C 242 37.53 67.85 30.05
N GLY C 243 36.69 66.89 29.67
CA GLY C 243 35.74 66.31 30.59
C GLY C 243 36.29 65.15 31.40
N TYR C 244 37.60 65.18 31.67
CA TYR C 244 38.20 64.16 32.51
C TYR C 244 37.62 64.19 33.92
N GLU C 245 37.45 65.39 34.48
CA GLU C 245 36.91 65.52 35.83
C GLU C 245 35.49 65.01 35.89
N ALA C 246 34.68 65.29 34.86
CA ALA C 246 33.30 64.80 34.86
C ALA C 246 33.24 63.28 34.82
N SER C 247 34.09 62.66 33.99
CA SER C 247 34.11 61.20 33.92
C SER C 247 34.58 60.60 35.24
N LYS C 248 35.60 61.19 35.85
CA LYS C 248 36.08 60.67 37.13
C LYS C 248 35.03 60.85 38.22
N GLN C 249 34.29 61.95 38.19
CA GLN C 249 33.21 62.14 39.15
C GLN C 249 32.10 61.11 38.93
N ILE C 250 31.79 60.81 37.67
CA ILE C 250 30.79 59.80 37.37
C ILE C 250 31.21 58.43 37.90
N ILE C 251 32.47 58.06 37.66
CA ILE C 251 32.93 56.77 38.15
C ILE C 251 33.01 56.75 39.67
N ILE C 252 33.34 57.88 40.29
CA ILE C 252 33.37 57.95 41.75
C ILE C 252 31.97 57.76 42.32
N ASP C 253 30.98 58.43 41.72
CA ASP C 253 29.60 58.28 42.18
C ASP C 253 29.10 56.86 41.95
N ALA C 254 29.51 56.25 40.84
CA ALA C 254 29.14 54.85 40.59
C ALA C 254 29.74 53.93 41.65
N GLU C 255 31.00 54.16 42.02
CA GLU C 255 31.62 53.38 43.08
C GLU C 255 30.89 53.59 44.40
N SER C 256 30.51 54.84 44.70
CA SER C 256 29.83 55.13 45.96
C SER C 256 28.48 54.42 46.03
N ALA C 257 27.71 54.49 44.94
CA ALA C 257 26.43 53.78 44.91
C ALA C 257 26.62 52.27 44.93
N LEU C 258 27.71 51.79 44.34
CA LEU C 258 28.02 50.36 44.37
C LEU C 258 28.27 49.88 45.79
N ASN C 259 29.11 50.60 46.53
CA ASN C 259 29.40 50.23 47.91
C ASN C 259 28.19 50.44 48.80
N GLU C 260 27.39 51.46 48.54
CA GLU C 260 26.22 51.75 49.36
C GLU C 260 25.07 50.78 49.10
N TRP C 261 25.11 50.05 47.99
CA TRP C 261 24.01 49.16 47.64
C TRP C 261 23.82 48.10 48.72
N THR C 262 22.56 47.87 49.09
CA THR C 262 22.21 46.87 50.07
C THR C 262 20.85 46.30 49.72
N LEU C 263 20.52 45.16 50.35
CA LEU C 263 19.22 44.53 50.10
C LEU C 263 18.07 45.44 50.50
N ASP C 264 18.24 46.24 51.55
CA ASP C 264 17.22 47.21 51.92
C ASP C 264 17.01 48.24 50.82
N SER C 265 18.10 48.72 50.23
CA SER C 265 18.03 49.69 49.13
C SER C 265 17.84 49.00 47.79
N ALA C 266 16.84 48.12 47.72
CA ALA C 266 16.51 47.40 46.49
C ALA C 266 15.36 48.16 45.83
N GLN C 267 15.72 49.10 44.95
CA GLN C 267 14.73 49.94 44.28
C GLN C 267 13.88 49.16 43.27
N VAL C 268 14.25 47.93 42.94
CA VAL C 268 13.39 47.10 42.11
C VAL C 268 12.21 46.62 42.93
N LYS C 269 11.00 46.82 42.40
CA LYS C 269 9.80 46.49 43.16
C LYS C 269 8.79 45.75 42.29
N PRO C 270 8.36 44.56 42.68
CA PRO C 270 7.29 43.87 41.95
C PRO C 270 5.93 44.47 42.30
N THR C 271 4.92 44.03 41.54
CA THR C 271 3.56 44.49 41.75
C THR C 271 2.56 43.37 41.55
N MET D 1 39.66 46.06 40.13
CA MET D 1 39.78 47.50 40.29
C MET D 1 39.21 47.95 41.63
N HIS D 2 38.32 47.13 42.19
CA HIS D 2 37.67 47.44 43.46
C HIS D 2 38.54 47.07 44.65
N ARG D 3 39.77 46.63 44.42
CA ARG D 3 40.66 46.24 45.52
C ARG D 3 40.99 47.43 46.39
N THR D 4 41.16 47.17 47.68
CA THR D 4 41.48 48.21 48.65
C THR D 4 42.94 48.62 48.51
N TYR D 5 43.34 49.58 49.35
CA TYR D 5 44.71 50.10 49.34
C TYR D 5 45.60 49.23 50.23
N SER D 6 45.83 48.00 49.76
CA SER D 6 46.67 47.04 50.47
C SER D 6 47.52 46.33 49.43
N LEU D 7 48.19 45.26 49.88
CA LEU D 7 49.07 44.49 49.01
C LEU D 7 48.34 43.30 48.37
N ARG D 8 47.05 43.15 48.66
CA ARG D 8 46.26 42.02 48.22
C ARG D 8 45.26 42.48 47.18
N ASN D 9 45.00 41.63 46.18
CA ASN D 9 43.93 41.90 45.21
C ASN D 9 42.59 41.46 45.78
N SER D 10 42.22 42.07 46.90
CA SER D 10 40.96 41.80 47.58
C SER D 10 40.07 43.02 47.45
N ARG D 11 38.91 42.85 46.82
CA ARG D 11 37.99 43.95 46.61
C ARG D 11 37.37 44.39 47.94
N ALA D 12 37.09 45.68 48.03
CA ALA D 12 36.45 46.22 49.22
C ALA D 12 35.04 45.65 49.35
N PRO D 13 34.69 45.08 50.50
CA PRO D 13 33.36 44.47 50.65
C PRO D 13 32.27 45.54 50.68
N THR D 14 31.22 45.32 49.88
CA THR D 14 30.08 46.22 49.87
C THR D 14 29.13 45.87 51.02
N ALA D 15 28.07 46.67 51.16
CA ALA D 15 27.11 46.45 52.24
C ALA D 15 26.50 45.06 52.17
N SER D 16 26.30 44.54 50.96
CA SER D 16 25.81 43.17 50.82
C SER D 16 26.79 42.17 51.41
N GLN D 17 28.09 42.39 51.19
CA GLN D 17 29.09 41.48 51.73
C GLN D 17 29.08 41.49 53.26
N LEU D 18 28.92 42.67 53.86
CA LEU D 18 28.78 42.73 55.32
C LEU D 18 27.51 42.05 55.78
N GLN D 19 26.41 42.21 55.04
CA GLN D 19 25.15 41.58 55.42
C GLN D 19 25.28 40.05 55.39
N ASN D 20 25.82 39.51 54.30
CA ASN D 20 26.04 38.08 54.18
C ASN D 20 27.48 37.85 53.70
N PRO D 21 28.27 37.06 54.41
CA PRO D 21 29.66 36.90 54.04
C PRO D 21 29.79 36.25 52.67
N PRO D 22 30.85 36.58 51.92
CA PRO D 22 31.01 35.97 50.61
C PRO D 22 31.24 34.48 50.72
N PRO D 23 30.76 33.70 49.75
CA PRO D 23 30.97 32.25 49.79
C PRO D 23 32.39 31.89 49.40
N PRO D 24 32.83 30.68 49.72
CA PRO D 24 34.17 30.24 49.30
C PRO D 24 34.27 30.15 47.79
N PRO D 25 35.48 30.23 47.24
CA PRO D 25 35.62 30.17 45.78
C PRO D 25 35.12 28.87 45.22
N SER D 26 34.63 28.93 43.98
CA SER D 26 34.00 27.77 43.35
C SER D 26 35.01 26.65 43.15
N THR D 27 34.54 25.42 43.30
CA THR D 27 35.34 24.22 43.11
C THR D 27 35.35 23.74 41.67
N THR D 28 34.70 24.46 40.76
CA THR D 28 34.61 24.06 39.36
C THR D 28 35.84 24.49 38.56
N LYS D 29 36.82 25.13 39.20
CA LYS D 29 38.03 25.55 38.51
C LYS D 29 38.81 24.35 38.00
N GLY D 30 38.78 24.11 36.69
CA GLY D 30 39.48 22.99 36.12
C GLY D 30 40.88 23.34 35.65
N ARG D 31 41.71 22.30 35.48
CA ARG D 31 43.08 22.46 35.01
C ARG D 31 43.04 22.55 33.48
N PHE D 32 42.77 23.76 33.00
CA PHE D 32 42.62 24.00 31.57
C PHE D 32 42.94 25.45 31.28
N PHE D 33 43.16 25.75 30.00
CA PHE D 33 43.48 27.12 29.59
C PHE D 33 42.33 28.08 29.85
N GLY D 34 41.09 27.60 29.83
CA GLY D 34 39.94 28.45 30.01
C GLY D 34 39.52 29.22 28.78
N LYS D 35 40.01 28.86 27.60
CA LYS D 35 39.63 29.52 26.35
C LYS D 35 38.97 28.55 25.37
N GLY D 36 38.41 27.44 25.86
CA GLY D 36 37.80 26.46 25.00
C GLY D 36 38.76 25.54 24.29
N GLY D 37 40.02 25.49 24.73
CA GLY D 37 41.01 24.64 24.10
C GLY D 37 41.61 25.27 22.85
N LEU D 38 42.49 24.50 22.20
CA LEU D 38 43.13 24.98 20.99
C LEU D 38 42.13 25.12 19.85
N ALA D 39 41.07 24.31 19.84
CA ALA D 39 40.06 24.43 18.80
C ALA D 39 39.37 25.79 18.84
N TYR D 40 39.01 26.26 20.04
CA TYR D 40 38.39 27.57 20.18
C TYR D 40 39.39 28.71 20.22
N SER D 41 40.67 28.40 20.46
CA SER D 41 41.72 29.41 20.39
C SER D 41 42.31 29.55 19.00
N PHE D 42 41.93 28.69 18.06
CA PHE D 42 42.37 28.84 16.68
C PHE D 42 41.87 30.14 16.09
N ARG D 43 40.61 30.50 16.37
CA ARG D 43 40.09 31.78 15.91
C ARG D 43 40.85 32.95 16.53
N ARG D 44 41.14 32.87 17.82
CA ARG D 44 41.89 33.94 18.48
C ARG D 44 43.28 34.09 17.87
N SER D 45 43.95 32.97 17.59
CA SER D 45 45.26 33.05 16.95
C SER D 45 45.16 33.61 15.54
N ALA D 46 44.15 33.20 14.77
CA ALA D 46 43.97 33.71 13.42
C ALA D 46 43.61 35.18 13.40
N ALA D 47 43.04 35.70 14.49
CA ALA D 47 42.82 37.15 14.58
C ALA D 47 44.15 37.89 14.58
N GLY D 48 45.13 37.39 15.32
CA GLY D 48 46.47 37.95 15.30
C GLY D 48 47.31 37.35 14.20
N ALA D 49 47.06 37.76 12.96
CA ALA D 49 47.69 37.15 11.80
C ALA D 49 47.87 38.24 10.74
N PHE D 50 48.11 37.83 9.50
CA PHE D 50 48.46 38.77 8.44
C PHE D 50 47.26 39.65 8.09
N GLY D 51 47.09 40.74 8.84
CA GLY D 51 46.03 41.67 8.59
C GLY D 51 46.55 43.06 8.29
N PRO D 52 45.67 44.05 8.24
CA PRO D 52 46.09 45.42 7.94
C PRO D 52 46.82 46.09 9.10
N GLU D 53 47.09 45.33 10.17
CA GLU D 53 47.90 45.75 11.31
C GLU D 53 47.27 46.91 12.07
N LEU D 54 46.15 47.43 11.57
CA LEU D 54 45.41 48.48 12.24
C LEU D 54 44.12 47.96 12.86
N SER D 55 43.30 47.28 12.08
CA SER D 55 42.10 46.63 12.60
C SER D 55 42.40 45.27 13.21
N ARG D 56 43.68 44.92 13.35
CA ARG D 56 44.04 43.65 13.97
C ARG D 56 43.47 43.55 15.38
N LYS D 57 43.65 44.61 16.19
CA LYS D 57 43.07 44.61 17.53
C LYS D 57 41.56 44.60 17.47
N LEU D 58 40.96 45.37 16.57
CA LEU D 58 39.51 45.41 16.47
C LEU D 58 38.95 44.08 15.96
N SER D 59 39.61 43.47 14.99
CA SER D 59 39.17 42.16 14.52
C SER D 59 39.30 41.12 15.61
N GLN D 60 40.40 41.19 16.39
CA GLN D 60 40.55 40.28 17.52
C GLN D 60 39.43 40.47 18.53
N LEU D 61 39.08 41.72 18.81
CA LEU D 61 37.97 41.99 19.73
C LEU D 61 36.66 41.43 19.17
N VAL D 62 36.44 41.58 17.87
CA VAL D 62 35.20 41.07 17.27
C VAL D 62 35.14 39.56 17.39
N LYS D 63 36.25 38.88 17.13
CA LYS D 63 36.24 37.42 17.20
C LYS D 63 36.13 36.94 18.64
N ILE D 64 36.71 37.69 19.58
CA ILE D 64 36.51 37.39 20.99
C ILE D 64 35.06 37.57 21.37
N GLU D 65 34.40 38.60 20.83
CA GLU D 65 32.98 38.79 21.07
C GLU D 65 32.17 37.64 20.48
N LYS D 66 32.62 37.11 19.34
CA LYS D 66 31.98 35.92 18.79
C LYS D 66 32.12 34.73 19.74
N ASN D 67 33.29 34.57 20.35
CA ASN D 67 33.44 33.53 21.37
C ASN D 67 32.51 33.77 22.54
N VAL D 68 32.35 35.04 22.95
CA VAL D 68 31.40 35.39 24.00
C VAL D 68 30.01 34.93 23.60
N LEU D 69 29.64 35.20 22.35
CA LEU D 69 28.30 34.87 21.87
C LEU D 69 28.09 33.37 21.83
N ARG D 70 29.10 32.63 21.39
CA ARG D 70 29.01 31.18 21.35
C ARG D 70 28.86 30.59 22.74
N SER D 71 29.64 31.09 23.71
CA SER D 71 29.51 30.63 25.08
C SER D 71 28.14 30.94 25.66
N MET D 72 27.63 32.14 25.39
CA MET D 72 26.31 32.50 25.89
C MET D 72 25.22 31.64 25.26
N GLU D 73 25.38 31.33 23.96
CA GLU D 73 24.45 30.43 23.30
C GLU D 73 24.52 29.04 23.93
N LEU D 74 25.72 28.61 24.31
CA LEU D 74 25.87 27.32 24.98
C LEU D 74 25.17 27.30 26.32
N THR D 75 25.26 28.39 27.08
CA THR D 75 24.65 28.43 28.41
C THR D 75 23.18 28.79 28.39
N ALA D 76 22.64 29.22 27.26
CA ALA D 76 21.21 29.51 27.19
C ALA D 76 20.41 28.25 26.87
N ASN D 77 20.76 27.57 25.78
CA ASN D 77 20.05 26.35 25.40
C ASN D 77 20.20 25.29 26.49
N GLU D 78 21.40 25.14 27.02
CA GLU D 78 21.62 24.11 28.03
C GLU D 78 21.03 24.52 29.38
N ARG D 79 20.87 25.83 29.65
CA ARG D 79 20.10 26.24 30.82
C ARG D 79 18.62 25.92 30.67
N ARG D 80 18.05 26.13 29.48
CA ARG D 80 16.65 25.74 29.30
C ARG D 80 16.50 24.23 29.37
N ASP D 81 17.53 23.49 28.95
CA ASP D 81 17.56 22.05 29.19
C ASP D 81 17.56 21.75 30.69
N ALA D 82 18.31 22.53 31.47
CA ALA D 82 18.31 22.35 32.91
C ALA D 82 16.92 22.60 33.50
N ALA D 83 16.21 23.61 32.99
CA ALA D 83 14.85 23.87 33.46
C ALA D 83 13.92 22.72 33.13
N LYS D 84 14.04 22.18 31.91
CA LYS D 84 13.24 21.01 31.55
C LYS D 84 13.53 19.83 32.47
N GLN D 85 14.82 19.61 32.77
CA GLN D 85 15.20 18.52 33.65
C GLN D 85 14.66 18.75 35.06
N LEU D 86 14.65 19.99 35.51
CA LEU D 86 14.09 20.31 36.83
C LEU D 86 12.60 19.98 36.88
N SER D 87 11.86 20.34 35.83
CA SER D 87 10.44 19.99 35.78
C SER D 87 10.26 18.48 35.78
N ILE D 88 11.09 17.76 35.00
CA ILE D 88 10.99 16.31 34.94
C ILE D 88 11.25 15.71 36.33
N TRP D 89 12.24 16.23 37.04
CA TRP D 89 12.52 15.75 38.39
C TRP D 89 11.36 16.04 39.34
N GLY D 90 10.78 17.23 39.23
CA GLY D 90 9.66 17.57 40.09
C GLY D 90 8.36 16.90 39.74
N LEU D 91 8.32 16.19 38.61
CA LEU D 91 7.13 15.44 38.22
C LEU D 91 6.66 14.53 39.37
N GLU D 92 7.57 13.75 39.94
CA GLU D 92 7.22 12.80 40.98
C GLU D 92 7.66 13.36 42.34
N ASN D 93 6.79 14.16 42.94
CA ASN D 93 7.08 14.78 44.22
C ASN D 93 5.75 15.23 44.83
N ASP D 94 5.83 16.02 45.90
CA ASP D 94 4.63 16.56 46.52
C ASP D 94 3.92 17.51 45.56
N ASP D 95 2.61 17.62 45.72
CA ASP D 95 1.82 18.45 44.81
C ASP D 95 2.26 19.91 44.86
N ASP D 96 2.43 20.45 46.06
CA ASP D 96 2.95 21.81 46.18
C ASP D 96 4.37 21.91 45.62
N VAL D 97 5.20 20.92 45.93
CA VAL D 97 6.56 20.91 45.41
C VAL D 97 6.55 20.82 43.89
N SER D 98 5.70 19.95 43.34
CA SER D 98 5.64 19.80 41.88
C SER D 98 5.19 21.10 41.22
N ASP D 99 4.15 21.73 41.76
CA ASP D 99 3.65 22.98 41.18
C ASP D 99 4.71 24.08 41.27
N ILE D 100 5.35 24.22 42.43
CA ILE D 100 6.30 25.30 42.61
C ILE D 100 7.53 25.07 41.75
N THR D 101 7.97 23.82 41.60
CA THR D 101 9.14 23.56 40.77
C THR D 101 8.81 23.71 39.29
N ASP D 102 7.58 23.41 38.89
CA ASP D 102 7.18 23.68 37.51
C ASP D 102 7.15 25.18 37.23
N LYS D 103 6.70 25.96 38.20
CA LYS D 103 6.70 27.41 38.03
C LYS D 103 8.12 27.98 37.99
N LEU D 104 9.01 27.44 38.82
CA LEU D 104 10.41 27.85 38.73
C LEU D 104 11.01 27.46 37.39
N GLY D 105 10.64 26.28 36.88
CA GLY D 105 11.12 25.87 35.57
C GLY D 105 10.66 26.80 34.47
N VAL D 106 9.39 27.22 34.52
CA VAL D 106 8.90 28.14 33.49
C VAL D 106 9.56 29.51 33.64
N LEU D 107 9.85 29.93 34.88
CA LEU D 107 10.59 31.18 35.06
C LEU D 107 11.99 31.08 34.47
N ILE D 108 12.66 29.94 34.67
CA ILE D 108 13.98 29.75 34.06
C ILE D 108 13.87 29.70 32.55
N TYR D 109 12.78 29.15 32.01
CA TYR D 109 12.57 29.18 30.57
C TYR D 109 12.44 30.62 30.07
N GLU D 110 11.70 31.45 30.80
CA GLU D 110 11.64 32.87 30.48
C GLU D 110 13.04 33.48 30.52
N VAL D 111 13.84 33.10 31.51
CA VAL D 111 15.22 33.59 31.62
C VAL D 111 16.00 33.23 30.37
N SER D 112 15.86 31.99 29.91
CA SER D 112 16.60 31.54 28.72
C SER D 112 16.13 32.28 27.48
N GLU D 113 14.83 32.54 27.36
CA GLU D 113 14.34 33.30 26.22
C GLU D 113 14.87 34.72 26.21
N LEU D 114 14.88 35.37 27.39
CA LEU D 114 15.47 36.69 27.48
C LEU D 114 16.96 36.66 27.17
N ASP D 115 17.64 35.58 27.56
CA ASP D 115 19.04 35.42 27.21
C ASP D 115 19.22 35.34 25.70
N ASP D 116 18.33 34.62 25.02
CA ASP D 116 18.41 34.52 23.57
C ASP D 116 18.18 35.88 22.91
N GLN D 117 17.22 36.64 23.41
CA GLN D 117 17.03 38.00 22.88
C GLN D 117 18.25 38.87 23.13
N PHE D 118 18.84 38.76 24.32
CA PHE D 118 20.08 39.47 24.60
C PHE D 118 21.19 39.04 23.66
N ILE D 119 21.20 37.76 23.28
CA ILE D 119 22.19 37.26 22.33
C ILE D 119 21.99 37.89 20.96
N ASP D 120 20.73 38.03 20.54
CA ASP D 120 20.47 38.69 19.25
C ASP D 120 20.92 40.15 19.28
N ARG D 121 20.63 40.86 20.38
CA ARG D 121 21.10 42.24 20.48
C ARG D 121 22.62 42.31 20.57
N TYR D 122 23.23 41.31 21.20
CA TYR D 122 24.68 41.19 21.23
C TYR D 122 25.23 41.02 19.82
N ASP D 123 24.53 40.25 18.99
CA ASP D 123 24.95 40.09 17.61
C ASP D 123 24.80 41.39 16.83
N GLN D 124 23.79 42.19 17.16
CA GLN D 124 23.70 43.53 16.57
C GLN D 124 24.91 44.37 16.94
N TYR D 125 25.30 44.34 18.22
CA TYR D 125 26.49 45.02 18.68
C TYR D 125 27.73 44.53 17.95
N ARG D 126 27.87 43.22 17.80
CA ARG D 126 29.02 42.64 17.13
C ARG D 126 29.04 42.99 15.65
N LEU D 127 27.87 43.11 15.03
CA LEU D 127 27.81 43.49 13.62
C LEU D 127 28.19 44.94 13.43
N THR D 128 27.78 45.82 14.33
CA THR D 128 28.22 47.21 14.27
C THR D 128 29.73 47.30 14.44
N LEU D 129 30.29 46.52 15.36
CA LEU D 129 31.74 46.49 15.52
C LEU D 129 32.43 45.88 14.31
N LYS D 130 31.79 44.92 13.65
CA LYS D 130 32.34 44.39 12.40
C LYS D 130 32.38 45.47 11.34
N SER D 131 31.33 46.29 11.25
CA SER D 131 31.31 47.37 10.28
C SER D 131 32.44 48.37 10.56
N ILE D 132 32.62 48.74 11.83
CA ILE D 132 33.67 49.71 12.14
C ILE D 132 35.05 49.10 11.89
N ARG D 133 35.21 47.80 12.18
CA ARG D 133 36.46 47.12 11.87
C ARG D 133 36.74 47.14 10.39
N ASP D 134 35.72 46.90 9.56
CA ASP D 134 35.94 46.80 8.13
C ASP D 134 36.24 48.17 7.52
N ILE D 135 35.59 49.23 8.00
CA ILE D 135 35.92 50.55 7.46
C ILE D 135 37.32 50.96 7.88
N GLU D 136 37.71 50.63 9.13
CA GLU D 136 39.08 50.93 9.55
C GLU D 136 40.10 50.15 8.74
N GLY D 137 39.82 48.87 8.45
CA GLY D 137 40.71 48.09 7.61
C GLY D 137 40.79 48.61 6.19
N SER D 138 39.68 49.15 5.67
CA SER D 138 39.71 49.74 4.33
C SER D 138 40.45 51.07 4.31
N VAL D 139 40.46 51.79 5.43
CA VAL D 139 41.14 53.08 5.46
C VAL D 139 42.63 52.94 5.77
N GLN D 140 43.05 51.83 6.37
CA GLN D 140 44.47 51.64 6.66
C GLN D 140 45.38 51.69 5.43
N PRO D 141 45.08 51.07 4.29
CA PRO D 141 46.03 51.09 3.17
C PRO D 141 46.37 52.49 2.70
N SER D 142 45.49 53.47 2.92
CA SER D 142 45.84 54.85 2.59
C SER D 142 47.08 55.30 3.35
N ARG D 143 47.07 55.12 4.67
CA ARG D 143 48.23 55.52 5.47
C ARG D 143 49.43 54.61 5.20
N ASP D 144 49.18 53.34 4.88
CA ASP D 144 50.29 52.45 4.52
C ASP D 144 51.01 52.98 3.27
N ARG D 145 50.24 53.33 2.24
CA ARG D 145 50.81 53.89 1.03
C ARG D 145 51.49 55.23 1.32
N LYS D 146 50.91 56.04 2.20
CA LYS D 146 51.53 57.29 2.58
C LYS D 146 52.91 57.07 3.18
N ASP D 147 53.01 56.10 4.11
CA ASP D 147 54.29 55.80 4.76
C ASP D 147 55.29 55.30 3.72
N LYS D 148 54.86 54.40 2.84
CA LYS D 148 55.76 53.88 1.81
C LYS D 148 56.26 55.00 0.90
N ILE D 149 55.36 55.89 0.50
CA ILE D 149 55.73 56.98 -0.40
C ILE D 149 56.70 57.94 0.27
N THR D 150 56.47 58.27 1.54
CA THR D 150 57.37 59.19 2.21
C THR D 150 58.75 58.56 2.42
N ASP D 151 58.79 57.25 2.71
CA ASP D 151 60.09 56.58 2.83
C ASP D 151 60.83 56.58 1.49
N LYS D 152 60.12 56.28 0.41
CA LYS D 152 60.76 56.25 -0.91
C LYS D 152 61.22 57.62 -1.34
N ILE D 153 60.44 58.67 -1.05
CA ILE D 153 60.86 60.01 -1.44
C ILE D 153 62.03 60.47 -0.58
N ALA D 154 62.09 60.06 0.68
CA ALA D 154 63.26 60.36 1.49
C ALA D 154 64.51 59.70 0.92
N TYR D 155 64.40 58.43 0.52
CA TYR D 155 65.55 57.76 -0.09
C TYR D 155 65.96 58.45 -1.38
N LEU D 156 64.98 58.82 -2.21
CA LEU D 156 65.29 59.47 -3.47
C LEU D 156 65.94 60.84 -3.24
N LYS D 157 65.48 61.58 -2.23
CA LYS D 157 66.14 62.82 -1.84
C LYS D 157 67.58 62.57 -1.39
N TYR D 158 67.80 61.46 -0.68
CA TYR D 158 69.17 61.08 -0.33
C TYR D 158 70.01 60.87 -1.57
N LYS D 159 69.45 60.20 -2.59
CA LYS D 159 70.23 59.89 -3.78
C LYS D 159 70.66 61.16 -4.53
N ASP D 160 69.73 62.07 -4.77
CA ASP D 160 70.02 63.29 -5.50
C ASP D 160 68.94 64.32 -5.17
N PRO D 161 69.22 65.61 -5.42
CA PRO D 161 68.20 66.65 -5.17
C PRO D 161 67.40 67.09 -6.39
N GLN D 162 67.56 66.45 -7.56
CA GLN D 162 66.89 66.97 -8.76
C GLN D 162 66.29 65.88 -9.64
N SER D 163 66.05 64.68 -9.12
CA SER D 163 65.40 63.67 -9.94
C SER D 163 63.96 64.10 -10.24
N PRO D 164 63.52 63.99 -11.49
CA PRO D 164 62.10 64.26 -11.79
C PRO D 164 61.16 63.36 -11.02
N LYS D 165 61.58 62.11 -10.78
CA LYS D 165 60.78 61.18 -10.01
C LYS D 165 60.51 61.74 -8.62
N ILE D 166 61.47 62.47 -8.06
CA ILE D 166 61.29 63.07 -6.74
C ILE D 166 60.13 64.05 -6.76
N GLU D 167 60.12 64.97 -7.72
CA GLU D 167 59.06 65.97 -7.76
C GLU D 167 57.72 65.34 -8.09
N VAL D 168 57.72 64.30 -8.93
CA VAL D 168 56.47 63.64 -9.27
C VAL D 168 55.87 62.96 -8.04
N LEU D 169 56.69 62.25 -7.27
CA LEU D 169 56.18 61.62 -6.06
C LEU D 169 55.83 62.63 -4.98
N GLU D 170 56.50 63.79 -4.95
CA GLU D 170 56.07 64.84 -4.03
C GLU D 170 54.69 65.37 -4.43
N GLN D 171 54.46 65.53 -5.74
CA GLN D 171 53.17 66.00 -6.21
C GLN D 171 52.07 64.97 -5.96
N GLU D 172 52.42 63.69 -6.04
CA GLU D 172 51.43 62.66 -5.71
C GLU D 172 51.25 62.55 -4.20
N LEU D 173 52.29 62.85 -3.41
CA LEU D 173 52.18 62.76 -1.96
C LEU D 173 51.37 63.91 -1.38
N VAL D 174 51.41 65.09 -2.01
CA VAL D 174 50.55 66.16 -1.52
C VAL D 174 49.08 65.82 -1.77
N ARG D 175 48.78 65.07 -2.82
CA ARG D 175 47.43 64.55 -3.02
C ARG D 175 47.10 63.46 -1.99
N ALA D 176 48.04 62.55 -1.76
CA ALA D 176 47.82 61.47 -0.82
C ALA D 176 47.62 62.01 0.59
N GLU D 177 48.31 63.09 0.95
CA GLU D 177 48.14 63.68 2.27
C GLU D 177 46.74 64.26 2.44
N ALA D 178 46.23 64.95 1.42
CA ALA D 178 44.88 65.50 1.51
C ALA D 178 43.85 64.38 1.57
N GLU D 179 44.01 63.35 0.74
CA GLU D 179 43.06 62.25 0.77
C GLU D 179 43.14 61.49 2.10
N SER D 180 44.33 61.39 2.69
CA SER D 180 44.46 60.74 3.98
C SER D 180 43.88 61.58 5.10
N LEU D 181 43.99 62.91 5.00
CA LEU D 181 43.35 63.78 5.97
C LEU D 181 41.84 63.63 5.93
N VAL D 182 41.27 63.62 4.71
CA VAL D 182 39.83 63.41 4.58
C VAL D 182 39.44 62.02 5.09
N ALA D 183 40.24 61.01 4.74
CA ALA D 183 39.95 59.65 5.17
C ALA D 183 40.00 59.52 6.70
N GLU D 184 40.99 60.16 7.33
CA GLU D 184 41.08 60.08 8.79
C GLU D 184 39.99 60.89 9.47
N ALA D 185 39.59 62.02 8.89
CA ALA D 185 38.46 62.77 9.46
C ALA D 185 37.19 61.95 9.42
N GLN D 186 36.87 61.37 8.25
CA GLN D 186 35.68 60.54 8.17
C GLN D 186 35.82 59.27 8.99
N LEU D 187 37.04 58.75 9.14
CA LEU D 187 37.27 57.58 9.96
C LEU D 187 36.98 57.90 11.43
N SER D 188 37.46 59.04 11.91
CA SER D 188 37.17 59.45 13.28
C SER D 188 35.68 59.64 13.48
N ASN D 189 35.02 60.29 12.51
CA ASN D 189 33.58 60.53 12.63
C ASN D 189 32.82 59.22 12.69
N ILE D 190 33.12 58.30 11.78
CA ILE D 190 32.39 57.04 11.73
C ILE D 190 32.70 56.19 12.94
N THR D 191 33.95 56.21 13.41
CA THR D 191 34.29 55.44 14.62
C THR D 191 33.53 55.98 15.82
N ARG D 192 33.50 57.30 15.99
CA ARG D 192 32.77 57.87 17.12
C ARG D 192 31.29 57.55 17.03
N SER D 193 30.69 57.70 15.84
CA SER D 193 29.27 57.44 15.69
C SER D 193 28.94 55.98 15.96
N LYS D 194 29.66 55.06 15.32
CA LYS D 194 29.40 53.64 15.50
C LYS D 194 29.65 53.23 16.95
N LEU D 195 30.74 53.72 17.54
CA LEU D 195 31.05 53.39 18.93
C LEU D 195 29.94 53.84 19.87
N ARG D 196 29.54 55.10 19.77
CA ARG D 196 28.50 55.62 20.66
C ARG D 196 27.19 54.88 20.45
N ALA D 197 26.77 54.71 19.20
CA ALA D 197 25.49 54.08 18.93
C ALA D 197 25.48 52.63 19.40
N ALA D 198 26.52 51.88 19.01
CA ALA D 198 26.58 50.47 19.35
C ALA D 198 26.64 50.26 20.85
N PHE D 199 27.45 51.04 21.57
CA PHE D 199 27.55 50.81 23.00
C PHE D 199 26.35 51.36 23.76
N ASN D 200 25.73 52.43 23.29
CA ASN D 200 24.48 52.88 23.91
C ASN D 200 23.39 51.83 23.72
N TYR D 201 23.28 51.26 22.52
CA TYR D 201 22.31 50.20 22.29
C TYR D 201 22.63 48.97 23.12
N GLN D 202 23.92 48.62 23.24
CA GLN D 202 24.33 47.48 24.03
C GLN D 202 23.98 47.67 25.51
N PHE D 203 24.25 48.86 26.03
CA PHE D 203 23.95 49.12 27.43
C PHE D 203 22.45 49.19 27.67
N ASP D 204 21.70 49.75 26.74
CA ASP D 204 20.24 49.73 26.87
C ASP D 204 19.71 48.29 26.85
N SER D 205 20.25 47.46 25.95
CA SER D 205 19.85 46.06 25.91
C SER D 205 20.18 45.35 27.20
N ILE D 206 21.39 45.55 27.74
CA ILE D 206 21.76 44.82 28.93
C ILE D 206 20.97 45.30 30.13
N ILE D 207 20.71 46.61 30.24
CA ILE D 207 19.91 47.08 31.37
C ILE D 207 18.47 46.60 31.25
N GLU D 208 17.92 46.57 30.03
CA GLU D 208 16.57 46.05 29.85
C GLU D 208 16.50 44.58 30.24
N HIS D 209 17.39 43.76 29.69
CA HIS D 209 17.38 42.33 30.00
C HIS D 209 17.61 42.09 31.48
N SER D 210 18.54 42.83 32.08
CA SER D 210 18.86 42.61 33.49
C SER D 210 17.74 43.03 34.41
N GLU D 211 17.16 44.21 34.18
CA GLU D 211 16.06 44.64 35.03
C GLU D 211 14.84 43.75 34.82
N LYS D 212 14.64 43.25 33.61
CA LYS D 212 13.57 42.30 33.36
C LYS D 212 13.78 41.00 34.13
N ILE D 213 15.00 40.47 34.10
CA ILE D 213 15.28 39.22 34.80
C ILE D 213 15.21 39.43 36.31
N ALA D 214 15.52 40.65 36.76
CA ALA D 214 15.38 40.97 38.18
C ALA D 214 13.92 41.05 38.57
N LEU D 215 13.09 41.60 37.69
CA LEU D 215 11.64 41.69 37.91
C LEU D 215 11.08 40.27 37.96
N ILE D 216 11.65 39.38 37.18
CA ILE D 216 11.30 37.96 37.20
C ILE D 216 11.73 37.31 38.51
N ALA D 217 12.94 37.60 38.96
CA ALA D 217 13.45 37.01 40.19
C ALA D 217 12.64 37.45 41.40
N GLY D 218 12.23 38.72 41.43
CA GLY D 218 11.37 39.19 42.51
C GLY D 218 10.04 38.48 42.54
N TYR D 219 9.43 38.27 41.36
CA TYR D 219 8.18 37.53 41.30
C TYR D 219 8.38 36.09 41.75
N GLY D 220 9.51 35.49 41.37
CA GLY D 220 9.80 34.14 41.83
C GLY D 220 9.98 34.07 43.33
N LYS D 221 10.63 35.08 43.91
CA LYS D 221 10.78 35.12 45.37
C LYS D 221 9.42 35.24 46.05
N ALA D 222 8.54 36.07 45.49
CA ALA D 222 7.19 36.16 46.04
C ALA D 222 6.44 34.84 45.89
N LEU D 223 6.64 34.15 44.77
CA LEU D 223 5.97 32.88 44.53
C LEU D 223 6.46 31.79 45.48
N LEU D 224 7.74 31.84 45.85
CA LEU D 224 8.30 30.82 46.73
C LEU D 224 7.63 30.81 48.10
N GLU D 225 6.93 31.88 48.46
CA GLU D 225 6.23 31.92 49.74
C GLU D 225 5.08 30.94 49.82
N LEU D 226 4.62 30.41 48.68
CA LEU D 226 3.43 29.55 48.69
C LEU D 226 3.68 28.25 49.46
N LEU D 227 4.82 27.60 49.21
CA LEU D 227 5.09 26.35 49.89
C LEU D 227 5.37 26.59 51.37
N ASP D 228 5.06 25.59 52.19
CA ASP D 228 5.25 25.67 53.63
C ASP D 228 6.52 24.96 54.02
N ASP D 229 7.41 25.67 54.71
CA ASP D 229 8.67 25.11 55.17
C ASP D 229 8.59 24.48 56.55
N SER D 230 7.42 24.49 57.17
CA SER D 230 7.27 23.90 58.50
C SER D 230 7.43 22.38 58.40
N PRO D 231 8.34 21.79 59.17
CA PRO D 231 8.52 20.33 59.10
C PRO D 231 7.29 19.60 59.62
N VAL D 232 7.07 18.41 59.07
CA VAL D 232 5.94 17.56 59.44
C VAL D 232 6.46 16.34 60.17
N THR D 233 5.80 15.99 61.28
CA THR D 233 6.20 14.81 62.04
C THR D 233 5.90 13.55 61.25
N PRO D 234 6.68 12.49 61.44
CA PRO D 234 6.37 11.22 60.78
C PRO D 234 5.02 10.69 61.21
N GLY D 235 4.32 10.03 60.28
CA GLY D 235 2.98 9.57 60.53
C GLY D 235 1.94 10.30 59.71
N GLU D 236 1.18 11.18 60.36
CA GLU D 236 0.11 11.90 59.69
C GLU D 236 0.67 12.81 58.58
N THR D 237 -0.18 13.13 57.63
CA THR D 237 0.18 13.91 56.46
C THR D 237 -0.41 15.32 56.58
N ARG D 238 0.38 16.31 56.16
CA ARG D 238 -0.06 17.70 56.21
C ARG D 238 -1.24 17.92 55.27
N PRO D 239 -2.05 18.95 55.52
CA PRO D 239 -3.21 19.21 54.64
C PRO D 239 -2.77 19.48 53.22
N ALA D 240 -3.64 19.10 52.28
CA ALA D 240 -3.31 19.21 50.87
C ALA D 240 -3.14 20.66 50.45
N TYR D 241 -2.32 20.87 49.42
CA TYR D 241 -2.00 22.20 48.93
C TYR D 241 -3.05 22.63 47.91
N ASP D 242 -3.76 23.70 48.23
CA ASP D 242 -4.82 24.22 47.35
C ASP D 242 -4.47 25.59 46.78
N GLY D 243 -3.20 25.98 46.82
CA GLY D 243 -2.79 27.28 46.34
C GLY D 243 -2.49 27.32 44.86
N TYR D 244 -3.17 26.48 44.09
CA TYR D 244 -3.00 26.50 42.64
C TYR D 244 -3.46 27.83 42.06
N GLU D 245 -4.60 28.35 42.54
CA GLU D 245 -5.11 29.61 42.04
C GLU D 245 -4.16 30.76 42.36
N ALA D 246 -3.57 30.75 43.55
CA ALA D 246 -2.64 31.80 43.92
C ALA D 246 -1.40 31.78 43.02
N SER D 247 -0.87 30.60 42.75
CA SER D 247 0.30 30.50 41.87
C SER D 247 -0.04 30.93 40.46
N LYS D 248 -1.20 30.53 39.96
CA LYS D 248 -1.60 30.95 38.62
C LYS D 248 -1.81 32.45 38.54
N GLN D 249 -2.38 33.04 39.60
CA GLN D 249 -2.53 34.49 39.64
C GLN D 249 -1.18 35.18 39.66
N ILE D 250 -0.21 34.63 40.40
CA ILE D 250 1.12 35.20 40.45
C ILE D 250 1.76 35.17 39.07
N ILE D 251 1.66 34.03 38.38
CA ILE D 251 2.26 33.93 37.06
C ILE D 251 1.53 34.82 36.06
N ILE D 252 0.22 34.98 36.22
CA ILE D 252 -0.53 35.88 35.33
C ILE D 252 -0.10 37.31 35.53
N ASP D 253 0.06 37.74 36.79
CA ASP D 253 0.52 39.10 37.07
C ASP D 253 1.95 39.30 36.57
N ALA D 254 2.79 38.28 36.69
CA ALA D 254 4.14 38.36 36.15
C ALA D 254 4.12 38.53 34.63
N GLU D 255 3.27 37.78 33.95
CA GLU D 255 3.13 37.94 32.50
C GLU D 255 2.63 39.35 32.16
N SER D 256 1.67 39.86 32.93
CA SER D 256 1.12 41.19 32.66
C SER D 256 2.19 42.26 32.82
N ALA D 257 2.97 42.18 33.89
CA ALA D 257 4.06 43.14 34.09
C ALA D 257 5.15 42.97 33.06
N LEU D 258 5.36 41.73 32.59
CA LEU D 258 6.34 41.48 31.55
C LEU D 258 5.94 42.16 30.25
N ASN D 259 4.69 41.98 29.84
CA ASN D 259 4.21 42.60 28.61
C ASN D 259 4.12 44.12 28.75
N GLU D 260 3.77 44.60 29.94
CA GLU D 260 3.63 46.03 30.17
C GLU D 260 4.98 46.74 30.27
N TRP D 261 6.06 45.99 30.48
CA TRP D 261 7.37 46.61 30.67
C TRP D 261 7.77 47.41 29.44
N THR D 262 8.27 48.62 29.67
CA THR D 262 8.75 49.48 28.60
C THR D 262 9.91 50.31 29.12
N LEU D 263 10.64 50.92 28.17
CA LEU D 263 11.77 51.76 28.55
C LEU D 263 11.34 52.94 29.42
N ASP D 264 10.14 53.47 29.18
CA ASP D 264 9.62 54.54 30.03
C ASP D 264 9.42 54.04 31.46
N SER D 265 8.89 52.83 31.61
CA SER D 265 8.67 52.23 32.93
C SER D 265 9.92 51.52 33.43
N ALA D 266 11.05 52.23 33.40
CA ALA D 266 12.33 51.70 33.88
C ALA D 266 12.50 52.21 35.31
N GLN D 267 12.04 51.40 36.27
CA GLN D 267 12.10 51.78 37.68
C GLN D 267 13.51 51.80 38.22
N VAL D 268 14.50 51.26 37.49
CA VAL D 268 15.88 51.39 37.90
C VAL D 268 16.35 52.82 37.66
N LYS D 269 16.94 53.43 38.69
CA LYS D 269 17.33 54.83 38.59
C LYS D 269 18.73 55.06 39.15
N PRO D 270 19.65 55.61 38.37
CA PRO D 270 20.95 55.97 38.90
C PRO D 270 20.88 57.26 39.72
N THR D 271 21.99 57.55 40.39
CA THR D 271 22.08 58.77 41.20
C THR D 271 23.46 59.39 41.11
N MET E 1 -23.24 -82.81 38.63
CA MET E 1 -24.11 -83.89 39.08
C MET E 1 -25.53 -83.38 39.30
N HIS E 2 -25.65 -82.07 39.52
CA HIS E 2 -26.94 -81.45 39.77
C HIS E 2 -27.70 -81.16 38.47
N ARG E 3 -27.18 -81.57 37.32
CA ARG E 3 -27.83 -81.31 36.05
C ARG E 3 -29.17 -82.03 35.98
N THR E 4 -30.11 -81.39 35.28
CA THR E 4 -31.45 -81.95 35.12
C THR E 4 -31.43 -83.09 34.12
N TYR E 5 -32.60 -83.68 33.89
CA TYR E 5 -32.75 -84.80 32.96
C TYR E 5 -32.99 -84.26 31.55
N SER E 6 -31.94 -83.66 31.00
CA SER E 6 -31.97 -83.11 29.66
C SER E 6 -30.64 -83.44 28.98
N LEU E 7 -30.42 -82.83 27.82
CA LEU E 7 -29.21 -83.06 27.05
C LEU E 7 -28.12 -82.04 27.38
N ARG E 8 -28.38 -81.13 28.31
CA ARG E 8 -27.48 -80.04 28.65
C ARG E 8 -26.91 -80.28 30.04
N ASN E 9 -25.64 -79.91 30.23
CA ASN E 9 -25.05 -79.94 31.57
C ASN E 9 -25.41 -78.66 32.33
N SER E 10 -26.72 -78.47 32.52
CA SER E 10 -27.25 -77.33 33.24
C SER E 10 -27.86 -77.81 34.55
N ARG E 11 -27.32 -77.32 35.66
CA ARG E 11 -27.80 -77.74 36.97
C ARG E 11 -29.20 -77.22 37.23
N ALA E 12 -29.97 -77.98 37.98
CA ALA E 12 -31.31 -77.56 38.34
C ALA E 12 -31.25 -76.35 39.24
N PRO E 13 -31.96 -75.27 38.91
CA PRO E 13 -31.87 -74.04 39.74
C PRO E 13 -32.54 -74.25 41.10
N THR E 14 -31.85 -73.86 42.15
CA THR E 14 -32.39 -73.92 43.49
C THR E 14 -33.27 -72.70 43.76
N ALA E 15 -33.88 -72.67 44.95
CA ALA E 15 -34.77 -71.56 45.30
C ALA E 15 -34.04 -70.23 45.26
N SER E 16 -32.76 -70.22 45.61
CA SER E 16 -31.96 -69.00 45.51
C SER E 16 -31.86 -68.54 44.06
N GLN E 17 -31.68 -69.48 43.13
CA GLN E 17 -31.60 -69.11 41.72
C GLN E 17 -32.90 -68.51 41.21
N LEU E 18 -34.04 -69.05 41.65
CA LEU E 18 -35.32 -68.44 41.30
C LEU E 18 -35.47 -67.06 41.93
N GLN E 19 -35.01 -66.90 43.17
CA GLN E 19 -35.11 -65.60 43.84
C GLN E 19 -34.29 -64.55 43.11
N ASN E 20 -33.03 -64.87 42.79
CA ASN E 20 -32.16 -63.97 42.04
C ASN E 20 -31.52 -64.76 40.90
N PRO E 21 -31.65 -64.30 39.66
CA PRO E 21 -31.14 -65.08 38.54
C PRO E 21 -29.63 -65.21 38.62
N PRO E 22 -29.08 -66.31 38.12
CA PRO E 22 -27.62 -66.48 38.17
C PRO E 22 -26.92 -65.45 37.32
N PRO E 23 -25.74 -65.00 37.72
CA PRO E 23 -25.00 -64.01 36.93
C PRO E 23 -24.37 -64.65 35.71
N PRO E 24 -23.97 -63.85 34.72
CA PRO E 24 -23.28 -64.41 33.55
C PRO E 24 -21.94 -65.00 33.93
N PRO E 25 -21.41 -65.94 33.14
CA PRO E 25 -20.13 -66.56 33.48
C PRO E 25 -19.01 -65.54 33.54
N SER E 26 -18.03 -65.83 34.41
CA SER E 26 -16.95 -64.89 34.65
C SER E 26 -16.11 -64.67 33.40
N THR E 27 -15.65 -63.44 33.24
CA THR E 27 -14.80 -63.05 32.12
C THR E 27 -13.32 -63.27 32.40
N THR E 28 -12.97 -63.83 33.55
CA THR E 28 -11.59 -64.05 33.93
C THR E 28 -11.02 -65.35 33.35
N LYS E 29 -11.82 -66.08 32.57
CA LYS E 29 -11.35 -67.32 31.96
C LYS E 29 -10.23 -67.04 30.96
N GLY E 30 -9.00 -67.38 31.32
CA GLY E 30 -7.87 -67.15 30.45
C GLY E 30 -7.53 -68.34 29.59
N ARG E 31 -6.79 -68.06 28.52
CA ARG E 31 -6.35 -69.11 27.58
C ARG E 31 -5.11 -69.77 28.16
N PHE E 32 -5.35 -70.72 29.08
CA PHE E 32 -4.26 -71.41 29.77
C PHE E 32 -4.75 -72.78 30.20
N PHE E 33 -3.79 -73.63 30.58
CA PHE E 33 -4.12 -74.98 31.02
C PHE E 33 -4.94 -74.98 32.30
N GLY E 34 -4.77 -73.97 33.15
CA GLY E 34 -5.47 -73.93 34.42
C GLY E 34 -4.87 -74.77 35.52
N LYS E 35 -3.62 -75.23 35.35
CA LYS E 35 -2.94 -76.02 36.37
C LYS E 35 -1.65 -75.35 36.83
N GLY E 36 -1.54 -74.04 36.68
CA GLY E 36 -0.34 -73.33 37.08
C GLY E 36 0.82 -73.43 36.12
N GLY E 37 0.58 -73.88 34.89
CA GLY E 37 1.64 -74.03 33.91
C GLY E 37 2.42 -75.32 34.10
N LEU E 38 3.44 -75.48 33.24
CA LEU E 38 4.28 -76.66 33.31
C LEU E 38 5.10 -76.70 34.60
N ALA E 39 5.43 -75.54 35.15
CA ALA E 39 6.18 -75.51 36.41
C ALA E 39 5.37 -76.14 37.54
N TYR E 40 4.08 -75.82 37.64
CA TYR E 40 3.24 -76.41 38.67
C TYR E 40 2.69 -77.77 38.28
N SER E 41 2.75 -78.13 37.00
CA SER E 41 2.38 -79.46 36.55
C SER E 41 3.53 -80.44 36.59
N PHE E 42 4.74 -79.97 36.86
CA PHE E 42 5.88 -80.88 37.02
C PHE E 42 5.65 -81.82 38.18
N ARG E 43 5.14 -81.31 39.30
CA ARG E 43 4.83 -82.17 40.44
C ARG E 43 3.76 -83.20 40.07
N ARG E 44 2.72 -82.76 39.36
CA ARG E 44 1.67 -83.69 38.95
C ARG E 44 2.22 -84.80 38.06
N SER E 45 3.09 -84.44 37.11
CA SER E 45 3.70 -85.44 36.25
C SER E 45 4.59 -86.38 37.04
N ALA E 46 5.38 -85.84 37.98
CA ALA E 46 6.25 -86.67 38.80
C ALA E 46 5.48 -87.59 39.73
N ALA E 47 4.24 -87.23 40.07
CA ALA E 47 3.40 -88.15 40.82
C ALA E 47 3.12 -89.41 40.02
N GLY E 48 2.83 -89.26 38.73
CA GLY E 48 2.66 -90.40 37.84
C GLY E 48 3.98 -90.85 37.24
N ALA E 49 4.80 -91.51 38.05
CA ALA E 49 6.16 -91.86 37.66
C ALA E 49 6.50 -93.21 38.31
N PHE E 50 7.79 -93.52 38.36
CA PHE E 50 8.24 -94.83 38.82
C PHE E 50 7.98 -94.99 40.31
N GLY E 51 6.76 -95.41 40.66
CA GLY E 51 6.41 -95.65 42.03
C GLY E 51 5.98 -97.08 42.27
N PRO E 52 5.44 -97.36 43.44
CA PRO E 52 5.01 -98.73 43.76
C PRO E 52 3.74 -99.15 43.04
N GLU E 53 3.25 -98.30 42.13
CA GLU E 53 2.13 -98.58 41.24
C GLU E 53 0.83 -98.80 42.00
N LEU E 54 0.89 -98.80 43.33
CA LEU E 54 -0.29 -98.92 44.17
C LEU E 54 -0.65 -97.60 44.83
N SER E 55 0.30 -96.97 45.51
CA SER E 55 0.09 -95.64 46.07
C SER E 55 0.30 -94.54 45.05
N ARG E 56 0.47 -94.90 43.77
CA ARG E 56 0.63 -93.90 42.72
C ARG E 56 -0.56 -92.95 42.69
N LYS E 57 -1.77 -93.51 42.72
CA LYS E 57 -2.97 -92.67 42.75
C LYS E 57 -3.04 -91.87 44.04
N LEU E 58 -2.71 -92.50 45.17
CA LEU E 58 -2.78 -91.79 46.45
C LEU E 58 -1.71 -90.71 46.53
N SER E 59 -0.50 -91.00 46.05
CA SER E 59 0.54 -89.98 46.03
C SER E 59 0.17 -88.83 45.10
N GLN E 60 -0.44 -89.14 43.96
CA GLN E 60 -0.92 -88.10 43.06
C GLN E 60 -1.97 -87.24 43.74
N LEU E 61 -2.89 -87.88 44.48
CA LEU E 61 -3.89 -87.12 45.22
C LEU E 61 -3.25 -86.23 46.27
N VAL E 62 -2.23 -86.74 46.97
CA VAL E 62 -1.55 -85.95 47.98
C VAL E 62 -0.87 -84.74 47.37
N LYS E 63 -0.21 -84.93 46.23
CA LYS E 63 0.48 -83.81 45.61
C LYS E 63 -0.51 -82.81 45.02
N ILE E 64 -1.65 -83.30 44.53
CA ILE E 64 -2.71 -82.40 44.09
C ILE E 64 -3.25 -81.60 45.27
N GLU E 65 -3.36 -82.24 46.43
CA GLU E 65 -3.80 -81.53 47.63
C GLU E 65 -2.76 -80.49 48.03
N LYS E 66 -1.48 -80.78 47.81
CA LYS E 66 -0.44 -79.78 48.03
C LYS E 66 -0.62 -78.59 47.10
N ASN E 67 -0.96 -78.85 45.84
CA ASN E 67 -1.28 -77.74 44.94
C ASN E 67 -2.47 -76.95 45.44
N VAL E 68 -3.49 -77.65 45.95
CA VAL E 68 -4.65 -76.99 46.55
C VAL E 68 -4.18 -76.06 47.67
N LEU E 69 -3.28 -76.56 48.51
CA LEU E 69 -2.83 -75.81 49.67
C LEU E 69 -2.03 -74.60 49.23
N ARG E 70 -1.19 -74.76 48.21
CA ARG E 70 -0.40 -73.63 47.71
C ARG E 70 -1.31 -72.56 47.12
N SER E 71 -2.31 -72.96 46.34
CA SER E 71 -3.24 -71.99 45.78
C SER E 71 -4.02 -71.27 46.89
N MET E 72 -4.46 -72.00 47.91
CA MET E 72 -5.18 -71.37 49.01
C MET E 72 -4.28 -70.41 49.77
N GLU E 73 -3.00 -70.78 49.94
CA GLU E 73 -2.05 -69.87 50.56
C GLU E 73 -1.86 -68.63 49.72
N LEU E 74 -1.86 -68.78 48.40
CA LEU E 74 -1.75 -67.64 47.51
C LEU E 74 -2.94 -66.71 47.64
N THR E 75 -4.15 -67.26 47.77
CA THR E 75 -5.35 -66.44 47.84
C THR E 75 -5.63 -65.93 49.25
N ALA E 76 -4.93 -66.43 50.26
CA ALA E 76 -5.14 -65.90 51.61
C ALA E 76 -4.28 -64.67 51.87
N ASN E 77 -2.97 -64.80 51.66
CA ASN E 77 -2.08 -63.66 51.86
C ASN E 77 -2.44 -62.51 50.93
N GLU E 78 -2.71 -62.81 49.67
CA GLU E 78 -3.02 -61.76 48.72
C GLU E 78 -4.44 -61.20 48.94
N ARG E 79 -5.35 -61.99 49.53
CA ARG E 79 -6.64 -61.41 49.96
C ARG E 79 -6.46 -60.44 51.12
N ARG E 80 -5.60 -60.78 52.09
CA ARG E 80 -5.37 -59.83 53.17
C ARG E 80 -4.66 -58.58 52.64
N ASP E 81 -3.82 -58.75 51.60
CA ASP E 81 -3.28 -57.60 50.90
C ASP E 81 -4.40 -56.78 50.26
N ALA E 82 -5.40 -57.44 49.70
CA ALA E 82 -6.54 -56.72 49.13
C ALA E 82 -7.28 -55.93 50.21
N ALA E 83 -7.43 -56.52 51.40
CA ALA E 83 -8.08 -55.80 52.50
C ALA E 83 -7.27 -54.57 52.91
N LYS E 84 -5.95 -54.72 52.99
CA LYS E 84 -5.10 -53.58 53.30
C LYS E 84 -5.25 -52.49 52.26
N GLN E 85 -5.28 -52.89 50.98
CA GLN E 85 -5.44 -51.91 49.91
C GLN E 85 -6.79 -51.23 49.97
N LEU E 86 -7.84 -51.97 50.36
CA LEU E 86 -9.16 -51.37 50.52
C LEU E 86 -9.15 -50.33 51.62
N SER E 87 -8.50 -50.62 52.74
CA SER E 87 -8.40 -49.63 53.81
C SER E 87 -7.62 -48.40 53.33
N ILE E 88 -6.53 -48.62 52.60
CA ILE E 88 -5.74 -47.52 52.08
C ILE E 88 -6.57 -46.65 51.16
N TRP E 89 -7.38 -47.27 50.29
CA TRP E 89 -8.25 -46.51 49.41
C TRP E 89 -9.30 -45.74 50.19
N GLY E 90 -9.88 -46.36 51.22
CA GLY E 90 -10.88 -45.67 52.01
C GLY E 90 -10.33 -44.62 52.94
N LEU E 91 -9.01 -44.54 53.06
CA LEU E 91 -8.40 -43.49 53.88
C LEU E 91 -8.93 -42.11 53.52
N GLU E 92 -8.94 -41.77 52.23
CA GLU E 92 -9.36 -40.45 51.77
C GLU E 92 -10.77 -40.57 51.18
N ASN E 93 -11.77 -40.47 52.04
CA ASN E 93 -13.17 -40.55 51.63
C ASN E 93 -14.02 -39.94 52.73
N ASP E 94 -15.32 -40.15 52.64
CA ASP E 94 -16.23 -39.66 53.66
C ASP E 94 -15.97 -40.37 54.99
N ASP E 95 -16.27 -39.70 56.09
CA ASP E 95 -16.00 -40.26 57.41
C ASP E 95 -16.75 -41.57 57.62
N ASP E 96 -18.04 -41.57 57.31
CA ASP E 96 -18.81 -42.82 57.40
C ASP E 96 -18.27 -43.85 56.44
N VAL E 97 -17.95 -43.44 55.21
CA VAL E 97 -17.39 -44.37 54.23
C VAL E 97 -16.05 -44.91 54.72
N SER E 98 -15.20 -44.03 55.25
CA SER E 98 -13.89 -44.48 55.73
C SER E 98 -14.04 -45.48 56.88
N ASP E 99 -14.91 -45.18 57.84
CA ASP E 99 -15.11 -46.08 58.97
C ASP E 99 -15.66 -47.42 58.51
N ILE E 100 -16.67 -47.39 57.65
CA ILE E 100 -17.31 -48.63 57.23
C ILE E 100 -16.35 -49.46 56.39
N THR E 101 -15.54 -48.83 55.55
CA THR E 101 -14.60 -49.59 54.73
C THR E 101 -13.45 -50.12 55.57
N ASP E 102 -13.05 -49.40 56.62
CA ASP E 102 -12.05 -49.95 57.54
C ASP E 102 -12.60 -51.17 58.27
N LYS E 103 -13.86 -51.12 58.67
CA LYS E 103 -14.47 -52.27 59.33
C LYS E 103 -14.61 -53.46 58.38
N LEU E 104 -14.97 -53.19 57.12
CA LEU E 104 -14.99 -54.28 56.13
C LEU E 104 -13.59 -54.84 55.92
N GLY E 105 -12.58 -53.97 55.90
CA GLY E 105 -11.22 -54.46 55.78
C GLY E 105 -10.79 -55.34 56.93
N VAL E 106 -11.17 -54.96 58.16
CA VAL E 106 -10.80 -55.81 59.29
C VAL E 106 -11.59 -57.12 59.26
N LEU E 107 -12.83 -57.09 58.78
CA LEU E 107 -13.58 -58.34 58.62
C LEU E 107 -12.91 -59.25 57.59
N ILE E 108 -12.43 -58.67 56.49
CA ILE E 108 -11.72 -59.47 55.50
C ILE E 108 -10.40 -59.99 56.07
N TYR E 109 -9.75 -59.22 56.95
CA TYR E 109 -8.56 -59.71 57.62
C TYR E 109 -8.89 -60.91 58.50
N GLU E 110 -10.01 -60.84 59.22
CA GLU E 110 -10.48 -62.00 59.98
C GLU E 110 -10.71 -63.18 59.05
N VAL E 111 -11.29 -62.93 57.88
CA VAL E 111 -11.53 -63.97 56.89
C VAL E 111 -10.22 -64.62 56.49
N SER E 112 -9.18 -63.82 56.23
CA SER E 112 -7.89 -64.35 55.84
C SER E 112 -7.25 -65.17 56.96
N GLU E 113 -7.39 -64.70 58.21
CA GLU E 113 -6.85 -65.46 59.33
C GLU E 113 -7.54 -66.82 59.47
N LEU E 114 -8.87 -66.83 59.33
CA LEU E 114 -9.59 -68.10 59.36
C LEU E 114 -9.19 -68.98 58.19
N ASP E 115 -8.90 -68.38 57.04
CA ASP E 115 -8.41 -69.15 55.90
C ASP E 115 -7.07 -69.79 56.24
N ASP E 116 -6.19 -69.06 56.91
CA ASP E 116 -4.89 -69.61 57.29
C ASP E 116 -5.05 -70.77 58.27
N GLN E 117 -5.95 -70.63 59.24
CA GLN E 117 -6.23 -71.74 60.15
C GLN E 117 -6.79 -72.95 59.40
N PHE E 118 -7.69 -72.70 58.45
CA PHE E 118 -8.21 -73.77 57.60
C PHE E 118 -7.09 -74.42 56.80
N ILE E 119 -6.11 -73.62 56.38
CA ILE E 119 -4.94 -74.15 55.67
C ILE E 119 -4.13 -75.08 56.56
N ASP E 120 -3.94 -74.69 57.82
CA ASP E 120 -3.21 -75.56 58.75
C ASP E 120 -3.96 -76.87 58.97
N ARG E 121 -5.28 -76.80 59.14
CA ARG E 121 -6.05 -78.04 59.30
C ARG E 121 -6.04 -78.87 58.01
N TYR E 122 -6.01 -78.18 56.86
CA TYR E 122 -5.85 -78.86 55.59
C TYR E 122 -4.52 -79.59 55.52
N ASP E 123 -3.46 -78.98 56.07
CA ASP E 123 -2.18 -79.65 56.11
C ASP E 123 -2.20 -80.85 57.04
N GLN E 124 -2.97 -80.77 58.12
CA GLN E 124 -3.18 -81.96 58.95
C GLN E 124 -3.83 -83.08 58.15
N TYR E 125 -4.88 -82.73 57.39
CA TYR E 125 -5.52 -83.70 56.51
C TYR E 125 -4.54 -84.30 55.52
N ARG E 126 -3.73 -83.44 54.90
CA ARG E 126 -2.76 -83.89 53.90
C ARG E 126 -1.68 -84.77 54.53
N LEU E 127 -1.30 -84.48 55.78
CA LEU E 127 -0.31 -85.30 56.46
C LEU E 127 -0.87 -86.67 56.81
N THR E 128 -2.13 -86.72 57.23
CA THR E 128 -2.76 -88.03 57.45
C THR E 128 -2.82 -88.83 56.16
N LEU E 129 -3.16 -88.17 55.06
CA LEU E 129 -3.17 -88.86 53.78
C LEU E 129 -1.76 -89.26 53.34
N LYS E 130 -0.74 -88.47 53.69
CA LYS E 130 0.63 -88.86 53.43
C LYS E 130 0.98 -90.12 54.20
N SER E 131 0.54 -90.21 55.46
CA SER E 131 0.79 -91.40 56.26
C SER E 131 0.14 -92.63 55.65
N ILE E 132 -1.12 -92.49 55.21
CA ILE E 132 -1.80 -93.64 54.62
C ILE E 132 -1.15 -94.02 53.29
N ARG E 133 -0.72 -93.03 52.52
CA ARG E 133 0.00 -93.30 51.28
C ARG E 133 1.28 -94.07 51.55
N ASP E 134 2.02 -93.67 52.58
CA ASP E 134 3.31 -94.30 52.84
C ASP E 134 3.15 -95.72 53.37
N ILE E 135 2.13 -95.97 54.21
CA ILE E 135 1.93 -97.35 54.66
C ILE E 135 1.48 -98.23 53.49
N GLU E 136 0.63 -97.69 52.62
CA GLU E 136 0.21 -98.47 51.45
C GLU E 136 1.40 -98.76 50.53
N GLY E 137 2.28 -97.77 50.33
CA GLY E 137 3.47 -98.00 49.54
C GLY E 137 4.42 -99.00 50.17
N SER E 138 4.48 -99.03 51.50
CA SER E 138 5.32 -100.01 52.17
C SER E 138 4.72 -101.41 52.11
N VAL E 139 3.38 -101.51 52.03
CA VAL E 139 2.75 -102.82 51.98
C VAL E 139 2.68 -103.37 50.57
N GLN E 140 2.78 -102.53 49.54
CA GLN E 140 2.76 -103.02 48.17
C GLN E 140 3.84 -104.05 47.84
N PRO E 141 5.11 -103.87 48.22
CA PRO E 141 6.12 -104.85 47.80
C PRO E 141 5.83 -106.27 48.26
N SER E 142 5.07 -106.44 49.33
CA SER E 142 4.66 -107.78 49.73
C SER E 142 3.88 -108.47 48.61
N ARG E 143 2.85 -107.80 48.10
CA ARG E 143 2.06 -108.40 47.02
C ARG E 143 2.85 -108.45 45.72
N ASP E 144 3.78 -107.52 45.51
CA ASP E 144 4.63 -107.58 44.33
C ASP E 144 5.47 -108.86 44.36
N ARG E 145 6.10 -109.13 45.50
CA ARG E 145 6.89 -110.34 45.66
C ARG E 145 6.02 -111.58 45.55
N LYS E 146 4.79 -111.52 46.07
CA LYS E 146 3.87 -112.64 45.95
C LYS E 146 3.58 -112.95 44.48
N ASP E 147 3.30 -111.91 43.69
CA ASP E 147 3.01 -112.12 42.27
C ASP E 147 4.24 -112.68 41.56
N LYS E 148 5.42 -112.14 41.85
CA LYS E 148 6.64 -112.64 41.22
C LYS E 148 6.87 -114.11 41.56
N ILE E 149 6.67 -114.47 42.84
CA ILE E 149 6.91 -115.83 43.28
C ILE E 149 5.92 -116.79 42.64
N THR E 150 4.64 -116.40 42.55
CA THR E 150 3.67 -117.30 41.95
C THR E 150 3.94 -117.47 40.45
N ASP E 151 4.37 -116.40 39.77
CA ASP E 151 4.73 -116.55 38.36
C ASP E 151 5.92 -117.49 38.19
N LYS E 152 6.95 -117.31 39.02
CA LYS E 152 8.14 -118.15 38.90
C LYS E 152 7.82 -119.61 39.24
N ILE E 153 6.97 -119.85 40.24
CA ILE E 153 6.64 -121.23 40.58
C ILE E 153 5.77 -121.86 39.50
N ALA E 154 4.92 -121.06 38.85
CA ALA E 154 4.16 -121.59 37.71
C ALA E 154 5.09 -121.99 36.57
N TYR E 155 6.08 -121.15 36.27
CA TYR E 155 7.04 -121.50 35.22
C TYR E 155 7.82 -122.75 35.60
N LEU E 156 8.25 -122.84 36.86
CA LEU E 156 9.01 -124.01 37.30
C LEU E 156 8.17 -125.28 37.24
N LYS E 157 6.87 -125.17 37.59
CA LYS E 157 5.95 -126.29 37.43
C LYS E 157 5.82 -126.68 35.97
N TYR E 158 5.80 -125.70 35.07
CA TYR E 158 5.82 -125.99 33.65
C TYR E 158 7.06 -126.79 33.26
N LYS E 159 8.21 -126.40 33.80
CA LYS E 159 9.46 -127.07 33.41
C LYS E 159 9.47 -128.53 33.83
N ASP E 160 9.14 -128.82 35.09
CA ASP E 160 9.15 -130.18 35.59
C ASP E 160 8.25 -130.25 36.82
N PRO E 161 7.81 -131.44 37.22
CA PRO E 161 6.98 -131.58 38.42
C PRO E 161 7.72 -131.98 39.70
N GLN E 162 9.05 -132.05 39.69
CA GLN E 162 9.75 -132.57 40.86
C GLN E 162 11.03 -131.80 41.21
N SER E 163 11.18 -130.57 40.75
CA SER E 163 12.35 -129.79 41.14
C SER E 163 12.26 -129.47 42.64
N PRO E 164 13.35 -129.65 43.38
CA PRO E 164 13.34 -129.23 44.79
C PRO E 164 13.08 -127.75 44.95
N LYS E 165 13.56 -126.95 43.99
CA LYS E 165 13.32 -125.52 44.01
C LYS E 165 11.83 -125.23 44.01
N ILE E 166 11.05 -126.05 43.32
CA ILE E 166 9.60 -125.88 43.28
C ILE E 166 9.01 -125.99 44.67
N GLU E 167 9.35 -127.06 45.39
CA GLU E 167 8.78 -127.27 46.71
C GLU E 167 9.27 -126.22 47.69
N VAL E 168 10.53 -125.79 47.54
CA VAL E 168 11.06 -124.76 48.44
C VAL E 168 10.32 -123.44 48.24
N LEU E 169 10.09 -123.04 46.99
CA LEU E 169 9.35 -121.80 46.75
C LEU E 169 7.88 -121.95 47.11
N GLU E 170 7.31 -123.15 47.01
CA GLU E 170 5.95 -123.33 47.51
C GLU E 170 5.90 -123.15 49.02
N GLN E 171 6.91 -123.68 49.72
CA GLN E 171 6.96 -123.54 51.18
C GLN E 171 7.20 -122.09 51.58
N GLU E 172 7.96 -121.34 50.79
CA GLU E 172 8.12 -119.92 51.08
C GLU E 172 6.88 -119.13 50.68
N LEU E 173 6.14 -119.60 49.66
CA LEU E 173 4.95 -118.89 49.23
C LEU E 173 3.80 -119.08 50.20
N VAL E 174 3.72 -120.23 50.87
CA VAL E 174 2.68 -120.37 51.88
C VAL E 174 2.94 -119.44 53.05
N ARG E 175 4.21 -119.14 53.35
CA ARG E 175 4.52 -118.12 54.33
C ARG E 175 4.19 -116.73 53.82
N ALA E 176 4.54 -116.45 52.56
CA ALA E 176 4.28 -115.15 51.97
C ALA E 176 2.79 -114.87 51.91
N GLU E 177 1.98 -115.90 51.64
CA GLU E 177 0.53 -115.72 51.59
C GLU E 177 -0.02 -115.34 52.96
N ALA E 178 0.44 -116.00 54.02
CA ALA E 178 -0.03 -115.65 55.36
C ALA E 178 0.42 -114.24 55.75
N GLU E 179 1.67 -113.90 55.46
CA GLU E 179 2.14 -112.56 55.78
C GLU E 179 1.42 -111.51 54.96
N SER E 180 1.06 -111.82 53.71
CA SER E 180 0.31 -110.88 52.89
C SER E 180 -1.13 -110.76 53.36
N LEU E 181 -1.72 -111.85 53.85
CA LEU E 181 -3.06 -111.76 54.43
C LEU E 181 -3.05 -110.86 55.66
N VAL E 182 -2.07 -111.04 56.53
CA VAL E 182 -1.96 -110.17 57.71
C VAL E 182 -1.72 -108.73 57.29
N ALA E 183 -0.83 -108.53 56.30
CA ALA E 183 -0.51 -107.20 55.83
C ALA E 183 -1.73 -106.51 55.23
N GLU E 184 -2.53 -107.25 54.45
CA GLU E 184 -3.71 -106.66 53.85
C GLU E 184 -4.81 -106.41 54.88
N ALA E 185 -4.93 -107.27 55.89
CA ALA E 185 -5.90 -107.00 56.95
C ALA E 185 -5.54 -105.73 57.70
N GLN E 186 -4.28 -105.61 58.11
CA GLN E 186 -3.87 -104.39 58.81
C GLN E 186 -3.90 -103.18 57.88
N LEU E 187 -3.65 -103.38 56.58
CA LEU E 187 -3.74 -102.30 55.62
C LEU E 187 -5.17 -101.79 55.50
N SER E 188 -6.13 -102.70 55.40
CA SER E 188 -7.53 -102.30 55.36
C SER E 188 -7.92 -101.58 56.64
N ASN E 189 -7.49 -102.10 57.80
CA ASN E 189 -7.83 -101.47 59.07
C ASN E 189 -7.26 -100.05 59.15
N ILE E 190 -5.98 -99.90 58.81
CA ILE E 190 -5.35 -98.59 58.91
C ILE E 190 -5.92 -97.62 57.88
N THR E 191 -6.23 -98.11 56.68
CA THR E 191 -6.83 -97.25 55.68
C THR E 191 -8.19 -96.76 56.13
N ARG E 192 -9.02 -97.66 56.66
CA ARG E 192 -10.34 -97.24 57.14
C ARG E 192 -10.22 -96.25 58.28
N SER E 193 -9.33 -96.53 59.23
CA SER E 193 -9.18 -95.63 60.38
C SER E 193 -8.69 -94.26 59.96
N LYS E 194 -7.60 -94.22 59.18
CA LYS E 194 -7.05 -92.95 58.73
C LYS E 194 -8.04 -92.20 57.87
N LEU E 195 -8.72 -92.90 56.96
CA LEU E 195 -9.69 -92.26 56.09
C LEU E 195 -10.81 -91.62 56.90
N ARG E 196 -11.43 -92.39 57.79
CA ARG E 196 -12.53 -91.86 58.59
C ARG E 196 -12.08 -90.70 59.46
N ALA E 197 -10.96 -90.86 60.17
CA ALA E 197 -10.52 -89.81 61.08
C ALA E 197 -10.15 -88.55 60.31
N ALA E 198 -9.35 -88.69 59.25
CA ALA E 198 -8.91 -87.54 58.49
C ALA E 198 -10.07 -86.80 57.85
N PHE E 199 -11.02 -87.52 57.26
CA PHE E 199 -12.11 -86.83 56.59
C PHE E 199 -13.14 -86.30 57.57
N ASN E 200 -13.35 -86.96 58.72
CA ASN E 200 -14.20 -86.38 59.74
C ASN E 200 -13.60 -85.09 60.29
N TYR E 201 -12.29 -85.09 60.55
CA TYR E 201 -11.62 -83.88 61.00
C TYR E 201 -11.66 -82.80 59.93
N GLN E 202 -11.48 -83.18 58.67
CA GLN E 202 -11.52 -82.22 57.57
C GLN E 202 -12.91 -81.59 57.45
N PHE E 203 -13.95 -82.41 57.54
CA PHE E 203 -15.30 -81.88 57.43
C PHE E 203 -15.67 -81.03 58.64
N ASP E 204 -15.22 -81.43 59.84
CA ASP E 204 -15.44 -80.58 61.00
C ASP E 204 -14.72 -79.25 60.85
N SER E 205 -13.48 -79.28 60.35
CA SER E 205 -12.75 -78.04 60.12
C SER E 205 -13.46 -77.15 59.11
N ILE E 206 -13.92 -77.74 58.00
CA ILE E 206 -14.53 -76.90 56.97
C ILE E 206 -15.86 -76.36 57.44
N ILE E 207 -16.66 -77.14 58.18
CA ILE E 207 -17.93 -76.62 58.67
C ILE E 207 -17.69 -75.55 59.71
N GLU E 208 -16.68 -75.73 60.58
CA GLU E 208 -16.36 -74.70 61.55
C GLU E 208 -15.95 -73.41 60.87
N HIS E 209 -14.98 -73.48 59.96
CA HIS E 209 -14.51 -72.29 59.27
C HIS E 209 -15.62 -71.63 58.47
N SER E 210 -16.44 -72.44 57.80
CA SER E 210 -17.49 -71.88 56.95
C SER E 210 -18.59 -71.23 57.77
N GLU E 211 -19.06 -71.89 58.83
CA GLU E 211 -20.09 -71.28 59.66
C GLU E 211 -19.55 -70.06 60.38
N LYS E 212 -18.27 -70.07 60.74
CA LYS E 212 -17.66 -68.88 61.34
C LYS E 212 -17.61 -67.72 60.35
N ILE E 213 -17.21 -67.99 59.11
CA ILE E 213 -17.14 -66.92 58.12
C ILE E 213 -18.54 -66.45 57.76
N ALA E 214 -19.54 -67.33 57.86
CA ALA E 214 -20.92 -66.92 57.63
C ALA E 214 -21.42 -66.04 58.77
N LEU E 215 -21.02 -66.36 60.00
CA LEU E 215 -21.37 -65.58 61.17
C LEU E 215 -20.73 -64.20 61.04
N ILE E 216 -19.54 -64.15 60.45
CA ILE E 216 -18.86 -62.90 60.14
C ILE E 216 -19.60 -62.12 59.06
N ALA E 217 -20.04 -62.80 58.01
CA ALA E 217 -20.74 -62.13 56.92
C ALA E 217 -22.06 -61.55 57.39
N GLY E 218 -22.77 -62.26 58.26
CA GLY E 218 -24.01 -61.72 58.80
C GLY E 218 -23.77 -60.47 59.63
N TYR E 219 -22.72 -60.47 60.44
CA TYR E 219 -22.38 -59.28 61.21
C TYR E 219 -21.99 -58.12 60.29
N GLY E 220 -21.27 -58.43 59.21
CA GLY E 220 -20.94 -57.39 58.25
C GLY E 220 -22.17 -56.83 57.56
N LYS E 221 -23.13 -57.69 57.23
CA LYS E 221 -24.38 -57.22 56.64
C LYS E 221 -25.13 -56.31 57.60
N ALA E 222 -25.16 -56.69 58.89
CA ALA E 222 -25.79 -55.82 59.89
C ALA E 222 -25.04 -54.49 60.01
N LEU E 223 -23.70 -54.54 59.92
CA LEU E 223 -22.89 -53.33 60.04
C LEU E 223 -23.11 -52.40 58.86
N LEU E 224 -23.33 -52.96 57.67
CA LEU E 224 -23.51 -52.13 56.48
C LEU E 224 -24.73 -51.23 56.57
N GLU E 225 -25.65 -51.51 57.50
CA GLU E 225 -26.82 -50.66 57.67
C GLU E 225 -26.46 -49.28 58.21
N LEU E 226 -25.26 -49.10 58.76
CA LEU E 226 -24.92 -47.82 59.39
C LEU E 226 -24.87 -46.69 58.38
N LEU E 227 -24.24 -46.90 57.23
CA LEU E 227 -24.14 -45.83 56.24
C LEU E 227 -25.51 -45.56 55.61
N ASP E 228 -25.71 -44.33 55.18
CA ASP E 228 -26.96 -43.91 54.57
C ASP E 228 -26.82 -43.89 53.06
N ASP E 229 -27.71 -44.61 52.38
CA ASP E 229 -27.70 -44.68 50.92
C ASP E 229 -28.56 -43.61 50.27
N SER E 230 -29.19 -42.75 51.06
CA SER E 230 -30.02 -41.70 50.48
C SER E 230 -29.14 -40.68 49.75
N PRO E 231 -29.41 -40.42 48.47
CA PRO E 231 -28.59 -39.45 47.74
C PRO E 231 -28.74 -38.05 48.29
N VAL E 232 -27.68 -37.27 48.16
CA VAL E 232 -27.65 -35.89 48.64
C VAL E 232 -27.60 -34.96 47.43
N THR E 233 -28.41 -33.90 47.47
CA THR E 233 -28.41 -32.93 46.39
C THR E 233 -27.09 -32.15 46.39
N PRO E 234 -26.66 -31.69 45.22
CA PRO E 234 -25.45 -30.85 45.17
C PRO E 234 -25.66 -29.56 45.94
N GLY E 235 -24.58 -29.08 46.56
CA GLY E 235 -24.67 -27.92 47.42
C GLY E 235 -24.44 -28.25 48.88
N GLU E 236 -25.50 -28.23 49.66
CA GLU E 236 -25.40 -28.48 51.10
C GLU E 236 -24.88 -29.89 51.37
N THR E 237 -24.30 -30.06 52.55
CA THR E 237 -23.69 -31.32 52.96
C THR E 237 -24.57 -32.00 54.01
N ARG E 238 -24.66 -33.32 53.91
CA ARG E 238 -25.46 -34.09 54.84
C ARG E 238 -24.87 -34.02 56.25
N PRO E 239 -25.68 -34.25 57.27
CA PRO E 239 -25.17 -34.19 58.65
C PRO E 239 -24.06 -35.20 58.88
N ALA E 240 -23.13 -34.84 59.77
CA ALA E 240 -21.96 -35.65 60.01
C ALA E 240 -22.35 -37.00 60.62
N TYR E 241 -21.51 -38.00 60.35
CA TYR E 241 -21.75 -39.36 60.81
C TYR E 241 -21.19 -39.54 62.21
N ASP E 242 -22.08 -39.84 63.17
CA ASP E 242 -21.70 -40.01 64.56
C ASP E 242 -21.89 -41.45 65.04
N GLY E 243 -22.02 -42.39 64.11
CA GLY E 243 -22.25 -43.77 64.48
C GLY E 243 -20.99 -44.57 64.74
N TYR E 244 -19.94 -43.88 65.22
CA TYR E 244 -18.72 -44.58 65.58
C TYR E 244 -18.96 -45.57 66.71
N GLU E 245 -19.71 -45.14 67.72
CA GLU E 245 -19.99 -46.01 68.86
C GLU E 245 -20.79 -47.24 68.43
N ALA E 246 -21.74 -47.07 67.52
CA ALA E 246 -22.53 -48.21 67.06
C ALA E 246 -21.65 -49.22 66.31
N SER E 247 -20.76 -48.72 65.45
CA SER E 247 -19.87 -49.61 64.72
C SER E 247 -18.91 -50.34 65.66
N LYS E 248 -18.38 -49.61 66.65
CA LYS E 248 -17.47 -50.26 67.60
C LYS E 248 -18.21 -51.29 68.44
N GLN E 249 -19.47 -51.01 68.81
CA GLN E 249 -20.27 -51.99 69.53
C GLN E 249 -20.54 -53.22 68.67
N ILE E 250 -20.80 -53.01 67.38
CA ILE E 250 -21.03 -54.13 66.48
C ILE E 250 -19.79 -55.01 66.38
N ILE E 251 -18.62 -54.38 66.22
CA ILE E 251 -17.39 -55.16 66.12
C ILE E 251 -17.06 -55.84 67.45
N ILE E 252 -17.39 -55.20 68.58
CA ILE E 252 -17.16 -55.82 69.87
C ILE E 252 -18.04 -57.05 70.05
N ASP E 253 -19.31 -56.94 69.66
CA ASP E 253 -20.21 -58.08 69.75
C ASP E 253 -19.78 -59.19 68.80
N ALA E 254 -19.29 -58.82 67.62
CA ALA E 254 -18.76 -59.82 66.70
C ALA E 254 -17.56 -60.55 67.29
N GLU E 255 -16.66 -59.82 67.93
CA GLU E 255 -15.53 -60.45 68.61
C GLU E 255 -16.00 -61.37 69.73
N SER E 256 -17.00 -60.92 70.49
CA SER E 256 -17.50 -61.73 71.61
C SER E 256 -18.11 -63.04 71.10
N ALA E 257 -18.92 -62.96 70.05
CA ALA E 257 -19.50 -64.17 69.47
C ALA E 257 -18.42 -65.04 68.82
N LEU E 258 -17.38 -64.42 68.28
CA LEU E 258 -16.28 -65.18 67.69
C LEU E 258 -15.56 -65.99 68.76
N ASN E 259 -15.22 -65.36 69.88
CA ASN E 259 -14.54 -66.07 70.96
C ASN E 259 -15.45 -67.09 71.62
N GLU E 260 -16.74 -66.79 71.73
CA GLU E 260 -17.69 -67.69 72.36
C GLU E 260 -18.04 -68.88 71.48
N TRP E 261 -17.74 -68.82 70.19
CA TRP E 261 -18.12 -69.90 69.29
C TRP E 261 -17.45 -71.20 69.69
N THR E 262 -18.23 -72.27 69.69
CA THR E 262 -17.72 -73.60 70.02
C THR E 262 -18.50 -74.63 69.20
N LEU E 263 -17.96 -75.85 69.16
CA LEU E 263 -18.63 -76.92 68.43
C LEU E 263 -20.00 -77.22 69.00
N ASP E 264 -20.18 -77.08 70.32
CA ASP E 264 -21.50 -77.26 70.91
C ASP E 264 -22.47 -76.20 70.40
N SER E 265 -22.02 -74.95 70.29
CA SER E 265 -22.85 -73.86 69.78
C SER E 265 -22.80 -73.80 68.25
N ALA E 266 -23.04 -74.94 67.61
CA ALA E 266 -23.08 -75.03 66.15
C ALA E 266 -24.54 -74.92 65.73
N GLN E 267 -24.98 -73.69 65.46
CA GLN E 267 -26.37 -73.43 65.10
C GLN E 267 -26.73 -73.98 63.73
N VAL E 268 -25.75 -74.39 62.92
CA VAL E 268 -26.05 -75.06 61.66
C VAL E 268 -26.55 -76.47 61.95
N LYS E 269 -27.69 -76.83 61.37
CA LYS E 269 -28.30 -78.12 61.67
C LYS E 269 -28.79 -78.80 60.38
N PRO E 270 -28.33 -80.01 60.10
CA PRO E 270 -28.87 -80.76 58.96
C PRO E 270 -30.23 -81.36 59.29
N THR E 271 -30.87 -81.90 58.26
CA THR E 271 -32.18 -82.52 58.43
C THR E 271 -32.31 -83.76 57.55
N MET F 1 -5.34 -58.94 64.05
CA MET F 1 -6.09 -58.00 64.88
C MET F 1 -6.59 -58.69 66.15
N HIS F 2 -6.69 -60.01 66.10
CA HIS F 2 -7.15 -60.80 67.23
C HIS F 2 -6.06 -61.07 68.26
N ARG F 3 -4.87 -60.50 68.07
CA ARG F 3 -3.76 -60.72 68.99
C ARG F 3 -4.09 -60.16 70.36
N THR F 4 -3.57 -60.83 71.38
CA THR F 4 -3.79 -60.43 72.77
C THR F 4 -2.93 -59.20 73.10
N TYR F 5 -3.06 -58.74 74.34
CA TYR F 5 -2.32 -57.57 74.80
C TYR F 5 -0.95 -58.01 75.34
N SER F 6 -0.11 -58.44 74.40
CA SER F 6 1.24 -58.89 74.72
C SER F 6 2.18 -58.36 73.63
N LEU F 7 3.41 -58.83 73.63
CA LEU F 7 4.42 -58.41 72.68
C LEU F 7 4.46 -59.32 71.46
N ARG F 8 3.61 -60.33 71.40
CA ARG F 8 3.60 -61.34 70.35
C ARG F 8 2.37 -61.15 69.49
N ASN F 9 2.52 -61.39 68.18
CA ASN F 9 1.36 -61.41 67.29
C ASN F 9 0.68 -62.77 67.33
N SER F 10 0.21 -63.13 68.53
CA SER F 10 -0.49 -64.38 68.77
C SER F 10 -1.95 -64.07 69.07
N ARG F 11 -2.84 -64.59 68.24
CA ARG F 11 -4.27 -64.33 68.41
C ARG F 11 -4.79 -65.04 69.66
N ALA F 12 -5.78 -64.42 70.29
CA ALA F 12 -6.40 -65.00 71.47
C ALA F 12 -7.13 -66.29 71.07
N PRO F 13 -6.86 -67.42 71.73
CA PRO F 13 -7.51 -68.67 71.34
C PRO F 13 -8.99 -68.65 71.68
N THR F 14 -9.81 -69.06 70.71
CA THR F 14 -11.25 -69.16 70.91
C THR F 14 -11.58 -70.49 71.59
N ALA F 15 -12.87 -70.69 71.89
CA ALA F 15 -13.29 -71.91 72.56
C ALA F 15 -12.94 -73.15 71.75
N SER F 16 -12.98 -73.05 70.42
CA SER F 16 -12.56 -74.16 69.57
C SER F 16 -11.09 -74.49 69.79
N GLN F 17 -10.25 -73.46 69.93
CA GLN F 17 -8.83 -73.70 70.15
C GLN F 17 -8.59 -74.41 71.48
N LEU F 18 -9.33 -74.02 72.53
CA LEU F 18 -9.23 -74.74 73.80
C LEU F 18 -9.72 -76.17 73.66
N GLN F 19 -10.80 -76.38 72.90
CA GLN F 19 -11.33 -77.73 72.71
C GLN F 19 -10.31 -78.63 72.01
N ASN F 20 -9.75 -78.15 70.90
CA ASN F 20 -8.72 -78.87 70.17
C ASN F 20 -7.56 -77.93 69.90
N PRO F 21 -6.34 -78.30 70.29
CA PRO F 21 -5.22 -77.38 70.14
C PRO F 21 -4.95 -77.08 68.68
N PRO F 22 -4.46 -75.88 68.35
CA PRO F 22 -4.19 -75.56 66.96
C PRO F 22 -3.09 -76.44 66.41
N PRO F 23 -3.14 -76.78 65.13
CA PRO F 23 -2.10 -77.61 64.52
C PRO F 23 -0.84 -76.80 64.27
N PRO F 24 0.29 -77.47 64.05
CA PRO F 24 1.53 -76.75 63.72
C PRO F 24 1.41 -76.04 62.38
N PRO F 25 2.21 -74.99 62.16
CA PRO F 25 2.11 -74.26 60.89
C PRO F 25 2.42 -75.15 59.69
N SER F 26 1.78 -74.84 58.57
CA SER F 26 1.90 -75.66 57.37
C SER F 26 3.34 -75.68 56.86
N THR F 27 3.73 -76.84 56.33
CA THR F 27 5.06 -77.04 55.76
C THR F 27 5.11 -76.68 54.28
N THR F 28 4.01 -76.17 53.71
CA THR F 28 3.95 -75.83 52.30
C THR F 28 4.51 -74.44 52.01
N LYS F 29 5.00 -73.73 53.04
CA LYS F 29 5.56 -72.41 52.85
C LYS F 29 6.82 -72.48 51.99
N GLY F 30 6.72 -72.03 50.74
CA GLY F 30 7.85 -72.07 49.85
C GLY F 30 8.65 -70.78 49.83
N ARG F 31 9.89 -70.88 49.35
CA ARG F 31 10.77 -69.72 49.26
C ARG F 31 10.43 -68.97 47.96
N PHE F 32 9.40 -68.13 48.05
CA PHE F 32 8.92 -67.39 46.90
C PHE F 32 8.23 -66.12 47.38
N PHE F 33 8.00 -65.21 46.44
CA PHE F 33 7.36 -63.94 46.78
C PHE F 33 5.92 -64.13 47.25
N GLY F 34 5.25 -65.19 46.79
CA GLY F 34 3.87 -65.41 47.15
C GLY F 34 2.86 -64.60 46.37
N LYS F 35 3.27 -63.98 45.25
CA LYS F 35 2.36 -63.22 44.41
C LYS F 35 2.28 -63.78 42.99
N GLY F 36 2.59 -65.05 42.81
CA GLY F 36 2.58 -65.65 41.49
C GLY F 36 3.77 -65.34 40.62
N GLY F 37 4.85 -64.81 41.19
CA GLY F 37 6.02 -64.47 40.43
C GLY F 37 5.89 -63.12 39.74
N LEU F 38 6.94 -62.78 38.98
CA LEU F 38 6.94 -61.52 38.25
C LEU F 38 5.88 -61.50 37.15
N ALA F 39 5.55 -62.67 36.60
CA ALA F 39 4.51 -62.71 35.56
C ALA F 39 3.17 -62.27 36.11
N TYR F 40 2.81 -62.73 37.31
CA TYR F 40 1.55 -62.34 37.92
C TYR F 40 1.65 -61.02 38.67
N SER F 41 2.86 -60.55 38.95
CA SER F 41 3.06 -59.23 39.54
C SER F 41 3.20 -58.13 38.51
N PHE F 42 3.28 -58.49 37.22
CA PHE F 42 3.29 -57.48 36.17
C PHE F 42 2.01 -56.66 36.18
N ARG F 43 0.87 -57.31 36.37
CA ARG F 43 -0.40 -56.60 36.46
C ARG F 43 -0.41 -55.67 37.68
N ARG F 44 0.08 -56.15 38.82
CA ARG F 44 0.12 -55.32 40.01
C ARG F 44 1.00 -54.09 39.79
N SER F 45 2.16 -54.28 39.16
CA SER F 45 3.03 -53.14 38.86
C SER F 45 2.37 -52.17 37.88
N ALA F 46 1.71 -52.69 36.85
CA ALA F 46 1.03 -51.85 35.88
C ALA F 46 -0.14 -51.09 36.49
N ALA F 47 -0.73 -51.62 37.57
CA ALA F 47 -1.75 -50.87 38.28
C ALA F 47 -1.18 -49.58 38.86
N GLY F 48 0.02 -49.65 39.44
CA GLY F 48 0.72 -48.48 39.92
C GLY F 48 1.56 -47.84 38.83
N ALA F 49 0.90 -47.15 37.90
CA ALA F 49 1.57 -46.61 36.72
C ALA F 49 0.87 -45.31 36.34
N PHE F 50 1.10 -44.85 35.10
CA PHE F 50 0.62 -43.55 34.69
C PHE F 50 -0.90 -43.54 34.58
N GLY F 51 -1.57 -43.29 35.70
CA GLY F 51 -3.02 -43.21 35.74
C GLY F 51 -3.48 -41.85 36.21
N PRO F 52 -4.79 -41.73 36.47
CA PRO F 52 -5.33 -40.45 36.92
C PRO F 52 -4.98 -40.12 38.37
N GLU F 53 -4.14 -40.94 38.99
CA GLU F 53 -3.56 -40.70 40.32
C GLU F 53 -4.64 -40.70 41.41
N LEU F 54 -5.90 -40.80 41.02
CA LEU F 54 -7.00 -40.89 41.96
C LEU F 54 -7.58 -42.29 42.03
N SER F 55 -7.95 -42.86 40.89
CA SER F 55 -8.39 -44.25 40.84
C SER F 55 -7.24 -45.23 40.78
N ARG F 56 -6.01 -44.75 40.96
CA ARG F 56 -4.85 -45.64 40.98
C ARG F 56 -5.00 -46.71 42.06
N LYS F 57 -5.36 -46.29 43.28
CA LYS F 57 -5.59 -47.26 44.35
C LYS F 57 -6.77 -48.16 44.02
N LEU F 58 -7.85 -47.60 43.49
CA LEU F 58 -9.01 -48.40 43.18
C LEU F 58 -8.74 -49.37 42.03
N SER F 59 -8.02 -48.90 41.00
CA SER F 59 -7.64 -49.80 39.92
C SER F 59 -6.71 -50.90 40.40
N GLN F 60 -5.79 -50.56 41.30
CA GLN F 60 -4.93 -51.57 41.89
C GLN F 60 -5.74 -52.61 42.66
N LEU F 61 -6.73 -52.14 43.42
CA LEU F 61 -7.60 -53.06 44.15
C LEU F 61 -8.37 -53.96 43.19
N VAL F 62 -8.85 -53.40 42.08
CA VAL F 62 -9.60 -54.18 41.10
C VAL F 62 -8.72 -55.25 40.49
N LYS F 63 -7.48 -54.90 40.15
CA LYS F 63 -6.60 -55.88 39.53
C LYS F 63 -6.15 -56.93 40.55
N ILE F 64 -5.99 -56.53 41.81
CA ILE F 64 -5.73 -57.51 42.86
C ILE F 64 -6.90 -58.45 43.02
N GLU F 65 -8.12 -57.93 42.91
CA GLU F 65 -9.31 -58.78 42.96
C GLU F 65 -9.34 -59.72 41.77
N LYS F 66 -8.86 -59.28 40.62
CA LYS F 66 -8.72 -60.17 39.47
C LYS F 66 -7.74 -61.29 39.77
N ASN F 67 -6.63 -60.97 40.43
CA ASN F 67 -5.72 -62.03 40.86
C ASN F 67 -6.39 -63.00 41.83
N VAL F 68 -7.21 -62.45 42.74
CA VAL F 68 -7.99 -63.29 43.65
C VAL F 68 -8.85 -64.24 42.84
N LEU F 69 -9.52 -63.71 41.82
CA LEU F 69 -10.45 -64.50 41.02
C LEU F 69 -9.70 -65.58 40.26
N ARG F 70 -8.53 -65.24 39.71
CA ARG F 70 -7.74 -66.23 38.97
C ARG F 70 -7.27 -67.35 39.89
N SER F 71 -6.79 -66.99 41.09
CA SER F 71 -6.38 -68.02 42.04
C SER F 71 -7.55 -68.91 42.46
N MET F 72 -8.72 -68.31 42.69
CA MET F 72 -9.88 -69.12 43.06
C MET F 72 -10.31 -70.03 41.92
N GLU F 73 -10.21 -69.53 40.69
CA GLU F 73 -10.49 -70.37 39.52
C GLU F 73 -9.50 -71.52 39.44
N LEU F 74 -8.24 -71.25 39.78
CA LEU F 74 -7.23 -72.30 39.79
C LEU F 74 -7.54 -73.36 40.83
N THR F 75 -8.01 -72.96 42.01
CA THR F 75 -8.27 -73.92 43.08
C THR F 75 -9.64 -74.57 42.96
N ALA F 76 -10.51 -74.08 42.08
CA ALA F 76 -11.81 -74.73 41.91
C ALA F 76 -11.73 -75.88 40.91
N ASN F 77 -11.22 -75.60 39.70
CA ASN F 77 -11.09 -76.64 38.69
C ASN F 77 -10.16 -77.74 39.17
N GLU F 78 -9.03 -77.37 39.77
CA GLU F 78 -8.08 -78.36 40.21
C GLU F 78 -8.57 -79.09 41.47
N ARG F 79 -9.43 -78.47 42.28
CA ARG F 79 -10.09 -79.21 43.35
C ARG F 79 -11.07 -80.25 42.82
N ARG F 80 -11.83 -79.90 41.78
CA ARG F 80 -12.72 -80.91 41.21
C ARG F 80 -11.90 -82.01 40.54
N ASP F 81 -10.73 -81.67 40.00
CA ASP F 81 -9.79 -82.69 39.56
C ASP F 81 -9.36 -83.59 40.71
N ALA F 82 -9.12 -82.99 41.88
CA ALA F 82 -8.76 -83.79 43.05
C ALA F 82 -9.89 -84.73 43.43
N ALA F 83 -11.14 -84.27 43.35
CA ALA F 83 -12.27 -85.14 43.63
C ALA F 83 -12.35 -86.29 42.65
N LYS F 84 -12.14 -86.01 41.36
CA LYS F 84 -12.12 -87.07 40.36
C LYS F 84 -11.02 -88.08 40.67
N GLN F 85 -9.85 -87.60 41.04
CA GLN F 85 -8.74 -88.48 41.38
C GLN F 85 -9.05 -89.32 42.61
N LEU F 86 -9.75 -88.73 43.59
CA LEU F 86 -10.15 -89.48 44.76
C LEU F 86 -11.09 -90.61 44.40
N SER F 87 -12.07 -90.34 43.53
CA SER F 87 -12.96 -91.40 43.08
C SER F 87 -12.20 -92.48 42.33
N ILE F 88 -11.24 -92.09 41.48
CA ILE F 88 -10.45 -93.05 40.74
C ILE F 88 -9.65 -93.93 41.70
N TRP F 89 -9.07 -93.33 42.74
CA TRP F 89 -8.33 -94.10 43.74
C TRP F 89 -9.26 -95.05 44.49
N GLY F 90 -10.45 -94.58 44.85
CA GLY F 90 -11.38 -95.44 45.56
C GLY F 90 -12.05 -96.50 44.72
N LEU F 91 -11.84 -96.45 43.39
CA LEU F 91 -12.38 -97.48 42.52
C LEU F 91 -12.00 -98.88 43.00
N GLU F 92 -10.72 -99.10 43.30
CA GLU F 92 -10.24 -100.42 43.70
C GLU F 92 -10.01 -100.42 45.21
N ASN F 93 -11.07 -100.70 45.95
CA ASN F 93 -11.01 -100.74 47.41
C ASN F 93 -12.21 -101.52 47.91
N ASP F 94 -12.45 -101.47 49.22
CA ASP F 94 -13.61 -102.14 49.79
C ASP F 94 -14.89 -101.50 49.27
N ASP F 95 -15.97 -102.30 49.24
CA ASP F 95 -17.23 -101.83 48.70
C ASP F 95 -17.75 -100.63 49.49
N ASP F 96 -17.75 -100.73 50.82
CA ASP F 96 -18.16 -99.60 51.65
C ASP F 96 -17.20 -98.42 51.46
N VAL F 97 -15.90 -98.70 51.41
CA VAL F 97 -14.92 -97.64 51.19
C VAL F 97 -15.14 -97.00 49.83
N SER F 98 -15.36 -97.82 48.79
CA SER F 98 -15.56 -97.26 47.46
C SER F 98 -16.81 -96.39 47.40
N ASP F 99 -17.91 -96.86 47.98
CA ASP F 99 -19.14 -96.09 47.97
C ASP F 99 -18.98 -94.78 48.74
N ILE F 100 -18.38 -94.85 49.92
CA ILE F 100 -18.26 -93.66 50.75
C ILE F 100 -17.31 -92.65 50.11
N THR F 101 -16.24 -93.13 49.47
CA THR F 101 -15.31 -92.21 48.83
C THR F 101 -15.90 -91.62 47.56
N ASP F 102 -16.74 -92.36 46.85
CA ASP F 102 -17.45 -91.79 45.72
C ASP F 102 -18.42 -90.70 46.17
N LYS F 103 -19.10 -90.93 47.30
CA LYS F 103 -20.01 -89.91 47.82
C LYS F 103 -19.24 -88.68 48.29
N LEU F 104 -18.08 -88.87 48.93
CA LEU F 104 -17.26 -87.73 49.28
C LEU F 104 -16.78 -86.99 48.04
N GLY F 105 -16.44 -87.72 46.98
CA GLY F 105 -16.04 -87.09 45.74
C GLY F 105 -17.15 -86.26 45.13
N VAL F 106 -18.38 -86.77 45.15
CA VAL F 106 -19.48 -85.99 44.60
C VAL F 106 -19.78 -84.78 45.48
N LEU F 107 -19.61 -84.91 46.80
CA LEU F 107 -19.75 -83.75 47.67
C LEU F 107 -18.70 -82.69 47.35
N ILE F 108 -17.47 -83.11 47.11
CA ILE F 108 -16.43 -82.16 46.73
C ILE F 108 -16.72 -81.54 45.37
N TYR F 109 -17.33 -82.31 44.46
CA TYR F 109 -17.76 -81.74 43.19
C TYR F 109 -18.82 -80.67 43.39
N GLU F 110 -19.77 -80.92 44.29
CA GLU F 110 -20.73 -79.87 44.66
C GLU F 110 -20.01 -78.65 45.22
N VAL F 111 -18.99 -78.89 46.05
CA VAL F 111 -18.20 -77.80 46.60
C VAL F 111 -17.58 -76.96 45.49
N SER F 112 -17.01 -77.63 44.50
CA SER F 112 -16.37 -76.93 43.38
C SER F 112 -17.39 -76.15 42.56
N GLU F 113 -18.58 -76.71 42.36
CA GLU F 113 -19.61 -75.99 41.62
C GLU F 113 -20.06 -74.75 42.38
N LEU F 114 -20.25 -74.87 43.69
CA LEU F 114 -20.57 -73.70 44.50
C LEU F 114 -19.44 -72.68 44.47
N ASP F 115 -18.20 -73.15 44.43
CA ASP F 115 -17.07 -72.24 44.29
C ASP F 115 -17.14 -71.48 42.97
N ASP F 116 -17.51 -72.17 41.90
CA ASP F 116 -17.63 -71.50 40.60
C ASP F 116 -18.74 -70.45 40.62
N GLN F 117 -19.87 -70.78 41.24
CA GLN F 117 -20.93 -69.77 41.38
C GLN F 117 -20.47 -68.58 42.21
N PHE F 118 -19.74 -68.85 43.30
CA PHE F 118 -19.16 -67.78 44.09
C PHE F 118 -18.19 -66.95 43.26
N ILE F 119 -17.47 -67.58 42.35
CA ILE F 119 -16.56 -66.87 41.46
C ILE F 119 -17.33 -65.94 40.53
N ASP F 120 -18.46 -66.41 40.01
CA ASP F 120 -19.27 -65.54 39.15
C ASP F 120 -19.81 -64.34 39.93
N ARG F 121 -20.28 -64.58 41.15
CA ARG F 121 -20.74 -63.45 41.97
C ARG F 121 -19.59 -62.52 42.35
N TYR F 122 -18.40 -63.10 42.54
CA TYR F 122 -17.19 -62.31 42.76
C TYR F 122 -16.90 -61.44 41.56
N ASP F 123 -17.12 -61.96 40.36
CA ASP F 123 -16.91 -61.16 39.15
C ASP F 123 -17.95 -60.05 39.06
N GLN F 124 -19.17 -60.31 39.53
CA GLN F 124 -20.15 -59.22 39.62
C GLN F 124 -19.65 -58.11 40.56
N TYR F 125 -19.12 -58.52 41.71
CA TYR F 125 -18.54 -57.56 42.65
C TYR F 125 -17.40 -56.77 41.99
N ARG F 126 -16.52 -57.48 41.28
CA ARG F 126 -15.37 -56.84 40.63
C ARG F 126 -15.83 -55.91 39.51
N LEU F 127 -16.92 -56.25 38.82
CA LEU F 127 -17.42 -55.39 37.76
C LEU F 127 -18.04 -54.12 38.35
N THR F 128 -18.75 -54.25 39.46
CA THR F 128 -19.25 -53.04 40.13
C THR F 128 -18.10 -52.14 40.57
N LEU F 129 -17.04 -52.75 41.11
CA LEU F 129 -15.88 -51.96 41.50
C LEU F 129 -15.18 -51.37 40.29
N LYS F 130 -15.19 -52.07 39.15
CA LYS F 130 -14.65 -51.49 37.92
C LYS F 130 -15.46 -50.28 37.50
N SER F 131 -16.78 -50.35 37.62
CA SER F 131 -17.62 -49.21 37.29
C SER F 131 -17.31 -48.01 38.18
N ILE F 132 -17.18 -48.25 39.49
CA ILE F 132 -16.89 -47.14 40.40
C ILE F 132 -15.49 -46.58 40.13
N ARG F 133 -14.53 -47.45 39.80
CA ARG F 133 -13.19 -46.99 39.45
C ARG F 133 -13.24 -46.12 38.21
N ASP F 134 -14.03 -46.52 37.21
CA ASP F 134 -14.04 -45.77 35.95
C ASP F 134 -14.73 -44.42 36.11
N ILE F 135 -15.80 -44.35 36.91
CA ILE F 135 -16.44 -43.05 37.11
C ILE F 135 -15.52 -42.14 37.92
N GLU F 136 -14.81 -42.69 38.90
CA GLU F 136 -13.86 -41.87 39.65
C GLU F 136 -12.73 -41.38 38.75
N GLY F 137 -12.22 -42.24 37.87
CA GLY F 137 -11.20 -41.81 36.94
C GLY F 137 -11.69 -40.76 35.96
N SER F 138 -12.96 -40.84 35.57
CA SER F 138 -13.52 -39.83 34.68
C SER F 138 -13.76 -38.52 35.41
N VAL F 139 -14.00 -38.56 36.72
CA VAL F 139 -14.25 -37.33 37.46
C VAL F 139 -12.95 -36.66 37.92
N GLN F 140 -11.85 -37.41 37.99
CA GLN F 140 -10.58 -36.81 38.41
C GLN F 140 -10.11 -35.65 37.54
N PRO F 141 -10.16 -35.71 36.20
CA PRO F 141 -9.63 -34.59 35.41
C PRO F 141 -10.29 -33.26 35.70
N SER F 142 -11.53 -33.26 36.19
CA SER F 142 -12.15 -32.01 36.61
C SER F 142 -11.33 -31.32 37.69
N ARG F 143 -11.01 -32.06 38.76
CA ARG F 143 -10.21 -31.47 39.83
C ARG F 143 -8.78 -31.21 39.40
N ASP F 144 -8.25 -32.03 38.48
CA ASP F 144 -6.91 -31.77 37.94
C ASP F 144 -6.88 -30.41 37.24
N ARG F 145 -7.87 -30.17 36.38
CA ARG F 145 -7.96 -28.89 35.68
C ARG F 145 -8.20 -27.76 36.66
N LYS F 146 -8.99 -28.00 37.71
CA LYS F 146 -9.20 -26.98 38.73
C LYS F 146 -7.89 -26.58 39.39
N ASP F 147 -7.08 -27.57 39.77
CA ASP F 147 -5.80 -27.29 40.40
C ASP F 147 -4.88 -26.53 39.44
N LYS F 148 -4.82 -26.97 38.19
CA LYS F 148 -3.98 -26.27 37.22
C LYS F 148 -4.42 -24.83 37.03
N ILE F 149 -5.73 -24.60 36.94
CA ILE F 149 -6.24 -23.26 36.72
C ILE F 149 -5.96 -22.37 37.93
N THR F 150 -6.14 -22.89 39.14
CA THR F 150 -5.88 -22.05 40.31
C THR F 150 -4.38 -21.74 40.43
N ASP F 151 -3.51 -22.69 40.09
CA ASP F 151 -2.08 -22.39 40.10
C ASP F 151 -1.73 -21.31 39.07
N LYS F 152 -2.29 -21.43 37.87
CA LYS F 152 -1.98 -20.46 36.82
C LYS F 152 -2.53 -19.08 37.17
N ILE F 153 -3.73 -19.01 37.76
CA ILE F 153 -4.28 -17.72 38.13
C ILE F 153 -3.51 -17.11 39.29
N ALA F 154 -2.99 -17.94 40.20
CA ALA F 154 -2.13 -17.41 41.26
C ALA F 154 -0.85 -16.81 40.68
N TYR F 155 -0.24 -17.51 39.72
CA TYR F 155 0.95 -16.97 39.08
C TYR F 155 0.65 -15.68 38.34
N LEU F 156 -0.48 -15.64 37.63
CA LEU F 156 -0.84 -14.44 36.89
C LEU F 156 -1.13 -13.26 37.83
N LYS F 157 -1.76 -13.55 38.98
CA LYS F 157 -1.94 -12.53 40.00
C LYS F 157 -0.60 -12.03 40.52
N TYR F 158 0.36 -12.94 40.67
CA TYR F 158 1.72 -12.53 41.04
C TYR F 158 2.29 -11.57 40.01
N LYS F 159 2.10 -11.86 38.73
CA LYS F 159 2.69 -11.04 37.68
C LYS F 159 2.13 -9.62 37.69
N ASP F 160 0.81 -9.48 37.73
CA ASP F 160 0.17 -8.16 37.73
C ASP F 160 -1.23 -8.30 38.30
N PRO F 161 -1.85 -7.20 38.73
CA PRO F 161 -3.22 -7.25 39.25
C PRO F 161 -4.32 -6.88 38.25
N GLN F 162 -4.00 -6.66 36.97
CA GLN F 162 -5.03 -6.17 36.06
C GLN F 162 -4.98 -6.81 34.67
N SER F 163 -4.36 -7.98 34.52
CA SER F 163 -4.39 -8.65 33.24
C SER F 163 -5.82 -9.10 32.92
N PRO F 164 -6.30 -8.86 31.70
CA PRO F 164 -7.62 -9.39 31.33
C PRO F 164 -7.67 -10.91 31.41
N LYS F 165 -6.56 -11.56 31.11
CA LYS F 165 -6.48 -13.01 31.21
C LYS F 165 -6.80 -13.48 32.62
N ILE F 166 -6.41 -12.67 33.62
CA ILE F 166 -6.68 -13.01 35.02
C ILE F 166 -8.18 -13.08 35.25
N GLU F 167 -8.91 -12.04 34.85
CA GLU F 167 -10.35 -12.01 35.09
C GLU F 167 -11.06 -13.08 34.28
N VAL F 168 -10.58 -13.35 33.07
CA VAL F 168 -11.20 -14.37 32.25
C VAL F 168 -11.05 -15.75 32.88
N LEU F 169 -9.85 -16.07 33.37
CA LEU F 169 -9.67 -17.35 34.05
C LEU F 169 -10.36 -17.41 35.39
N GLU F 170 -10.54 -16.27 36.08
CA GLU F 170 -11.37 -16.29 37.28
C GLU F 170 -12.81 -16.59 36.94
N GLN F 171 -13.32 -16.02 35.85
CA GLN F 171 -14.68 -16.27 35.42
C GLN F 171 -14.86 -17.72 34.97
N GLU F 172 -13.84 -18.30 34.36
CA GLU F 172 -13.93 -19.71 34.01
C GLU F 172 -13.75 -20.60 35.23
N LEU F 173 -13.00 -20.14 36.23
CA LEU F 173 -12.78 -20.94 37.43
C LEU F 173 -14.01 -20.96 38.32
N VAL F 174 -14.80 -19.88 38.34
CA VAL F 174 -16.03 -19.94 39.11
C VAL F 174 -17.00 -20.93 38.48
N ARG F 175 -16.96 -21.11 37.15
CA ARG F 175 -17.73 -22.17 36.52
C ARG F 175 -17.17 -23.54 36.84
N ALA F 176 -15.84 -23.67 36.79
CA ALA F 176 -15.19 -24.95 37.07
C ALA F 176 -15.45 -25.39 38.51
N GLU F 177 -15.50 -24.43 39.44
CA GLU F 177 -15.77 -24.76 40.83
C GLU F 177 -17.18 -25.32 41.00
N ALA F 178 -18.16 -24.70 40.35
CA ALA F 178 -19.53 -25.20 40.44
C ALA F 178 -19.64 -26.58 39.80
N GLU F 179 -19.04 -26.76 38.62
CA GLU F 179 -19.09 -28.06 37.97
C GLU F 179 -18.36 -29.12 38.79
N SER F 180 -17.27 -28.74 39.46
CA SER F 180 -16.55 -29.69 40.30
C SER F 180 -17.34 -30.00 41.57
N LEU F 181 -18.07 -29.04 42.11
CA LEU F 181 -18.94 -29.32 43.25
C LEU F 181 -20.02 -30.31 42.87
N VAL F 182 -20.65 -30.10 41.72
CA VAL F 182 -21.67 -31.04 41.25
C VAL F 182 -21.06 -32.41 40.99
N ALA F 183 -19.88 -32.42 40.36
CA ALA F 183 -19.21 -33.68 40.05
C ALA F 183 -18.83 -34.43 41.31
N GLU F 184 -18.35 -33.73 42.35
CA GLU F 184 -17.98 -34.39 43.58
C GLU F 184 -19.20 -34.85 44.36
N ALA F 185 -20.30 -34.10 44.31
CA ALA F 185 -21.53 -34.55 44.96
C ALA F 185 -22.03 -35.84 44.32
N GLN F 186 -22.13 -35.86 42.99
CA GLN F 186 -22.56 -37.07 42.32
C GLN F 186 -21.55 -38.20 42.46
N LEU F 187 -20.26 -37.86 42.57
CA LEU F 187 -19.22 -38.87 42.79
C LEU F 187 -19.40 -39.52 44.14
N SER F 188 -19.63 -38.71 45.18
CA SER F 188 -19.88 -39.26 46.51
C SER F 188 -21.13 -40.13 46.51
N ASN F 189 -22.20 -39.66 45.86
CA ASN F 189 -23.44 -40.43 45.82
C ASN F 189 -23.24 -41.77 45.13
N ILE F 190 -22.58 -41.75 43.95
CA ILE F 190 -22.40 -42.98 43.21
C ILE F 190 -21.43 -43.91 43.92
N THR F 191 -20.40 -43.36 44.56
CA THR F 191 -19.48 -44.22 45.31
C THR F 191 -20.19 -44.89 46.47
N ARG F 192 -20.99 -44.14 47.23
CA ARG F 192 -21.71 -44.74 48.34
C ARG F 192 -22.68 -45.80 47.86
N SER F 193 -23.44 -45.50 46.79
CA SER F 193 -24.40 -46.46 46.28
C SER F 193 -23.73 -47.73 45.79
N LYS F 194 -22.72 -47.59 44.92
CA LYS F 194 -22.03 -48.75 44.40
C LYS F 194 -21.35 -49.53 45.50
N LEU F 195 -20.70 -48.84 46.44
CA LEU F 195 -20.01 -49.51 47.54
C LEU F 195 -20.99 -50.34 48.36
N ARG F 196 -22.10 -49.71 48.80
CA ARG F 196 -23.06 -50.41 49.63
C ARG F 196 -23.67 -51.59 48.87
N ALA F 197 -24.12 -51.37 47.64
CA ALA F 197 -24.77 -52.43 46.88
C ALA F 197 -23.81 -53.58 46.61
N ALA F 198 -22.61 -53.26 46.11
CA ALA F 198 -21.65 -54.30 45.77
C ALA F 198 -21.23 -55.11 46.98
N PHE F 199 -20.95 -54.44 48.11
CA PHE F 199 -20.50 -55.20 49.26
C PHE F 199 -21.63 -55.93 49.97
N ASN F 200 -22.85 -55.38 49.96
CA ASN F 200 -23.98 -56.13 50.47
C ASN F 200 -24.24 -57.39 49.64
N TYR F 201 -24.17 -57.26 48.31
CA TYR F 201 -24.32 -58.43 47.45
C TYR F 201 -23.18 -59.41 47.65
N GLN F 202 -21.95 -58.91 47.83
CA GLN F 202 -20.81 -59.77 48.05
C GLN F 202 -20.94 -60.53 49.36
N PHE F 203 -21.37 -59.86 50.41
CA PHE F 203 -21.52 -60.52 51.70
C PHE F 203 -22.69 -61.50 51.68
N ASP F 204 -23.78 -61.16 51.00
CA ASP F 204 -24.87 -62.12 50.84
C ASP F 204 -24.42 -63.34 50.07
N SER F 205 -23.65 -63.14 49.00
CA SER F 205 -23.12 -64.27 48.23
C SER F 205 -22.21 -65.14 49.09
N ILE F 206 -21.31 -64.52 49.86
CA ILE F 206 -20.37 -65.32 50.63
C ILE F 206 -21.07 -66.05 51.75
N ILE F 207 -22.06 -65.43 52.40
CA ILE F 207 -22.77 -66.12 53.47
C ILE F 207 -23.61 -67.24 52.89
N GLU F 208 -24.23 -67.03 51.72
CA GLU F 208 -25.00 -68.09 51.08
C GLU F 208 -24.10 -69.27 50.73
N HIS F 209 -22.99 -69.01 50.03
CA HIS F 209 -22.09 -70.08 49.63
C HIS F 209 -21.52 -70.79 50.84
N SER F 210 -21.15 -70.03 51.89
CA SER F 210 -20.51 -70.63 53.04
C SER F 210 -21.49 -71.47 53.85
N GLU F 211 -22.70 -70.95 54.11
CA GLU F 211 -23.68 -71.74 54.84
C GLU F 211 -24.11 -72.95 54.04
N LYS F 212 -24.16 -72.83 52.70
CA LYS F 212 -24.48 -73.97 51.87
C LYS F 212 -23.38 -75.04 51.97
N ILE F 213 -22.12 -74.62 51.91
CA ILE F 213 -21.03 -75.59 51.98
C ILE F 213 -20.97 -76.20 53.39
N ALA F 214 -21.38 -75.44 54.40
CA ALA F 214 -21.44 -75.99 55.75
C ALA F 214 -22.57 -77.00 55.88
N LEU F 215 -23.70 -76.73 55.22
CA LEU F 215 -24.82 -77.66 55.20
C LEU F 215 -24.40 -78.94 54.49
N ILE F 216 -23.55 -78.80 53.49
CA ILE F 216 -22.95 -79.94 52.80
C ILE F 216 -22.01 -80.71 53.70
N ALA F 217 -21.17 -80.00 54.45
CA ALA F 217 -20.20 -80.65 55.33
C ALA F 217 -20.91 -81.41 56.45
N GLY F 218 -22.00 -80.85 56.99
CA GLY F 218 -22.75 -81.57 57.99
C GLY F 218 -23.36 -82.86 57.45
N TYR F 219 -23.90 -82.80 56.24
CA TYR F 219 -24.43 -84.01 55.61
C TYR F 219 -23.33 -85.03 55.37
N GLY F 220 -22.15 -84.56 54.96
CA GLY F 220 -21.03 -85.47 54.78
C GLY F 220 -20.59 -86.11 56.09
N LYS F 221 -20.60 -85.33 57.17
CA LYS F 221 -20.27 -85.89 58.48
C LYS F 221 -21.28 -86.95 58.89
N ALA F 222 -22.57 -86.70 58.63
CA ALA F 222 -23.59 -87.71 58.92
C ALA F 222 -23.39 -88.93 58.05
N LEU F 223 -23.00 -88.74 56.79
CA LEU F 223 -22.79 -89.85 55.87
C LEU F 223 -21.60 -90.70 56.28
N LEU F 224 -20.56 -90.08 56.85
CA LEU F 224 -19.37 -90.81 57.23
C LEU F 224 -19.64 -91.86 58.31
N GLU F 225 -20.78 -91.76 59.00
CA GLU F 225 -21.14 -92.75 60.00
C GLU F 225 -21.43 -94.13 59.41
N LEU F 226 -21.66 -94.21 58.10
CA LEU F 226 -22.05 -95.49 57.50
C LEU F 226 -20.94 -96.53 57.60
N LEU F 227 -19.70 -96.15 57.29
CA LEU F 227 -18.62 -97.11 57.35
C LEU F 227 -18.30 -97.47 58.80
N ASP F 228 -17.80 -98.69 58.99
CA ASP F 228 -17.46 -99.19 60.31
C ASP F 228 -15.97 -99.07 60.54
N ASP F 229 -15.59 -98.40 61.62
CA ASP F 229 -14.20 -98.21 61.98
C ASP F 229 -13.65 -99.31 62.87
N SER F 230 -14.47 -100.31 63.21
CA SER F 230 -14.00 -101.39 64.06
C SER F 230 -12.97 -102.23 63.31
N PRO F 231 -11.78 -102.42 63.86
CA PRO F 231 -10.76 -103.23 63.15
C PRO F 231 -11.19 -104.68 63.05
N VAL F 232 -10.73 -105.33 61.98
CA VAL F 232 -11.03 -106.73 61.72
C VAL F 232 -9.76 -107.54 61.87
N THR F 233 -9.87 -108.68 62.55
CA THR F 233 -8.73 -109.55 62.74
C THR F 233 -8.33 -110.18 61.40
N PRO F 234 -7.05 -110.49 61.22
CA PRO F 234 -6.62 -111.19 60.01
C PRO F 234 -7.28 -112.55 59.90
N GLY F 235 -7.59 -112.95 58.67
CA GLY F 235 -8.31 -114.19 58.44
C GLY F 235 -9.69 -113.95 57.88
N GLU F 236 -10.71 -114.16 58.72
CA GLU F 236 -12.09 -114.02 58.28
C GLU F 236 -12.38 -112.58 57.84
N THR F 237 -13.41 -112.44 57.01
CA THR F 237 -13.80 -111.17 56.43
C THR F 237 -15.08 -110.68 57.08
N ARG F 238 -15.15 -109.36 57.31
CA ARG F 238 -16.32 -108.76 57.92
C ARG F 238 -17.53 -108.89 57.00
N PRO F 239 -18.74 -108.84 57.55
CA PRO F 239 -19.94 -108.96 56.72
C PRO F 239 -20.01 -107.84 55.68
N ALA F 240 -20.60 -108.18 54.54
CA ALA F 240 -20.65 -107.25 53.41
C ALA F 240 -21.47 -106.02 53.75
N TYR F 241 -21.13 -104.91 53.10
CA TYR F 241 -21.77 -103.63 53.35
C TYR F 241 -23.02 -103.50 52.48
N ASP F 242 -24.19 -103.40 53.12
CA ASP F 242 -25.46 -103.29 52.43
C ASP F 242 -26.11 -101.93 52.62
N GLY F 243 -25.35 -100.93 53.05
CA GLY F 243 -25.91 -99.62 53.32
C GLY F 243 -25.95 -98.72 52.11
N TYR F 244 -26.09 -99.31 50.92
CA TYR F 244 -26.22 -98.51 49.70
C TYR F 244 -27.47 -97.66 49.74
N GLU F 245 -28.59 -98.25 50.20
CA GLU F 245 -29.85 -97.51 50.26
C GLU F 245 -29.75 -96.34 51.24
N ALA F 246 -29.08 -96.55 52.37
CA ALA F 246 -28.93 -95.46 53.34
C ALA F 246 -28.11 -94.31 52.76
N SER F 247 -27.01 -94.63 52.08
CA SER F 247 -26.20 -93.58 51.47
C SER F 247 -26.96 -92.85 50.38
N LYS F 248 -27.71 -93.58 49.55
CA LYS F 248 -28.49 -92.93 48.51
C LYS F 248 -29.58 -92.05 49.12
N GLN F 249 -30.20 -92.50 50.20
CA GLN F 249 -31.20 -91.68 50.89
C GLN F 249 -30.56 -90.41 51.47
N ILE F 250 -29.36 -90.54 52.02
CA ILE F 250 -28.66 -89.38 52.56
C ILE F 250 -28.36 -88.37 51.46
N ILE F 251 -27.86 -88.86 50.32
CA ILE F 251 -27.56 -87.93 49.22
C ILE F 251 -28.84 -87.34 48.65
N ILE F 252 -29.94 -88.09 48.63
CA ILE F 252 -31.21 -87.57 48.15
C ILE F 252 -31.71 -86.46 49.06
N ASP F 253 -31.63 -86.68 50.38
CA ASP F 253 -32.05 -85.66 51.32
C ASP F 253 -31.15 -84.43 51.24
N ALA F 254 -29.85 -84.63 51.01
CA ALA F 254 -28.94 -83.52 50.82
C ALA F 254 -29.31 -82.71 49.59
N GLU F 255 -29.64 -83.39 48.49
CA GLU F 255 -30.09 -82.69 47.29
C GLU F 255 -31.38 -81.92 47.54
N SER F 256 -32.31 -82.54 48.29
CA SER F 256 -33.58 -81.89 48.57
C SER F 256 -33.38 -80.63 49.40
N ALA F 257 -32.54 -80.70 50.44
CA ALA F 257 -32.26 -79.52 51.24
C ALA F 257 -31.47 -78.48 50.44
N LEU F 258 -30.64 -78.94 49.51
CA LEU F 258 -29.89 -78.03 48.64
C LEU F 258 -30.83 -77.22 47.76
N ASN F 259 -31.77 -77.90 47.11
CA ASN F 259 -32.72 -77.21 46.25
C ASN F 259 -33.69 -76.35 47.06
N GLU F 260 -34.06 -76.81 48.25
CA GLU F 260 -34.99 -76.08 49.09
C GLU F 260 -34.36 -74.86 49.75
N TRP F 261 -33.03 -74.78 49.77
CA TRP F 261 -32.36 -73.68 50.45
C TRP F 261 -32.73 -72.34 49.82
N THR F 262 -33.03 -71.37 50.67
CA THR F 262 -33.36 -70.02 50.22
C THR F 262 -32.88 -69.03 51.26
N LEU F 263 -32.85 -67.75 50.86
CA LEU F 263 -32.41 -66.70 51.78
C LEU F 263 -33.31 -66.62 52.99
N ASP F 264 -34.61 -66.88 52.82
CA ASP F 264 -35.52 -66.90 53.97
C ASP F 264 -35.13 -68.01 54.93
N SER F 265 -34.79 -69.19 54.42
CA SER F 265 -34.38 -70.31 55.25
C SER F 265 -32.88 -70.25 55.57
N ALA F 266 -32.44 -69.10 56.07
CA ALA F 266 -31.06 -68.89 56.47
C ALA F 266 -30.98 -69.13 57.98
N GLN F 267 -30.68 -70.38 58.35
CA GLN F 267 -30.64 -70.75 59.76
C GLN F 267 -29.46 -70.13 60.49
N VAL F 268 -28.49 -69.55 59.78
CA VAL F 268 -27.42 -68.83 60.43
C VAL F 268 -27.96 -67.50 60.97
N LYS F 269 -27.71 -67.24 62.25
CA LYS F 269 -28.28 -66.05 62.87
C LYS F 269 -27.23 -65.32 63.73
N PRO F 270 -26.98 -64.05 63.46
CA PRO F 270 -26.09 -63.27 64.32
C PRO F 270 -26.79 -62.86 65.60
N THR F 271 -26.00 -62.31 66.53
CA THR F 271 -26.54 -61.86 67.80
C THR F 271 -25.85 -60.57 68.26
N MET G 1 -40.32 -113.16 0.81
CA MET G 1 -40.96 -114.44 1.08
C MET G 1 -42.45 -114.24 1.34
N HIS G 2 -42.82 -113.03 1.74
CA HIS G 2 -44.21 -112.69 2.04
C HIS G 2 -45.01 -112.36 0.79
N ARG G 3 -44.42 -112.51 -0.40
CA ARG G 3 -45.12 -112.18 -1.63
C ARG G 3 -46.30 -113.12 -1.84
N THR G 4 -47.35 -112.59 -2.46
CA THR G 4 -48.55 -113.36 -2.71
C THR G 4 -48.34 -114.32 -3.88
N TYR G 5 -49.37 -115.08 -4.21
CA TYR G 5 -49.31 -116.05 -5.30
C TYR G 5 -49.65 -115.38 -6.62
N SER G 6 -48.74 -114.51 -7.05
CA SER G 6 -48.88 -113.79 -8.30
C SER G 6 -47.52 -113.76 -8.99
N LEU G 7 -47.42 -112.95 -10.04
CA LEU G 7 -46.19 -112.84 -10.81
C LEU G 7 -45.31 -111.70 -10.32
N ARG G 8 -45.73 -111.00 -9.28
CA ARG G 8 -45.06 -109.82 -8.77
C ARG G 8 -44.45 -110.14 -7.41
N ASN G 9 -43.28 -109.57 -7.14
CA ASN G 9 -42.67 -109.69 -5.80
C ASN G 9 -43.27 -108.62 -4.88
N SER G 10 -44.58 -108.71 -4.70
CA SER G 10 -45.33 -107.81 -3.83
C SER G 10 -45.82 -108.58 -2.62
N ARG G 11 -45.38 -108.16 -1.43
CA ARG G 11 -45.75 -108.85 -0.21
C ARG G 11 -47.23 -108.63 0.10
N ALA G 12 -47.84 -109.64 0.71
CA ALA G 12 -49.24 -109.55 1.10
C ALA G 12 -49.40 -108.47 2.17
N PRO G 13 -50.30 -107.50 1.98
CA PRO G 13 -50.45 -106.43 2.97
C PRO G 13 -51.05 -106.95 4.27
N THR G 14 -50.44 -106.59 5.39
CA THR G 14 -50.96 -106.96 6.70
C THR G 14 -52.05 -105.97 7.12
N ALA G 15 -52.66 -106.23 8.28
CA ALA G 15 -53.73 -105.37 8.76
C ALA G 15 -53.27 -103.92 8.93
N SER G 16 -52.00 -103.73 9.31
CA SER G 16 -51.46 -102.37 9.40
C SER G 16 -51.45 -101.70 8.04
N GLN G 17 -51.11 -102.44 6.98
CA GLN G 17 -51.09 -101.87 5.64
C GLN G 17 -52.50 -101.45 5.21
N LEU G 18 -53.51 -102.26 5.53
CA LEU G 18 -54.88 -101.86 5.24
C LEU G 18 -55.28 -100.64 6.06
N GLN G 19 -54.86 -100.58 7.32
CA GLN G 19 -55.20 -99.43 8.16
C GLN G 19 -54.59 -98.15 7.62
N ASN G 20 -53.30 -98.18 7.28
CA ASN G 20 -52.63 -97.03 6.69
C ASN G 20 -51.85 -97.51 5.46
N PRO G 21 -52.07 -96.91 4.30
CA PRO G 21 -51.43 -97.40 3.09
C PRO G 21 -49.92 -97.26 3.18
N PRO G 22 -49.17 -98.16 2.54
CA PRO G 22 -47.72 -98.06 2.60
C PRO G 22 -47.23 -96.79 1.92
N PRO G 23 -46.14 -96.19 2.40
CA PRO G 23 -45.62 -94.98 1.79
C PRO G 23 -44.88 -95.31 0.50
N PRO G 24 -44.64 -94.32 -0.36
CA PRO G 24 -43.87 -94.55 -1.58
C PRO G 24 -42.44 -94.94 -1.26
N PRO G 25 -41.75 -95.62 -2.18
CA PRO G 25 -40.37 -96.04 -1.89
C PRO G 25 -39.46 -94.85 -1.66
N SER G 26 -38.45 -95.07 -0.82
CA SER G 26 -37.56 -93.99 -0.42
C SER G 26 -36.78 -93.43 -1.61
N THR G 27 -36.56 -92.13 -1.58
CA THR G 27 -35.81 -91.42 -2.62
C THR G 27 -34.32 -91.40 -2.34
N THR G 28 -33.86 -92.05 -1.27
CA THR G 28 -32.45 -92.06 -0.89
C THR G 28 -31.66 -93.13 -1.65
N LYS G 29 -32.30 -93.88 -2.54
CA LYS G 29 -31.61 -94.91 -3.31
C LYS G 29 -30.57 -94.27 -4.23
N GLY G 30 -29.30 -94.43 -3.89
CA GLY G 30 -28.23 -93.86 -4.70
C GLY G 30 -27.68 -94.83 -5.72
N ARG G 31 -27.02 -94.27 -6.73
CA ARG G 31 -26.39 -95.06 -7.78
C ARG G 31 -25.04 -95.56 -7.28
N PHE G 32 -25.09 -96.66 -6.52
CA PHE G 32 -23.89 -97.21 -5.90
C PHE G 32 -24.11 -98.70 -5.68
N PHE G 33 -23.01 -99.41 -5.41
CA PHE G 33 -23.07 -100.85 -5.18
C PHE G 33 -23.87 -101.19 -3.92
N GLY G 34 -23.88 -100.30 -2.94
CA GLY G 34 -24.57 -100.57 -1.69
C GLY G 34 -23.81 -101.43 -0.71
N LYS G 35 -22.51 -101.62 -0.93
CA LYS G 35 -21.68 -102.41 -0.01
C LYS G 35 -20.54 -101.58 0.57
N GLY G 36 -20.69 -100.26 0.61
CA GLY G 36 -19.63 -99.41 1.14
C GLY G 36 -18.48 -99.16 0.19
N GLY G 37 -18.64 -99.46 -1.09
CA GLY G 37 -17.58 -99.26 -2.05
C GLY G 37 -16.57 -100.39 -2.04
N LEU G 38 -15.54 -100.23 -2.88
CA LEU G 38 -14.49 -101.23 -2.96
C LEU G 38 -13.67 -101.31 -1.68
N ALA G 39 -13.56 -100.19 -0.96
CA ALA G 39 -12.83 -100.20 0.31
C ALA G 39 -13.49 -101.13 1.32
N TYR G 40 -14.82 -101.07 1.43
CA TYR G 40 -15.54 -101.95 2.35
C TYR G 40 -15.81 -103.33 1.75
N SER G 41 -15.69 -103.48 0.44
CA SER G 41 -15.82 -104.78 -0.21
C SER G 41 -14.49 -105.52 -0.28
N PHE G 42 -13.39 -104.87 0.08
CA PHE G 42 -12.10 -105.56 0.13
C PHE G 42 -12.13 -106.70 1.15
N ARG G 43 -12.74 -106.45 2.31
CA ARG G 43 -12.88 -107.51 3.31
C ARG G 43 -13.73 -108.66 2.78
N ARG G 44 -14.83 -108.34 2.10
CA ARG G 44 -15.69 -109.37 1.55
C ARG G 44 -14.95 -110.21 0.52
N SER G 45 -14.17 -109.56 -0.35
CA SER G 45 -13.38 -110.30 -1.33
C SER G 45 -12.32 -111.16 -0.65
N ALA G 46 -11.65 -110.61 0.37
CA ALA G 46 -10.63 -111.38 1.08
C ALA G 46 -11.20 -112.55 1.84
N ALA G 47 -12.49 -112.48 2.21
CA ALA G 47 -13.15 -113.65 2.80
C ALA G 47 -13.19 -114.82 1.82
N GLY G 48 -13.50 -114.53 0.55
CA GLY G 48 -13.45 -115.53 -0.49
C GLY G 48 -12.07 -115.63 -1.11
N ALA G 49 -11.15 -116.25 -0.40
CA ALA G 49 -9.75 -116.28 -0.80
C ALA G 49 -9.15 -117.60 -0.34
N PHE G 50 -7.82 -117.68 -0.31
CA PHE G 50 -7.12 -118.93 -0.04
C PHE G 50 -7.34 -119.36 1.42
N GLY G 51 -8.45 -120.04 1.67
CA GLY G 51 -8.76 -120.54 2.99
C GLY G 51 -8.89 -122.04 3.01
N PRO G 52 -9.37 -122.59 4.12
CA PRO G 52 -9.52 -124.05 4.23
C PRO G 52 -10.71 -124.59 3.43
N GLU G 53 -11.36 -123.72 2.64
CA GLU G 53 -12.40 -124.07 1.69
C GLU G 53 -13.64 -124.65 2.39
N LEU G 54 -13.56 -124.83 3.71
CA LEU G 54 -14.69 -125.29 4.50
C LEU G 54 -15.29 -124.17 5.33
N SER G 55 -14.48 -123.48 6.11
CA SER G 55 -14.94 -122.30 6.84
C SER G 55 -14.94 -121.05 5.99
N ARG G 56 -14.71 -121.18 4.69
CA ARG G 56 -14.75 -120.02 3.79
C ARG G 56 -16.11 -119.33 3.87
N LYS G 57 -17.19 -120.09 3.79
CA LYS G 57 -18.52 -119.51 3.91
C LYS G 57 -18.73 -118.93 5.31
N LEU G 58 -18.29 -119.64 6.34
CA LEU G 58 -18.48 -119.16 7.70
C LEU G 58 -17.63 -117.92 7.97
N SER G 59 -16.39 -117.90 7.48
CA SER G 59 -15.57 -116.71 7.62
C SER G 59 -16.16 -115.53 6.86
N GLN G 60 -16.70 -115.79 5.67
CA GLN G 60 -17.37 -114.73 4.93
C GLN G 60 -18.56 -114.20 5.70
N LEU G 61 -19.34 -115.09 6.33
CA LEU G 61 -20.47 -114.65 7.13
C LEU G 61 -20.00 -113.82 8.31
N VAL G 62 -18.89 -114.23 8.95
CA VAL G 62 -18.37 -113.49 10.10
C VAL G 62 -17.94 -112.08 9.68
N LYS G 63 -17.26 -111.98 8.54
CA LYS G 63 -16.80 -110.67 8.09
C LYS G 63 -17.96 -109.80 7.63
N ILE G 64 -18.99 -110.42 7.05
CA ILE G 64 -20.20 -109.69 6.71
C ILE G 64 -20.87 -109.18 7.99
N GLU G 65 -20.86 -109.99 9.04
CA GLU G 65 -21.41 -109.56 10.33
C GLU G 65 -20.59 -108.41 10.89
N LYS G 66 -19.28 -108.43 10.67
CA LYS G 66 -18.45 -107.28 11.05
C LYS G 66 -18.86 -106.03 10.29
N ASN G 67 -19.15 -106.16 9.00
CA ASN G 67 -19.67 -105.01 8.27
C ASN G 67 -21.00 -104.54 8.85
N VAL G 68 -21.86 -105.48 9.23
CA VAL G 68 -23.11 -105.14 9.89
C VAL G 68 -22.83 -104.32 11.13
N LEU G 69 -21.86 -104.77 11.92
CA LEU G 69 -21.53 -104.12 13.19
C LEU G 69 -20.99 -102.72 12.95
N ARG G 70 -20.13 -102.57 11.93
CA ARG G 70 -19.58 -101.26 11.61
C ARG G 70 -20.67 -100.30 11.15
N SER G 71 -21.59 -100.77 10.31
CA SER G 71 -22.69 -99.92 9.87
C SER G 71 -23.59 -99.52 11.05
N MET G 72 -23.87 -100.46 11.96
CA MET G 72 -24.69 -100.14 13.12
C MET G 72 -23.98 -99.15 14.02
N GLU G 73 -22.66 -99.29 14.17
CA GLU G 73 -21.89 -98.33 14.94
C GLU G 73 -21.95 -96.96 14.29
N LEU G 74 -21.92 -96.92 12.96
CA LEU G 74 -22.04 -95.66 12.24
C LEU G 74 -23.38 -95.00 12.48
N THR G 75 -24.46 -95.79 12.50
CA THR G 75 -25.79 -95.21 12.66
C THR G 75 -26.17 -94.98 14.11
N ALA G 76 -25.38 -95.48 15.07
CA ALA G 76 -25.67 -95.20 16.47
C ALA G 76 -25.07 -93.89 16.93
N ASN G 77 -23.76 -93.72 16.73
CA ASN G 77 -23.09 -92.48 17.12
C ASN G 77 -23.67 -91.30 16.35
N GLU G 78 -23.90 -91.47 15.05
CA GLU G 78 -24.40 -90.36 14.26
C GLU G 78 -25.89 -90.13 14.52
N ARG G 79 -26.64 -91.14 14.98
CA ARG G 79 -28.00 -90.89 15.46
C ARG G 79 -28.01 -90.08 16.75
N ARG G 80 -27.10 -90.39 17.67
CA ARG G 80 -27.04 -89.57 18.89
C ARG G 80 -26.58 -88.16 18.55
N ASP G 81 -25.74 -88.01 17.52
CA ASP G 81 -25.43 -86.69 16.99
C ASP G 81 -26.69 -86.00 16.48
N ALA G 82 -27.55 -86.76 15.79
CA ALA G 82 -28.81 -86.19 15.32
C ALA G 82 -29.67 -85.72 16.47
N ALA G 83 -29.71 -86.49 17.56
CA ALA G 83 -30.47 -86.08 18.74
C ALA G 83 -29.90 -84.79 19.33
N LYS G 84 -28.58 -84.70 19.43
CA LYS G 84 -27.96 -83.48 19.92
C LYS G 84 -28.32 -82.29 19.03
N GLN G 85 -28.29 -82.49 17.72
CA GLN G 85 -28.63 -81.43 16.79
C GLN G 85 -30.09 -81.03 16.92
N LEU G 86 -30.97 -82.00 17.17
CA LEU G 86 -32.37 -81.69 17.39
C LEU G 86 -32.57 -80.83 18.64
N SER G 87 -31.86 -81.16 19.71
CA SER G 87 -31.94 -80.33 20.91
C SER G 87 -31.42 -78.93 20.64
N ILE G 88 -30.31 -78.83 19.90
CA ILE G 88 -29.74 -77.52 19.57
C ILE G 88 -30.73 -76.70 18.76
N TRP G 89 -31.41 -77.34 17.80
CA TRP G 89 -32.41 -76.64 17.01
C TRP G 89 -33.59 -76.20 17.87
N GLY G 90 -34.03 -77.05 18.79
CA GLY G 90 -35.14 -76.69 19.64
C GLY G 90 -34.80 -75.70 20.73
N LEU G 91 -33.51 -75.39 20.89
CA LEU G 91 -33.11 -74.38 21.85
C LEU G 91 -33.90 -73.08 21.69
N GLU G 92 -33.98 -72.58 20.46
CA GLU G 92 -34.65 -71.31 20.18
C GLU G 92 -36.00 -71.59 19.56
N ASN G 93 -37.00 -71.81 20.40
CA ASN G 93 -38.35 -72.09 19.95
C ASN G 93 -39.31 -71.82 21.11
N ASP G 94 -40.56 -72.25 20.96
CA ASP G 94 -41.52 -72.09 22.03
C ASP G 94 -41.12 -72.94 23.24
N ASP G 95 -41.55 -72.50 24.42
CA ASP G 95 -41.16 -73.18 25.65
C ASP G 95 -41.65 -74.62 25.66
N ASP G 96 -42.93 -74.83 25.32
CA ASP G 96 -43.44 -76.19 25.21
C ASP G 96 -42.72 -76.97 24.12
N VAL G 97 -42.49 -76.32 22.97
CA VAL G 97 -41.77 -76.98 21.89
C VAL G 97 -40.35 -77.32 22.32
N SER G 98 -39.68 -76.39 22.99
CA SER G 98 -38.31 -76.64 23.43
C SER G 98 -38.25 -77.81 24.42
N ASP G 99 -39.16 -77.81 25.40
CA ASP G 99 -39.17 -78.89 26.38
C ASP G 99 -39.47 -80.23 25.73
N ILE G 100 -40.47 -80.27 24.85
CA ILE G 100 -40.86 -81.54 24.25
C ILE G 100 -39.78 -82.05 23.31
N THR G 101 -39.10 -81.15 22.59
CA THR G 101 -38.04 -81.59 21.70
C THR G 101 -36.80 -82.02 22.47
N ASP G 102 -36.54 -81.40 23.62
CA ASP G 102 -35.44 -81.87 24.47
C ASP G 102 -35.75 -83.26 25.01
N LYS G 103 -37.01 -83.51 25.38
CA LYS G 103 -37.37 -84.84 25.87
C LYS G 103 -37.30 -85.88 24.75
N LEU G 104 -37.71 -85.51 23.53
CA LEU G 104 -37.52 -86.42 22.40
C LEU G 104 -36.04 -86.68 22.14
N GLY G 105 -35.22 -85.65 22.28
CA GLY G 105 -33.79 -85.84 22.11
C GLY G 105 -33.20 -86.79 23.13
N VAL G 106 -33.63 -86.67 24.38
CA VAL G 106 -33.11 -87.58 25.39
C VAL G 106 -33.62 -88.99 25.16
N LEU G 107 -34.86 -89.14 24.67
CA LEU G 107 -35.35 -90.46 24.31
C LEU G 107 -34.54 -91.07 23.18
N ILE G 108 -34.18 -90.27 22.17
CA ILE G 108 -33.32 -90.76 21.10
C ILE G 108 -31.94 -91.11 21.63
N TYR G 109 -31.45 -90.36 22.61
CA TYR G 109 -30.17 -90.71 23.24
C TYR G 109 -30.27 -92.06 23.93
N GLU G 110 -31.38 -92.31 24.63
CA GLU G 110 -31.60 -93.64 25.19
C GLU G 110 -31.61 -94.70 24.09
N VAL G 111 -32.25 -94.38 22.97
CA VAL G 111 -32.28 -95.29 21.83
C VAL G 111 -30.87 -95.63 21.37
N SER G 112 -30.02 -94.61 21.26
CA SER G 112 -28.64 -94.83 20.81
C SER G 112 -27.85 -95.66 21.83
N GLU G 113 -28.08 -95.43 23.12
CA GLU G 113 -27.39 -96.22 24.13
C GLU G 113 -27.81 -97.68 24.07
N LEU G 114 -29.11 -97.93 23.90
CA LEU G 114 -29.59 -99.29 23.73
C LEU G 114 -29.03 -99.91 22.46
N ASP G 115 -28.88 -99.11 21.41
CA ASP G 115 -28.24 -99.60 20.19
C ASP G 115 -26.80 -100.01 20.44
N ASP G 116 -26.07 -99.23 21.25
CA ASP G 116 -24.69 -99.58 21.57
C ASP G 116 -24.63 -100.88 22.36
N GLN G 117 -25.54 -101.05 23.32
CA GLN G 117 -25.58 -102.32 24.06
C GLN G 117 -25.91 -103.49 23.13
N PHE G 118 -26.85 -103.29 22.21
CA PHE G 118 -27.16 -104.30 21.21
C PHE G 118 -25.95 -104.60 20.35
N ILE G 119 -25.13 -103.58 20.07
CA ILE G 119 -23.90 -103.78 19.31
C ILE G 119 -22.92 -104.65 20.09
N ASP G 120 -22.81 -104.41 21.38
CA ASP G 120 -21.91 -105.25 22.19
C ASP G 120 -22.39 -106.70 22.21
N ARG G 121 -23.71 -106.92 22.36
CA ARG G 121 -24.23 -108.28 22.32
C ARG G 121 -24.06 -108.89 20.93
N TYR G 122 -24.17 -108.06 19.89
CA TYR G 122 -23.90 -108.51 18.54
C TYR G 122 -22.45 -108.95 18.39
N ASP G 123 -21.53 -108.24 19.05
CA ASP G 123 -20.13 -108.64 19.02
C ASP G 123 -19.93 -109.96 19.77
N GLN G 124 -20.69 -110.18 20.84
CA GLN G 124 -20.66 -111.50 21.48
C GLN G 124 -21.10 -112.59 20.52
N TYR G 125 -22.19 -112.34 19.78
CA TYR G 125 -22.65 -113.27 18.77
C TYR G 125 -21.57 -113.52 17.72
N ARG G 126 -20.94 -112.45 17.25
CA ARG G 126 -19.91 -112.56 16.22
C ARG G 126 -18.69 -113.30 16.75
N LEU G 127 -18.37 -113.13 18.03
CA LEU G 127 -17.22 -113.84 18.60
C LEU G 127 -17.52 -115.33 18.73
N THR G 128 -18.75 -115.68 19.12
CA THR G 128 -19.11 -117.09 19.14
C THR G 128 -19.03 -117.70 17.74
N LEU G 129 -19.49 -116.96 16.74
CA LEU G 129 -19.37 -117.45 15.37
C LEU G 129 -17.92 -117.51 14.91
N LYS G 130 -17.08 -116.60 15.40
CA LYS G 130 -15.65 -116.69 15.11
C LYS G 130 -15.06 -117.97 15.70
N SER G 131 -15.46 -118.30 16.92
CA SER G 131 -14.99 -119.53 17.55
C SER G 131 -15.41 -120.75 16.75
N ILE G 132 -16.67 -120.80 16.33
CA ILE G 132 -17.12 -121.96 15.55
C ILE G 132 -16.42 -122.02 14.20
N ARG G 133 -16.18 -120.85 13.59
CA ARG G 133 -15.44 -120.81 12.33
C ARG G 133 -14.03 -121.35 12.51
N ASP G 134 -13.38 -120.97 13.62
CA ASP G 134 -11.99 -121.38 13.81
C ASP G 134 -11.88 -122.87 14.12
N ILE G 135 -12.82 -123.43 14.89
CA ILE G 135 -12.75 -124.87 15.14
C ILE G 135 -13.04 -125.63 13.85
N GLU G 136 -13.99 -125.14 13.04
CA GLU G 136 -14.25 -125.81 11.76
C GLU G 136 -13.03 -125.73 10.84
N GLY G 137 -12.36 -124.59 10.80
CA GLY G 137 -11.15 -124.46 10.02
C GLY G 137 -10.03 -125.35 10.51
N SER G 138 -9.94 -125.55 11.83
CA SER G 138 -8.93 -126.46 12.37
C SER G 138 -9.27 -127.91 12.10
N VAL G 139 -10.55 -128.25 11.97
CA VAL G 139 -10.93 -129.64 11.72
C VAL G 139 -10.91 -129.99 10.24
N GLN G 140 -10.96 -128.99 9.35
CA GLN G 140 -10.91 -129.27 7.92
C GLN G 140 -9.65 -130.02 7.46
N PRO G 141 -8.43 -129.66 7.90
CA PRO G 141 -7.25 -130.37 7.37
C PRO G 141 -7.27 -131.86 7.61
N SER G 142 -7.99 -132.33 8.63
CA SER G 142 -8.13 -133.77 8.83
C SER G 142 -8.77 -134.42 7.60
N ARG G 143 -9.91 -133.89 7.17
CA ARG G 143 -10.58 -134.46 6.01
C ARG G 143 -9.79 -134.19 4.72
N ASP G 144 -9.08 -133.07 4.67
CA ASP G 144 -8.23 -132.80 3.51
C ASP G 144 -7.15 -133.88 3.38
N ARG G 145 -6.48 -134.19 4.48
CA ARG G 145 -5.48 -135.25 4.48
C ARG G 145 -6.10 -136.60 4.18
N LYS G 146 -7.31 -136.84 4.68
CA LYS G 146 -8.01 -138.09 4.38
C LYS G 146 -8.24 -138.23 2.87
N ASP G 147 -8.71 -137.16 2.23
CA ASP G 147 -8.96 -137.20 0.79
C ASP G 147 -7.66 -137.42 0.03
N LYS G 148 -6.60 -136.71 0.43
CA LYS G 148 -5.32 -136.88 -0.25
C LYS G 148 -4.80 -138.32 -0.11
N ILE G 149 -4.92 -138.88 1.10
CA ILE G 149 -4.43 -140.23 1.35
C ILE G 149 -5.22 -141.25 0.54
N THR G 150 -6.55 -141.11 0.49
CA THR G 150 -7.34 -142.07 -0.26
C THR G 150 -7.05 -141.96 -1.76
N ASP G 151 -6.84 -140.76 -2.27
CA ASP G 151 -6.46 -140.62 -3.68
C ASP G 151 -5.11 -141.29 -3.96
N LYS G 152 -4.13 -141.05 -3.08
CA LYS G 152 -2.82 -141.62 -3.30
C LYS G 152 -2.84 -143.14 -3.19
N ILE G 153 -3.62 -143.68 -2.25
CA ILE G 153 -3.69 -145.14 -2.11
C ILE G 153 -4.43 -145.75 -3.29
N ALA G 154 -5.42 -145.04 -3.84
CA ALA G 154 -6.07 -145.53 -5.06
C ALA G 154 -5.09 -145.58 -6.22
N TYR G 155 -4.28 -144.53 -6.37
CA TYR G 155 -3.28 -144.54 -7.43
C TYR G 155 -2.27 -145.66 -7.23
N LEU G 156 -1.82 -145.87 -5.99
CA LEU G 156 -0.86 -146.91 -5.71
C LEU G 156 -1.45 -148.30 -5.96
N LYS G 157 -2.73 -148.49 -5.62
CA LYS G 157 -3.42 -149.72 -5.96
C LYS G 157 -3.48 -149.91 -7.47
N TYR G 158 -3.69 -148.83 -8.22
CA TYR G 158 -3.64 -148.91 -9.67
C TYR G 158 -2.27 -149.40 -10.13
N LYS G 159 -1.20 -148.88 -9.53
CA LYS G 159 0.15 -149.23 -9.99
C LYS G 159 0.44 -150.72 -9.77
N ASP G 160 0.17 -151.23 -8.58
CA ASP G 160 0.44 -152.63 -8.28
C ASP G 160 -0.42 -153.05 -7.09
N PRO G 161 -0.62 -154.35 -6.88
CA PRO G 161 -1.40 -154.82 -5.72
C PRO G 161 -0.59 -155.25 -4.50
N GLN G 162 0.73 -155.06 -4.49
CA GLN G 162 1.52 -155.61 -3.39
C GLN G 162 2.63 -154.67 -2.90
N SER G 163 2.55 -153.37 -3.20
CA SER G 163 3.54 -152.46 -2.65
C SER G 163 3.41 -152.38 -1.14
N PRO G 164 4.52 -152.46 -0.40
CA PRO G 164 4.44 -152.26 1.06
C PRO G 164 3.89 -150.89 1.42
N LYS G 165 4.21 -149.89 0.60
CA LYS G 165 3.70 -148.54 0.82
C LYS G 165 2.18 -148.53 0.83
N ILE G 166 1.57 -149.38 0.01
CA ILE G 166 0.11 -149.49 -0.04
C ILE G 166 -0.43 -149.91 1.31
N GLU G 167 0.11 -150.99 1.87
CA GLU G 167 -0.41 -151.49 3.13
C GLU G 167 -0.11 -150.51 4.27
N VAL G 168 1.03 -149.83 4.21
CA VAL G 168 1.37 -148.88 5.25
C VAL G 168 0.39 -147.70 5.24
N LEU G 169 0.08 -147.17 4.04
CA LEU G 169 -0.88 -146.08 3.97
C LEU G 169 -2.29 -146.54 4.27
N GLU G 170 -2.63 -147.80 4.00
CA GLU G 170 -3.93 -148.31 4.43
C GLU G 170 -4.00 -148.37 5.96
N GLN G 171 -2.91 -148.79 6.59
CA GLN G 171 -2.87 -148.85 8.05
C GLN G 171 -2.92 -147.45 8.66
N GLU G 172 -2.31 -146.48 8.00
CA GLU G 172 -2.41 -145.11 8.49
C GLU G 172 -3.79 -144.51 8.19
N LEU G 173 -4.44 -144.96 7.10
CA LEU G 173 -5.74 -144.43 6.74
C LEU G 173 -6.83 -144.98 7.65
N VAL G 174 -6.69 -146.21 8.14
CA VAL G 174 -7.68 -146.68 9.10
C VAL G 174 -7.59 -145.90 10.41
N ARG G 175 -6.40 -145.41 10.76
CA ARG G 175 -6.27 -144.50 11.90
C ARG G 175 -6.87 -143.14 11.58
N ALA G 176 -6.58 -142.62 10.38
CA ALA G 176 -7.09 -141.32 9.98
C ALA G 176 -8.61 -141.32 9.92
N GLU G 177 -9.21 -142.44 9.50
CA GLU G 177 -10.66 -142.53 9.44
C GLU G 177 -11.27 -142.45 10.84
N ALA G 178 -10.69 -143.17 11.81
CA ALA G 178 -11.21 -143.11 13.17
C ALA G 178 -11.04 -141.72 13.76
N GLU G 179 -9.87 -141.10 13.55
CA GLU G 179 -9.66 -139.76 14.08
C GLU G 179 -10.58 -138.75 13.40
N SER G 180 -10.87 -138.95 12.11
CA SER G 180 -11.79 -138.06 11.41
C SER G 180 -13.23 -138.27 11.86
N LEU G 181 -13.59 -139.51 12.18
CA LEU G 181 -14.92 -139.77 12.74
C LEU G 181 -15.09 -139.07 14.07
N VAL G 182 -14.08 -139.18 14.94
CA VAL G 182 -14.13 -138.49 16.23
C VAL G 182 -14.17 -136.98 16.03
N ALA G 183 -13.35 -136.49 15.10
CA ALA G 183 -13.29 -135.06 14.84
C ALA G 183 -14.61 -134.53 14.31
N GLU G 184 -15.26 -135.29 13.42
CA GLU G 184 -16.54 -134.85 12.88
C GLU G 184 -17.65 -134.96 13.91
N ALA G 185 -17.61 -135.97 14.78
CA ALA G 185 -18.60 -136.05 15.84
C ALA G 185 -18.49 -134.85 16.78
N GLN G 186 -17.27 -134.55 17.24
CA GLN G 186 -17.10 -133.39 18.10
C GLN G 186 -17.36 -132.09 17.36
N LEU G 187 -17.09 -132.06 16.05
CA LEU G 187 -17.38 -130.88 15.25
C LEU G 187 -18.88 -130.64 15.18
N SER G 188 -19.65 -131.69 14.93
CA SER G 188 -21.11 -131.56 14.92
C SER G 188 -21.62 -131.12 16.28
N ASN G 189 -21.09 -131.70 17.36
CA ASN G 189 -21.54 -131.34 18.69
C ASN G 189 -21.25 -129.88 18.98
N ILE G 190 -20.02 -129.43 18.71
CA ILE G 190 -19.65 -128.06 19.01
C ILE G 190 -20.39 -127.08 18.12
N THR G 191 -20.62 -127.44 16.85
CA THR G 191 -21.37 -126.56 15.98
C THR G 191 -22.80 -126.41 16.46
N ARG G 192 -23.45 -127.52 16.83
CA ARG G 192 -24.81 -127.43 17.33
C ARG G 192 -24.87 -126.61 18.61
N SER G 193 -23.95 -126.84 19.54
CA SER G 193 -23.97 -126.12 20.81
C SER G 193 -23.73 -124.63 20.59
N LYS G 194 -22.68 -124.27 19.85
CA LYS G 194 -22.38 -122.87 19.61
C LYS G 194 -23.51 -122.20 18.83
N LEU G 195 -24.05 -122.88 17.82
CA LEU G 195 -25.13 -122.31 17.02
C LEU G 195 -26.34 -122.02 17.89
N ARG G 196 -26.80 -123.01 18.66
CA ARG G 196 -27.98 -122.83 19.50
C ARG G 196 -27.75 -121.74 20.53
N ALA G 197 -26.61 -121.79 21.24
CA ALA G 197 -26.37 -120.82 22.29
C ALA G 197 -26.26 -119.41 21.73
N ALA G 198 -25.46 -119.24 20.67
CA ALA G 198 -25.24 -117.93 20.10
C ALA G 198 -26.53 -117.34 19.54
N PHE G 199 -27.32 -118.14 18.84
CA PHE G 199 -28.53 -117.57 18.26
C PHE G 199 -29.64 -117.39 19.28
N ASN G 200 -29.71 -118.24 20.31
CA ASN G 200 -30.65 -117.98 21.39
C ASN G 200 -30.30 -116.70 22.12
N TYR G 201 -29.01 -116.49 22.41
CA TYR G 201 -28.57 -115.25 23.05
C TYR G 201 -28.83 -114.06 22.14
N GLN G 202 -28.58 -114.21 20.84
CA GLN G 202 -28.82 -113.13 19.88
C GLN G 202 -30.29 -112.75 19.83
N PHE G 203 -31.16 -113.76 19.78
CA PHE G 203 -32.60 -113.48 19.72
C PHE G 203 -33.11 -112.90 21.03
N ASP G 204 -32.59 -113.38 22.16
CA ASP G 204 -32.95 -112.78 23.43
C ASP G 204 -32.51 -111.31 23.49
N SER G 205 -31.29 -111.04 23.02
CA SER G 205 -30.80 -109.66 22.99
C SER G 205 -31.66 -108.79 22.10
N ILE G 206 -32.01 -109.27 20.91
CA ILE G 206 -32.77 -108.44 19.99
C ILE G 206 -34.19 -108.23 20.50
N ILE G 207 -34.81 -109.24 21.10
CA ILE G 207 -36.16 -109.05 21.63
C ILE G 207 -36.13 -108.11 22.83
N GLU G 208 -35.10 -108.22 23.68
CA GLU G 208 -34.98 -107.31 24.80
C GLU G 208 -34.82 -105.87 24.33
N HIS G 209 -33.85 -105.64 23.43
CA HIS G 209 -33.62 -104.29 22.93
C HIS G 209 -34.84 -103.75 22.21
N SER G 210 -35.51 -104.58 21.41
CA SER G 210 -36.64 -104.12 20.63
C SER G 210 -37.84 -103.80 21.52
N GLU G 211 -38.17 -104.69 22.45
CA GLU G 211 -39.29 -104.41 23.33
C GLU G 211 -38.99 -103.22 24.24
N LYS G 212 -37.73 -103.04 24.62
CA LYS G 212 -37.35 -101.87 25.40
C LYS G 212 -37.53 -100.59 24.59
N ILE G 213 -37.09 -100.60 23.33
CA ILE G 213 -37.22 -99.40 22.50
C ILE G 213 -38.69 -99.14 22.19
N ALA G 214 -39.50 -100.20 22.13
CA ALA G 214 -40.94 -100.03 21.94
C ALA G 214 -41.59 -99.44 23.18
N LEU G 215 -41.13 -99.86 24.35
CA LEU G 215 -41.61 -99.33 25.62
C LEU G 215 -41.25 -97.85 25.70
N ILE G 216 -40.10 -97.50 25.15
CA ILE G 216 -39.66 -96.11 25.05
C ILE G 216 -40.55 -95.33 24.08
N ALA G 217 -40.86 -95.92 22.93
CA ALA G 217 -41.67 -95.25 21.92
C ALA G 217 -43.09 -95.00 22.44
N GLY G 218 -43.64 -95.95 23.19
CA GLY G 218 -44.95 -95.74 23.77
C GLY G 218 -44.96 -94.59 24.77
N TYR G 219 -43.92 -94.52 25.61
CA TYR G 219 -43.81 -93.40 26.54
C TYR G 219 -43.65 -92.09 25.80
N GLY G 220 -42.88 -92.09 24.71
CA GLY G 220 -42.77 -90.88 23.91
C GLY G 220 -44.08 -90.46 23.28
N LYS G 221 -44.87 -91.43 22.82
CA LYS G 221 -46.18 -91.12 22.27
C LYS G 221 -47.08 -90.52 23.34
N ALA G 222 -47.04 -91.08 24.56
CA ALA G 222 -47.81 -90.50 25.65
C ALA G 222 -47.33 -89.09 25.98
N LEU G 223 -46.02 -88.87 25.93
CA LEU G 223 -45.44 -87.56 26.23
C LEU G 223 -45.83 -86.53 25.18
N LEU G 224 -45.96 -86.94 23.92
CA LEU G 224 -46.30 -86.00 22.86
C LEU G 224 -47.66 -85.36 23.05
N GLU G 225 -48.51 -85.94 23.90
CA GLU G 225 -49.82 -85.36 24.17
C GLU G 225 -49.73 -84.02 24.91
N LEU G 226 -48.58 -83.71 25.51
CA LEU G 226 -48.48 -82.50 26.32
C LEU G 226 -48.65 -81.24 25.48
N LEU G 227 -48.00 -81.16 24.33
CA LEU G 227 -48.11 -79.96 23.51
C LEU G 227 -49.51 -79.87 22.90
N ASP G 228 -49.95 -78.64 22.65
CA ASP G 228 -51.26 -78.38 22.08
C ASP G 228 -51.13 -78.12 20.58
N ASP G 229 -51.87 -78.88 19.79
CA ASP G 229 -51.85 -78.74 18.34
C ASP G 229 -52.90 -77.77 17.83
N SER G 230 -53.68 -77.16 18.72
CA SER G 230 -54.69 -76.21 18.28
C SER G 230 -54.03 -74.96 17.72
N PRO G 231 -54.35 -74.57 16.49
CA PRO G 231 -53.72 -73.37 15.92
C PRO G 231 -54.15 -72.11 16.67
N VAL G 232 -53.25 -71.13 16.67
CA VAL G 232 -53.48 -69.86 17.34
C VAL G 232 -53.60 -68.77 16.29
N THR G 233 -54.60 -67.90 16.45
CA THR G 233 -54.80 -66.80 15.53
C THR G 233 -53.66 -65.79 15.67
N PRO G 234 -53.31 -65.10 14.58
CA PRO G 234 -52.30 -64.05 14.68
C PRO G 234 -52.74 -62.95 15.63
N GLY G 235 -51.76 -62.37 16.33
CA GLY G 235 -52.07 -61.38 17.34
C GLY G 235 -51.77 -61.87 18.74
N GLU G 236 -52.82 -62.17 19.50
CA GLU G 236 -52.66 -62.59 20.89
C GLU G 236 -51.89 -63.90 20.96
N THR G 237 -51.28 -64.14 22.13
CA THR G 237 -50.43 -65.30 22.37
C THR G 237 -51.16 -66.28 23.27
N ARG G 238 -51.00 -67.57 22.99
CA ARG G 238 -51.63 -68.61 23.78
C ARG G 238 -51.05 -68.62 25.19
N PRO G 239 -51.81 -69.15 26.16
CA PRO G 239 -51.31 -69.19 27.55
C PRO G 239 -50.02 -70.00 27.65
N ALA G 240 -49.18 -69.59 28.60
CA ALA G 240 -47.87 -70.21 28.75
C ALA G 240 -47.99 -71.68 29.15
N TYR G 241 -46.98 -72.46 28.77
CA TYR G 241 -46.97 -73.89 29.01
C TYR G 241 -46.38 -74.16 30.40
N ASP G 242 -47.18 -74.74 31.27
CA ASP G 242 -46.76 -75.05 32.64
C ASP G 242 -46.68 -76.55 32.89
N GLY G 243 -46.64 -77.36 31.84
CA GLY G 243 -46.60 -78.80 32.00
C GLY G 243 -45.21 -79.36 32.18
N TYR G 244 -44.31 -78.58 32.77
CA TYR G 244 -42.97 -79.08 33.05
C TYR G 244 -43.00 -80.24 34.02
N GLU G 245 -43.82 -80.12 35.07
CA GLU G 245 -43.93 -81.18 36.06
C GLU G 245 -44.47 -82.47 35.45
N ALA G 246 -45.46 -82.35 34.56
CA ALA G 246 -46.01 -83.53 33.91
C ALA G 246 -44.97 -84.23 33.05
N SER G 247 -44.19 -83.46 32.28
CA SER G 247 -43.15 -84.05 31.46
C SER G 247 -42.07 -84.71 32.31
N LYS G 248 -41.67 -84.06 33.40
CA LYS G 248 -40.66 -84.65 34.27
C LYS G 248 -41.19 -85.92 34.93
N GLN G 249 -42.48 -85.93 35.31
CA GLN G 249 -43.07 -87.14 35.87
C GLN G 249 -43.10 -88.25 34.84
N ILE G 250 -43.41 -87.92 33.58
CA ILE G 250 -43.42 -88.92 32.52
C ILE G 250 -42.03 -89.52 32.33
N ILE G 251 -41.01 -88.67 32.29
CA ILE G 251 -39.66 -89.18 32.10
C ILE G 251 -39.20 -89.97 33.33
N ILE G 252 -39.63 -89.57 34.53
CA ILE G 252 -39.29 -90.32 35.74
C ILE G 252 -39.92 -91.71 35.70
N ASP G 253 -41.19 -91.78 35.31
CA ASP G 253 -41.86 -93.08 35.22
C ASP G 253 -41.23 -93.94 34.12
N ALA G 254 -40.81 -93.31 33.01
CA ALA G 254 -40.12 -94.05 31.97
C ALA G 254 -38.80 -94.62 32.48
N GLU G 255 -38.04 -93.83 33.25
CA GLU G 255 -36.81 -94.33 33.85
C GLU G 255 -37.10 -95.47 34.81
N SER G 256 -38.15 -95.34 35.61
CA SER G 256 -38.49 -96.38 36.58
C SER G 256 -38.84 -97.69 35.88
N ALA G 257 -39.67 -97.61 34.83
CA ALA G 257 -40.00 -98.82 34.07
C ALA G 257 -38.79 -99.36 33.33
N LEU G 258 -37.88 -98.49 32.91
CA LEU G 258 -36.66 -98.92 32.25
C LEU G 258 -35.79 -99.74 33.19
N ASN G 259 -35.57 -99.22 34.41
CA ASN G 259 -34.76 -99.94 35.38
C ASN G 259 -35.46 -101.20 35.87
N GLU G 260 -36.79 -101.16 36.00
CA GLU G 260 -37.54 -102.31 36.47
C GLU G 260 -37.66 -103.41 35.43
N TRP G 261 -37.39 -103.11 34.16
CA TRP G 261 -37.55 -104.09 33.10
C TRP G 261 -36.65 -105.29 33.33
N THR G 262 -37.21 -106.49 33.16
CA THR G 262 -36.47 -107.72 33.30
C THR G 262 -37.04 -108.75 32.34
N LEU G 263 -36.28 -109.83 32.13
CA LEU G 263 -36.74 -110.90 31.24
C LEU G 263 -38.03 -111.52 31.73
N ASP G 264 -38.22 -111.61 33.04
CA ASP G 264 -39.48 -112.11 33.58
C ASP G 264 -40.63 -111.19 33.20
N SER G 265 -40.43 -109.89 33.29
CA SER G 265 -41.45 -108.90 32.92
C SER G 265 -41.43 -108.61 31.42
N ALA G 266 -41.46 -109.67 30.61
CA ALA G 266 -41.48 -109.56 29.15
C ALA G 266 -42.94 -109.66 28.72
N GLN G 267 -43.60 -108.50 28.62
CA GLN G 267 -45.02 -108.48 28.27
C GLN G 267 -45.28 -108.88 26.82
N VAL G 268 -44.24 -108.97 26.00
CA VAL G 268 -44.42 -109.50 24.65
C VAL G 268 -44.64 -111.00 24.71
N LYS G 269 -45.69 -111.48 24.06
CA LYS G 269 -46.05 -112.89 24.16
C LYS G 269 -46.41 -113.45 22.79
N PRO G 270 -45.73 -114.51 22.34
CA PRO G 270 -46.11 -115.17 21.10
C PRO G 270 -47.33 -116.05 21.31
N THR G 271 -47.87 -116.55 20.20
CA THR G 271 -49.03 -117.43 20.24
C THR G 271 -48.93 -118.53 19.19
N MET H 1 -27.13 -90.29 29.78
CA MET H 1 -28.03 -89.64 30.72
C MET H 1 -28.38 -90.58 31.86
N HIS H 2 -28.23 -91.87 31.63
CA HIS H 2 -28.53 -92.89 32.62
C HIS H 2 -27.40 -93.09 33.62
N ARG H 3 -26.34 -92.29 33.54
CA ARG H 3 -25.21 -92.44 34.44
C ARG H 3 -25.62 -92.15 35.88
N THR H 4 -24.98 -92.85 36.81
CA THR H 4 -25.27 -92.70 38.23
C THR H 4 -24.66 -91.40 38.74
N TYR H 5 -24.86 -91.15 40.04
CA TYR H 5 -24.35 -89.94 40.68
C TYR H 5 -22.92 -90.19 41.17
N SER H 6 -22.01 -90.32 40.21
CA SER H 6 -20.61 -90.54 40.48
C SER H 6 -19.80 -89.69 39.50
N LEU H 7 -18.49 -89.93 39.47
CA LEU H 7 -17.59 -89.19 38.60
C LEU H 7 -17.38 -89.88 37.27
N ARG H 8 -18.03 -91.02 37.05
CA ARG H 8 -17.85 -91.85 35.87
C ARG H 8 -19.11 -91.77 35.01
N ASN H 9 -18.92 -91.79 33.69
CA ASN H 9 -20.05 -91.89 32.77
C ASN H 9 -20.47 -93.36 32.61
N SER H 10 -20.86 -93.95 33.74
CA SER H 10 -21.30 -95.34 33.78
C SER H 10 -22.79 -95.35 34.08
N ARG H 11 -23.58 -95.90 33.16
CA ARG H 11 -25.02 -95.95 33.34
C ARG H 11 -25.39 -96.92 34.46
N ALA H 12 -26.48 -96.59 35.16
CA ALA H 12 -26.97 -97.46 36.22
C ALA H 12 -27.45 -98.77 35.63
N PRO H 13 -26.97 -99.91 36.13
CA PRO H 13 -27.36 -101.21 35.56
C PRO H 13 -28.83 -101.51 35.85
N THR H 14 -29.56 -101.92 34.82
CA THR H 14 -30.94 -102.33 34.97
C THR H 14 -31.01 -103.78 35.44
N ALA H 15 -32.24 -104.25 35.68
CA ALA H 15 -32.42 -105.62 36.16
C ALA H 15 -31.85 -106.64 35.18
N SER H 16 -31.91 -106.35 33.88
CA SER H 16 -31.29 -107.23 32.91
C SER H 16 -29.78 -107.30 33.10
N GLN H 17 -29.15 -106.16 33.41
CA GLN H 17 -27.71 -106.15 33.63
C GLN H 17 -27.34 -106.99 34.85
N LEU H 18 -28.14 -106.92 35.92
CA LEU H 18 -27.89 -107.77 37.07
C LEU H 18 -28.11 -109.24 36.72
N GLN H 19 -29.13 -109.54 35.91
CA GLN H 19 -29.40 -110.92 35.52
C GLN H 19 -28.23 -111.49 34.72
N ASN H 20 -27.77 -110.76 33.71
CA ASN H 20 -26.63 -111.16 32.91
C ASN H 20 -25.67 -110.00 32.79
N PRO H 21 -24.40 -110.18 33.16
CA PRO H 21 -23.48 -109.05 33.16
C PRO H 21 -23.28 -108.51 31.76
N PRO H 22 -23.02 -107.21 31.62
CA PRO H 22 -22.82 -106.63 30.30
C PRO H 22 -21.58 -107.20 29.65
N PRO H 23 -21.57 -107.35 28.33
CA PRO H 23 -20.40 -107.88 27.64
C PRO H 23 -19.31 -106.82 27.53
N PRO H 24 -18.08 -107.22 27.24
CA PRO H 24 -17.01 -106.24 27.06
C PRO H 24 -17.26 -105.39 25.83
N PRO H 25 -16.68 -104.18 25.76
CA PRO H 25 -16.92 -103.31 24.62
C PRO H 25 -16.46 -103.94 23.31
N SER H 26 -17.14 -103.59 22.24
CA SER H 26 -16.88 -104.19 20.94
C SER H 26 -15.47 -103.88 20.45
N THR H 27 -14.87 -104.84 19.78
CA THR H 27 -13.53 -104.70 19.21
C THR H 27 -13.56 -104.13 17.80
N THR H 28 -14.73 -103.77 17.29
CA THR H 28 -14.86 -103.24 15.93
C THR H 28 -14.58 -101.75 15.87
N LYS H 29 -14.23 -101.11 16.99
CA LYS H 29 -13.93 -99.68 17.00
C LYS H 29 -12.68 -99.39 16.17
N GLY H 30 -12.88 -98.80 14.99
CA GLY H 30 -11.76 -98.49 14.12
C GLY H 30 -11.22 -97.08 14.33
N ARG H 31 -9.99 -96.88 13.87
CA ARG H 31 -9.34 -95.58 13.94
C ARG H 31 -9.82 -94.73 12.78
N PHE H 32 -10.99 -94.12 12.96
CA PHE H 32 -11.62 -93.33 11.91
C PHE H 32 -12.53 -92.30 12.56
N PHE H 33 -12.94 -91.31 11.75
CA PHE H 33 -13.80 -90.24 12.25
C PHE H 33 -15.17 -90.78 12.66
N GLY H 34 -15.63 -91.85 12.03
CA GLY H 34 -16.95 -92.38 12.33
C GLY H 34 -18.09 -91.67 11.65
N LYS H 35 -17.82 -90.84 10.64
CA LYS H 35 -18.85 -90.14 9.90
C LYS H 35 -18.84 -90.50 8.41
N GLY H 36 -18.29 -91.65 8.06
CA GLY H 36 -18.20 -92.05 6.67
C GLY H 36 -17.10 -91.39 5.88
N GLY H 37 -16.13 -90.76 6.54
CA GLY H 37 -15.06 -90.09 5.86
C GLY H 37 -15.44 -88.71 5.37
N LEU H 38 -14.48 -88.07 4.69
CA LEU H 38 -14.71 -86.74 4.16
C LEU H 38 -15.77 -86.75 3.05
N ALA H 39 -15.88 -87.87 2.31
CA ALA H 39 -16.89 -87.97 1.27
C ALA H 39 -18.30 -87.86 1.84
N TYR H 40 -18.55 -88.57 2.96
CA TYR H 40 -19.86 -88.51 3.59
C TYR H 40 -20.00 -87.30 4.52
N SER H 41 -18.90 -86.67 4.90
CA SER H 41 -18.95 -85.43 5.67
C SER H 41 -19.03 -84.19 4.81
N PHE H 42 -18.90 -84.33 3.49
CA PHE H 42 -19.08 -83.19 2.59
C PHE H 42 -20.50 -82.64 2.69
N ARG H 43 -21.49 -83.53 2.76
CA ARG H 43 -22.87 -83.08 2.92
C ARG H 43 -23.04 -82.35 4.25
N ARG H 44 -22.46 -82.90 5.33
CA ARG H 44 -22.57 -82.25 6.63
C ARG H 44 -21.95 -80.87 6.61
N SER H 45 -20.78 -80.73 5.99
CA SER H 45 -20.14 -79.42 5.88
C SER H 45 -20.97 -78.47 5.03
N ALA H 46 -21.54 -78.95 3.91
CA ALA H 46 -22.37 -78.12 3.07
C ALA H 46 -23.66 -77.69 3.74
N ALA H 47 -24.13 -78.46 4.73
CA ALA H 47 -25.27 -78.03 5.52
C ALA H 47 -24.94 -76.75 6.29
N GLY H 48 -23.76 -76.69 6.87
CA GLY H 48 -23.29 -75.48 7.53
C GLY H 48 -22.59 -74.55 6.56
N ALA H 49 -23.37 -73.87 5.74
CA ALA H 49 -22.82 -73.05 4.65
C ALA H 49 -23.76 -71.86 4.45
N PHE H 50 -23.63 -71.19 3.31
CA PHE H 50 -24.35 -69.95 3.06
C PHE H 50 -25.85 -70.22 2.93
N GLY H 51 -26.54 -70.26 4.06
CA GLY H 51 -27.97 -70.46 4.07
C GLY H 51 -28.69 -69.30 4.72
N PRO H 52 -29.99 -69.46 4.97
CA PRO H 52 -30.77 -68.38 5.59
C PRO H 52 -30.48 -68.21 7.08
N GLU H 53 -29.49 -68.94 7.59
CA GLU H 53 -28.96 -68.80 8.95
C GLU H 53 -30.00 -69.14 10.00
N LEU H 54 -31.24 -69.43 9.58
CA LEU H 54 -32.30 -69.86 10.47
C LEU H 54 -32.60 -71.34 10.33
N SER H 55 -32.86 -71.80 9.11
CA SER H 55 -33.04 -73.23 8.85
C SER H 55 -31.71 -73.95 8.68
N ARG H 56 -30.59 -73.28 8.96
CA ARG H 56 -29.29 -73.93 8.88
C ARG H 56 -29.23 -75.15 9.79
N LYS H 57 -29.66 -74.98 11.04
CA LYS H 57 -29.69 -76.12 11.95
C LYS H 57 -30.67 -77.18 11.47
N LEU H 58 -31.85 -76.76 11.01
CA LEU H 58 -32.85 -77.72 10.56
C LEU H 58 -32.39 -78.43 9.28
N SER H 59 -31.78 -77.70 8.36
CA SER H 59 -31.25 -78.34 7.16
C SER H 59 -30.12 -79.31 7.50
N GLN H 60 -29.27 -78.93 8.46
CA GLN H 60 -28.23 -79.84 8.92
C GLN H 60 -28.83 -81.11 9.51
N LEU H 61 -29.90 -80.95 10.31
CA LEU H 61 -30.56 -82.11 10.88
C LEU H 61 -31.15 -82.99 9.78
N VAL H 62 -31.75 -82.37 8.76
CA VAL H 62 -32.34 -83.13 7.66
C VAL H 62 -31.26 -83.93 6.93
N LYS H 63 -30.12 -83.30 6.66
CA LYS H 63 -29.07 -84.00 5.93
C LYS H 63 -28.43 -85.08 6.79
N ILE H 64 -28.35 -84.85 8.11
CA ILE H 64 -27.89 -85.89 9.01
C ILE H 64 -28.87 -87.05 9.01
N GLU H 65 -30.16 -86.76 8.94
CA GLU H 65 -31.17 -87.81 8.85
C GLU H 65 -31.03 -88.57 7.53
N LYS H 66 -30.65 -87.87 6.47
CA LYS H 66 -30.34 -88.55 5.21
C LYS H 66 -29.16 -89.50 5.36
N ASN H 67 -28.14 -89.08 6.09
CA ASN H 67 -27.03 -89.99 6.37
C ASN H 67 -27.52 -91.20 7.19
N VAL H 68 -28.41 -90.96 8.14
CA VAL H 68 -29.01 -92.05 8.91
C VAL H 68 -29.68 -93.02 7.95
N LEU H 69 -30.44 -92.48 7.00
CA LEU H 69 -31.21 -93.31 6.09
C LEU H 69 -30.27 -94.11 5.18
N ARG H 70 -29.20 -93.47 4.71
CA ARG H 70 -28.24 -94.18 3.87
C ARG H 70 -27.55 -95.32 4.62
N SER H 71 -27.15 -95.06 5.88
CA SER H 71 -26.55 -96.11 6.68
C SER H 71 -27.52 -97.26 6.94
N MET H 72 -28.78 -96.93 7.23
CA MET H 72 -29.77 -97.98 7.46
C MET H 72 -30.01 -98.78 6.19
N GLU H 73 -30.02 -98.11 5.04
CA GLU H 73 -30.16 -98.80 3.76
C GLU H 73 -28.96 -99.72 3.54
N LEU H 74 -27.77 -99.27 3.94
CA LEU H 74 -26.58 -100.11 3.81
C LEU H 74 -26.67 -101.35 4.69
N THR H 75 -27.21 -101.22 5.90
CA THR H 75 -27.27 -102.34 6.81
C THR H 75 -28.50 -103.22 6.58
N ALA H 76 -29.45 -102.78 5.75
CA ALA H 76 -30.60 -103.64 5.46
C ALA H 76 -30.30 -104.59 4.31
N ASN H 77 -29.88 -104.04 3.17
CA ASN H 77 -29.55 -104.89 2.02
C ASN H 77 -28.42 -105.85 2.35
N GLU H 78 -27.39 -105.35 3.04
CA GLU H 78 -26.26 -106.22 3.35
C GLU H 78 -26.59 -107.19 4.47
N ARG H 79 -27.56 -106.87 5.35
CA ARG H 79 -28.06 -107.87 6.29
C ARG H 79 -28.82 -108.99 5.59
N ARG H 80 -29.65 -108.64 4.60
CA ARG H 80 -30.33 -109.70 3.86
C ARG H 80 -29.33 -110.52 3.06
N ASP H 81 -28.24 -109.89 2.62
CA ASP H 81 -27.13 -110.64 2.04
C ASP H 81 -26.52 -111.60 3.07
N ALA H 82 -26.39 -111.15 4.31
CA ALA H 82 -25.89 -112.02 5.37
C ALA H 82 -26.82 -113.21 5.58
N ALA H 83 -28.13 -112.98 5.54
CA ALA H 83 -29.08 -114.08 5.67
C ALA H 83 -28.94 -115.08 4.52
N LYS H 84 -28.80 -114.57 3.29
CA LYS H 84 -28.58 -115.45 2.15
C LYS H 84 -27.31 -116.27 2.33
N GLN H 85 -26.24 -115.63 2.81
CA GLN H 85 -24.98 -116.33 3.03
C GLN H 85 -25.13 -117.38 4.12
N LEU H 86 -25.92 -117.08 5.16
CA LEU H 86 -26.16 -118.07 6.22
C LEU H 86 -26.89 -119.29 5.67
N SER H 87 -27.89 -119.07 4.82
CA SER H 87 -28.57 -120.21 4.21
C SER H 87 -27.61 -121.01 3.33
N ILE H 88 -26.76 -120.32 2.57
CA ILE H 88 -25.80 -121.01 1.71
C ILE H 88 -24.85 -121.84 2.55
N TRP H 89 -24.40 -121.30 3.68
CA TRP H 89 -23.52 -122.06 4.57
C TRP H 89 -24.24 -123.27 5.15
N GLY H 90 -25.49 -123.09 5.55
CA GLY H 90 -26.24 -124.20 6.11
C GLY H 90 -26.69 -125.22 5.11
N LEU H 91 -26.51 -124.95 3.83
CA LEU H 91 -26.84 -125.92 2.79
C LEU H 91 -26.21 -127.28 3.07
N GLU H 92 -24.91 -127.30 3.37
CA GLU H 92 -24.18 -128.55 3.59
C GLU H 92 -23.95 -128.72 5.08
N ASN H 93 -24.93 -129.30 5.76
CA ASN H 93 -24.86 -129.54 7.19
C ASN H 93 -25.89 -130.61 7.54
N ASP H 94 -26.13 -130.78 8.85
CA ASP H 94 -27.13 -131.73 9.29
C ASP H 94 -28.52 -131.28 8.84
N ASP H 95 -29.41 -132.26 8.68
CA ASP H 95 -30.75 -131.95 8.18
C ASP H 95 -31.49 -131.00 9.12
N ASP H 96 -31.46 -131.30 10.42
CA ASP H 96 -32.07 -130.40 11.39
C ASP H 96 -31.36 -129.05 11.40
N VAL H 97 -30.03 -129.06 11.33
CA VAL H 97 -29.27 -127.81 11.29
C VAL H 97 -29.61 -127.03 10.03
N SER H 98 -29.68 -127.72 8.89
CA SER H 98 -29.99 -127.03 7.64
C SER H 98 -31.38 -126.41 7.69
N ASP H 99 -32.37 -127.17 8.16
CA ASP H 99 -33.72 -126.64 8.23
C ASP H 99 -33.81 -125.45 9.19
N ILE H 100 -33.19 -125.57 10.36
CA ILE H 100 -33.30 -124.51 11.36
C ILE H 100 -32.56 -123.27 10.89
N THR H 101 -31.42 -123.43 10.21
CA THR H 101 -30.69 -122.27 9.73
C THR H 101 -31.39 -121.63 8.55
N ASP H 102 -32.08 -122.41 7.72
CA ASP H 102 -32.89 -121.82 6.66
C ASP H 102 -34.05 -121.02 7.24
N LYS H 103 -34.66 -121.52 8.31
CA LYS H 103 -35.74 -120.78 8.95
C LYS H 103 -35.22 -119.51 9.61
N LEU H 104 -34.05 -119.57 10.25
CA LEU H 104 -33.45 -118.34 10.78
C LEU H 104 -33.12 -117.36 9.66
N GLY H 105 -32.66 -117.86 8.51
CA GLY H 105 -32.39 -116.99 7.39
C GLY H 105 -33.65 -116.30 6.87
N VAL H 106 -34.76 -117.04 6.80
CA VAL H 106 -35.99 -116.41 6.34
C VAL H 106 -36.51 -115.41 7.38
N LEU H 107 -36.30 -115.70 8.67
CA LEU H 107 -36.67 -114.72 9.69
C LEU H 107 -35.83 -113.45 9.56
N ILE H 108 -34.54 -113.59 9.29
CA ILE H 108 -33.70 -112.42 9.07
C ILE H 108 -34.12 -111.68 7.80
N TYR H 109 -34.58 -112.41 6.78
CA TYR H 109 -35.11 -111.75 5.59
C TYR H 109 -36.35 -110.93 5.93
N GLU H 110 -37.24 -111.48 6.76
CA GLU H 110 -38.37 -110.71 7.25
C GLU H 110 -37.89 -109.47 7.99
N VAL H 111 -36.85 -109.62 8.80
CA VAL H 111 -36.27 -108.49 9.53
C VAL H 111 -35.82 -107.41 8.56
N SER H 112 -35.14 -107.80 7.48
CA SER H 112 -34.67 -106.83 6.51
C SER H 112 -35.82 -106.15 5.79
N GLU H 113 -36.87 -106.89 5.47
CA GLU H 113 -38.03 -106.29 4.82
C GLU H 113 -38.70 -105.26 5.74
N LEU H 114 -38.85 -105.61 7.03
CA LEU H 114 -39.39 -104.65 7.97
C LEU H 114 -38.47 -103.45 8.13
N ASP H 115 -37.16 -103.66 8.04
CA ASP H 115 -36.23 -102.56 8.06
C ASP H 115 -36.45 -101.63 6.87
N ASP H 116 -36.69 -102.21 5.69
CA ASP H 116 -36.94 -101.40 4.51
C ASP H 116 -38.23 -100.59 4.65
N GLN H 117 -39.27 -101.21 5.19
CA GLN H 117 -40.50 -100.46 5.45
C GLN H 117 -40.27 -99.34 6.45
N PHE H 118 -39.50 -99.61 7.50
CA PHE H 118 -39.13 -98.58 8.46
C PHE H 118 -38.34 -97.46 7.78
N ILE H 119 -37.51 -97.82 6.80
CA ILE H 119 -36.76 -96.82 6.04
C ILE H 119 -37.69 -95.93 5.24
N ASP H 120 -38.72 -96.52 4.62
CA ASP H 120 -39.69 -95.72 3.89
C ASP H 120 -40.44 -94.76 4.82
N ARG H 121 -40.85 -95.24 5.99
CA ARG H 121 -41.51 -94.37 6.95
C ARG H 121 -40.55 -93.31 7.47
N TYR H 122 -39.27 -93.67 7.61
CA TYR H 122 -38.24 -92.70 7.97
C TYR H 122 -38.12 -91.62 6.91
N ASP H 123 -38.24 -92.00 5.63
CA ASP H 123 -38.20 -91.02 4.57
C ASP H 123 -39.43 -90.12 4.62
N GLN H 124 -40.59 -90.66 5.01
CA GLN H 124 -41.75 -89.81 5.25
C GLN H 124 -41.46 -88.77 6.34
N TYR H 125 -40.86 -89.23 7.44
CA TYR H 125 -40.45 -88.32 8.51
C TYR H 125 -39.49 -87.25 8.00
N ARG H 126 -38.50 -87.67 7.21
CA ARG H 126 -37.51 -86.75 6.68
C ARG H 126 -38.13 -85.76 5.70
N LEU H 127 -39.13 -86.20 4.94
CA LEU H 127 -39.81 -85.29 4.01
C LEU H 127 -40.64 -84.27 4.75
N THR H 128 -41.31 -84.68 5.83
CA THR H 128 -42.04 -83.70 6.65
C THR H 128 -41.07 -82.68 7.24
N LEU H 129 -39.92 -83.15 7.72
CA LEU H 129 -38.92 -82.22 8.23
C LEU H 129 -38.35 -81.33 7.13
N LYS H 130 -38.24 -81.85 5.91
CA LYS H 130 -37.83 -81.02 4.79
C LYS H 130 -38.84 -79.92 4.52
N SER H 131 -40.13 -80.26 4.60
CA SER H 131 -41.17 -79.25 4.42
C SER H 131 -41.09 -78.17 5.49
N ILE H 132 -40.91 -78.57 6.74
CA ILE H 132 -40.83 -77.57 7.81
C ILE H 132 -39.57 -76.72 7.66
N ARG H 133 -38.46 -77.34 7.23
CA ARG H 133 -37.23 -76.59 6.97
C ARG H 133 -37.45 -75.57 5.87
N ASP H 134 -38.15 -75.96 4.81
CA ASP H 134 -38.31 -75.06 3.68
C ASP H 134 -39.25 -73.90 4.00
N ILE H 135 -40.31 -74.16 4.78
CA ILE H 135 -41.18 -73.04 5.16
C ILE H 135 -40.44 -72.09 6.11
N GLU H 136 -39.64 -72.64 7.01
CA GLU H 136 -38.85 -71.78 7.89
C GLU H 136 -37.85 -70.95 7.11
N GLY H 137 -37.19 -71.56 6.12
CA GLY H 137 -36.27 -70.82 5.27
C GLY H 137 -36.95 -69.75 4.45
N SER H 138 -38.19 -70.01 4.02
CA SER H 138 -38.94 -69.00 3.28
C SER H 138 -39.42 -67.88 4.18
N VAL H 139 -39.63 -68.16 5.47
CA VAL H 139 -40.11 -67.11 6.37
C VAL H 139 -38.97 -66.29 6.95
N GLN H 140 -37.74 -66.82 6.94
CA GLN H 140 -36.60 -66.06 7.47
C GLN H 140 -36.37 -64.71 6.78
N PRO H 141 -36.42 -64.59 5.44
CA PRO H 141 -36.10 -63.29 4.83
C PRO H 141 -37.01 -62.17 5.30
N SER H 142 -38.22 -62.47 5.76
CA SER H 142 -39.06 -61.43 6.34
C SER H 142 -38.38 -60.76 7.52
N ARG H 143 -37.92 -61.57 8.49
CA ARG H 143 -37.25 -61.01 9.65
C ARG H 143 -35.88 -60.43 9.29
N ASP H 144 -35.22 -60.99 8.26
CA ASP H 144 -33.96 -60.40 7.82
C ASP H 144 -34.19 -58.98 7.30
N ARG H 145 -35.21 -58.81 6.46
CA ARG H 145 -35.55 -57.48 5.95
C ARG H 145 -35.99 -56.56 7.09
N LYS H 146 -36.72 -57.10 8.07
CA LYS H 146 -37.11 -56.30 9.22
C LYS H 146 -35.90 -55.75 9.96
N ASP H 147 -34.90 -56.62 10.21
CA ASP H 147 -33.70 -56.20 10.91
C ASP H 147 -32.95 -55.15 10.09
N LYS H 148 -32.81 -55.38 8.78
CA LYS H 148 -32.12 -54.41 7.94
C LYS H 148 -32.83 -53.06 7.95
N ILE H 149 -34.17 -53.07 7.87
CA ILE H 149 -34.92 -51.83 7.83
C ILE H 149 -34.80 -51.10 9.16
N THR H 150 -34.87 -51.81 10.29
CA THR H 150 -34.77 -51.11 11.56
C THR H 150 -33.37 -50.54 11.77
N ASP H 151 -32.33 -51.25 11.30
CA ASP H 151 -30.98 -50.69 11.39
C ASP H 151 -30.85 -49.44 10.54
N LYS H 152 -31.37 -49.48 9.31
CA LYS H 152 -31.27 -48.33 8.43
C LYS H 152 -32.06 -47.14 8.97
N ILE H 153 -33.24 -47.39 9.53
CA ILE H 153 -34.03 -46.29 10.06
C ILE H 153 -33.38 -45.72 11.32
N ALA H 154 -32.72 -46.56 12.12
CA ALA H 154 -31.97 -46.03 13.25
C ALA H 154 -30.83 -45.13 12.79
N TYR H 155 -30.10 -45.56 11.75
CA TYR H 155 -29.02 -44.72 11.23
C TYR H 155 -29.58 -43.40 10.67
N LEU H 156 -30.71 -43.47 9.95
CA LEU H 156 -31.30 -42.27 9.38
C LEU H 156 -31.78 -41.33 10.48
N LYS H 157 -32.35 -41.88 11.56
CA LYS H 157 -32.72 -41.07 12.72
C LYS H 157 -31.49 -40.42 13.33
N TYR H 158 -30.36 -41.14 13.38
CA TYR H 158 -29.11 -40.54 13.82
C TYR H 158 -28.73 -39.34 12.95
N LYS H 159 -28.88 -39.48 11.63
CA LYS H 159 -28.46 -38.42 10.73
C LYS H 159 -29.28 -37.15 10.93
N ASP H 160 -30.60 -37.27 10.96
CA ASP H 160 -31.47 -36.11 11.13
C ASP H 160 -32.82 -36.60 11.64
N PRO H 161 -33.64 -35.69 12.22
CA PRO H 161 -34.97 -36.08 12.69
C PRO H 161 -36.13 -35.78 11.74
N GLN H 162 -35.86 -35.32 10.51
CA GLN H 162 -36.97 -34.90 9.65
C GLN H 162 -36.81 -35.33 8.19
N SER H 163 -35.98 -36.31 7.90
CA SER H 163 -35.89 -36.79 6.51
C SER H 163 -37.21 -37.46 6.11
N PRO H 164 -37.74 -37.12 4.93
CA PRO H 164 -38.94 -37.85 4.45
C PRO H 164 -38.70 -39.34 4.32
N LYS H 165 -37.47 -39.72 3.95
CA LYS H 165 -37.12 -41.13 3.84
C LYS H 165 -37.35 -41.84 5.17
N ILE H 166 -37.10 -41.14 6.28
CA ILE H 166 -37.31 -41.71 7.60
C ILE H 166 -38.76 -42.10 7.80
N GLU H 167 -39.67 -41.16 7.53
CA GLU H 167 -41.09 -41.44 7.75
C GLU H 167 -41.59 -42.50 6.77
N VAL H 168 -41.07 -42.49 5.54
CA VAL H 168 -41.49 -43.49 4.57
C VAL H 168 -41.09 -44.89 5.01
N LEU H 169 -39.84 -45.05 5.48
CA LEU H 169 -39.42 -46.35 5.96
C LEU H 169 -40.09 -46.73 7.26
N GLU H 170 -40.46 -45.76 8.10
CA GLU H 170 -41.27 -46.11 9.27
C GLU H 170 -42.64 -46.63 8.86
N GLN H 171 -43.24 -46.00 7.85
CA GLN H 171 -44.54 -46.45 7.36
C GLN H 171 -44.44 -47.82 6.71
N GLU H 172 -43.33 -48.10 6.04
CA GLU H 172 -43.15 -49.44 5.48
C GLU H 172 -42.80 -50.45 6.57
N LEU H 173 -42.15 -50.00 7.65
CA LEU H 173 -41.77 -50.92 8.73
C LEU H 173 -42.98 -51.29 9.58
N VAL H 174 -43.95 -50.39 9.73
CA VAL H 174 -45.14 -50.80 10.46
C VAL H 174 -45.92 -51.86 9.67
N ARG H 175 -45.85 -51.82 8.33
CA ARG H 175 -46.41 -52.90 7.53
C ARG H 175 -45.59 -54.18 7.68
N ALA H 176 -44.26 -54.05 7.63
CA ALA H 176 -43.38 -55.21 7.74
C ALA H 176 -43.55 -55.88 9.09
N GLU H 177 -43.77 -55.10 10.15
CA GLU H 177 -43.96 -55.69 11.47
C GLU H 177 -45.24 -56.52 11.53
N ALA H 178 -46.34 -56.00 10.96
CA ALA H 178 -47.58 -56.77 10.94
C ALA H 178 -47.44 -58.03 10.10
N GLU H 179 -46.81 -57.92 8.93
CA GLU H 179 -46.62 -59.11 8.10
C GLU H 179 -45.69 -60.11 8.77
N SER H 180 -44.70 -59.64 9.51
CA SER H 180 -43.81 -60.54 10.23
C SER H 180 -44.50 -61.18 11.42
N LEU H 181 -45.40 -60.45 12.07
CA LEU H 181 -46.20 -61.06 13.15
C LEU H 181 -47.08 -62.17 12.60
N VAL H 182 -47.75 -61.92 11.48
CA VAL H 182 -48.57 -62.95 10.86
C VAL H 182 -47.70 -64.13 10.43
N ALA H 183 -46.55 -63.83 9.81
CA ALA H 183 -45.65 -64.87 9.34
C ALA H 183 -45.13 -65.72 10.50
N GLU H 184 -44.79 -65.10 11.63
CA GLU H 184 -44.30 -65.85 12.77
C GLU H 184 -45.41 -66.64 13.45
N ALA H 185 -46.63 -66.10 13.48
CA ALA H 185 -47.74 -66.87 14.03
C ALA H 185 -48.00 -68.13 13.20
N GLN H 186 -48.09 -67.96 11.88
CA GLN H 186 -48.30 -69.14 11.03
C GLN H 186 -47.09 -70.05 11.04
N LEU H 187 -45.89 -69.50 11.22
CA LEU H 187 -44.68 -70.32 11.31
C LEU H 187 -44.72 -71.18 12.57
N SER H 188 -45.09 -70.59 13.70
CA SER H 188 -45.22 -71.37 14.92
C SER H 188 -46.29 -72.44 14.78
N ASN H 189 -47.43 -72.09 14.17
CA ASN H 189 -48.50 -73.07 14.00
C ASN H 189 -48.05 -74.23 13.12
N ILE H 190 -47.42 -73.92 11.98
CA ILE H 190 -47.01 -74.98 11.06
C ILE H 190 -45.89 -75.81 11.66
N THR H 191 -44.96 -75.17 12.40
CA THR H 191 -43.90 -75.93 13.03
C THR H 191 -44.46 -76.89 14.07
N ARG H 192 -45.38 -76.41 14.91
CA ARG H 192 -45.97 -77.28 15.91
C ARG H 192 -46.73 -78.43 15.25
N SER H 193 -47.53 -78.13 14.23
CA SER H 193 -48.31 -79.18 13.57
C SER H 193 -47.40 -80.21 12.91
N LYS H 194 -46.44 -79.76 12.10
CA LYS H 194 -45.55 -80.67 11.42
C LYS H 194 -44.72 -81.47 12.42
N LEU H 195 -44.22 -80.82 13.46
CA LEU H 195 -43.41 -81.49 14.46
C LEU H 195 -44.21 -82.60 15.14
N ARG H 196 -45.41 -82.26 15.65
CA ARG H 196 -46.21 -83.26 16.34
C ARG H 196 -46.60 -84.40 15.41
N ALA H 197 -47.08 -84.08 14.21
CA ALA H 197 -47.52 -85.13 13.30
C ALA H 197 -46.36 -86.03 12.88
N ALA H 198 -45.25 -85.42 12.47
CA ALA H 198 -44.11 -86.20 12.00
C ALA H 198 -43.54 -87.08 13.09
N PHE H 199 -43.39 -86.54 14.31
CA PHE H 199 -42.79 -87.36 15.35
C PHE H 199 -43.77 -88.38 15.92
N ASN H 200 -45.07 -88.07 15.96
CA ASN H 200 -46.03 -89.10 16.33
C ASN H 200 -46.04 -90.25 15.32
N TYR H 201 -46.02 -89.92 14.03
CA TYR H 201 -45.95 -90.95 13.00
C TYR H 201 -44.64 -91.72 13.09
N GLN H 202 -43.54 -91.03 13.35
CA GLN H 202 -42.24 -91.68 13.48
C GLN H 202 -42.23 -92.65 14.67
N PHE H 203 -42.76 -92.22 15.80
CA PHE H 203 -42.78 -93.08 16.97
C PHE H 203 -43.74 -94.25 16.79
N ASP H 204 -44.88 -94.02 16.13
CA ASP H 204 -45.77 -95.13 15.82
C ASP H 204 -45.09 -96.13 14.89
N SER H 205 -44.38 -95.63 13.88
CA SER H 205 -43.66 -96.51 12.98
C SER H 205 -42.59 -97.31 13.72
N ILE H 206 -41.83 -96.66 14.58
CA ILE H 206 -40.74 -97.37 15.24
C ILE H 206 -41.29 -98.38 16.25
N ILE H 207 -42.38 -98.04 16.96
CA ILE H 207 -42.94 -99.02 17.89
C ILE H 207 -43.55 -100.18 17.13
N GLU H 208 -44.21 -99.91 16.01
CA GLU H 208 -44.76 -101.00 15.20
C GLU H 208 -43.66 -101.92 14.70
N HIS H 209 -42.62 -101.36 14.07
CA HIS H 209 -41.54 -102.17 13.54
C HIS H 209 -40.83 -102.93 14.66
N SER H 210 -40.61 -102.27 15.80
CA SER H 210 -39.87 -102.90 16.88
C SER H 210 -40.67 -104.02 17.53
N GLU H 211 -41.94 -103.78 17.84
CA GLU H 211 -42.75 -104.83 18.42
C GLU H 211 -42.96 -105.97 17.45
N LYS H 212 -43.03 -105.68 16.15
CA LYS H 212 -43.13 -106.72 15.15
C LYS H 212 -41.86 -107.57 15.12
N ILE H 213 -40.69 -106.92 15.14
CA ILE H 213 -39.44 -107.67 15.11
C ILE H 213 -39.25 -108.45 16.40
N ALA H 214 -39.80 -107.94 17.51
CA ALA H 214 -39.75 -108.67 18.76
C ALA H 214 -40.66 -109.89 18.72
N LEU H 215 -41.83 -109.75 18.09
CA LEU H 215 -42.76 -110.85 17.91
C LEU H 215 -42.11 -111.91 17.04
N ILE H 216 -41.29 -111.47 16.07
CA ILE H 216 -40.50 -112.37 15.24
C ILE H 216 -39.42 -113.07 16.04
N ALA H 217 -38.73 -112.32 16.90
CA ALA H 217 -37.66 -112.91 17.71
C ALA H 217 -38.19 -113.94 18.69
N GLY H 218 -39.36 -113.68 19.28
CA GLY H 218 -39.96 -114.67 20.15
C GLY H 218 -40.32 -115.95 19.42
N TYR H 219 -40.87 -115.83 18.22
CA TYR H 219 -41.17 -117.01 17.42
C TYR H 219 -39.89 -117.75 17.05
N GLY H 220 -38.82 -117.01 16.74
CA GLY H 220 -37.55 -117.67 16.46
C GLY H 220 -37.00 -118.39 17.66
N LYS H 221 -37.14 -117.80 18.85
CA LYS H 221 -36.70 -118.47 20.07
C LYS H 221 -37.50 -119.75 20.31
N ALA H 222 -38.81 -119.71 20.06
CA ALA H 222 -39.62 -120.92 20.17
C ALA H 222 -39.19 -121.96 19.14
N LEU H 223 -38.86 -121.51 17.93
CA LEU H 223 -38.45 -122.41 16.86
C LEU H 223 -37.11 -123.08 17.18
N LEU H 224 -36.21 -122.35 17.85
CA LEU H 224 -34.89 -122.90 18.15
C LEU H 224 -34.97 -124.12 19.06
N GLU H 225 -36.10 -124.34 19.72
CA GLU H 225 -36.25 -125.51 20.58
C GLU H 225 -36.27 -126.81 19.79
N LEU H 226 -36.49 -126.76 18.47
CA LEU H 226 -36.64 -127.97 17.69
C LEU H 226 -35.36 -128.79 17.67
N LEU H 227 -34.21 -128.15 17.44
CA LEU H 227 -32.96 -128.89 17.38
C LEU H 227 -32.57 -129.39 18.77
N ASP H 228 -31.85 -130.51 18.79
CA ASP H 228 -31.42 -131.13 20.04
C ASP H 228 -29.97 -130.76 20.32
N ASP H 229 -29.72 -130.20 21.50
CA ASP H 229 -28.38 -129.80 21.91
C ASP H 229 -27.64 -130.89 22.64
N SER H 230 -28.25 -132.06 22.81
CA SER H 230 -27.58 -133.15 23.52
C SER H 230 -26.42 -133.66 22.67
N PRO H 231 -25.20 -133.71 23.21
CA PRO H 231 -24.06 -134.19 22.42
C PRO H 231 -24.21 -135.67 22.10
N VAL H 232 -23.64 -136.06 20.96
CA VAL H 232 -23.67 -137.44 20.49
C VAL H 232 -22.26 -138.01 20.56
N THR H 233 -22.15 -139.24 21.07
CA THR H 233 -20.87 -139.89 21.15
C THR H 233 -20.36 -140.24 19.75
N PRO H 234 -19.05 -140.27 19.55
CA PRO H 234 -18.51 -140.69 18.26
C PRO H 234 -18.90 -142.13 17.94
N GLY H 235 -19.12 -142.38 16.65
CA GLY H 235 -19.59 -143.70 16.24
C GLY H 235 -21.01 -143.65 15.69
N GLU H 236 -21.96 -144.16 16.47
CA GLU H 236 -23.35 -144.21 16.03
C GLU H 236 -23.90 -142.81 15.79
N THR H 237 -24.94 -142.75 14.96
CA THR H 237 -25.57 -141.50 14.56
C THR H 237 -26.92 -141.36 15.24
N ARG H 238 -27.24 -140.13 15.66
CA ARG H 238 -28.49 -139.86 16.33
C ARG H 238 -29.66 -140.08 15.37
N PRO H 239 -30.86 -140.33 15.90
CA PRO H 239 -32.02 -140.55 15.02
C PRO H 239 -32.30 -139.34 14.15
N ALA H 240 -32.83 -139.61 12.96
CA ALA H 240 -33.06 -138.55 11.98
C ALA H 240 -34.09 -137.56 12.49
N TYR H 241 -33.98 -136.33 12.01
CA TYR H 241 -34.85 -135.23 12.42
C TYR H 241 -36.09 -135.22 11.55
N ASP H 242 -37.26 -135.43 12.17
CA ASP H 242 -38.53 -135.46 11.47
C ASP H 242 -39.44 -134.30 11.85
N GLY H 243 -38.87 -133.24 12.45
CA GLY H 243 -39.67 -132.11 12.88
C GLY H 243 -39.88 -131.07 11.80
N TYR H 244 -39.92 -131.50 10.54
CA TYR H 244 -40.20 -130.57 9.45
C TYR H 244 -41.60 -129.99 9.58
N GLU H 245 -42.58 -130.83 9.92
CA GLU H 245 -43.95 -130.36 10.06
C GLU H 245 -44.07 -129.35 11.19
N ALA H 246 -43.37 -129.59 12.31
CA ALA H 246 -43.42 -128.65 13.43
C ALA H 246 -42.84 -127.29 13.04
N SER H 247 -41.71 -127.30 12.33
CA SER H 247 -41.10 -126.04 11.90
C SER H 247 -42.00 -125.31 10.91
N LYS H 248 -42.60 -126.04 9.97
CA LYS H 248 -43.50 -125.40 9.02
C LYS H 248 -44.74 -124.84 9.72
N GLN H 249 -45.25 -125.56 10.72
CA GLN H 249 -46.38 -125.04 11.49
C GLN H 249 -45.99 -123.79 12.26
N ILE H 250 -44.78 -123.76 12.81
CA ILE H 250 -44.31 -122.58 13.53
C ILE H 250 -44.22 -121.39 12.59
N ILE H 251 -43.65 -121.59 11.40
CA ILE H 251 -43.53 -120.48 10.46
C ILE H 251 -44.90 -120.06 9.94
N ILE H 252 -45.84 -121.00 9.79
CA ILE H 252 -47.18 -120.65 9.36
C ILE H 252 -47.87 -119.81 10.42
N ASP H 253 -47.75 -120.20 11.69
CA ASP H 253 -48.35 -119.42 12.77
C ASP H 253 -47.70 -118.05 12.87
N ALA H 254 -46.39 -117.97 12.65
CA ALA H 254 -45.71 -116.68 12.64
C ALA H 254 -46.24 -115.79 11.53
N GLU H 255 -46.44 -116.35 10.34
CA GLU H 255 -47.02 -115.58 9.24
C GLU H 255 -48.43 -115.12 9.58
N SER H 256 -49.22 -116.01 10.20
CA SER H 256 -50.60 -115.65 10.55
C SER H 256 -50.62 -114.50 11.55
N ALA H 257 -49.78 -114.57 12.58
CA ALA H 257 -49.72 -113.49 13.55
C ALA H 257 -49.15 -112.22 12.93
N LEU H 258 -48.25 -112.36 11.96
CA LEU H 258 -47.70 -111.21 11.26
C LEU H 258 -48.78 -110.48 10.48
N ASN H 259 -49.57 -111.22 9.71
CA ASN H 259 -50.65 -110.61 8.94
C ASN H 259 -51.75 -110.08 9.84
N GLU H 260 -52.03 -110.76 10.95
CA GLU H 260 -53.07 -110.34 11.87
C GLU H 260 -52.68 -109.14 12.71
N TRP H 261 -51.39 -108.81 12.78
CA TRP H 261 -50.93 -107.72 13.62
C TRP H 261 -51.55 -106.40 13.17
N THR H 262 -52.03 -105.63 14.15
CA THR H 262 -52.62 -104.33 13.89
C THR H 262 -52.31 -103.41 15.07
N LEU H 263 -52.53 -102.11 14.85
CA LEU H 263 -52.30 -101.15 15.92
C LEU H 263 -53.19 -101.40 17.12
N ASP H 264 -54.42 -101.88 16.89
CA ASP H 264 -55.29 -102.24 17.99
C ASP H 264 -54.70 -103.39 18.80
N SER H 265 -54.15 -104.38 18.13
CA SER H 265 -53.52 -105.52 18.79
C SER H 265 -52.07 -105.23 19.16
N ALA H 266 -51.85 -104.10 19.83
CA ALA H 266 -50.52 -103.69 20.29
C ALA H 266 -50.39 -104.12 21.74
N GLN H 267 -49.87 -105.34 21.93
CA GLN H 267 -49.75 -105.89 23.28
C GLN H 267 -48.70 -105.19 24.12
N VAL H 268 -47.87 -104.34 23.52
CA VAL H 268 -46.95 -103.52 24.31
C VAL H 268 -47.73 -102.42 25.01
N LYS H 269 -47.52 -102.29 26.31
CA LYS H 269 -48.30 -101.33 27.09
C LYS H 269 -47.41 -100.56 28.06
N PRO H 270 -47.40 -99.23 27.98
CA PRO H 270 -46.66 -98.43 28.96
C PRO H 270 -47.43 -98.35 30.28
N THR H 271 -46.75 -97.81 31.29
CA THR H 271 -47.36 -97.65 32.61
C THR H 271 -46.92 -96.34 33.25
N MET I 1 -65.32 -25.53 -19.81
CA MET I 1 -66.46 -26.16 -19.16
C MET I 1 -67.65 -25.20 -19.10
N HIS I 2 -67.35 -23.91 -19.19
CA HIS I 2 -68.38 -22.87 -19.14
C HIS I 2 -69.06 -22.66 -20.49
N ARG I 3 -68.74 -23.48 -21.49
CA ARG I 3 -69.34 -23.32 -22.81
C ARG I 3 -70.83 -23.59 -22.76
N THR I 4 -71.57 -22.88 -23.61
CA THR I 4 -73.01 -23.01 -23.68
C THR I 4 -73.39 -24.30 -24.39
N TYR I 5 -74.70 -24.53 -24.50
CA TYR I 5 -75.22 -25.74 -25.16
C TYR I 5 -75.35 -25.49 -26.66
N SER I 6 -74.18 -25.39 -27.30
CA SER I 6 -74.10 -25.17 -28.74
C SER I 6 -72.97 -26.04 -29.28
N LEU I 7 -72.61 -25.82 -30.54
CA LEU I 7 -71.56 -26.58 -31.20
C LEU I 7 -70.21 -25.91 -31.08
N ARG I 8 -70.14 -24.76 -30.40
CA ARG I 8 -68.94 -23.95 -30.29
C ARG I 8 -68.40 -24.04 -28.87
N ASN I 9 -67.09 -24.04 -28.72
CA ASN I 9 -66.47 -23.95 -27.40
C ASN I 9 -66.39 -22.48 -26.96
N SER I 10 -67.56 -21.86 -26.86
CA SER I 10 -67.69 -20.47 -26.45
C SER I 10 -68.35 -20.43 -25.08
N ARG I 11 -67.65 -19.89 -24.09
CA ARG I 11 -68.17 -19.83 -22.73
C ARG I 11 -69.33 -18.85 -22.65
N ALA I 12 -70.27 -19.16 -21.77
CA ALA I 12 -71.41 -18.27 -21.55
C ALA I 12 -70.93 -16.95 -20.96
N PRO I 13 -71.28 -15.81 -21.55
CA PRO I 13 -70.80 -14.53 -21.03
C PRO I 13 -71.44 -14.20 -19.68
N THR I 14 -70.61 -13.80 -18.72
CA THR I 14 -71.09 -13.38 -17.42
C THR I 14 -71.54 -11.94 -17.47
N ALA I 15 -72.06 -11.44 -16.35
CA ALA I 15 -72.55 -10.06 -16.29
C ALA I 15 -71.44 -9.06 -16.61
N SER I 16 -70.20 -9.38 -16.23
CA SER I 16 -69.08 -8.51 -16.60
C SER I 16 -68.91 -8.45 -18.11
N GLN I 17 -69.07 -9.58 -18.79
CA GLN I 17 -68.93 -9.60 -20.24
C GLN I 17 -70.01 -8.76 -20.91
N LEU I 18 -71.24 -8.81 -20.40
CA LEU I 18 -72.28 -7.93 -20.91
C LEU I 18 -71.97 -6.47 -20.62
N GLN I 19 -71.43 -6.18 -19.43
CA GLN I 19 -71.10 -4.80 -19.10
C GLN I 19 -70.03 -4.24 -20.03
N ASN I 20 -68.95 -5.00 -20.23
CA ASN I 20 -67.88 -4.61 -21.13
C ASN I 20 -67.56 -5.80 -22.03
N PRO I 21 -67.59 -5.62 -23.35
CA PRO I 21 -67.39 -6.75 -24.25
C PRO I 21 -66.00 -7.31 -24.09
N PRO I 22 -65.83 -8.62 -24.31
CA PRO I 22 -64.50 -9.22 -24.17
C PRO I 22 -63.55 -8.67 -25.22
N PRO I 23 -62.27 -8.54 -24.90
CA PRO I 23 -61.31 -8.03 -25.87
C PRO I 23 -60.95 -9.10 -26.89
N PRO I 24 -60.37 -8.71 -28.02
CA PRO I 24 -59.94 -9.70 -29.01
C PRO I 24 -58.83 -10.58 -28.46
N PRO I 25 -58.65 -11.78 -29.01
CA PRO I 25 -57.60 -12.67 -28.49
C PRO I 25 -56.22 -12.06 -28.62
N SER I 26 -55.35 -12.43 -27.69
CA SER I 26 -54.01 -11.85 -27.63
C SER I 26 -53.21 -12.18 -28.88
N THR I 27 -52.39 -11.23 -29.30
CA THR I 27 -51.51 -11.40 -30.46
C THR I 27 -50.15 -11.98 -30.09
N THR I 28 -49.96 -12.34 -28.83
CA THR I 28 -48.69 -12.89 -28.36
C THR I 28 -48.57 -14.39 -28.62
N LYS I 29 -49.59 -15.01 -29.22
CA LYS I 29 -49.55 -16.44 -29.52
C LYS I 29 -48.45 -16.75 -30.51
N GLY I 30 -47.36 -17.36 -30.04
CA GLY I 30 -46.25 -17.69 -30.91
C GLY I 30 -46.34 -19.10 -31.48
N ARG I 31 -45.59 -19.32 -32.56
CA ARG I 31 -45.53 -20.63 -33.20
C ARG I 31 -44.53 -21.49 -32.45
N PHE I 32 -45.00 -22.09 -31.35
CA PHE I 32 -44.16 -22.89 -30.48
C PHE I 32 -45.02 -23.90 -29.75
N PHE I 33 -44.35 -24.91 -29.16
CA PHE I 33 -45.07 -25.94 -28.44
C PHE I 33 -45.80 -25.40 -27.21
N GLY I 34 -45.29 -24.32 -26.61
CA GLY I 34 -45.88 -23.78 -25.42
C GLY I 34 -45.51 -24.50 -24.13
N LYS I 35 -44.49 -25.34 -24.15
CA LYS I 35 -44.03 -26.05 -22.95
C LYS I 35 -42.58 -25.72 -22.61
N GLY I 36 -42.08 -24.57 -23.07
CA GLY I 36 -40.71 -24.19 -22.81
C GLY I 36 -39.68 -24.87 -23.68
N GLY I 37 -40.10 -25.50 -24.78
CA GLY I 37 -39.18 -26.19 -25.66
C GLY I 37 -38.83 -27.57 -25.16
N LEU I 38 -37.94 -28.23 -25.93
CA LEU I 38 -37.50 -29.57 -25.56
C LEU I 38 -36.68 -29.56 -24.27
N ALA I 39 -35.99 -28.46 -23.99
CA ALA I 39 -35.21 -28.37 -22.75
C ALA I 39 -36.11 -28.45 -21.53
N TYR I 40 -37.24 -27.73 -21.55
CA TYR I 40 -38.18 -27.77 -20.44
C TYR I 40 -39.14 -28.95 -20.52
N SER I 41 -39.24 -29.60 -21.68
CA SER I 41 -40.04 -30.81 -21.81
C SER I 41 -39.23 -32.07 -21.52
N PHE I 42 -37.91 -31.95 -21.33
CA PHE I 42 -37.11 -33.10 -20.93
C PHE I 42 -37.56 -33.63 -19.58
N ARG I 43 -37.85 -32.75 -18.63
CA ARG I 43 -38.36 -33.18 -17.33
C ARG I 43 -39.71 -33.88 -17.49
N ARG I 44 -40.60 -33.34 -18.31
CA ARG I 44 -41.90 -33.96 -18.52
C ARG I 44 -41.75 -35.35 -19.13
N SER I 45 -40.85 -35.50 -20.10
CA SER I 45 -40.62 -36.81 -20.69
C SER I 45 -40.02 -37.78 -19.67
N ALA I 46 -39.07 -37.30 -18.85
CA ALA I 46 -38.46 -38.14 -17.84
C ALA I 46 -39.44 -38.55 -16.75
N ALA I 47 -40.50 -37.76 -16.54
CA ALA I 47 -41.55 -38.18 -15.62
C ALA I 47 -42.24 -39.45 -16.12
N GLY I 48 -42.52 -39.51 -17.42
CA GLY I 48 -43.06 -40.70 -18.02
C GLY I 48 -41.97 -41.65 -18.46
N ALA I 49 -41.36 -42.35 -17.50
CA ALA I 49 -40.20 -43.19 -17.75
C ALA I 49 -40.25 -44.38 -16.81
N PHE I 50 -39.12 -45.06 -16.64
CA PHE I 50 -39.08 -46.30 -15.87
C PHE I 50 -39.31 -46.03 -14.40
N GLY I 51 -40.57 -45.96 -13.99
CA GLY I 51 -40.94 -45.75 -12.61
C GLY I 51 -41.76 -46.89 -12.07
N PRO I 52 -42.32 -46.71 -10.87
CA PRO I 52 -43.13 -47.77 -10.27
C PRO I 52 -44.50 -47.93 -10.91
N GLU I 53 -44.74 -47.19 -12.00
CA GLU I 53 -45.93 -47.32 -12.85
C GLU I 53 -47.21 -46.95 -12.09
N LEU I 54 -47.09 -46.65 -10.80
CA LEU I 54 -48.20 -46.21 -9.98
C LEU I 54 -48.12 -44.73 -9.66
N SER I 55 -47.00 -44.28 -9.11
CA SER I 55 -46.77 -42.87 -8.89
C SER I 55 -46.26 -42.15 -10.13
N ARG I 56 -46.26 -42.83 -11.28
CA ARG I 56 -45.85 -42.19 -12.53
C ARG I 56 -46.71 -40.96 -12.82
N LYS I 57 -48.03 -41.09 -12.70
CA LYS I 57 -48.90 -39.94 -12.91
C LYS I 57 -48.67 -38.88 -11.84
N LEU I 58 -48.50 -39.30 -10.58
CA LEU I 58 -48.29 -38.34 -9.51
C LEU I 58 -46.93 -37.65 -9.63
N SER I 59 -45.90 -38.41 -10.00
CA SER I 59 -44.59 -37.79 -10.23
C SER I 59 -44.64 -36.82 -11.41
N GLN I 60 -45.37 -37.19 -12.46
CA GLN I 60 -45.53 -36.28 -13.59
C GLN I 60 -46.24 -35.01 -13.16
N LEU I 61 -47.27 -35.14 -12.32
CA LEU I 61 -47.97 -33.97 -11.82
C LEU I 61 -47.03 -33.10 -10.99
N VAL I 62 -46.20 -33.73 -10.15
CA VAL I 62 -45.27 -32.97 -9.31
C VAL I 62 -44.28 -32.21 -10.18
N LYS I 63 -43.75 -32.84 -11.22
CA LYS I 63 -42.77 -32.17 -12.06
C LYS I 63 -43.44 -31.08 -12.90
N ILE I 64 -44.69 -31.29 -13.30
CA ILE I 64 -45.44 -30.24 -13.97
C ILE I 64 -45.65 -29.06 -13.02
N GLU I 65 -45.92 -29.35 -11.75
CA GLU I 65 -46.05 -28.29 -10.75
C GLU I 65 -44.73 -27.55 -10.57
N LYS I 66 -43.62 -28.27 -10.68
CA LYS I 66 -42.32 -27.62 -10.67
C LYS I 66 -42.15 -26.67 -11.85
N ASN I 67 -42.62 -27.09 -13.03
CA ASN I 67 -42.61 -26.18 -14.17
C ASN I 67 -43.49 -24.97 -13.91
N VAL I 68 -44.65 -25.18 -13.28
CA VAL I 68 -45.51 -24.07 -12.89
C VAL I 68 -44.74 -23.11 -12.00
N LEU I 69 -44.01 -23.65 -11.03
CA LEU I 69 -43.29 -22.84 -10.07
C LEU I 69 -42.18 -22.06 -10.75
N ARG I 70 -41.48 -22.70 -11.68
CA ARG I 70 -40.41 -22.03 -12.41
C ARG I 70 -40.96 -20.89 -13.26
N SER I 71 -42.07 -21.13 -13.95
CA SER I 71 -42.69 -20.07 -14.75
C SER I 71 -43.15 -18.91 -13.87
N MET I 72 -43.74 -19.22 -12.71
CA MET I 72 -44.19 -18.16 -11.81
C MET I 72 -43.01 -17.37 -11.27
N GLU I 73 -41.91 -18.07 -10.98
CA GLU I 73 -40.69 -17.39 -10.54
C GLU I 73 -40.16 -16.48 -11.65
N LEU I 74 -40.26 -16.94 -12.90
CA LEU I 74 -39.85 -16.12 -14.02
C LEU I 74 -40.69 -14.87 -14.15
N THR I 75 -42.00 -14.97 -13.93
CA THR I 75 -42.89 -13.83 -14.10
C THR I 75 -42.95 -12.94 -12.86
N ALA I 76 -42.39 -13.38 -11.73
CA ALA I 76 -42.37 -12.53 -10.55
C ALA I 76 -41.16 -11.59 -10.55
N ASN I 77 -39.96 -12.16 -10.69
CA ASN I 77 -38.76 -11.34 -10.72
C ASN I 77 -38.78 -10.39 -11.91
N GLU I 78 -39.20 -10.87 -13.07
CA GLU I 78 -39.21 -10.02 -14.25
C GLU I 78 -40.38 -9.02 -14.20
N ARG I 79 -41.46 -9.32 -13.48
CA ARG I 79 -42.48 -8.30 -13.23
C ARG I 79 -41.97 -7.19 -12.32
N ARG I 80 -41.22 -7.54 -11.28
CA ARG I 80 -40.65 -6.49 -10.45
C ARG I 80 -39.61 -5.69 -11.23
N ASP I 81 -38.92 -6.34 -12.17
CA ASP I 81 -38.09 -5.60 -13.11
C ASP I 81 -38.92 -4.63 -13.95
N ALA I 82 -40.10 -5.06 -14.37
CA ALA I 82 -40.99 -4.18 -15.12
C ALA I 82 -41.40 -2.98 -14.28
N ALA I 83 -41.68 -3.20 -13.00
CA ALA I 83 -42.03 -2.10 -12.11
C ALA I 83 -40.86 -1.12 -11.97
N LYS I 84 -39.64 -1.64 -11.81
CA LYS I 84 -38.48 -0.78 -11.75
C LYS I 84 -38.33 0.03 -13.03
N GLN I 85 -38.53 -0.61 -14.17
CA GLN I 85 -38.43 0.08 -15.45
C GLN I 85 -39.51 1.15 -15.58
N LEU I 86 -40.71 0.88 -15.07
CA LEU I 86 -41.77 1.88 -15.09
C LEU I 86 -41.40 3.09 -14.26
N SER I 87 -40.82 2.87 -13.08
CA SER I 87 -40.37 4.01 -12.28
C SER I 87 -39.28 4.79 -12.99
N ILE I 88 -38.35 4.08 -13.63
CA ILE I 88 -37.27 4.74 -14.36
C ILE I 88 -37.84 5.59 -15.48
N TRP I 89 -38.83 5.06 -16.20
CA TRP I 89 -39.47 5.82 -17.27
C TRP I 89 -40.19 7.05 -16.72
N GLY I 90 -40.89 6.88 -15.60
CA GLY I 90 -41.60 8.01 -15.02
C GLY I 90 -40.71 9.03 -14.34
N LEU I 91 -39.42 8.72 -14.20
CA LEU I 91 -38.49 9.69 -13.63
C LEU I 91 -38.59 11.04 -14.32
N GLU I 92 -38.56 11.06 -15.65
CA GLU I 92 -38.56 12.30 -16.41
C GLU I 92 -39.96 12.49 -17.01
N ASN I 93 -40.84 13.10 -16.23
CA ASN I 93 -42.21 13.35 -16.64
C ASN I 93 -42.80 14.43 -15.74
N ASP I 94 -44.10 14.63 -15.82
CA ASP I 94 -44.77 15.60 -14.96
C ASP I 94 -44.68 15.15 -13.50
N ASP I 95 -44.72 16.13 -12.60
CA ASP I 95 -44.56 15.82 -11.18
C ASP I 95 -45.68 14.90 -10.69
N ASP I 96 -46.92 15.21 -11.04
CA ASP I 96 -48.03 14.33 -10.68
C ASP I 96 -47.88 12.98 -11.36
N VAL I 97 -47.50 12.98 -12.64
CA VAL I 97 -47.29 11.73 -13.36
C VAL I 97 -46.16 10.93 -12.72
N SER I 98 -45.06 11.60 -12.37
CA SER I 98 -43.94 10.90 -11.77
C SER I 98 -44.34 10.28 -10.43
N ASP I 99 -45.03 11.05 -9.58
CA ASP I 99 -45.43 10.53 -8.28
C ASP I 99 -46.40 9.37 -8.43
N ILE I 100 -47.39 9.50 -9.32
CA ILE I 100 -48.40 8.46 -9.45
C ILE I 100 -47.78 7.19 -10.05
N THR I 101 -46.85 7.35 -10.99
CA THR I 101 -46.22 6.17 -11.58
C THR I 101 -45.26 5.51 -10.61
N ASP I 102 -44.61 6.29 -9.73
CA ASP I 102 -43.79 5.69 -8.70
C ASP I 102 -44.65 4.90 -7.71
N LYS I 103 -45.83 5.43 -7.38
CA LYS I 103 -46.72 4.70 -6.48
C LYS I 103 -47.26 3.44 -7.15
N LEU I 104 -47.58 3.50 -8.44
CA LEU I 104 -47.97 2.28 -9.14
C LEU I 104 -46.83 1.27 -9.18
N GLY I 105 -45.60 1.77 -9.36
CA GLY I 105 -44.45 0.86 -9.33
C GLY I 105 -44.27 0.19 -7.99
N VAL I 106 -44.47 0.92 -6.90
CA VAL I 106 -44.33 0.30 -5.58
C VAL I 106 -45.47 -0.67 -5.34
N LEU I 107 -46.67 -0.37 -5.85
CA LEU I 107 -47.77 -1.34 -5.74
C LEU I 107 -47.46 -2.61 -6.51
N ILE I 108 -46.88 -2.48 -7.70
CA ILE I 108 -46.47 -3.67 -8.46
C ILE I 108 -45.36 -4.42 -7.73
N TYR I 109 -44.47 -3.71 -7.05
CA TYR I 109 -43.46 -4.38 -6.24
C TYR I 109 -44.10 -5.18 -5.12
N GLU I 110 -45.11 -4.61 -4.46
CA GLU I 110 -45.89 -5.36 -3.48
C GLU I 110 -46.51 -6.60 -4.12
N VAL I 111 -47.03 -6.44 -5.34
CA VAL I 111 -47.62 -7.57 -6.06
C VAL I 111 -46.59 -8.67 -6.25
N SER I 112 -45.37 -8.29 -6.65
CA SER I 112 -44.32 -9.28 -6.88
C SER I 112 -43.92 -9.97 -5.58
N GLU I 113 -43.85 -9.22 -4.48
CA GLU I 113 -43.52 -9.83 -3.20
C GLU I 113 -44.59 -10.83 -2.76
N LEU I 114 -45.87 -10.46 -2.94
CA LEU I 114 -46.94 -11.40 -2.64
C LEU I 114 -46.88 -12.61 -3.56
N ASP I 115 -46.48 -12.41 -4.82
CA ASP I 115 -46.28 -13.53 -5.72
C ASP I 115 -45.19 -14.46 -5.22
N ASP I 116 -44.10 -13.90 -4.70
CA ASP I 116 -43.02 -14.73 -4.16
C ASP I 116 -43.50 -15.52 -2.94
N GLN I 117 -44.27 -14.89 -2.06
CA GLN I 117 -44.83 -15.62 -0.92
C GLN I 117 -45.76 -16.74 -1.40
N PHE I 118 -46.59 -16.45 -2.39
CA PHE I 118 -47.44 -17.48 -2.99
C PHE I 118 -46.61 -18.59 -3.58
N ILE I 119 -45.45 -18.26 -4.14
CA ILE I 119 -44.54 -19.28 -4.69
C ILE I 119 -44.02 -20.17 -3.57
N ASP I 120 -43.67 -19.58 -2.44
CA ASP I 120 -43.19 -20.39 -1.32
C ASP I 120 -44.29 -21.33 -0.81
N ARG I 121 -45.53 -20.83 -0.71
CA ARG I 121 -46.62 -21.69 -0.29
C ARG I 121 -46.92 -22.75 -1.35
N TYR I 122 -46.74 -22.39 -2.62
CA TYR I 122 -46.85 -23.36 -3.70
C TYR I 122 -45.81 -24.46 -3.56
N ASP I 123 -44.60 -24.09 -3.13
CA ASP I 123 -43.57 -25.10 -2.90
C ASP I 123 -43.93 -25.98 -1.72
N GLN I 124 -44.59 -25.42 -0.71
CA GLN I 124 -45.11 -26.27 0.37
C GLN I 124 -46.12 -27.29 -0.17
N TYR I 125 -47.03 -26.82 -1.02
CA TYR I 125 -47.99 -27.71 -1.67
C TYR I 125 -47.27 -28.80 -2.47
N ARG I 126 -46.27 -28.40 -3.25
CA ARG I 126 -45.53 -29.35 -4.08
C ARG I 126 -44.74 -30.33 -3.23
N LEU I 127 -44.25 -29.90 -2.07
CA LEU I 127 -43.51 -30.81 -1.19
C LEU I 127 -44.46 -31.82 -0.55
N THR I 128 -45.66 -31.38 -0.17
CA THR I 128 -46.64 -32.35 0.34
C THR I 128 -47.00 -33.36 -0.74
N LEU I 129 -47.18 -32.90 -1.98
CA LEU I 129 -47.44 -33.83 -3.07
C LEU I 129 -46.25 -34.73 -3.35
N LYS I 130 -45.03 -34.24 -3.16
CA LYS I 130 -43.85 -35.10 -3.28
C LYS I 130 -43.88 -36.18 -2.23
N SER I 131 -44.26 -35.84 -1.00
CA SER I 131 -44.35 -36.83 0.06
C SER I 131 -45.38 -37.90 -0.28
N ILE I 132 -46.55 -37.49 -0.76
CA ILE I 132 -47.58 -38.47 -1.09
C ILE I 132 -47.14 -39.33 -2.28
N ARG I 133 -46.45 -38.73 -3.25
CA ARG I 133 -45.91 -39.49 -4.37
C ARG I 133 -44.90 -40.53 -3.88
N ASP I 134 -44.04 -40.15 -2.95
CA ASP I 134 -43.00 -41.07 -2.51
C ASP I 134 -43.57 -42.21 -1.68
N ILE I 135 -44.57 -41.94 -0.85
CA ILE I 135 -45.16 -43.04 -0.09
C ILE I 135 -45.92 -43.98 -1.02
N GLU I 136 -46.60 -43.42 -2.03
CA GLU I 136 -47.28 -44.28 -3.00
C GLU I 136 -46.28 -45.13 -3.79
N GLY I 137 -45.15 -44.53 -4.18
CA GLY I 137 -44.12 -45.29 -4.87
C GLY I 137 -43.50 -46.36 -4.00
N SER I 138 -43.39 -46.11 -2.69
CA SER I 138 -42.87 -47.12 -1.78
C SER I 138 -43.88 -48.23 -1.54
N VAL I 139 -45.18 -47.93 -1.64
CA VAL I 139 -46.19 -48.96 -1.39
C VAL I 139 -46.48 -49.77 -2.64
N GLN I 140 -46.17 -49.25 -3.83
CA GLN I 140 -46.40 -50.02 -5.05
C GLN I 140 -45.70 -51.37 -5.12
N PRO I 141 -44.42 -51.52 -4.73
CA PRO I 141 -43.77 -52.84 -4.89
C PRO I 141 -44.46 -53.94 -4.13
N SER I 142 -45.20 -53.62 -3.06
CA SER I 142 -45.98 -54.65 -2.38
C SER I 142 -46.99 -55.29 -3.33
N ARG I 143 -47.79 -54.48 -4.02
CA ARG I 143 -48.76 -55.03 -4.95
C ARG I 143 -48.09 -55.63 -6.18
N ASP I 144 -46.93 -55.09 -6.58
CA ASP I 144 -46.19 -55.69 -7.69
C ASP I 144 -45.78 -57.12 -7.33
N ARG I 145 -45.21 -57.31 -6.14
CA ARG I 145 -44.83 -58.63 -5.67
C ARG I 145 -46.05 -59.53 -5.52
N LYS I 146 -47.16 -58.97 -5.06
CA LYS I 146 -48.40 -59.75 -4.96
C LYS I 146 -48.82 -60.29 -6.32
N ASP I 147 -48.81 -59.43 -7.34
CA ASP I 147 -49.20 -59.85 -8.68
C ASP I 147 -48.24 -60.91 -9.20
N LYS I 148 -46.94 -60.71 -9.01
CA LYS I 148 -45.97 -61.70 -9.47
C LYS I 148 -46.18 -63.04 -8.78
N ILE I 149 -46.42 -63.02 -7.47
CA ILE I 149 -46.59 -64.25 -6.72
C ILE I 149 -47.86 -64.97 -7.15
N THR I 150 -48.95 -64.24 -7.36
CA THR I 150 -50.18 -64.91 -7.77
C THR I 150 -50.04 -65.49 -9.18
N ASP I 151 -49.33 -64.80 -10.07
CA ASP I 151 -49.10 -65.37 -11.40
C ASP I 151 -48.26 -66.64 -11.31
N LYS I 152 -47.20 -66.61 -10.51
CA LYS I 152 -46.33 -67.78 -10.41
C LYS I 152 -47.06 -68.95 -9.75
N ILE I 153 -47.90 -68.69 -8.75
CA ILE I 153 -48.63 -69.77 -8.10
C ILE I 153 -49.70 -70.32 -9.03
N ALA I 154 -50.29 -69.48 -9.88
CA ALA I 154 -51.22 -69.99 -10.88
C ALA I 154 -50.51 -70.90 -11.87
N TYR I 155 -49.32 -70.51 -12.34
CA TYR I 155 -48.56 -71.37 -13.24
C TYR I 155 -48.18 -72.68 -12.55
N LEU I 156 -47.75 -72.61 -11.29
CA LEU I 156 -47.36 -73.82 -10.58
C LEU I 156 -48.57 -74.74 -10.37
N LYS I 157 -49.73 -74.17 -10.08
CA LYS I 157 -50.96 -74.95 -10.02
C LYS I 157 -51.27 -75.61 -11.35
N TYR I 158 -51.02 -74.89 -12.45
CA TYR I 158 -51.16 -75.50 -13.77
C TYR I 158 -50.25 -76.71 -13.91
N LYS I 159 -49.00 -76.58 -13.46
CA LYS I 159 -48.05 -77.67 -13.64
C LYS I 159 -48.47 -78.93 -12.89
N ASP I 160 -48.81 -78.80 -11.61
CA ASP I 160 -49.20 -79.95 -10.81
C ASP I 160 -50.03 -79.45 -9.62
N PRO I 161 -50.79 -80.33 -8.97
CA PRO I 161 -51.58 -79.93 -7.80
C PRO I 161 -50.94 -80.23 -6.44
N GLN I 162 -49.69 -80.71 -6.39
CA GLN I 162 -49.13 -81.13 -5.11
C GLN I 162 -47.67 -80.73 -4.90
N SER I 163 -47.16 -79.75 -5.65
CA SER I 163 -45.80 -79.30 -5.40
C SER I 163 -45.72 -78.63 -4.02
N PRO I 164 -44.71 -78.97 -3.21
CA PRO I 164 -44.52 -78.25 -1.94
C PRO I 164 -44.31 -76.77 -2.14
N LYS I 165 -43.65 -76.41 -3.24
CA LYS I 165 -43.43 -75.00 -3.57
C LYS I 165 -44.77 -74.27 -3.68
N ILE I 166 -45.79 -74.95 -4.18
CA ILE I 166 -47.13 -74.36 -4.31
C ILE I 166 -47.66 -73.95 -2.95
N GLU I 167 -47.63 -74.88 -2.00
CA GLU I 167 -48.18 -74.60 -0.67
C GLU I 167 -47.34 -73.55 0.05
N VAL I 168 -46.02 -73.57 -0.17
CA VAL I 168 -45.17 -72.59 0.48
C VAL I 168 -45.47 -71.19 -0.03
N LEU I 169 -45.62 -71.04 -1.35
CA LEU I 169 -45.96 -69.72 -1.88
C LEU I 169 -47.39 -69.32 -1.55
N GLU I 170 -48.30 -70.27 -1.38
CA GLU I 170 -49.63 -69.90 -0.90
C GLU I 170 -49.55 -69.38 0.53
N GLN I 171 -48.73 -70.01 1.37
CA GLN I 171 -48.57 -69.57 2.75
C GLN I 171 -47.89 -68.21 2.81
N GLU I 172 -46.97 -67.94 1.89
CA GLU I 172 -46.36 -66.62 1.85
C GLU I 172 -47.31 -65.59 1.24
N LEU I 173 -48.20 -66.02 0.34
CA LEU I 173 -49.14 -65.10 -0.29
C LEU I 173 -50.26 -64.71 0.66
N VAL I 174 -50.66 -65.58 1.58
CA VAL I 174 -51.65 -65.16 2.56
C VAL I 174 -51.06 -64.11 3.50
N ARG I 175 -49.74 -64.17 3.75
CA ARG I 175 -49.08 -63.09 4.49
C ARG I 175 -49.00 -61.82 3.65
N ALA I 176 -48.64 -61.97 2.37
CA ALA I 176 -48.51 -60.81 1.49
C ALA I 176 -49.85 -60.11 1.32
N GLU I 177 -50.94 -60.87 1.28
CA GLU I 177 -52.26 -60.27 1.15
C GLU I 177 -52.62 -59.43 2.37
N ALA I 178 -52.34 -59.94 3.56
CA ALA I 178 -52.62 -59.17 4.77
C ALA I 178 -51.74 -57.92 4.84
N GLU I 179 -50.46 -58.05 4.51
CA GLU I 179 -49.59 -56.88 4.54
C GLU I 179 -49.99 -55.88 3.47
N SER I 180 -50.48 -56.34 2.31
CA SER I 180 -50.94 -55.44 1.27
C SER I 180 -52.25 -54.78 1.66
N LEU I 181 -53.12 -55.48 2.37
CA LEU I 181 -54.34 -54.86 2.87
C LEU I 181 -54.01 -53.75 3.86
N VAL I 182 -53.09 -54.01 4.79
CA VAL I 182 -52.68 -52.97 5.73
C VAL I 182 -52.02 -51.82 4.99
N ALA I 183 -51.16 -52.13 4.02
CA ALA I 183 -50.46 -51.11 3.26
C ALA I 183 -51.44 -50.24 2.47
N GLU I 184 -52.45 -50.85 1.87
CA GLU I 184 -53.43 -50.09 1.11
C GLU I 184 -54.34 -49.28 2.02
N ALA I 185 -54.69 -49.80 3.19
CA ALA I 185 -55.48 -49.01 4.14
C ALA I 185 -54.71 -47.78 4.58
N GLN I 186 -53.45 -47.95 5.00
CA GLN I 186 -52.66 -46.79 5.40
C GLN I 186 -52.36 -45.88 4.21
N LEU I 187 -52.25 -46.44 3.01
CA LEU I 187 -52.04 -45.64 1.82
C LEU I 187 -53.24 -44.76 1.54
N SER I 188 -54.45 -45.32 1.63
CA SER I 188 -55.65 -44.53 1.46
C SER I 188 -55.75 -43.45 2.52
N ASN I 189 -55.45 -43.80 3.77
CA ASN I 189 -55.52 -42.82 4.85
C ASN I 189 -54.54 -41.67 4.63
N ILE I 190 -53.29 -42.00 4.30
CA ILE I 190 -52.29 -40.97 4.12
C ILE I 190 -52.58 -40.13 2.88
N THR I 191 -53.08 -40.76 1.81
CA THR I 191 -53.42 -40.01 0.61
C THR I 191 -54.55 -39.03 0.90
N ARG I 192 -55.59 -39.48 1.60
CA ARG I 192 -56.69 -38.60 1.91
C ARG I 192 -56.22 -37.44 2.81
N SER I 193 -55.43 -37.75 3.83
CA SER I 193 -54.96 -36.72 4.74
C SER I 193 -54.09 -35.69 4.03
N LYS I 194 -53.07 -36.17 3.30
CA LYS I 194 -52.18 -35.27 2.58
C LYS I 194 -52.93 -34.47 1.54
N LEU I 195 -53.83 -35.12 0.80
CA LEU I 195 -54.60 -34.42 -0.23
C LEU I 195 -55.42 -33.30 0.37
N ARG I 196 -56.21 -33.62 1.41
CA ARG I 196 -57.07 -32.61 2.02
C ARG I 196 -56.24 -31.48 2.61
N ALA I 197 -55.20 -31.81 3.37
CA ALA I 197 -54.41 -30.77 4.02
C ALA I 197 -53.71 -29.89 3.01
N ALA I 198 -53.04 -30.51 2.03
CA ALA I 198 -52.29 -29.75 1.03
C ALA I 198 -53.20 -28.87 0.21
N PHE I 199 -54.35 -29.39 -0.24
CA PHE I 199 -55.21 -28.56 -1.07
C PHE I 199 -55.98 -27.51 -0.27
N ASN I 200 -56.34 -27.81 0.99
CA ASN I 200 -56.92 -26.77 1.82
C ASN I 200 -55.93 -25.65 2.08
N TYR I 201 -54.67 -25.99 2.37
CA TYR I 201 -53.64 -24.97 2.55
C TYR I 201 -53.40 -24.21 1.25
N GLN I 202 -53.40 -24.91 0.12
CA GLN I 202 -53.19 -24.26 -1.18
C GLN I 202 -54.31 -23.28 -1.48
N PHE I 203 -55.56 -23.69 -1.23
CA PHE I 203 -56.68 -22.81 -1.51
C PHE I 203 -56.72 -21.63 -0.54
N ASP I 204 -56.37 -21.86 0.73
CA ASP I 204 -56.27 -20.76 1.66
C ASP I 204 -55.18 -19.78 1.23
N SER I 205 -54.03 -20.29 0.79
CA SER I 205 -52.97 -19.43 0.30
C SER I 205 -53.40 -18.63 -0.91
N ILE I 206 -54.07 -19.28 -1.87
CA ILE I 206 -54.43 -18.56 -3.08
C ILE I 206 -55.53 -17.54 -2.79
N ILE I 207 -56.48 -17.85 -1.91
CA ILE I 207 -57.51 -16.86 -1.60
C ILE I 207 -56.91 -15.70 -0.82
N GLU I 208 -55.98 -15.98 0.08
CA GLU I 208 -55.32 -14.90 0.81
C GLU I 208 -54.55 -14.00 -0.13
N HIS I 209 -53.70 -14.58 -0.98
CA HIS I 209 -52.90 -13.78 -1.91
C HIS I 209 -53.79 -13.02 -2.87
N SER I 210 -54.86 -13.65 -3.37
CA SER I 210 -55.72 -13.01 -4.34
C SER I 210 -56.52 -11.88 -3.73
N GLU I 211 -57.13 -12.11 -2.57
CA GLU I 211 -57.89 -11.04 -1.94
C GLU I 211 -56.96 -9.90 -1.50
N LYS I 212 -55.74 -10.23 -1.11
CA LYS I 212 -54.77 -9.19 -0.78
C LYS I 212 -54.42 -8.36 -2.00
N ILE I 213 -54.17 -9.01 -3.14
CA ILE I 213 -53.81 -8.27 -4.35
C ILE I 213 -55.01 -7.48 -4.85
N ALA I 214 -56.22 -7.96 -4.59
CA ALA I 214 -57.42 -7.21 -4.94
C ALA I 214 -57.58 -5.99 -4.06
N LEU I 215 -57.25 -6.14 -2.77
CA LEU I 215 -57.29 -5.03 -1.83
C LEU I 215 -56.26 -3.98 -2.25
N ILE I 216 -55.14 -4.44 -2.81
CA ILE I 216 -54.12 -3.57 -3.37
C ILE I 216 -54.63 -2.86 -4.62
N ALA I 217 -55.30 -3.60 -5.50
CA ALA I 217 -55.81 -3.02 -6.74
C ALA I 217 -56.87 -1.97 -6.46
N GLY I 218 -57.73 -2.20 -5.47
CA GLY I 218 -58.71 -1.20 -5.09
C GLY I 218 -58.08 0.08 -4.58
N TYR I 219 -57.03 -0.06 -3.75
CA TYR I 219 -56.32 1.11 -3.27
C TYR I 219 -55.63 1.84 -4.43
N GLY I 220 -55.09 1.09 -5.39
CA GLY I 220 -54.49 1.72 -6.55
C GLY I 220 -55.52 2.47 -7.39
N LYS I 221 -56.72 1.89 -7.53
CA LYS I 221 -57.78 2.57 -8.26
C LYS I 221 -58.17 3.86 -7.55
N ALA I 222 -58.26 3.83 -6.22
CA ALA I 222 -58.54 5.05 -5.47
C ALA I 222 -57.42 6.07 -5.63
N LEU I 223 -56.18 5.59 -5.66
CA LEU I 223 -55.03 6.48 -5.81
C LEU I 223 -54.99 7.14 -7.18
N LEU I 224 -55.44 6.42 -8.22
CA LEU I 224 -55.40 6.96 -9.56
C LEU I 224 -56.27 8.19 -9.72
N GLU I 225 -57.19 8.44 -8.79
CA GLU I 225 -58.04 9.62 -8.85
C GLU I 225 -57.26 10.91 -8.64
N LEU I 226 -56.03 10.83 -8.11
CA LEU I 226 -55.29 12.04 -7.78
C LEU I 226 -54.94 12.85 -9.02
N LEU I 227 -54.45 12.19 -10.07
CA LEU I 227 -54.08 12.92 -11.27
C LEU I 227 -55.33 13.45 -12.00
N ASP I 228 -55.15 14.55 -12.70
CA ASP I 228 -56.24 15.19 -13.43
C ASP I 228 -56.17 14.81 -14.90
N ASP I 229 -57.26 14.27 -15.42
CA ASP I 229 -57.33 13.86 -16.82
C ASP I 229 -57.85 14.96 -17.73
N SER I 230 -58.14 16.14 -17.18
CA SER I 230 -58.64 17.24 -18.01
C SER I 230 -57.53 17.73 -18.94
N PRO I 231 -57.76 17.76 -20.24
CA PRO I 231 -56.71 18.23 -21.15
C PRO I 231 -56.40 19.70 -20.95
N VAL I 232 -55.15 20.07 -21.22
CA VAL I 232 -54.68 21.44 -21.08
C VAL I 232 -54.39 22.00 -22.46
N THR I 233 -54.83 23.24 -22.69
CA THR I 233 -54.59 23.89 -23.96
C THR I 233 -53.10 24.21 -24.12
N PRO I 234 -52.60 24.23 -25.34
CA PRO I 234 -51.20 24.62 -25.56
C PRO I 234 -50.97 26.05 -25.10
N GLY I 235 -49.77 26.29 -24.58
CA GLY I 235 -49.46 27.59 -24.02
C GLY I 235 -49.28 27.56 -22.51
N GLU I 236 -50.25 28.09 -21.78
CA GLU I 236 -50.16 28.15 -20.33
C GLU I 236 -50.09 26.75 -19.73
N THR I 237 -49.54 26.68 -18.52
CA THR I 237 -49.33 25.43 -17.80
C THR I 237 -50.33 25.31 -16.66
N ARG I 238 -50.83 24.09 -16.45
CA ARG I 238 -51.78 23.84 -15.39
C ARG I 238 -51.14 24.05 -14.03
N PRO I 239 -51.94 24.33 -13.00
CA PRO I 239 -51.37 24.54 -11.66
C PRO I 239 -50.61 23.31 -11.17
N ALA I 240 -49.58 23.58 -10.36
CA ALA I 240 -48.70 22.50 -9.89
C ALA I 240 -49.47 21.53 -9.01
N TYR I 241 -49.00 20.28 -9.01
CA TYR I 241 -49.63 19.21 -8.26
C TYR I 241 -49.09 19.20 -6.84
N ASP I 242 -49.97 19.42 -5.86
CA ASP I 242 -49.60 19.46 -4.46
C ASP I 242 -50.21 18.29 -3.66
N GLY I 243 -50.66 17.25 -4.35
CA GLY I 243 -51.30 16.13 -3.68
C GLY I 243 -50.33 15.07 -3.20
N TYR I 244 -49.10 15.49 -2.87
CA TYR I 244 -48.13 14.55 -2.32
C TYR I 244 -48.61 13.97 -1.00
N GLU I 245 -49.16 14.83 -0.13
CA GLU I 245 -49.64 14.37 1.16
C GLU I 245 -50.79 13.38 1.01
N ALA I 246 -51.69 13.63 0.06
CA ALA I 246 -52.80 12.71 -0.16
C ALA I 246 -52.31 11.34 -0.62
N SER I 247 -51.35 11.32 -1.55
CA SER I 247 -50.80 10.06 -2.03
C SER I 247 -50.08 9.32 -0.91
N LYS I 248 -49.30 10.04 -0.10
CA LYS I 248 -48.62 9.39 1.01
C LYS I 248 -49.60 8.85 2.04
N GLN I 249 -50.68 9.59 2.28
CA GLN I 249 -51.72 9.09 3.19
C GLN I 249 -52.38 7.84 2.63
N ILE I 250 -52.62 7.82 1.32
CA ILE I 250 -53.22 6.65 0.69
C ILE I 250 -52.31 5.44 0.84
N ILE I 251 -51.02 5.62 0.58
CA ILE I 251 -50.09 4.49 0.70
C ILE I 251 -49.94 4.08 2.16
N ILE I 252 -50.01 5.02 3.09
CA ILE I 252 -49.91 4.68 4.51
C ILE I 252 -51.13 3.86 4.93
N ASP I 253 -52.32 4.27 4.50
CA ASP I 253 -53.52 3.51 4.82
C ASP I 253 -53.49 2.13 4.17
N ALA I 254 -52.96 2.04 2.95
CA ALA I 254 -52.81 0.75 2.30
C ALA I 254 -51.87 -0.16 3.08
N GLU I 255 -50.75 0.39 3.57
CA GLU I 255 -49.85 -0.39 4.40
C GLU I 255 -50.52 -0.83 5.69
N SER I 256 -51.30 0.06 6.30
CA SER I 256 -51.98 -0.28 7.55
C SER I 256 -52.97 -1.41 7.34
N ALA I 257 -53.78 -1.33 6.28
CA ALA I 257 -54.72 -2.41 5.97
C ALA I 257 -54.00 -3.68 5.58
N LEU I 258 -52.84 -3.56 4.94
CA LEU I 258 -52.04 -4.73 4.58
C LEU I 258 -51.56 -5.46 5.82
N ASN I 259 -51.00 -4.72 6.78
CA ASN I 259 -50.52 -5.34 8.01
C ASN I 259 -51.67 -5.85 8.87
N GLU I 260 -52.81 -5.15 8.86
CA GLU I 260 -53.96 -5.54 9.65
C GLU I 260 -54.69 -6.74 9.07
N TRP I 261 -54.44 -7.07 7.80
CA TRP I 261 -55.18 -8.16 7.16
C TRP I 261 -54.91 -9.48 7.88
N THR I 262 -55.99 -10.22 8.11
CA THR I 262 -55.90 -11.54 8.75
C THR I 262 -56.99 -12.43 8.17
N LEU I 263 -56.85 -13.73 8.43
CA LEU I 263 -57.85 -14.68 7.94
C LEU I 263 -59.23 -14.40 8.52
N ASP I 264 -59.29 -13.92 9.77
CA ASP I 264 -60.57 -13.53 10.34
C ASP I 264 -61.20 -12.38 9.57
N SER I 265 -60.39 -11.40 9.19
CA SER I 265 -60.87 -10.25 8.41
C SER I 265 -60.87 -10.55 6.92
N ALA I 266 -61.48 -11.67 6.55
CA ALA I 266 -61.60 -12.08 5.15
C ALA I 266 -62.98 -11.63 4.67
N GLN I 267 -63.02 -10.42 4.11
CA GLN I 267 -64.28 -9.84 3.66
C GLN I 267 -64.85 -10.55 2.43
N VAL I 268 -64.08 -11.42 1.78
CA VAL I 268 -64.63 -12.23 0.70
C VAL I 268 -65.52 -13.31 1.30
N LYS I 269 -66.74 -13.42 0.77
CA LYS I 269 -67.71 -14.36 1.33
C LYS I 269 -68.43 -15.12 0.24
N PRO I 270 -68.38 -16.45 0.26
CA PRO I 270 -69.17 -17.24 -0.69
C PRO I 270 -70.63 -17.30 -0.27
N THR I 271 -71.45 -17.83 -1.17
CA THR I 271 -72.88 -17.96 -0.91
C THR I 271 -73.42 -19.28 -1.48
N MET J 1 -39.88 -3.18 -0.06
CA MET J 1 -40.28 -1.89 0.50
C MET J 1 -40.91 -2.08 1.88
N HIS J 2 -41.41 -3.28 2.13
CA HIS J 2 -42.04 -3.61 3.41
C HIS J 2 -41.04 -3.96 4.49
N ARG J 3 -39.74 -3.85 4.21
CA ARG J 3 -38.73 -4.19 5.19
C ARG J 3 -38.79 -3.25 6.39
N THR J 4 -38.47 -3.79 7.56
CA THR J 4 -38.50 -3.03 8.79
C THR J 4 -37.30 -2.10 8.87
N TYR J 5 -37.21 -1.34 9.96
CA TYR J 5 -36.12 -0.38 10.16
C TYR J 5 -34.94 -1.08 10.83
N SER J 6 -34.32 -1.96 10.04
CA SER J 6 -33.16 -2.72 10.49
C SER J 6 -32.15 -2.76 9.35
N LEU J 7 -31.13 -3.59 9.50
CA LEU J 7 -30.08 -3.73 8.50
C LEU J 7 -30.37 -4.85 7.52
N ARG J 8 -31.50 -5.54 7.68
CA ARG J 8 -31.85 -6.71 6.89
C ARG J 8 -33.01 -6.35 5.96
N ASN J 9 -33.00 -6.92 4.76
CA ASN J 9 -34.13 -6.79 3.85
C ASN J 9 -35.20 -7.83 4.20
N SER J 10 -35.71 -7.73 5.43
CA SER J 10 -36.74 -8.62 5.93
C SER J 10 -38.02 -7.81 6.11
N ARG J 11 -39.06 -8.20 5.39
CA ARG J 11 -40.33 -7.49 5.46
C ARG J 11 -40.99 -7.69 6.81
N ALA J 12 -41.72 -6.67 7.26
CA ALA J 12 -42.44 -6.76 8.51
C ALA J 12 -43.55 -7.81 8.40
N PRO J 13 -43.60 -8.77 9.32
CA PRO J 13 -44.63 -9.83 9.21
C PRO J 13 -46.02 -9.28 9.49
N THR J 14 -46.96 -9.62 8.62
CA THR J 14 -48.34 -9.23 8.79
C THR J 14 -49.04 -10.19 9.75
N ALA J 15 -50.31 -9.91 10.04
CA ALA J 15 -51.06 -10.76 10.97
C ALA J 15 -51.15 -12.19 10.47
N SER J 16 -51.20 -12.39 9.15
CA SER J 16 -51.19 -13.74 8.61
C SER J 16 -49.88 -14.44 8.94
N GLN J 17 -48.76 -13.72 8.86
CA GLN J 17 -47.47 -14.33 9.18
C GLN J 17 -47.40 -14.75 10.64
N LEU J 18 -47.94 -13.93 11.54
CA LEU J 18 -48.02 -14.33 12.94
C LEU J 18 -48.93 -15.53 13.14
N GLN J 19 -50.05 -15.57 12.41
CA GLN J 19 -50.98 -16.69 12.52
C GLN J 19 -50.32 -18.00 12.07
N ASN J 20 -49.68 -17.98 10.91
CA ASN J 20 -48.96 -19.14 10.40
C ASN J 20 -47.57 -18.69 9.95
N PRO J 21 -46.52 -19.32 10.45
CA PRO J 21 -45.17 -18.85 10.12
C PRO J 21 -44.89 -18.99 8.64
N PRO J 22 -44.06 -18.11 8.07
CA PRO J 22 -43.76 -18.21 6.65
C PRO J 22 -43.02 -19.50 6.34
N PRO J 23 -43.23 -20.09 5.17
CA PRO J 23 -42.52 -21.32 4.81
C PRO J 23 -41.09 -21.02 4.42
N PRO J 24 -40.22 -22.03 4.38
CA PRO J 24 -38.84 -21.82 3.94
C PRO J 24 -38.79 -21.43 2.48
N PRO J 25 -37.72 -20.77 2.04
CA PRO J 25 -37.64 -20.35 0.64
C PRO J 25 -37.68 -21.55 -0.31
N SER J 26 -38.23 -21.31 -1.49
CA SER J 26 -38.42 -22.38 -2.47
C SER J 26 -37.09 -22.97 -2.91
N THR J 27 -37.09 -24.28 -3.14
CA THR J 27 -35.92 -25.00 -3.62
C THR J 27 -35.82 -25.03 -5.14
N THR J 28 -36.73 -24.35 -5.84
CA THR J 28 -36.74 -24.34 -7.29
C THR J 28 -35.79 -23.29 -7.87
N LYS J 29 -35.07 -22.56 -7.04
CA LYS J 29 -34.13 -21.55 -7.52
C LYS J 29 -33.00 -22.20 -8.30
N GLY J 30 -33.01 -22.04 -9.62
CA GLY J 30 -31.99 -22.63 -10.45
C GLY J 30 -30.83 -21.69 -10.72
N ARG J 31 -29.70 -22.27 -11.12
CA ARG J 31 -28.51 -21.50 -11.47
C ARG J 31 -28.66 -21.00 -12.90
N PHE J 32 -29.37 -19.89 -13.04
CA PHE J 32 -29.67 -19.32 -14.35
C PHE J 32 -29.91 -17.82 -14.19
N PHE J 33 -29.88 -17.12 -15.33
CA PHE J 33 -30.09 -15.68 -15.31
C PHE J 33 -31.49 -15.31 -14.85
N GLY J 34 -32.48 -16.19 -15.08
CA GLY J 34 -33.84 -15.88 -14.72
C GLY J 34 -34.59 -15.00 -15.70
N LYS J 35 -34.06 -14.81 -16.91
CA LYS J 35 -34.72 -14.02 -17.94
C LYS J 35 -35.03 -14.83 -19.19
N GLY J 36 -35.12 -16.15 -19.06
CA GLY J 36 -35.39 -17.01 -20.20
C GLY J 36 -34.20 -17.28 -21.09
N GLY J 37 -32.99 -17.00 -20.62
CA GLY J 37 -31.80 -17.21 -21.41
C GLY J 37 -31.54 -16.09 -22.39
N LEU J 38 -30.47 -16.27 -23.18
CA LEU J 38 -30.11 -15.27 -24.17
C LEU J 38 -31.16 -15.18 -25.28
N ALA J 39 -31.86 -16.29 -25.57
CA ALA J 39 -32.89 -16.25 -26.59
C ALA J 39 -34.02 -15.30 -26.20
N TYR J 40 -34.45 -15.34 -24.94
CA TYR J 40 -35.50 -14.45 -24.48
C TYR J 40 -34.97 -13.08 -24.06
N SER J 41 -33.66 -12.96 -23.84
CA SER J 41 -33.04 -11.67 -23.56
C SER J 41 -32.62 -10.93 -24.83
N PHE J 42 -32.71 -11.58 -26.00
CA PHE J 42 -32.43 -10.90 -27.25
C PHE J 42 -33.39 -9.74 -27.47
N ARG J 43 -34.68 -9.95 -27.17
CA ARG J 43 -35.65 -8.88 -27.28
C ARG J 43 -35.32 -7.74 -26.32
N ARG J 44 -34.95 -8.07 -25.08
CA ARG J 44 -34.61 -7.04 -24.11
C ARG J 44 -33.41 -6.23 -24.58
N SER J 45 -32.39 -6.90 -25.12
CA SER J 45 -31.23 -6.19 -25.64
C SER J 45 -31.60 -5.32 -26.84
N ALA J 46 -32.44 -5.84 -27.74
CA ALA J 46 -32.86 -5.07 -28.91
C ALA J 46 -33.72 -3.87 -28.52
N ALA J 47 -34.39 -3.92 -27.37
CA ALA J 47 -35.10 -2.75 -26.88
C ALA J 47 -34.13 -1.60 -26.61
N GLY J 48 -33.00 -1.91 -25.99
CA GLY J 48 -31.95 -0.94 -25.77
C GLY J 48 -31.00 -0.85 -26.95
N ALA J 49 -31.46 -0.23 -28.03
CA ALA J 49 -30.72 -0.20 -29.29
C ALA J 49 -30.98 1.13 -29.98
N PHE J 50 -30.68 1.20 -31.27
CA PHE J 50 -30.75 2.45 -32.00
C PHE J 50 -32.20 2.91 -32.15
N GLY J 51 -32.72 3.60 -31.14
CA GLY J 51 -34.06 4.12 -31.17
C GLY J 51 -34.07 5.63 -31.04
N PRO J 52 -35.26 6.20 -30.84
CA PRO J 52 -35.36 7.67 -30.72
C PRO J 52 -34.87 8.19 -29.39
N GLU J 53 -34.29 7.31 -28.56
CA GLU J 53 -33.61 7.65 -27.31
C GLU J 53 -34.59 8.24 -26.29
N LEU J 54 -35.84 8.44 -26.68
CA LEU J 54 -36.88 8.93 -25.78
C LEU J 54 -37.85 7.82 -25.40
N SER J 55 -38.42 7.15 -26.39
CA SER J 55 -39.28 5.99 -26.13
C SER J 55 -38.48 4.71 -25.92
N ARG J 56 -37.15 4.83 -25.82
CA ARG J 56 -36.33 3.65 -25.55
C ARG J 56 -36.75 2.96 -24.26
N LYS J 57 -36.92 3.74 -23.19
CA LYS J 57 -37.38 3.15 -21.94
C LYS J 57 -38.79 2.61 -22.08
N LEU J 58 -39.67 3.34 -22.76
CA LEU J 58 -41.05 2.88 -22.92
C LEU J 58 -41.12 1.65 -23.80
N SER J 59 -40.34 1.61 -24.88
CA SER J 59 -40.30 0.42 -25.73
C SER J 59 -39.74 -0.77 -24.96
N GLN J 60 -38.71 -0.53 -24.14
CA GLN J 60 -38.18 -1.61 -23.31
C GLN J 60 -39.24 -2.12 -22.35
N LEU J 61 -40.01 -1.21 -21.74
CA LEU J 61 -41.09 -1.63 -20.85
C LEU J 61 -42.13 -2.44 -21.60
N VAL J 62 -42.47 -2.02 -22.82
CA VAL J 62 -43.47 -2.74 -23.61
C VAL J 62 -42.98 -4.15 -23.93
N LYS J 63 -41.71 -4.28 -24.31
CA LYS J 63 -41.19 -5.60 -24.66
C LYS J 63 -41.05 -6.48 -23.42
N ILE J 64 -40.73 -5.87 -22.28
CA ILE J 64 -40.72 -6.60 -21.01
C ILE J 64 -42.13 -7.07 -20.68
N GLU J 65 -43.13 -6.24 -20.94
CA GLU J 65 -44.52 -6.66 -20.73
C GLU J 65 -44.89 -7.79 -21.67
N LYS J 66 -44.34 -7.79 -22.89
CA LYS J 66 -44.54 -8.92 -23.78
C LYS J 66 -43.93 -10.19 -23.21
N ASN J 67 -42.75 -10.09 -22.60
CA ASN J 67 -42.19 -11.24 -21.92
C ASN J 67 -43.09 -11.69 -20.77
N VAL J 68 -43.65 -10.75 -20.03
CA VAL J 68 -44.62 -11.07 -18.98
C VAL J 68 -45.76 -11.86 -19.57
N LEU J 69 -46.28 -11.40 -20.71
CA LEU J 69 -47.43 -12.03 -21.32
C LEU J 69 -47.10 -13.43 -21.80
N ARG J 70 -45.90 -13.61 -22.38
CA ARG J 70 -45.48 -14.92 -22.84
C ARG J 70 -45.33 -15.89 -21.67
N SER J 71 -44.73 -15.45 -20.57
CA SER J 71 -44.61 -16.30 -19.39
C SER J 71 -45.97 -16.67 -18.82
N MET J 72 -46.90 -15.70 -18.78
CA MET J 72 -48.23 -15.99 -18.26
C MET J 72 -48.96 -16.97 -19.17
N GLU J 73 -48.77 -16.83 -20.48
CA GLU J 73 -49.34 -17.77 -21.43
C GLU J 73 -48.76 -19.16 -21.21
N LEU J 74 -47.46 -19.23 -20.91
CA LEU J 74 -46.83 -20.50 -20.62
C LEU J 74 -47.40 -21.15 -19.38
N THR J 75 -47.68 -20.36 -18.33
CA THR J 75 -48.17 -20.92 -17.09
C THR J 75 -49.68 -21.13 -17.08
N ALA J 76 -50.40 -20.61 -18.08
CA ALA J 76 -51.83 -20.85 -18.14
C ALA J 76 -52.15 -22.17 -18.85
N ASN J 77 -51.63 -22.33 -20.07
CA ASN J 77 -51.88 -23.57 -20.81
C ASN J 77 -51.30 -24.77 -20.06
N GLU J 78 -50.09 -24.63 -19.53
CA GLU J 78 -49.47 -25.75 -18.83
C GLU J 78 -50.11 -25.97 -17.46
N ARG J 79 -50.71 -24.95 -16.84
CA ARG J 79 -51.51 -25.18 -15.64
C ARG J 79 -52.78 -25.97 -15.96
N ARG J 80 -53.44 -25.65 -17.07
CA ARG J 80 -54.63 -26.43 -17.42
C ARG J 80 -54.22 -27.86 -17.79
N ASP J 81 -53.02 -28.03 -18.35
CA ASP J 81 -52.46 -29.36 -18.53
C ASP J 81 -52.28 -30.06 -17.18
N ALA J 82 -51.81 -29.32 -16.17
CA ALA J 82 -51.67 -29.89 -14.83
C ALA J 82 -53.02 -30.33 -14.28
N ALA J 83 -54.06 -29.54 -14.51
CA ALA J 83 -55.40 -29.92 -14.07
C ALA J 83 -55.87 -31.19 -14.77
N LYS J 84 -55.63 -31.28 -16.07
CA LYS J 84 -55.99 -32.51 -16.80
C LYS J 84 -55.24 -33.71 -16.24
N GLN J 85 -53.95 -33.52 -15.94
CA GLN J 85 -53.15 -34.62 -15.38
C GLN J 85 -53.66 -35.00 -14.00
N LEU J 86 -54.10 -34.02 -13.20
CA LEU J 86 -54.66 -34.32 -11.89
C LEU J 86 -55.93 -35.16 -12.02
N SER J 87 -56.80 -34.81 -12.96
CA SER J 87 -57.99 -35.61 -13.19
C SER J 87 -57.62 -37.02 -13.63
N ILE J 88 -56.65 -37.14 -14.53
CA ILE J 88 -56.21 -38.45 -14.99
C ILE J 88 -55.68 -39.29 -13.83
N TRP J 89 -54.90 -38.67 -12.94
CA TRP J 89 -54.40 -39.38 -11.77
C TRP J 89 -55.54 -39.80 -10.85
N GLY J 90 -56.51 -38.93 -10.65
CA GLY J 90 -57.63 -39.26 -9.78
C GLY J 90 -58.62 -40.23 -10.38
N LEU J 91 -58.47 -40.54 -11.67
CA LEU J 91 -59.33 -41.54 -12.30
C LEU J 91 -59.38 -42.84 -11.49
N GLU J 92 -58.23 -43.36 -11.12
CA GLU J 92 -58.14 -44.64 -10.41
C GLU J 92 -57.87 -44.36 -8.93
N ASN J 93 -58.93 -44.12 -8.18
CA ASN J 93 -58.82 -43.84 -6.75
C ASN J 93 -60.18 -44.09 -6.12
N ASP J 94 -60.33 -43.66 -4.86
CA ASP J 94 -61.62 -43.78 -4.19
C ASP J 94 -62.66 -42.92 -4.88
N ASP J 95 -63.93 -43.34 -4.76
CA ASP J 95 -65.01 -42.63 -5.44
C ASP J 95 -65.11 -41.18 -4.95
N ASP J 96 -65.08 -40.97 -3.64
CA ASP J 96 -65.08 -39.61 -3.12
C ASP J 96 -63.83 -38.87 -3.54
N VAL J 97 -62.67 -39.53 -3.48
CA VAL J 97 -61.43 -38.91 -3.91
C VAL J 97 -61.50 -38.56 -5.40
N SER J 98 -62.00 -39.48 -6.22
CA SER J 98 -62.09 -39.22 -7.65
C SER J 98 -63.00 -38.04 -7.94
N ASP J 99 -64.17 -38.01 -7.31
CA ASP J 99 -65.11 -36.91 -7.53
C ASP J 99 -64.52 -35.58 -7.08
N ILE J 100 -63.91 -35.55 -5.89
CA ILE J 100 -63.40 -34.30 -5.36
C ILE J 100 -62.21 -33.82 -6.19
N THR J 101 -61.36 -34.74 -6.66
CA THR J 101 -60.23 -34.31 -7.47
C THR J 101 -60.67 -33.88 -8.86
N ASP J 102 -61.73 -34.47 -9.40
CA ASP J 102 -62.27 -33.99 -10.67
C ASP J 102 -62.84 -32.58 -10.51
N LYS J 103 -63.51 -32.33 -9.38
CA LYS J 103 -64.03 -30.98 -9.14
C LYS J 103 -62.91 -29.97 -8.93
N LEU J 104 -61.84 -30.36 -8.24
CA LEU J 104 -60.69 -29.47 -8.13
C LEU J 104 -60.05 -29.22 -9.50
N GLY J 105 -60.01 -30.25 -10.35
CA GLY J 105 -59.48 -30.07 -11.69
C GLY J 105 -60.31 -29.11 -12.50
N VAL J 106 -61.64 -29.19 -12.40
CA VAL J 106 -62.47 -28.26 -13.16
C VAL J 106 -62.35 -26.85 -12.59
N LEU J 107 -62.16 -26.72 -11.28
CA LEU J 107 -61.91 -25.40 -10.70
C LEU J 107 -60.60 -24.81 -11.22
N ILE J 108 -59.56 -25.65 -11.32
CA ILE J 108 -58.30 -25.18 -11.88
C ILE J 108 -58.46 -24.82 -13.35
N TYR J 109 -59.30 -25.56 -14.08
CA TYR J 109 -59.59 -25.19 -15.46
C TYR J 109 -60.25 -23.82 -15.54
N GLU J 110 -61.20 -23.56 -14.63
CA GLU J 110 -61.77 -22.22 -14.55
C GLU J 110 -60.69 -21.19 -14.26
N VAL J 111 -59.75 -21.52 -13.38
CA VAL J 111 -58.65 -20.63 -13.06
C VAL J 111 -57.85 -20.31 -14.32
N SER J 112 -57.56 -21.33 -15.12
CA SER J 112 -56.78 -21.13 -16.34
C SER J 112 -57.54 -20.28 -17.35
N GLU J 113 -58.86 -20.49 -17.46
CA GLU J 113 -59.66 -19.67 -18.37
C GLU J 113 -59.66 -18.21 -17.93
N LEU J 114 -59.82 -17.96 -16.64
CA LEU J 114 -59.74 -16.60 -16.14
C LEU J 114 -58.36 -16.01 -16.35
N ASP J 115 -57.31 -16.84 -16.25
CA ASP J 115 -55.97 -16.38 -16.57
C ASP J 115 -55.86 -15.96 -18.02
N ASP J 116 -56.46 -16.73 -18.92
CA ASP J 116 -56.44 -16.37 -20.34
C ASP J 116 -57.16 -15.06 -20.61
N GLN J 117 -58.31 -14.86 -19.96
CA GLN J 117 -59.01 -13.58 -20.08
C GLN J 117 -58.16 -12.44 -19.54
N PHE J 118 -57.51 -12.66 -18.40
CA PHE J 118 -56.60 -11.66 -17.85
C PHE J 118 -55.46 -11.39 -18.82
N ILE J 119 -55.01 -12.41 -19.54
CA ILE J 119 -53.96 -12.23 -20.54
C ILE J 119 -54.44 -11.35 -21.69
N ASP J 120 -55.69 -11.56 -22.12
CA ASP J 120 -56.23 -10.70 -23.18
C ASP J 120 -56.33 -9.25 -22.72
N ARG J 121 -56.80 -9.03 -21.49
CA ARG J 121 -56.86 -7.67 -20.97
C ARG J 121 -55.46 -7.09 -20.78
N TYR J 122 -54.50 -7.93 -20.43
CA TYR J 122 -53.11 -7.52 -20.35
C TYR J 122 -52.61 -7.09 -21.72
N ASP J 123 -53.02 -7.79 -22.77
CA ASP J 123 -52.65 -7.38 -24.12
C ASP J 123 -53.29 -6.06 -24.49
N GLN J 124 -54.52 -5.80 -24.02
CA GLN J 124 -55.11 -4.48 -24.21
C GLN J 124 -54.25 -3.41 -23.54
N TYR J 125 -53.82 -3.67 -22.31
CA TYR J 125 -52.92 -2.75 -21.61
C TYR J 125 -51.63 -2.53 -22.39
N ARG J 126 -51.04 -3.62 -22.89
CA ARG J 126 -49.79 -3.52 -23.63
C ARG J 126 -49.98 -2.79 -24.95
N LEU J 127 -51.14 -2.92 -25.58
CA LEU J 127 -51.41 -2.20 -26.82
C LEU J 127 -51.59 -0.72 -26.57
N THR J 128 -52.25 -0.36 -25.47
CA THR J 128 -52.33 1.06 -25.13
C THR J 128 -50.94 1.63 -24.86
N LEU J 129 -50.09 0.87 -24.16
CA LEU J 129 -48.73 1.33 -23.93
C LEU J 129 -47.93 1.38 -25.23
N LYS J 130 -48.21 0.48 -26.18
CA LYS J 130 -47.58 0.56 -27.49
C LYS J 130 -47.98 1.84 -28.20
N SER J 131 -49.25 2.21 -28.11
CA SER J 131 -49.73 3.45 -28.72
C SER J 131 -49.02 4.66 -28.12
N ILE J 132 -48.91 4.70 -26.79
CA ILE J 132 -48.27 5.84 -26.15
C ILE J 132 -46.78 5.87 -26.50
N ARG J 133 -46.14 4.69 -26.58
CA ARG J 133 -44.74 4.62 -27.00
C ARG J 133 -44.57 5.16 -28.41
N ASP J 134 -45.48 4.80 -29.31
CA ASP J 134 -45.32 5.21 -30.70
C ASP J 134 -45.56 6.70 -30.88
N ILE J 135 -46.52 7.27 -30.16
CA ILE J 135 -46.72 8.72 -30.29
C ILE J 135 -45.53 9.46 -29.69
N GLU J 136 -44.98 8.96 -28.57
CA GLU J 136 -43.80 9.60 -28.01
C GLU J 136 -42.60 9.50 -28.96
N GLY J 137 -42.43 8.35 -29.61
CA GLY J 137 -41.36 8.21 -30.58
C GLY J 137 -41.56 9.11 -31.79
N SER J 138 -42.80 9.33 -32.19
CA SER J 138 -43.06 10.23 -33.30
C SER J 138 -42.85 11.70 -32.91
N VAL J 139 -43.03 12.03 -31.63
CA VAL J 139 -42.86 13.41 -31.21
C VAL J 139 -41.41 13.73 -30.86
N GLN J 140 -40.59 12.72 -30.59
CA GLN J 140 -39.18 12.98 -30.28
C GLN J 140 -38.41 13.70 -31.39
N PRO J 141 -38.54 13.35 -32.67
CA PRO J 141 -37.72 14.03 -33.69
C PRO J 141 -37.92 15.53 -33.73
N SER J 142 -39.08 16.03 -33.29
CA SER J 142 -39.27 17.48 -33.20
C SER J 142 -38.23 18.10 -32.27
N ARG J 143 -38.10 17.57 -31.06
CA ARG J 143 -37.12 18.12 -30.13
C ARG J 143 -35.70 17.81 -30.57
N ASP J 144 -35.49 16.69 -31.25
CA ASP J 144 -34.16 16.40 -31.79
C ASP J 144 -33.74 17.47 -32.79
N ARG J 145 -34.65 17.81 -33.72
CA ARG J 145 -34.38 18.86 -34.69
C ARG J 145 -34.20 20.20 -34.01
N LYS J 146 -34.99 20.46 -32.96
CA LYS J 146 -34.84 21.70 -32.20
C LYS J 146 -33.43 21.81 -31.61
N ASP J 147 -32.95 20.74 -31.00
CA ASP J 147 -31.61 20.74 -30.40
C ASP J 147 -30.56 20.94 -31.47
N LYS J 148 -30.69 20.23 -32.60
CA LYS J 148 -29.72 20.39 -33.68
C LYS J 148 -29.70 21.82 -34.21
N ILE J 149 -30.88 22.41 -34.38
CA ILE J 149 -30.97 23.76 -34.93
C ILE J 149 -30.37 24.77 -33.95
N THR J 150 -30.65 24.62 -32.65
CA THR J 150 -30.10 25.59 -31.71
C THR J 150 -28.57 25.44 -31.61
N ASP J 151 -28.05 24.22 -31.69
CA ASP J 151 -26.60 24.05 -31.71
C ASP J 151 -25.99 24.71 -32.95
N LYS J 152 -26.59 24.49 -34.12
CA LYS J 152 -26.05 25.05 -35.34
C LYS J 152 -26.13 26.57 -35.34
N ILE J 153 -27.22 27.13 -34.82
CA ILE J 153 -27.34 28.59 -34.78
C ILE J 153 -26.37 29.18 -33.78
N ALA J 154 -26.09 28.47 -32.67
CA ALA J 154 -25.07 28.93 -31.75
C ALA J 154 -23.70 28.95 -32.41
N TYR J 155 -23.37 27.91 -33.16
CA TYR J 155 -22.09 27.89 -33.87
C TYR J 155 -22.02 29.01 -34.90
N LEU J 156 -23.11 29.23 -35.64
CA LEU J 156 -23.12 30.28 -36.64
C LEU J 156 -22.99 31.66 -36.00
N LYS J 157 -23.63 31.86 -34.85
CA LYS J 157 -23.44 33.10 -34.09
C LYS J 157 -21.99 33.25 -33.65
N TYR J 158 -21.34 32.16 -33.27
CA TYR J 158 -19.92 32.21 -32.96
C TYR J 158 -19.12 32.68 -34.18
N LYS J 159 -19.46 32.17 -35.36
CA LYS J 159 -18.68 32.50 -36.55
C LYS J 159 -18.77 33.99 -36.88
N ASP J 160 -19.99 34.54 -36.92
CA ASP J 160 -20.18 35.94 -37.25
C ASP J 160 -21.54 36.38 -36.70
N PRO J 161 -21.76 37.69 -36.56
CA PRO J 161 -23.07 38.19 -36.09
C PRO J 161 -24.04 38.64 -37.17
N GLN J 162 -23.73 38.44 -38.46
CA GLN J 162 -24.59 39.01 -39.50
C GLN J 162 -24.81 38.08 -40.69
N SER J 163 -24.58 36.78 -40.54
CA SER J 163 -24.87 35.88 -41.64
C SER J 163 -26.38 35.83 -41.89
N PRO J 164 -26.82 35.92 -43.15
CA PRO J 164 -28.25 35.75 -43.42
C PRO J 164 -28.76 34.39 -42.99
N LYS J 165 -27.91 33.37 -43.10
CA LYS J 165 -28.27 32.03 -42.66
C LYS J 165 -28.67 32.03 -41.19
N ILE J 166 -28.00 32.87 -40.40
CA ILE J 166 -28.31 32.97 -38.97
C ILE J 166 -29.75 33.42 -38.76
N GLU J 167 -30.14 34.51 -39.43
CA GLU J 167 -31.48 35.04 -39.24
C GLU J 167 -32.52 34.09 -39.81
N VAL J 168 -32.19 33.41 -40.91
CA VAL J 168 -33.15 32.47 -41.49
C VAL J 168 -33.40 31.29 -40.54
N LEU J 169 -32.33 30.75 -39.95
CA LEU J 169 -32.51 29.65 -39.00
C LEU J 169 -33.15 30.13 -37.70
N GLU J 170 -32.93 31.39 -37.31
CA GLU J 170 -33.67 31.91 -36.15
C GLU J 170 -35.16 31.99 -36.47
N GLN J 171 -35.50 32.43 -37.68
CA GLN J 171 -36.91 32.52 -38.07
C GLN J 171 -37.54 31.14 -38.18
N GLU J 172 -36.77 30.14 -38.61
CA GLU J 172 -37.30 28.78 -38.63
C GLU J 172 -37.35 28.19 -37.22
N LEU J 173 -36.45 28.61 -36.33
CA LEU J 173 -36.43 28.08 -34.98
C LEU J 173 -37.57 28.65 -34.14
N VAL J 174 -37.99 29.89 -34.41
CA VAL J 174 -39.15 30.39 -33.68
C VAL J 174 -40.41 29.63 -34.09
N ARG J 175 -40.48 29.15 -35.33
CA ARG J 175 -41.56 28.26 -35.73
C ARG J 175 -41.43 26.90 -35.08
N ALA J 176 -40.21 26.36 -35.06
CA ALA J 176 -39.98 25.05 -34.47
C ALA J 176 -40.29 25.05 -32.98
N GLU J 177 -40.01 26.16 -32.30
CA GLU J 177 -40.31 26.25 -30.88
C GLU J 177 -41.81 26.21 -30.63
N ALA J 178 -42.59 26.94 -31.43
CA ALA J 178 -44.04 26.91 -31.27
C ALA J 178 -44.60 25.53 -31.58
N GLU J 179 -44.12 24.91 -32.66
CA GLU J 179 -44.61 23.58 -32.99
C GLU J 179 -44.19 22.56 -31.94
N SER J 180 -43.01 22.73 -31.34
CA SER J 180 -42.59 21.83 -30.27
C SER J 180 -43.38 22.07 -28.99
N LEU J 181 -43.76 23.31 -28.71
CA LEU J 181 -44.61 23.58 -27.57
C LEU J 181 -45.97 22.92 -27.74
N VAL J 182 -46.56 23.03 -28.93
CA VAL J 182 -47.83 22.38 -29.19
C VAL J 182 -47.67 20.86 -29.11
N ALA J 183 -46.59 20.34 -29.69
CA ALA J 183 -46.34 18.91 -29.68
C ALA J 183 -46.17 18.38 -28.26
N GLU J 184 -45.45 19.12 -27.41
CA GLU J 184 -45.25 18.67 -26.04
C GLU J 184 -46.52 18.81 -25.22
N ALA J 185 -47.33 19.83 -25.47
CA ALA J 185 -48.61 19.94 -24.77
C ALA J 185 -49.52 18.77 -25.12
N GLN J 186 -49.67 18.47 -26.41
CA GLN J 186 -50.48 17.32 -26.80
C GLN J 186 -49.85 16.02 -26.36
N LEU J 187 -48.52 15.95 -26.29
CA LEU J 187 -47.84 14.75 -25.82
C LEU J 187 -48.14 14.51 -24.34
N SER J 188 -48.08 15.57 -23.54
CA SER J 188 -48.43 15.43 -22.13
C SER J 188 -49.88 15.03 -21.96
N ASN J 189 -50.77 15.64 -22.74
CA ASN J 189 -52.19 15.31 -22.63
C ASN J 189 -52.44 13.84 -22.99
N ILE J 190 -51.87 13.39 -24.11
CA ILE J 190 -52.10 12.01 -24.56
C ILE J 190 -51.44 11.03 -23.62
N THR J 191 -50.26 11.36 -23.08
CA THR J 191 -49.62 10.46 -22.13
C THR J 191 -50.44 10.33 -20.87
N ARG J 192 -50.94 11.45 -20.34
CA ARG J 192 -51.76 11.37 -19.13
C ARG J 192 -53.03 10.58 -19.39
N SER J 193 -53.71 10.84 -20.52
CA SER J 193 -54.95 10.14 -20.82
C SER J 193 -54.71 8.64 -20.99
N LYS J 194 -53.75 8.27 -21.83
CA LYS J 194 -53.47 6.86 -22.05
C LYS J 194 -53.01 6.18 -20.78
N LEU J 195 -52.15 6.84 -20.00
CA LEU J 195 -51.66 6.26 -18.76
C LEU J 195 -52.81 5.99 -17.80
N ARG J 196 -53.63 7.00 -17.55
CA ARG J 196 -54.74 6.83 -16.61
C ARG J 196 -55.71 5.77 -17.09
N ALA J 197 -56.12 5.83 -18.36
CA ALA J 197 -57.09 4.87 -18.86
C ALA J 197 -56.55 3.46 -18.83
N ALA J 198 -55.33 3.26 -19.35
CA ALA J 198 -54.76 1.93 -19.42
C ALA J 198 -54.55 1.34 -18.05
N PHE J 199 -54.03 2.12 -17.10
CA PHE J 199 -53.78 1.55 -15.78
C PHE J 199 -55.06 1.40 -14.96
N ASN J 200 -56.05 2.27 -15.14
CA ASN J 200 -57.33 2.03 -14.49
C ASN J 200 -57.99 0.77 -15.02
N TYR J 201 -57.95 0.56 -16.35
CA TYR J 201 -58.49 -0.67 -16.92
C TYR J 201 -57.70 -1.88 -16.45
N GLN J 202 -56.38 -1.75 -16.37
CA GLN J 202 -55.53 -2.86 -15.91
C GLN J 202 -55.84 -3.23 -14.47
N PHE J 203 -56.00 -2.22 -13.61
CA PHE J 203 -56.29 -2.49 -12.21
C PHE J 203 -57.70 -3.04 -12.04
N ASP J 204 -58.66 -2.55 -12.82
CA ASP J 204 -60.00 -3.13 -12.78
C ASP J 204 -59.98 -4.57 -13.23
N SER J 205 -59.23 -4.88 -14.30
CA SER J 205 -59.11 -6.25 -14.76
C SER J 205 -58.47 -7.14 -13.70
N ILE J 206 -57.39 -6.67 -13.07
CA ILE J 206 -56.71 -7.52 -12.11
C ILE J 206 -57.57 -7.71 -10.86
N ILE J 207 -58.27 -6.69 -10.40
CA ILE J 207 -59.12 -6.86 -9.23
C ILE J 207 -60.29 -7.78 -9.56
N GLU J 208 -60.86 -7.65 -10.77
CA GLU J 208 -61.94 -8.55 -11.16
C GLU J 208 -61.47 -9.99 -11.21
N HIS J 209 -60.36 -10.25 -11.91
CA HIS J 209 -59.85 -11.61 -12.03
C HIS J 209 -59.47 -12.17 -10.67
N SER J 210 -58.85 -11.34 -9.82
CA SER J 210 -58.37 -11.82 -8.53
C SER J 210 -59.53 -12.11 -7.58
N GLU J 211 -60.51 -11.20 -7.49
CA GLU J 211 -61.64 -11.46 -6.63
C GLU J 211 -62.47 -12.63 -7.14
N LYS J 212 -62.54 -12.80 -8.46
CA LYS J 212 -63.22 -13.96 -9.03
C LYS J 212 -62.51 -15.25 -8.65
N ILE J 213 -61.17 -15.28 -8.76
CA ILE J 213 -60.44 -16.49 -8.43
C ILE J 213 -60.50 -16.75 -6.93
N ALA J 214 -60.62 -15.69 -6.12
CA ALA J 214 -60.78 -15.86 -4.69
C ALA J 214 -62.17 -16.43 -4.36
N LEU J 215 -63.19 -15.98 -5.10
CA LEU J 215 -64.54 -16.48 -4.95
C LEU J 215 -64.56 -17.96 -5.32
N ILE J 216 -63.75 -18.32 -6.30
CA ILE J 216 -63.56 -19.72 -6.70
C ILE J 216 -62.87 -20.52 -5.61
N ALA J 217 -61.81 -19.94 -5.02
CA ALA J 217 -61.06 -20.64 -3.98
C ALA J 217 -61.91 -20.87 -2.74
N GLY J 218 -62.75 -19.90 -2.39
CA GLY J 218 -63.65 -20.10 -1.26
C GLY J 218 -64.64 -21.22 -1.50
N TYR J 219 -65.19 -21.29 -2.72
CA TYR J 219 -66.10 -22.37 -3.05
C TYR J 219 -65.37 -23.71 -3.02
N GLY J 220 -64.13 -23.73 -3.50
CA GLY J 220 -63.35 -24.96 -3.42
C GLY J 220 -63.07 -25.39 -1.99
N LYS J 221 -62.79 -24.42 -1.11
CA LYS J 221 -62.59 -24.74 0.30
C LYS J 221 -63.87 -25.31 0.91
N ALA J 222 -65.02 -24.74 0.56
CA ALA J 222 -66.28 -25.28 1.04
C ALA J 222 -66.52 -26.69 0.49
N LEU J 223 -66.13 -26.92 -0.77
CA LEU J 223 -66.31 -28.21 -1.41
C LEU J 223 -65.43 -29.27 -0.77
N LEU J 224 -64.23 -28.89 -0.34
CA LEU J 224 -63.30 -29.84 0.25
C LEU J 224 -63.84 -30.48 1.53
N GLU J 225 -64.86 -29.88 2.14
CA GLU J 225 -65.46 -30.45 3.33
C GLU J 225 -66.18 -31.77 3.07
N LEU J 226 -66.48 -32.08 1.80
CA LEU J 226 -67.27 -33.27 1.50
C LEU J 226 -66.53 -34.55 1.88
N LEU J 227 -65.25 -34.66 1.53
CA LEU J 227 -64.51 -35.86 1.84
C LEU J 227 -64.27 -35.97 3.34
N ASP J 228 -64.15 -37.20 3.83
CA ASP J 228 -63.92 -37.46 5.24
C ASP J 228 -62.46 -37.75 5.48
N ASP J 229 -61.85 -37.01 6.39
CA ASP J 229 -60.45 -37.18 6.74
C ASP J 229 -60.23 -38.17 7.88
N SER J 230 -61.30 -38.75 8.41
CA SER J 230 -61.15 -39.70 9.50
C SER J 230 -60.46 -40.97 8.99
N PRO J 231 -59.36 -41.38 9.60
CA PRO J 231 -58.68 -42.60 9.14
C PRO J 231 -59.53 -43.83 9.36
N VAL J 232 -59.34 -44.82 8.49
CA VAL J 232 -60.07 -46.08 8.54
C VAL J 232 -59.09 -47.19 8.93
N THR J 233 -59.53 -48.05 9.85
CA THR J 233 -58.70 -49.17 10.27
C THR J 233 -58.58 -50.18 9.13
N PRO J 234 -57.46 -50.89 9.06
CA PRO J 234 -57.32 -51.95 8.06
C PRO J 234 -58.38 -53.03 8.24
N GLY J 235 -58.83 -53.59 7.12
CA GLY J 235 -59.90 -54.56 7.17
C GLY J 235 -61.18 -54.04 6.53
N GLU J 236 -62.17 -53.73 7.36
CA GLU J 236 -63.46 -53.27 6.87
C GLU J 236 -63.32 -51.96 6.10
N THR J 237 -64.27 -51.71 5.22
CA THR J 237 -64.29 -50.54 4.35
C THR J 237 -65.33 -49.54 4.83
N ARG J 238 -64.98 -48.26 4.75
CA ARG J 238 -65.88 -47.20 5.17
C ARG J 238 -67.11 -47.15 4.26
N PRO J 239 -68.23 -46.61 4.75
CA PRO J 239 -69.44 -46.54 3.93
C PRO J 239 -69.21 -45.73 2.65
N ALA J 240 -69.93 -46.12 1.61
CA ALA J 240 -69.73 -45.51 0.29
C ALA J 240 -70.11 -44.03 0.32
N TYR J 241 -69.48 -43.27 -0.56
CA TYR J 241 -69.69 -41.83 -0.64
C TYR J 241 -70.87 -41.54 -1.55
N ASP J 242 -71.91 -40.92 -0.99
CA ASP J 242 -73.13 -40.58 -1.73
C ASP J 242 -73.32 -39.09 -1.87
N GLY J 243 -72.27 -38.30 -1.65
CA GLY J 243 -72.39 -36.85 -1.71
C GLY J 243 -72.20 -36.29 -3.11
N TYR J 244 -72.57 -37.06 -4.13
CA TYR J 244 -72.50 -36.58 -5.50
C TYR J 244 -73.43 -35.39 -5.70
N GLU J 245 -74.65 -35.48 -5.17
CA GLU J 245 -75.61 -34.40 -5.31
C GLU J 245 -75.13 -33.13 -4.63
N ALA J 246 -74.50 -33.26 -3.45
CA ALA J 246 -73.99 -32.09 -2.76
C ALA J 246 -72.88 -31.41 -3.55
N SER J 247 -71.96 -32.20 -4.12
CA SER J 247 -70.89 -31.62 -4.93
C SER J 247 -71.44 -30.95 -6.18
N LYS J 248 -72.41 -31.58 -6.84
CA LYS J 248 -73.00 -30.98 -8.03
C LYS J 248 -73.74 -29.70 -7.67
N GLN J 249 -74.42 -29.67 -6.53
CA GLN J 249 -75.08 -28.45 -6.09
C GLN J 249 -74.07 -27.36 -5.80
N ILE J 250 -72.93 -27.71 -5.20
CA ILE J 250 -71.89 -26.74 -4.91
C ILE J 250 -71.35 -26.15 -6.21
N ILE J 251 -71.08 -27.00 -7.19
CA ILE J 251 -70.55 -26.50 -8.46
C ILE J 251 -71.61 -25.68 -9.20
N ILE J 252 -72.89 -26.05 -9.07
CA ILE J 252 -73.95 -25.28 -9.71
C ILE J 252 -74.05 -23.90 -9.09
N ASP J 253 -73.98 -23.83 -7.76
CA ASP J 253 -74.03 -22.54 -7.09
C ASP J 253 -72.80 -21.70 -7.43
N ALA J 254 -71.63 -22.34 -7.56
CA ALA J 254 -70.44 -21.63 -7.98
C ALA J 254 -70.60 -21.05 -9.37
N GLU J 255 -71.17 -21.84 -10.29
CA GLU J 255 -71.43 -21.33 -11.63
C GLU J 255 -72.42 -20.17 -11.60
N SER J 256 -73.45 -20.27 -10.77
CA SER J 256 -74.45 -19.21 -10.69
C SER J 256 -73.83 -17.92 -10.16
N ALA J 257 -73.01 -18.01 -9.11
CA ALA J 257 -72.35 -16.82 -8.59
C ALA J 257 -71.31 -16.30 -9.59
N LEU J 258 -70.69 -17.19 -10.36
CA LEU J 258 -69.75 -16.77 -11.39
C LEU J 258 -70.43 -15.94 -12.46
N ASN J 259 -71.56 -16.43 -12.97
CA ASN J 259 -72.30 -15.69 -14.00
C ASN J 259 -72.92 -14.43 -13.44
N GLU J 260 -73.35 -14.45 -12.18
CA GLU J 260 -73.98 -13.29 -11.56
C GLU J 260 -72.98 -12.21 -11.18
N TRP J 261 -71.69 -12.54 -11.14
CA TRP J 261 -70.69 -11.58 -10.72
C TRP J 261 -70.65 -10.38 -11.65
N THR J 262 -70.61 -9.19 -11.06
CA THR J 262 -70.53 -7.95 -11.81
C THR J 262 -69.72 -6.94 -11.03
N LEU J 263 -69.31 -5.87 -11.71
CA LEU J 263 -68.54 -4.83 -11.05
C LEU J 263 -69.32 -4.18 -9.91
N ASP J 264 -70.63 -4.06 -10.05
CA ASP J 264 -71.45 -3.54 -8.96
C ASP J 264 -71.38 -4.46 -7.75
N SER J 265 -71.45 -5.77 -7.97
CA SER J 265 -71.37 -6.75 -6.89
C SER J 265 -69.91 -7.07 -6.55
N ALA J 266 -69.12 -6.03 -6.32
CA ALA J 266 -67.72 -6.18 -5.93
C ALA J 266 -67.65 -6.08 -4.41
N GLN J 267 -67.74 -7.23 -3.74
CA GLN J 267 -67.75 -7.27 -2.29
C GLN J 267 -66.40 -6.90 -1.68
N VAL J 268 -65.35 -6.82 -2.47
CA VAL J 268 -64.07 -6.32 -1.97
C VAL J 268 -64.16 -4.82 -1.78
N LYS J 269 -63.78 -4.35 -0.59
CA LYS J 269 -63.93 -2.94 -0.27
C LYS J 269 -62.67 -2.40 0.41
N PRO J 270 -62.05 -1.36 -0.13
CA PRO J 270 -60.93 -0.72 0.55
C PRO J 270 -61.41 0.17 1.69
N THR J 271 -60.46 0.65 2.48
CA THR J 271 -60.77 1.53 3.60
C THR J 271 -59.71 2.61 3.76
N MET K 1 -2.39 65.24 -57.94
CA MET K 1 -3.54 65.83 -57.27
C MET K 1 -3.89 67.18 -57.87
N HIS K 2 -2.90 67.79 -58.53
CA HIS K 2 -3.08 69.10 -59.15
C HIS K 2 -3.74 69.01 -60.52
N ARG K 3 -4.14 67.82 -60.94
CA ARG K 3 -4.76 67.65 -62.25
C ARG K 3 -6.08 68.40 -62.33
N THR K 4 -6.39 68.90 -63.52
CA THR K 4 -7.61 69.65 -63.76
C THR K 4 -8.81 68.70 -63.82
N TYR K 5 -9.99 69.29 -64.02
CA TYR K 5 -11.23 68.50 -64.09
C TYR K 5 -11.45 68.03 -65.53
N SER K 6 -10.60 67.10 -65.94
CA SER K 6 -10.66 66.51 -67.26
C SER K 6 -10.39 65.01 -67.13
N LEU K 7 -10.21 64.35 -68.27
CA LEU K 7 -9.96 62.92 -68.30
C LEU K 7 -8.47 62.60 -68.29
N ARG K 8 -7.62 63.61 -68.24
CA ARG K 8 -6.17 63.46 -68.34
C ARG K 8 -5.55 63.77 -66.98
N ASN K 9 -4.49 63.04 -66.64
CA ASN K 9 -3.71 63.36 -65.44
C ASN K 9 -2.70 64.47 -65.75
N SER K 10 -3.23 65.61 -66.16
CA SER K 10 -2.43 66.79 -66.49
C SER K 10 -2.68 67.85 -65.43
N ARG K 11 -1.63 68.24 -64.72
CA ARG K 11 -1.76 69.24 -63.67
C ARG K 11 -2.06 70.61 -64.26
N ALA K 12 -2.82 71.40 -63.51
CA ALA K 12 -3.15 72.75 -63.93
C ALA K 12 -1.88 73.59 -63.96
N PRO K 13 -1.58 74.26 -65.08
CA PRO K 13 -0.35 75.05 -65.17
C PRO K 13 -0.41 76.27 -64.27
N THR K 14 0.65 76.49 -63.49
CA THR K 14 0.75 77.67 -62.65
C THR K 14 1.26 78.85 -63.47
N ALA K 15 1.34 80.02 -62.81
CA ALA K 15 1.79 81.22 -63.51
C ALA K 15 3.19 81.05 -64.07
N SER K 16 4.04 80.28 -63.39
CA SER K 16 5.37 80.00 -63.94
C SER K 16 5.27 79.22 -65.24
N GLN K 17 4.35 78.26 -65.32
CA GLN K 17 4.19 77.49 -66.53
C GLN K 17 3.73 78.36 -67.69
N LEU K 18 2.83 79.31 -67.43
CA LEU K 18 2.43 80.25 -68.47
C LEU K 18 3.60 81.15 -68.87
N GLN K 19 4.41 81.57 -67.90
CA GLN K 19 5.56 82.43 -68.21
C GLN K 19 6.55 81.69 -69.09
N ASN K 20 6.92 80.48 -68.73
CA ASN K 20 7.82 79.65 -69.52
C ASN K 20 7.20 78.26 -69.68
N PRO K 21 7.04 77.78 -70.91
CA PRO K 21 6.37 76.50 -71.10
C PRO K 21 7.16 75.37 -70.46
N PRO K 22 6.46 74.33 -70.00
CA PRO K 22 7.18 73.22 -69.38
C PRO K 22 8.05 72.51 -70.39
N PRO K 23 9.19 71.98 -69.97
CA PRO K 23 10.07 71.26 -70.89
C PRO K 23 9.54 69.88 -71.20
N PRO K 24 10.02 69.24 -72.26
CA PRO K 24 9.59 67.88 -72.57
C PRO K 24 10.03 66.91 -71.49
N PRO K 25 9.37 65.76 -71.36
CA PRO K 25 9.74 64.80 -70.32
C PRO K 25 11.16 64.31 -70.49
N SER K 26 11.80 63.99 -69.37
CA SER K 26 13.20 63.59 -69.38
C SER K 26 13.40 62.30 -70.15
N THR K 27 14.54 62.22 -70.85
CA THR K 27 14.91 61.05 -71.62
C THR K 27 15.69 60.04 -70.80
N THR K 28 15.86 60.27 -69.50
CA THR K 28 16.62 59.38 -68.63
C THR K 28 15.77 58.22 -68.11
N LYS K 29 14.49 58.14 -68.51
CA LYS K 29 13.62 57.05 -68.07
C LYS K 29 14.12 55.72 -68.60
N GLY K 30 14.69 54.90 -67.72
CA GLY K 30 15.21 53.62 -68.13
C GLY K 30 14.20 52.49 -67.96
N ARG K 31 14.46 51.39 -68.66
CA ARG K 31 13.61 50.20 -68.58
C ARG K 31 14.01 49.41 -67.35
N PHE K 32 13.49 49.82 -66.20
CA PHE K 32 13.83 49.20 -64.92
C PHE K 32 12.68 49.41 -63.96
N PHE K 33 12.71 48.65 -62.86
CA PHE K 33 11.66 48.74 -61.85
C PHE K 33 11.65 50.11 -61.18
N GLY K 34 12.79 50.78 -61.09
CA GLY K 34 12.86 52.06 -60.42
C GLY K 34 12.95 51.99 -58.91
N LYS K 35 13.25 50.81 -58.35
CA LYS K 35 13.41 50.65 -56.90
C LYS K 35 14.79 50.15 -56.53
N GLY K 36 15.79 50.38 -57.38
CA GLY K 36 17.14 49.92 -57.11
C GLY K 36 17.38 48.45 -57.37
N GLY K 37 16.47 47.78 -58.09
CA GLY K 37 16.64 46.37 -58.37
C GLY K 37 16.17 45.49 -57.22
N LEU K 38 16.35 44.19 -57.42
CA LEU K 38 15.96 43.23 -56.39
C LEU K 38 16.83 43.36 -55.15
N ALA K 39 18.09 43.78 -55.32
CA ALA K 39 18.96 43.96 -54.16
C ALA K 39 18.43 45.03 -53.22
N TYR K 40 17.98 46.15 -53.77
CA TYR K 40 17.41 47.21 -52.94
C TYR K 40 15.95 46.99 -52.61
N SER K 41 15.27 46.09 -53.32
CA SER K 41 13.91 45.71 -52.99
C SER K 41 13.84 44.57 -51.99
N PHE K 42 14.98 43.94 -51.67
CA PHE K 42 14.99 42.90 -50.64
C PHE K 42 14.56 43.46 -49.29
N ARG K 43 15.04 44.66 -48.95
CA ARG K 43 14.61 45.30 -47.71
C ARG K 43 13.11 45.58 -47.73
N ARG K 44 12.60 46.08 -48.85
CA ARG K 44 11.16 46.36 -48.95
C ARG K 44 10.34 45.09 -48.77
N SER K 45 10.78 44.00 -49.40
CA SER K 45 10.08 42.72 -49.23
C SER K 45 10.16 42.22 -47.79
N ALA K 46 11.33 42.34 -47.16
CA ALA K 46 11.49 41.92 -45.78
C ALA K 46 10.68 42.76 -44.82
N ALA K 47 10.36 44.00 -45.18
CA ALA K 47 9.46 44.80 -44.36
C ALA K 47 8.07 44.16 -44.30
N GLY K 48 7.58 43.67 -45.43
CA GLY K 48 6.33 42.93 -45.48
C GLY K 48 6.54 41.46 -45.22
N ALA K 49 6.78 41.11 -43.96
CA ALA K 49 7.15 39.75 -43.59
C ALA K 49 6.57 39.46 -42.20
N PHE K 50 7.08 38.42 -41.55
CA PHE K 50 6.51 37.95 -40.29
C PHE K 50 6.76 38.97 -39.19
N GLY K 51 5.88 39.96 -39.08
CA GLY K 51 5.98 40.96 -38.05
C GLY K 51 4.75 40.98 -37.18
N PRO K 52 4.63 41.99 -36.31
CA PRO K 52 3.48 42.07 -35.42
C PRO K 52 2.20 42.50 -36.12
N GLU K 53 2.24 42.60 -37.45
CA GLU K 53 1.08 42.84 -38.31
C GLU K 53 0.45 44.20 -38.05
N LEU K 54 0.94 44.93 -37.06
CA LEU K 54 0.48 46.27 -36.75
C LEU K 54 1.49 47.32 -37.18
N SER K 55 2.73 47.20 -36.73
CA SER K 55 3.80 48.08 -37.17
C SER K 55 4.39 47.65 -38.50
N ARG K 56 3.78 46.67 -39.18
CA ARG K 56 4.26 46.25 -40.49
C ARG K 56 4.27 47.42 -41.46
N LYS K 57 3.17 48.17 -41.52
CA LYS K 57 3.14 49.35 -42.39
C LYS K 57 4.15 50.40 -41.93
N LEU K 58 4.25 50.62 -40.62
CA LEU K 58 5.18 51.63 -40.12
C LEU K 58 6.63 51.19 -40.34
N SER K 59 6.93 49.91 -40.12
CA SER K 59 8.28 49.42 -40.40
C SER K 59 8.60 49.52 -41.89
N GLN K 60 7.61 49.21 -42.74
CA GLN K 60 7.82 49.37 -44.18
C GLN K 60 8.11 50.82 -44.53
N LEU K 61 7.38 51.75 -43.92
CA LEU K 61 7.63 53.17 -44.16
C LEU K 61 9.02 53.56 -43.70
N VAL K 62 9.45 53.04 -42.54
CA VAL K 62 10.77 53.37 -42.03
C VAL K 62 11.85 52.86 -42.98
N LYS K 63 11.70 51.64 -43.48
CA LYS K 63 12.71 51.09 -44.37
C LYS K 63 12.70 51.80 -45.73
N ILE K 64 11.51 52.22 -46.18
CA ILE K 64 11.43 53.04 -47.37
C ILE K 64 12.13 54.37 -47.16
N GLU K 65 11.99 54.95 -45.96
CA GLU K 65 12.69 56.18 -45.64
C GLU K 65 14.19 55.95 -45.63
N LYS K 66 14.62 54.77 -45.18
CA LYS K 66 16.04 54.41 -45.27
C LYS K 66 16.51 54.37 -46.72
N ASN K 67 15.68 53.82 -47.61
CA ASN K 67 16.02 53.87 -49.03
C ASN K 67 16.11 55.30 -49.53
N VAL K 68 15.18 56.15 -49.07
CA VAL K 68 15.24 57.58 -49.41
C VAL K 68 16.58 58.15 -48.98
N LEU K 69 16.99 57.82 -47.76
CA LEU K 69 18.22 58.37 -47.20
C LEU K 69 19.43 57.89 -47.99
N ARG K 70 19.43 56.61 -48.36
CA ARG K 70 20.54 56.06 -49.13
C ARG K 70 20.63 56.72 -50.50
N SER K 71 19.50 56.91 -51.17
CA SER K 71 19.50 57.58 -52.47
C SER K 71 19.98 59.03 -52.34
N MET K 72 19.54 59.73 -51.29
CA MET K 72 19.99 61.11 -51.09
C MET K 72 21.47 61.16 -50.80
N GLU K 73 21.98 60.19 -50.04
CA GLU K 73 23.41 60.10 -49.79
C GLU K 73 24.16 59.86 -51.09
N LEU K 74 23.59 59.03 -51.96
CA LEU K 74 24.20 58.78 -53.27
C LEU K 74 24.26 60.04 -54.12
N THR K 75 23.21 60.85 -54.08
CA THR K 75 23.17 62.04 -54.92
C THR K 75 23.88 63.23 -54.29
N ALA K 76 24.26 63.15 -53.01
CA ALA K 76 24.99 64.25 -52.40
C ALA K 76 26.49 64.13 -52.65
N ASN K 77 27.07 62.98 -52.30
CA ASN K 77 28.49 62.77 -52.52
C ASN K 77 28.83 62.84 -54.00
N GLU K 78 28.00 62.23 -54.84
CA GLU K 78 28.29 62.22 -56.27
C GLU K 78 27.98 63.59 -56.90
N ARG K 79 27.08 64.39 -56.31
CA ARG K 79 26.94 65.77 -56.75
C ARG K 79 28.16 66.61 -56.41
N ARG K 80 28.73 66.42 -55.22
CA ARG K 80 29.96 67.16 -54.91
C ARG K 80 31.10 66.69 -55.80
N ASP K 81 31.09 65.42 -56.19
CA ASP K 81 32.00 64.94 -57.21
C ASP K 81 31.78 65.67 -58.53
N ALA K 82 30.52 65.90 -58.90
CA ALA K 82 30.22 66.64 -60.11
C ALA K 82 30.76 68.07 -60.03
N ALA K 83 30.64 68.70 -58.86
CA ALA K 83 31.19 70.04 -58.68
C ALA K 83 32.70 70.04 -58.84
N LYS K 84 33.37 69.05 -58.24
CA LYS K 84 34.82 68.93 -58.41
C LYS K 84 35.20 68.76 -59.87
N GLN K 85 34.44 67.93 -60.59
CA GLN K 85 34.70 67.71 -62.01
C GLN K 85 34.47 68.98 -62.82
N LEU K 86 33.46 69.77 -62.43
CA LEU K 86 33.21 71.03 -63.11
C LEU K 86 34.38 72.00 -62.92
N SER K 87 34.92 72.07 -61.70
CA SER K 87 36.08 72.91 -61.47
C SER K 87 37.28 72.42 -62.28
N ILE K 88 37.48 71.10 -62.33
CA ILE K 88 38.58 70.53 -63.11
C ILE K 88 38.43 70.90 -64.58
N TRP K 89 37.20 70.81 -65.10
CA TRP K 89 36.97 71.17 -66.50
C TRP K 89 37.22 72.66 -66.73
N GLY K 90 36.80 73.50 -65.80
CA GLY K 90 37.01 74.92 -65.95
C GLY K 90 38.43 75.38 -65.70
N LEU K 91 39.29 74.48 -65.23
CA LEU K 91 40.70 74.81 -65.04
C LEU K 91 41.31 75.42 -66.30
N GLU K 92 41.10 74.77 -67.45
CA GLU K 92 41.69 75.22 -68.70
C GLU K 92 40.60 75.91 -69.55
N ASN K 93 40.41 77.19 -69.30
CA ASN K 93 39.41 77.98 -70.01
C ASN K 93 39.77 79.45 -69.84
N ASP K 94 38.85 80.33 -70.23
CA ASP K 94 39.05 81.75 -70.06
C ASP K 94 39.13 82.11 -68.57
N ASP K 95 39.85 83.19 -68.26
CA ASP K 95 40.03 83.57 -66.87
C ASP K 95 38.70 83.87 -66.19
N ASP K 96 37.84 84.67 -66.85
CA ASP K 96 36.53 84.92 -66.30
C ASP K 96 35.71 83.64 -66.22
N VAL K 97 35.78 82.80 -67.25
CA VAL K 97 35.07 81.53 -67.24
C VAL K 97 35.59 80.65 -66.12
N SER K 98 36.91 80.58 -65.96
CA SER K 98 37.49 79.74 -64.92
C SER K 98 37.05 80.21 -63.53
N ASP K 99 37.11 81.52 -63.29
CA ASP K 99 36.73 82.05 -61.99
C ASP K 99 35.24 81.80 -61.71
N ILE K 100 34.39 82.06 -62.71
CA ILE K 100 32.96 81.93 -62.49
C ILE K 100 32.58 80.46 -62.30
N THR K 101 33.24 79.55 -63.02
CA THR K 101 32.92 78.14 -62.87
C THR K 101 33.46 77.60 -61.56
N ASP K 102 34.58 78.12 -61.07
CA ASP K 102 35.06 77.73 -59.75
C ASP K 102 34.10 78.21 -58.67
N LYS K 103 33.55 79.41 -58.82
CA LYS K 103 32.58 79.91 -57.86
C LYS K 103 31.28 79.10 -57.91
N LEU K 104 30.83 78.71 -59.10
CA LEU K 104 29.68 77.83 -59.19
C LEU K 104 29.97 76.48 -58.56
N GLY K 105 31.18 75.97 -58.73
CA GLY K 105 31.55 74.71 -58.10
C GLY K 105 31.53 74.81 -56.59
N VAL K 106 32.02 75.92 -56.03
CA VAL K 106 31.99 76.05 -54.57
C VAL K 106 30.56 76.23 -54.09
N LEU K 107 29.71 76.89 -54.87
CA LEU K 107 28.30 76.98 -54.50
C LEU K 107 27.64 75.61 -54.50
N ILE K 108 27.96 74.77 -55.49
CA ILE K 108 27.43 73.42 -55.51
C ILE K 108 27.98 72.61 -54.34
N TYR K 109 29.23 72.86 -53.95
CA TYR K 109 29.76 72.21 -52.76
C TYR K 109 28.99 72.60 -51.51
N GLU K 110 28.65 73.89 -51.39
CA GLU K 110 27.78 74.32 -50.31
C GLU K 110 26.44 73.60 -50.37
N VAL K 111 25.90 73.44 -51.58
CA VAL K 111 24.65 72.73 -51.76
C VAL K 111 24.77 71.30 -51.23
N SER K 112 25.86 70.62 -51.56
CA SER K 112 26.05 69.25 -51.11
C SER K 112 26.20 69.18 -49.59
N GLU K 113 26.90 70.15 -48.99
CA GLU K 113 27.03 70.15 -47.54
C GLU K 113 25.67 70.36 -46.87
N LEU K 114 24.86 71.28 -47.40
CA LEU K 114 23.51 71.46 -46.87
C LEU K 114 22.67 70.20 -47.08
N ASP K 115 22.88 69.50 -48.18
CA ASP K 115 22.21 68.23 -48.40
C ASP K 115 22.59 67.22 -47.33
N ASP K 116 23.88 67.17 -46.98
CA ASP K 116 24.33 66.24 -45.94
C ASP K 116 23.70 66.58 -44.59
N GLN K 117 23.64 67.88 -44.26
CA GLN K 117 22.96 68.27 -43.02
C GLN K 117 21.48 67.89 -43.04
N PHE K 118 20.82 68.10 -44.18
CA PHE K 118 19.44 67.67 -44.36
C PHE K 118 19.31 66.17 -44.19
N ILE K 119 20.32 65.41 -44.64
CA ILE K 119 20.33 63.97 -44.47
C ILE K 119 20.41 63.59 -43.00
N ASP K 120 21.25 64.30 -42.24
CA ASP K 120 21.33 64.03 -40.81
C ASP K 120 20.00 64.32 -40.11
N ARG K 121 19.36 65.44 -40.46
CA ARG K 121 18.06 65.74 -39.86
C ARG K 121 17.01 64.73 -40.33
N TYR K 122 17.13 64.25 -41.56
CA TYR K 122 16.27 63.18 -42.05
C TYR K 122 16.46 61.91 -41.23
N ASP K 123 17.70 61.63 -40.84
CA ASP K 123 17.95 60.48 -39.99
C ASP K 123 17.35 60.67 -38.60
N GLN K 124 17.35 61.91 -38.10
CA GLN K 124 16.64 62.19 -36.86
C GLN K 124 15.15 61.88 -37.00
N TYR K 125 14.56 62.32 -38.11
CA TYR K 125 13.16 62.01 -38.40
C TYR K 125 12.93 60.50 -38.46
N ARG K 126 13.82 59.79 -39.15
CA ARG K 126 13.68 58.34 -39.29
C ARG K 126 13.86 57.63 -37.96
N LEU K 127 14.72 58.16 -37.08
CA LEU K 127 14.90 57.56 -35.77
C LEU K 127 13.67 57.77 -34.89
N THR K 128 13.07 58.95 -34.96
CA THR K 128 11.81 59.17 -34.23
C THR K 128 10.73 58.21 -34.74
N LEU K 129 10.65 58.02 -36.05
CA LEU K 129 9.69 57.08 -36.59
C LEU K 129 10.04 55.64 -36.20
N LYS K 130 11.33 55.32 -36.08
CA LYS K 130 11.71 54.01 -35.58
C LYS K 130 11.23 53.81 -34.15
N SER K 131 11.36 54.85 -33.33
CA SER K 131 10.89 54.76 -31.95
C SER K 131 9.39 54.53 -31.90
N ILE K 132 8.63 55.27 -32.70
CA ILE K 132 7.17 55.09 -32.69
C ILE K 132 6.80 53.71 -33.22
N ARG K 133 7.53 53.23 -34.24
CA ARG K 133 7.30 51.89 -34.75
C ARG K 133 7.54 50.84 -33.68
N ASP K 134 8.62 51.01 -32.90
CA ASP K 134 8.96 50.00 -31.92
C ASP K 134 7.99 50.00 -30.75
N ILE K 135 7.52 51.17 -30.32
CA ILE K 135 6.53 51.17 -29.24
C ILE K 135 5.21 50.58 -29.72
N GLU K 136 4.83 50.86 -30.97
CA GLU K 136 3.62 50.26 -31.51
C GLU K 136 3.75 48.74 -31.61
N GLY K 137 4.92 48.26 -32.05
CA GLY K 137 5.15 46.83 -32.11
C GLY K 137 5.15 46.18 -30.74
N SER K 138 5.63 46.89 -29.73
CA SER K 138 5.60 46.35 -28.36
C SER K 138 4.19 46.36 -27.79
N VAL K 139 3.34 47.28 -28.24
CA VAL K 139 1.98 47.35 -27.70
C VAL K 139 1.03 46.40 -28.44
N GLN K 140 1.37 45.98 -29.66
CA GLN K 140 0.51 45.06 -30.39
C GLN K 140 0.24 43.73 -29.67
N PRO K 141 1.23 43.05 -29.07
CA PRO K 141 0.93 41.74 -28.47
C PRO K 141 -0.14 41.80 -27.39
N SER K 142 -0.33 42.95 -26.75
CA SER K 142 -1.43 43.08 -25.79
C SER K 142 -2.77 42.82 -26.47
N ARG K 143 -3.04 43.50 -27.58
CA ARG K 143 -4.30 43.29 -28.29
C ARG K 143 -4.34 41.91 -28.95
N ASP K 144 -3.20 41.38 -29.35
CA ASP K 144 -3.17 40.02 -29.90
C ASP K 144 -3.63 39.02 -28.85
N ARG K 145 -3.08 39.13 -27.63
CA ARG K 145 -3.49 38.26 -26.54
C ARG K 145 -4.95 38.48 -26.18
N LYS K 146 -5.41 39.73 -26.24
CA LYS K 146 -6.82 40.02 -25.97
C LYS K 146 -7.72 39.28 -26.96
N ASP K 147 -7.38 39.35 -28.25
CA ASP K 147 -8.18 38.68 -29.27
C ASP K 147 -8.16 37.17 -29.06
N LYS K 148 -6.98 36.61 -28.77
CA LYS K 148 -6.89 35.17 -28.54
C LYS K 148 -7.73 34.76 -27.34
N ILE K 149 -7.67 35.53 -26.25
CA ILE K 149 -8.41 35.20 -25.04
C ILE K 149 -9.90 35.28 -25.28
N THR K 150 -10.36 36.31 -25.99
CA THR K 150 -11.80 36.42 -26.23
C THR K 150 -12.29 35.29 -27.14
N ASP K 151 -11.48 34.90 -28.13
CA ASP K 151 -11.87 33.76 -28.96
C ASP K 151 -11.96 32.48 -28.14
N LYS K 152 -10.97 32.24 -27.29
CA LYS K 152 -10.97 31.02 -26.49
C LYS K 152 -12.11 31.01 -25.49
N ILE K 153 -12.43 32.16 -24.88
CA ILE K 153 -13.53 32.19 -23.93
C ILE K 153 -14.87 32.04 -24.65
N ALA K 154 -14.98 32.54 -25.87
CA ALA K 154 -16.19 32.29 -26.65
C ALA K 154 -16.36 30.81 -26.95
N TYR K 155 -15.28 30.14 -27.34
CA TYR K 155 -15.36 28.70 -27.58
C TYR K 155 -15.72 27.95 -26.31
N LEU K 156 -15.12 28.33 -25.18
CA LEU K 156 -15.41 27.66 -23.92
C LEU K 156 -16.85 27.88 -23.49
N LYS K 157 -17.37 29.09 -23.72
CA LYS K 157 -18.79 29.35 -23.48
C LYS K 157 -19.66 28.48 -24.37
N TYR K 158 -19.25 28.28 -25.62
CA TYR K 158 -19.96 27.34 -26.49
C TYR K 158 -19.98 25.94 -25.89
N LYS K 159 -18.85 25.49 -25.34
CA LYS K 159 -18.78 24.13 -24.82
C LYS K 159 -19.73 23.93 -23.65
N ASP K 160 -19.69 24.81 -22.67
CA ASP K 160 -20.53 24.70 -21.48
C ASP K 160 -20.67 26.06 -20.84
N PRO K 161 -21.67 26.27 -19.98
CA PRO K 161 -21.83 27.55 -19.29
C PRO K 161 -21.27 27.62 -17.87
N GLN K 162 -20.56 26.58 -17.39
CA GLN K 162 -20.15 26.58 -16.00
C GLN K 162 -18.74 26.06 -15.77
N SER K 163 -17.89 26.03 -16.79
CA SER K 163 -16.50 25.63 -16.57
C SER K 163 -15.80 26.65 -15.69
N PRO K 164 -15.06 26.21 -14.66
CA PRO K 164 -14.26 27.17 -13.88
C PRO K 164 -13.24 27.90 -14.73
N LYS K 165 -12.71 27.22 -15.75
CA LYS K 165 -11.76 27.86 -16.66
C LYS K 165 -12.39 29.07 -17.33
N ILE K 166 -13.69 29.01 -17.60
CA ILE K 166 -14.40 30.13 -18.22
C ILE K 166 -14.34 31.36 -17.32
N GLU K 167 -14.70 31.19 -16.05
CA GLU K 167 -14.72 32.32 -15.14
C GLU K 167 -13.31 32.84 -14.88
N VAL K 168 -12.33 31.93 -14.83
CA VAL K 168 -10.96 32.37 -14.60
C VAL K 168 -10.45 33.21 -15.77
N LEU K 169 -10.71 32.77 -17.00
CA LEU K 169 -10.29 33.57 -18.15
C LEU K 169 -11.11 34.84 -18.29
N GLU K 170 -12.37 34.86 -17.84
CA GLU K 170 -13.10 36.12 -17.82
C GLU K 170 -12.47 37.09 -16.82
N GLN K 171 -12.05 36.58 -15.67
CA GLN K 171 -11.41 37.42 -14.66
C GLN K 171 -10.06 37.92 -15.15
N GLU K 172 -9.34 37.11 -15.91
CA GLU K 172 -8.09 37.59 -16.49
C GLU K 172 -8.33 38.53 -17.66
N LEU K 173 -9.45 38.36 -18.38
CA LEU K 173 -9.74 39.22 -19.51
C LEU K 173 -10.21 40.59 -19.07
N VAL K 174 -10.88 40.69 -17.91
CA VAL K 174 -11.23 42.03 -17.44
C VAL K 174 -9.97 42.80 -17.04
N ARG K 175 -8.93 42.09 -16.58
CA ARG K 175 -7.65 42.74 -16.34
C ARG K 175 -6.97 43.11 -17.66
N ALA K 176 -7.01 42.20 -18.63
CA ALA K 176 -6.38 42.45 -19.92
C ALA K 176 -7.05 43.63 -20.64
N GLU K 177 -8.36 43.77 -20.48
CA GLU K 177 -9.06 44.88 -21.10
C GLU K 177 -8.62 46.21 -20.50
N ALA K 178 -8.48 46.28 -19.18
CA ALA K 178 -8.03 47.51 -18.56
C ALA K 178 -6.59 47.84 -18.95
N GLU K 179 -5.72 46.83 -18.96
CA GLU K 179 -4.33 47.07 -19.35
C GLU K 179 -4.25 47.46 -20.82
N SER K 180 -5.11 46.89 -21.67
CA SER K 180 -5.12 47.27 -23.07
C SER K 180 -5.68 48.66 -23.28
N LEU K 181 -6.67 49.08 -22.47
CA LEU K 181 -7.16 50.44 -22.54
C LEU K 181 -6.05 51.42 -22.17
N VAL K 182 -5.32 51.14 -21.09
CA VAL K 182 -4.21 52.01 -20.71
C VAL K 182 -3.14 52.01 -21.79
N ALA K 183 -2.83 50.83 -22.33
CA ALA K 183 -1.81 50.72 -23.37
C ALA K 183 -2.21 51.50 -24.61
N GLU K 184 -3.47 51.42 -25.01
CA GLU K 184 -3.92 52.14 -26.20
C GLU K 184 -3.99 53.64 -25.95
N ALA K 185 -4.35 54.07 -24.74
CA ALA K 185 -4.33 55.49 -24.44
C ALA K 185 -2.92 56.04 -24.52
N GLN K 186 -1.96 55.37 -23.87
CA GLN K 186 -0.58 55.84 -23.95
C GLN K 186 -0.02 55.69 -25.35
N LEU K 187 -0.48 54.68 -26.10
CA LEU K 187 -0.05 54.52 -27.48
C LEU K 187 -0.52 55.68 -28.35
N SER K 188 -1.79 56.08 -28.19
CA SER K 188 -2.29 57.22 -28.92
C SER K 188 -1.53 58.49 -28.53
N ASN K 189 -1.28 58.67 -27.24
CA ASN K 189 -0.56 59.86 -26.80
C ASN K 189 0.85 59.91 -27.38
N ILE K 190 1.57 58.79 -27.29
CA ILE K 190 2.95 58.76 -27.77
C ILE K 190 2.99 58.89 -29.29
N THR K 191 2.04 58.28 -30.00
CA THR K 191 2.00 58.41 -31.45
C THR K 191 1.74 59.84 -31.85
N ARG K 192 0.79 60.51 -31.21
CA ARG K 192 0.51 61.90 -31.54
C ARG K 192 1.72 62.78 -31.24
N SER K 193 2.35 62.59 -30.08
CA SER K 193 3.49 63.41 -29.72
C SER K 193 4.66 63.21 -30.68
N LYS K 194 5.03 61.95 -30.91
CA LYS K 194 6.14 61.66 -31.80
C LYS K 194 5.84 62.13 -33.22
N LEU K 195 4.62 61.90 -33.69
CA LEU K 195 4.25 62.32 -35.04
C LEU K 195 4.38 63.83 -35.19
N ARG K 196 3.75 64.58 -34.28
CA ARG K 196 3.79 66.03 -34.37
C ARG K 196 5.22 66.55 -34.27
N ALA K 197 5.98 66.08 -33.28
CA ALA K 197 7.34 66.58 -33.09
C ALA K 197 8.23 66.25 -34.27
N ALA K 198 8.19 64.99 -34.71
CA ALA K 198 9.06 64.55 -35.80
C ALA K 198 8.72 65.29 -37.09
N PHE K 199 7.44 65.43 -37.41
CA PHE K 199 7.12 66.08 -38.67
C PHE K 199 7.27 67.60 -38.60
N ASN K 200 7.04 68.21 -37.44
CA ASN K 200 7.36 69.63 -37.31
C ASN K 200 8.84 69.88 -37.48
N TYR K 201 9.68 69.04 -36.85
CA TYR K 201 11.12 69.16 -37.01
C TYR K 201 11.53 68.90 -38.45
N GLN K 202 10.91 67.92 -39.10
CA GLN K 202 11.23 67.60 -40.48
C GLN K 202 10.88 68.76 -41.40
N PHE K 203 9.70 69.35 -41.20
CA PHE K 203 9.30 70.47 -42.04
C PHE K 203 10.14 71.70 -41.77
N ASP K 204 10.52 71.94 -40.51
CA ASP K 204 11.42 73.05 -40.22
C ASP K 204 12.78 72.82 -40.88
N SER K 205 13.29 71.59 -40.82
CA SER K 205 14.54 71.28 -41.48
C SER K 205 14.46 71.48 -42.98
N ILE K 206 13.38 71.01 -43.61
CA ILE K 206 13.30 71.12 -45.05
C ILE K 206 13.11 72.57 -45.48
N ILE K 207 12.33 73.35 -44.73
CA ILE K 207 12.17 74.76 -45.10
C ILE K 207 13.47 75.51 -44.89
N GLU K 208 14.20 75.20 -43.82
CA GLU K 208 15.49 75.84 -43.60
C GLU K 208 16.47 75.52 -44.72
N HIS K 209 16.63 74.24 -45.03
CA HIS K 209 17.56 73.85 -46.08
C HIS K 209 17.14 74.42 -47.43
N SER K 210 15.84 74.41 -47.72
CA SER K 210 15.37 74.87 -49.02
C SER K 210 15.52 76.38 -49.16
N GLU K 211 15.13 77.15 -48.16
CA GLU K 211 15.28 78.59 -48.25
C GLU K 211 16.75 78.97 -48.27
N LYS K 212 17.60 78.21 -47.56
CA LYS K 212 19.03 78.46 -47.61
C LYS K 212 19.59 78.20 -49.01
N ILE K 213 19.18 77.09 -49.63
CA ILE K 213 19.69 76.78 -50.97
C ILE K 213 19.13 77.78 -51.98
N ALA K 214 17.93 78.31 -51.73
CA ALA K 214 17.38 79.35 -52.59
C ALA K 214 18.14 80.66 -52.43
N LEU K 215 18.55 80.97 -51.20
CA LEU K 215 19.35 82.15 -50.93
C LEU K 215 20.69 82.02 -51.62
N ILE K 216 21.19 80.79 -51.69
CA ILE K 216 22.42 80.48 -52.43
C ILE K 216 22.22 80.64 -53.92
N ALA K 217 21.08 80.16 -54.45
CA ALA K 217 20.82 80.25 -55.87
C ALA K 217 20.66 81.70 -56.32
N GLY K 218 20.02 82.53 -55.49
CA GLY K 218 19.92 83.94 -55.81
C GLY K 218 21.27 84.62 -55.87
N TYR K 219 22.15 84.31 -54.92
CA TYR K 219 23.50 84.85 -54.95
C TYR K 219 24.26 84.37 -56.18
N GLY K 220 24.07 83.11 -56.56
CA GLY K 220 24.70 82.61 -57.76
C GLY K 220 24.19 83.30 -59.02
N LYS K 221 22.89 83.58 -59.06
CA LYS K 221 22.33 84.32 -60.19
C LYS K 221 22.92 85.72 -60.26
N ALA K 222 23.07 86.38 -59.11
CA ALA K 222 23.70 87.69 -59.09
C ALA K 222 25.16 87.61 -59.53
N LEU K 223 25.84 86.54 -59.13
CA LEU K 223 27.25 86.35 -59.49
C LEU K 223 27.42 86.11 -60.98
N LEU K 224 26.46 85.42 -61.60
CA LEU K 224 26.56 85.11 -63.02
C LEU K 224 26.58 86.36 -63.89
N GLU K 225 26.17 87.51 -63.36
CA GLU K 225 26.21 88.75 -64.11
C GLU K 225 27.63 89.22 -64.42
N LEU K 226 28.63 88.68 -63.73
CA LEU K 226 30.00 89.18 -63.90
C LEU K 226 30.53 88.90 -65.30
N LEU K 227 30.33 87.68 -65.81
CA LEU K 227 30.83 87.36 -67.13
C LEU K 227 30.05 88.10 -68.21
N ASP K 228 30.71 88.38 -69.32
CA ASP K 228 30.10 89.10 -70.43
C ASP K 228 29.67 88.11 -71.51
N ASP K 229 28.40 88.17 -71.87
CA ASP K 229 27.85 87.30 -72.90
C ASP K 229 27.94 87.89 -74.30
N SER K 230 28.50 89.08 -74.44
CA SER K 230 28.62 89.69 -75.75
C SER K 230 29.62 88.91 -76.60
N PRO K 231 29.22 88.45 -77.79
CA PRO K 231 30.16 87.68 -78.62
C PRO K 231 31.31 88.55 -79.11
N VAL K 232 32.46 87.91 -79.31
CA VAL K 232 33.66 88.58 -79.76
C VAL K 232 33.98 88.12 -81.18
N THR K 233 34.31 89.07 -82.04
CA THR K 233 34.67 88.75 -83.41
C THR K 233 36.00 87.99 -83.44
N PRO K 234 36.18 87.11 -84.43
CA PRO K 234 37.48 86.43 -84.58
C PRO K 234 38.59 87.43 -84.82
N GLY K 235 39.77 87.12 -84.30
CA GLY K 235 40.89 88.03 -84.38
C GLY K 235 41.28 88.61 -83.04
N GLU K 236 40.97 89.88 -82.82
CA GLU K 236 41.34 90.56 -81.58
C GLU K 236 40.67 89.90 -80.38
N THR K 237 41.28 90.09 -79.21
CA THR K 237 40.82 89.50 -77.97
C THR K 237 40.17 90.56 -77.09
N ARG K 238 39.10 90.17 -76.41
CA ARG K 238 38.39 91.08 -75.53
C ARG K 238 39.27 91.48 -74.34
N PRO K 239 38.99 92.62 -73.72
CA PRO K 239 39.80 93.05 -72.58
C PRO K 239 39.76 92.04 -71.44
N ALA K 240 40.86 91.98 -70.70
CA ALA K 240 41.00 90.98 -69.64
C ALA K 240 39.97 91.22 -68.54
N TYR K 241 39.61 90.13 -67.85
CA TYR K 241 38.61 90.17 -66.80
C TYR K 241 39.28 90.51 -65.48
N ASP K 242 38.89 91.65 -64.90
CA ASP K 242 39.46 92.11 -63.64
C ASP K 242 38.44 92.11 -62.51
N GLY K 243 37.33 91.38 -62.67
CA GLY K 243 36.29 91.36 -61.66
C GLY K 243 36.51 90.30 -60.58
N TYR K 244 37.78 90.00 -60.29
CA TYR K 244 38.08 89.07 -59.20
C TYR K 244 37.60 89.62 -57.87
N GLU K 245 37.83 90.91 -57.62
CA GLU K 245 37.42 91.52 -56.37
C GLU K 245 35.90 91.49 -56.22
N ALA K 246 35.17 91.74 -57.31
CA ALA K 246 33.71 91.71 -57.23
C ALA K 246 33.20 90.32 -56.90
N SER K 247 33.78 89.29 -57.53
CA SER K 247 33.36 87.92 -57.24
C SER K 247 33.70 87.53 -55.81
N LYS K 248 34.88 87.92 -55.33
CA LYS K 248 35.23 87.61 -53.95
C LYS K 248 34.33 88.33 -52.97
N GLN K 249 33.96 89.59 -53.28
CA GLN K 249 33.02 90.30 -52.43
C GLN K 249 31.66 89.63 -52.43
N ILE K 250 31.21 89.14 -53.58
CA ILE K 250 29.93 88.45 -53.67
C ILE K 250 29.95 87.19 -52.80
N ILE K 251 31.03 86.41 -52.91
CA ILE K 251 31.11 85.19 -52.11
C ILE K 251 31.25 85.51 -50.63
N ILE K 252 31.92 86.61 -50.29
CA ILE K 252 32.04 87.01 -48.89
C ILE K 252 30.68 87.40 -48.33
N ASP K 253 29.91 88.17 -49.10
CA ASP K 253 28.58 88.55 -48.65
C ASP K 253 27.66 87.34 -48.55
N ALA K 254 27.81 86.38 -49.48
CA ALA K 254 27.04 85.15 -49.39
C ALA K 254 27.38 84.38 -48.13
N GLU K 255 28.67 84.29 -47.79
CA GLU K 255 29.07 83.63 -46.55
C GLU K 255 28.50 84.37 -45.34
N SER K 256 28.53 85.70 -45.36
CA SER K 256 28.02 86.48 -44.24
C SER K 256 26.53 86.25 -44.03
N ALA K 257 25.76 86.27 -45.12
CA ALA K 257 24.32 86.01 -45.03
C ALA K 257 24.06 84.56 -44.64
N LEU K 258 24.93 83.64 -45.05
CA LEU K 258 24.79 82.24 -44.68
C LEU K 258 24.96 82.07 -43.17
N ASN K 259 26.01 82.66 -42.61
CA ASN K 259 26.23 82.55 -41.18
C ASN K 259 25.18 83.31 -40.38
N GLU K 260 24.72 84.45 -40.92
CA GLU K 260 23.72 85.26 -40.23
C GLU K 260 22.33 84.65 -40.28
N TRP K 261 22.09 83.69 -41.17
CA TRP K 261 20.76 83.12 -41.32
C TRP K 261 20.31 82.46 -40.03
N THR K 262 19.06 82.72 -39.66
CA THR K 262 18.47 82.13 -38.47
C THR K 262 16.98 81.93 -38.72
N LEU K 263 16.35 81.13 -37.84
CA LEU K 263 14.92 80.88 -37.97
C LEU K 263 14.12 82.17 -37.84
N ASP K 264 14.58 83.10 -37.00
CA ASP K 264 13.91 84.39 -36.90
C ASP K 264 13.97 85.14 -38.22
N SER K 265 15.12 85.12 -38.89
CA SER K 265 15.29 85.78 -40.18
C SER K 265 14.83 84.87 -41.33
N ALA K 266 13.62 84.34 -41.21
CA ALA K 266 13.03 83.49 -42.24
C ALA K 266 12.13 84.39 -43.10
N GLN K 267 12.72 84.92 -44.17
CA GLN K 267 12.00 85.84 -45.04
C GLN K 267 10.90 85.15 -45.86
N VAL K 268 10.88 83.82 -45.87
CA VAL K 268 9.76 83.11 -46.51
C VAL K 268 8.54 83.22 -45.62
N LYS K 269 7.42 83.64 -46.23
CA LYS K 269 6.21 83.88 -45.45
C LYS K 269 4.98 83.30 -46.15
N PRO K 270 4.24 82.42 -45.49
CA PRO K 270 2.98 81.94 -46.06
C PRO K 270 1.88 82.97 -45.92
N THR K 271 0.75 82.70 -46.57
CA THR K 271 -0.40 83.60 -46.51
C THR K 271 -1.70 82.81 -46.47
N MET L 1 34.39 73.75 -47.42
CA MET L 1 34.95 75.09 -47.61
C MET L 1 34.60 75.99 -46.43
N HIS L 2 33.53 75.64 -45.72
CA HIS L 2 33.07 76.41 -44.58
C HIS L 2 33.85 76.10 -43.31
N ARG L 3 34.88 75.27 -43.39
CA ARG L 3 35.65 74.90 -42.21
C ARG L 3 36.36 76.11 -41.64
N THR L 4 36.51 76.11 -40.31
CA THR L 4 37.16 77.21 -39.62
C THR L 4 38.68 77.13 -39.81
N TYR L 5 39.39 78.08 -39.22
CA TYR L 5 40.85 78.14 -39.32
C TYR L 5 41.48 77.29 -38.21
N SER L 6 41.30 75.98 -38.36
CA SER L 6 41.85 75.01 -37.43
C SER L 6 42.39 73.83 -38.23
N LEU L 7 42.74 72.76 -37.53
CA LEU L 7 43.29 71.57 -38.16
C LEU L 7 42.22 70.55 -38.50
N ARG L 8 40.95 70.86 -38.23
CA ARG L 8 39.84 69.94 -38.41
C ARG L 8 38.98 70.43 -39.57
N ASN L 9 38.43 69.49 -40.33
CA ASN L 9 37.45 69.83 -41.36
C ASN L 9 36.06 69.96 -40.74
N SER L 10 35.95 70.90 -39.81
CA SER L 10 34.70 71.20 -39.13
C SER L 10 34.21 72.56 -39.57
N ARG L 11 33.02 72.60 -40.17
CA ARG L 11 32.47 73.85 -40.67
C ARG L 11 32.07 74.76 -39.51
N ALA L 12 32.20 76.06 -39.74
CA ALA L 12 31.81 77.03 -38.73
C ALA L 12 30.30 76.97 -38.51
N PRO L 13 29.84 76.81 -37.27
CA PRO L 13 28.40 76.69 -37.02
C PRO L 13 27.68 78.01 -37.28
N THR L 14 26.59 77.94 -38.02
CA THR L 14 25.76 79.11 -38.29
C THR L 14 24.82 79.35 -37.12
N ALA L 15 24.04 80.44 -37.20
CA ALA L 15 23.12 80.78 -36.13
C ALA L 15 22.10 79.66 -35.88
N SER L 16 21.71 78.96 -36.93
CA SER L 16 20.82 77.81 -36.75
C SER L 16 21.48 76.72 -35.91
N GLN L 17 22.78 76.49 -36.14
CA GLN L 17 23.49 75.47 -35.36
C GLN L 17 23.56 75.85 -33.89
N LEU L 18 23.78 77.13 -33.59
CA LEU L 18 23.74 77.58 -32.20
C LEU L 18 22.34 77.44 -31.62
N GLN L 19 21.31 77.75 -32.41
CA GLN L 19 19.94 77.62 -31.92
C GLN L 19 19.59 76.18 -31.58
N ASN L 20 19.90 75.26 -32.49
CA ASN L 20 19.69 73.84 -32.26
C ASN L 20 20.95 73.08 -32.63
N PRO L 21 21.50 72.28 -31.73
CA PRO L 21 22.77 71.62 -32.01
C PRO L 21 22.63 70.66 -33.17
N PRO L 22 23.70 70.47 -33.95
CA PRO L 22 23.61 69.54 -35.08
C PRO L 22 23.39 68.13 -34.60
N PRO L 23 22.66 67.31 -35.36
CA PRO L 23 22.42 65.92 -34.97
C PRO L 23 23.65 65.07 -35.22
N PRO L 24 23.72 63.89 -34.62
CA PRO L 24 24.85 62.98 -34.87
C PRO L 24 24.85 62.51 -36.31
N PRO L 25 25.99 62.09 -36.83
CA PRO L 25 26.06 61.65 -38.22
C PRO L 25 25.15 60.46 -38.48
N SER L 26 24.64 60.37 -39.71
CA SER L 26 23.68 59.35 -40.06
C SER L 26 24.30 57.95 -39.95
N THR L 27 23.47 57.00 -39.52
CA THR L 27 23.88 55.60 -39.39
C THR L 27 23.66 54.81 -40.68
N THR L 28 23.22 55.46 -41.75
CA THR L 28 22.96 54.79 -43.01
C THR L 28 24.22 54.62 -43.86
N LYS L 29 25.38 55.07 -43.37
CA LYS L 29 26.62 54.92 -44.10
C LYS L 29 26.98 53.46 -44.28
N GLY L 30 26.83 52.94 -45.49
CA GLY L 30 27.13 51.55 -45.76
C GLY L 30 28.54 51.34 -46.26
N ARG L 31 29.00 50.09 -46.14
CA ARG L 31 30.34 49.72 -46.60
C ARG L 31 30.26 49.45 -48.11
N PHE L 32 30.34 50.53 -48.88
CA PHE L 32 30.21 50.45 -50.32
C PHE L 32 30.94 51.64 -50.95
N PHE L 33 31.18 51.53 -52.26
CA PHE L 33 31.87 52.59 -52.97
C PHE L 33 31.08 53.90 -52.99
N GLY L 34 29.75 53.82 -52.93
CA GLY L 34 28.93 55.00 -52.98
C GLY L 34 28.69 55.55 -54.37
N LYS L 35 28.99 54.78 -55.42
CA LYS L 35 28.77 55.20 -56.80
C LYS L 35 27.81 54.27 -57.54
N GLY L 36 26.97 53.54 -56.81
CA GLY L 36 26.05 52.61 -57.44
C GLY L 36 26.66 51.30 -57.87
N GLY L 37 27.86 50.98 -57.40
CA GLY L 37 28.52 49.74 -57.78
C GLY L 37 29.22 49.85 -59.12
N LEU L 38 29.80 48.72 -59.53
CA LEU L 38 30.50 48.67 -60.82
C LEU L 38 29.54 48.84 -61.99
N ALA L 39 28.28 48.42 -61.82
CA ALA L 39 27.30 48.58 -62.89
C ALA L 39 27.06 50.05 -63.19
N TYR L 40 26.91 50.88 -62.15
CA TYR L 40 26.72 52.30 -62.36
C TYR L 40 28.03 53.07 -62.56
N SER L 41 29.16 52.46 -62.22
CA SER L 41 30.46 53.05 -62.50
C SER L 41 31.00 52.68 -63.86
N PHE L 42 30.33 51.77 -64.57
CA PHE L 42 30.74 51.45 -65.95
C PHE L 42 30.63 52.67 -66.84
N ARG L 43 29.55 53.44 -66.69
CA ARG L 43 29.40 54.67 -67.47
C ARG L 43 30.51 55.66 -67.13
N ARG L 44 30.82 55.81 -65.84
CA ARG L 44 31.89 56.73 -65.44
C ARG L 44 33.23 56.31 -66.03
N SER L 45 33.52 55.01 -66.01
CA SER L 45 34.76 54.52 -66.61
C SER L 45 34.77 54.74 -68.12
N ALA L 46 33.65 54.48 -68.79
CA ALA L 46 33.57 54.68 -70.23
C ALA L 46 33.68 56.15 -70.61
N ALA L 47 33.33 57.06 -69.71
CA ALA L 47 33.56 58.48 -69.97
C ALA L 47 35.05 58.77 -70.11
N GLY L 48 35.87 58.18 -69.24
CA GLY L 48 37.31 58.29 -69.35
C GLY L 48 37.88 57.22 -70.26
N ALA L 49 37.71 57.38 -71.57
CA ALA L 49 38.07 56.35 -72.53
C ALA L 49 38.54 57.05 -73.81
N PHE L 50 38.58 56.30 -74.91
CA PHE L 50 39.13 56.81 -76.15
C PHE L 50 38.25 57.91 -76.74
N GLY L 51 38.44 59.14 -76.28
CA GLY L 51 37.69 60.27 -76.78
C GLY L 51 38.60 61.31 -77.39
N PRO L 52 38.04 62.48 -77.70
CA PRO L 52 38.86 63.55 -78.31
C PRO L 52 39.80 64.23 -77.32
N GLU L 53 39.87 63.70 -76.10
CA GLU L 53 40.83 64.10 -75.07
C GLU L 53 40.61 65.55 -74.63
N LEU L 54 39.68 66.25 -75.26
CA LEU L 54 39.31 67.61 -74.89
C LEU L 54 37.96 67.67 -74.20
N SER L 55 36.93 67.10 -74.82
CA SER L 55 35.63 66.99 -74.19
C SER L 55 35.52 65.78 -73.27
N ARG L 56 36.64 65.10 -73.01
CA ARG L 56 36.64 63.97 -72.09
C ARG L 56 36.14 64.39 -70.72
N LYS L 57 36.66 65.50 -70.19
CA LYS L 57 36.18 66.00 -68.90
C LYS L 57 34.72 66.43 -68.99
N LEU L 58 34.35 67.11 -70.08
CA LEU L 58 32.97 67.56 -70.22
C LEU L 58 32.01 66.39 -70.41
N SER L 59 32.42 65.39 -71.19
CA SER L 59 31.57 64.20 -71.34
C SER L 59 31.45 63.45 -70.02
N GLN L 60 32.54 63.37 -69.25
CA GLN L 60 32.47 62.76 -67.93
C GLN L 60 31.51 63.51 -67.03
N LEU L 61 31.55 64.85 -67.08
CA LEU L 61 30.63 65.64 -66.29
C LEU L 61 29.19 65.39 -66.72
N VAL L 62 28.96 65.29 -68.02
CA VAL L 62 27.60 65.05 -68.53
C VAL L 62 27.09 63.69 -68.05
N LYS L 63 27.94 62.67 -68.10
CA LYS L 63 27.49 61.34 -67.68
C LYS L 63 27.30 61.28 -66.17
N ILE L 64 28.13 62.02 -65.43
CA ILE L 64 27.92 62.14 -63.99
C ILE L 64 26.60 62.83 -63.71
N GLU L 65 26.26 63.85 -64.50
CA GLU L 65 24.97 64.52 -64.35
C GLU L 65 23.83 63.56 -64.67
N LYS L 66 24.04 62.67 -65.63
CA LYS L 66 23.06 61.62 -65.89
C LYS L 66 22.88 60.71 -64.69
N ASN L 67 23.97 60.35 -64.02
CA ASN L 67 23.85 59.60 -62.79
C ASN L 67 23.08 60.38 -61.73
N VAL L 68 23.34 61.68 -61.64
CA VAL L 68 22.59 62.54 -60.74
C VAL L 68 21.11 62.45 -61.05
N LEU L 69 20.77 62.51 -62.34
CA LEU L 69 19.38 62.50 -62.77
C LEU L 69 18.73 61.18 -62.45
N ARG L 70 19.45 60.08 -62.67
CA ARG L 70 18.91 58.76 -62.36
C ARG L 70 18.66 58.59 -60.87
N SER L 71 19.60 59.04 -60.04
CA SER L 71 19.40 58.98 -58.59
C SER L 71 18.21 59.82 -58.15
N MET L 72 18.08 61.03 -58.72
CA MET L 72 16.95 61.88 -58.36
C MET L 72 15.64 61.25 -58.80
N GLU L 73 15.63 60.61 -59.96
CA GLU L 73 14.44 59.91 -60.42
C GLU L 73 14.11 58.75 -59.47
N LEU L 74 15.14 58.08 -58.97
CA LEU L 74 14.94 57.00 -58.01
C LEU L 74 14.33 57.52 -56.71
N THR L 75 14.77 58.69 -56.24
CA THR L 75 14.28 59.22 -54.98
C THR L 75 12.98 59.99 -55.12
N ALA L 76 12.54 60.28 -56.35
CA ALA L 76 11.26 60.96 -56.52
C ALA L 76 10.11 59.96 -56.55
N ASN L 77 10.18 58.97 -57.44
CA ASN L 77 9.13 57.97 -57.53
C ASN L 77 9.00 57.20 -56.22
N GLU L 78 10.13 56.83 -55.62
CA GLU L 78 10.07 56.05 -54.39
C GLU L 78 9.69 56.94 -53.20
N ARG L 79 9.94 58.25 -53.26
CA ARG L 79 9.38 59.15 -52.25
C ARG L 79 7.86 59.26 -52.35
N ARG L 80 7.33 59.34 -53.57
CA ARG L 80 5.88 59.36 -53.69
C ARG L 80 5.28 58.03 -53.26
N ASP L 81 6.03 56.93 -53.47
CA ASP L 81 5.64 55.66 -52.88
C ASP L 81 5.61 55.73 -51.36
N ALA L 82 6.59 56.41 -50.77
CA ALA L 82 6.61 56.60 -49.32
C ALA L 82 5.39 57.37 -48.85
N ALA L 83 5.00 58.41 -49.61
CA ALA L 83 3.81 59.17 -49.27
C ALA L 83 2.56 58.31 -49.33
N LYS L 84 2.44 57.47 -50.38
CA LYS L 84 1.31 56.56 -50.48
C LYS L 84 1.29 55.60 -49.30
N GLN L 85 2.45 55.08 -48.92
CA GLN L 85 2.53 54.17 -47.78
C GLN L 85 2.15 54.87 -46.48
N LEU L 86 2.54 56.14 -46.34
CA LEU L 86 2.16 56.91 -45.16
C LEU L 86 0.64 57.07 -45.08
N SER L 87 0.00 57.37 -46.21
CA SER L 87 -1.45 57.47 -46.20
C SER L 87 -2.09 56.12 -45.85
N ILE L 88 -1.55 55.04 -46.40
CA ILE L 88 -2.08 53.70 -46.11
C ILE L 88 -1.95 53.40 -44.62
N TRP L 89 -0.82 53.76 -44.02
CA TRP L 89 -0.64 53.55 -42.59
C TRP L 89 -1.61 54.40 -41.78
N GLY L 90 -1.81 55.65 -42.18
CA GLY L 90 -2.73 56.50 -41.46
C GLY L 90 -4.19 56.19 -41.68
N LEU L 91 -4.49 55.29 -42.61
CA LEU L 91 -5.87 54.86 -42.82
C LEU L 91 -6.54 54.43 -41.52
N GLU L 92 -5.87 53.58 -40.75
CA GLU L 92 -6.45 53.05 -39.51
C GLU L 92 -5.79 53.75 -38.33
N ASN L 93 -6.35 54.89 -37.96
CA ASN L 93 -5.84 55.69 -36.84
C ASN L 93 -6.94 56.65 -36.42
N ASP L 94 -6.58 57.60 -35.57
CA ASP L 94 -7.53 58.62 -35.13
C ASP L 94 -7.96 59.48 -36.31
N ASP L 95 -9.18 60.02 -36.22
CA ASP L 95 -9.73 60.81 -37.32
C ASP L 95 -8.85 62.02 -37.61
N ASP L 96 -8.48 62.77 -36.58
CA ASP L 96 -7.58 63.90 -36.77
C ASP L 96 -6.23 63.42 -37.28
N VAL L 97 -5.70 62.33 -36.74
CA VAL L 97 -4.44 61.79 -37.19
C VAL L 97 -4.55 61.35 -38.65
N SER L 98 -5.64 60.66 -39.00
CA SER L 98 -5.81 60.21 -40.37
C SER L 98 -5.88 61.38 -41.34
N ASP L 99 -6.66 62.40 -41.00
CA ASP L 99 -6.78 63.56 -41.88
C ASP L 99 -5.45 64.29 -42.03
N ILE L 100 -4.75 64.50 -40.92
CA ILE L 100 -3.50 65.25 -40.98
C ILE L 100 -2.43 64.46 -41.72
N THR L 101 -2.40 63.14 -41.56
CA THR L 101 -1.40 62.35 -42.26
C THR L 101 -1.73 62.23 -43.74
N ASP L 102 -3.02 62.24 -44.10
CA ASP L 102 -3.38 62.27 -45.51
C ASP L 102 -2.97 63.60 -46.14
N LYS L 103 -3.13 64.70 -45.40
CA LYS L 103 -2.70 66.00 -45.92
C LYS L 103 -1.18 66.07 -46.05
N LEU L 104 -0.45 65.50 -45.09
CA LEU L 104 1.00 65.43 -45.23
C LEU L 104 1.40 64.57 -46.42
N GLY L 105 0.67 63.47 -46.65
CA GLY L 105 0.94 62.65 -47.80
C GLY L 105 0.72 63.38 -49.12
N VAL L 106 -0.35 64.17 -49.19
CA VAL L 106 -0.58 64.92 -50.43
C VAL L 106 0.45 66.02 -50.60
N LEU L 107 0.91 66.61 -49.49
CA LEU L 107 2.00 67.59 -49.59
C LEU L 107 3.29 66.93 -50.11
N ILE L 108 3.59 65.73 -49.62
CA ILE L 108 4.75 65.00 -50.11
C ILE L 108 4.57 64.63 -51.58
N TYR L 109 3.34 64.32 -51.99
CA TYR L 109 3.09 64.07 -53.41
C TYR L 109 3.36 65.32 -54.25
N GLU L 110 2.94 66.48 -53.75
CA GLU L 110 3.30 67.74 -54.41
C GLU L 110 4.83 67.89 -54.48
N VAL L 111 5.51 67.53 -53.40
CA VAL L 111 6.97 67.59 -53.37
C VAL L 111 7.56 66.73 -54.48
N SER L 112 7.04 65.51 -54.63
CA SER L 112 7.54 64.60 -55.66
C SER L 112 7.27 65.13 -57.05
N GLU L 113 6.09 65.73 -57.26
CA GLU L 113 5.79 66.30 -58.57
C GLU L 113 6.73 67.46 -58.90
N LEU L 114 6.99 68.33 -57.92
CA LEU L 114 7.96 69.39 -58.13
C LEU L 114 9.35 68.83 -58.38
N ASP L 115 9.70 67.73 -57.72
CA ASP L 115 10.97 67.08 -57.98
C ASP L 115 11.04 66.59 -59.42
N ASP L 116 9.94 66.03 -59.93
CA ASP L 116 9.92 65.57 -61.32
C ASP L 116 10.08 66.73 -62.29
N GLN L 117 9.42 67.86 -62.02
CA GLN L 117 9.61 69.04 -62.86
C GLN L 117 11.06 69.53 -62.81
N PHE L 118 11.64 69.53 -61.61
CA PHE L 118 13.05 69.88 -61.46
C PHE L 118 13.94 68.92 -62.24
N ILE L 119 13.55 67.65 -62.30
CA ILE L 119 14.29 66.66 -63.07
C ILE L 119 14.23 66.98 -64.56
N ASP L 120 13.06 67.39 -65.04
CA ASP L 120 12.95 67.77 -66.45
C ASP L 120 13.81 68.99 -66.77
N ARG L 121 13.80 69.99 -65.88
CA ARG L 121 14.66 71.15 -66.10
C ARG L 121 16.13 70.77 -65.99
N TYR L 122 16.44 69.82 -65.11
CA TYR L 122 17.80 69.28 -65.02
C TYR L 122 18.20 68.62 -66.33
N ASP L 123 17.27 67.93 -66.96
CA ASP L 123 17.56 67.31 -68.26
C ASP L 123 17.77 68.37 -69.33
N GLN L 124 17.05 69.50 -69.23
CA GLN L 124 17.35 70.62 -70.13
C GLN L 124 18.77 71.12 -69.93
N TYR L 125 19.18 71.27 -68.67
CA TYR L 125 20.55 71.66 -68.36
C TYR L 125 21.55 70.66 -68.92
N ARG L 126 21.28 69.37 -68.74
CA ARG L 126 22.17 68.32 -69.22
C ARG L 126 22.23 68.30 -70.73
N LEU L 127 21.12 68.61 -71.41
CA LEU L 127 21.12 68.64 -72.86
C LEU L 127 21.91 69.82 -73.38
N THR L 128 21.80 70.97 -72.72
CA THR L 128 22.65 72.10 -73.11
C THR L 128 24.13 71.77 -72.93
N LEU L 129 24.46 71.10 -71.83
CA LEU L 129 25.84 70.69 -71.63
C LEU L 129 26.26 69.62 -72.64
N LYS L 130 25.33 68.76 -73.07
CA LYS L 130 25.64 67.81 -74.13
C LYS L 130 25.96 68.54 -75.42
N SER L 131 25.20 69.59 -75.72
CA SER L 131 25.47 70.37 -76.93
C SER L 131 26.84 71.02 -76.87
N ILE L 132 27.19 71.62 -75.73
CA ILE L 132 28.50 72.26 -75.62
C ILE L 132 29.61 71.22 -75.68
N ARG L 133 29.39 70.04 -75.09
CA ARG L 133 30.37 68.97 -75.19
C ARG L 133 30.57 68.54 -76.62
N ASP L 134 29.48 68.43 -77.38
CA ASP L 134 29.60 67.94 -78.75
C ASP L 134 30.27 68.96 -79.67
N ILE L 135 29.99 70.25 -79.47
CA ILE L 135 30.68 71.24 -80.30
C ILE L 135 32.15 71.29 -79.95
N GLU L 136 32.49 71.17 -78.66
CA GLU L 136 33.89 71.13 -78.27
C GLU L 136 34.59 69.91 -78.85
N GLY L 137 33.93 68.74 -78.83
CA GLY L 137 34.51 67.56 -79.43
C GLY L 137 34.68 67.68 -80.93
N SER L 138 33.76 68.39 -81.59
CA SER L 138 33.90 68.60 -83.03
C SER L 138 34.99 69.61 -83.35
N VAL L 139 35.28 70.53 -82.44
CA VAL L 139 36.31 71.52 -82.70
C VAL L 139 37.71 71.02 -82.32
N GLN L 140 37.79 70.00 -81.47
CA GLN L 140 39.10 69.47 -81.10
C GLN L 140 39.94 68.95 -82.28
N PRO L 141 39.41 68.20 -83.24
CA PRO L 141 40.27 67.67 -84.30
C PRO L 141 40.99 68.74 -85.08
N SER L 142 40.46 69.96 -85.14
CA SER L 142 41.19 71.05 -85.77
C SER L 142 42.54 71.28 -85.11
N ARG L 143 42.55 71.42 -83.78
CA ARG L 143 43.80 71.64 -83.08
C ARG L 143 44.65 70.37 -83.08
N ASP L 144 44.03 69.20 -83.10
CA ASP L 144 44.80 67.95 -83.20
C ASP L 144 45.58 67.93 -84.52
N ARG L 145 44.91 68.24 -85.63
CA ARG L 145 45.57 68.29 -86.91
C ARG L 145 46.63 69.40 -86.94
N LYS L 146 46.36 70.52 -86.29
CA LYS L 146 47.35 71.59 -86.21
C LYS L 146 48.63 71.10 -85.53
N ASP L 147 48.47 70.41 -84.40
CA ASP L 147 49.64 69.90 -83.67
C ASP L 147 50.39 68.87 -84.52
N LYS L 148 49.66 67.98 -85.17
CA LYS L 148 50.32 66.97 -86.01
C LYS L 148 51.08 67.64 -87.15
N ILE L 149 50.48 68.64 -87.78
CA ILE L 149 51.12 69.32 -88.91
C ILE L 149 52.37 70.07 -88.46
N THR L 150 52.28 70.75 -87.31
CA THR L 150 53.47 71.49 -86.86
C THR L 150 54.59 70.54 -86.46
N ASP L 151 54.26 69.39 -85.86
CA ASP L 151 55.30 68.40 -85.55
C ASP L 151 55.94 67.87 -86.83
N LYS L 152 55.12 67.54 -87.84
CA LYS L 152 55.67 67.00 -89.08
C LYS L 152 56.50 68.04 -89.81
N ILE L 153 56.08 69.30 -89.81
CA ILE L 153 56.86 70.33 -90.49
C ILE L 153 58.16 70.60 -89.74
N ALA L 154 58.14 70.49 -88.41
CA ALA L 154 59.40 70.62 -87.66
C ALA L 154 60.36 69.50 -88.02
N TYR L 155 59.85 68.26 -88.11
CA TYR L 155 60.72 67.16 -88.50
C TYR L 155 61.26 67.35 -89.91
N LEU L 156 60.40 67.80 -90.83
CA LEU L 156 60.83 68.01 -92.21
C LEU L 156 61.88 69.12 -92.29
N LYS L 157 61.70 70.19 -91.50
CA LYS L 157 62.72 71.22 -91.41
C LYS L 157 64.03 70.67 -90.87
N TYR L 158 63.96 69.75 -89.90
CA TYR L 158 65.15 69.07 -89.43
C TYR L 158 65.84 68.33 -90.57
N LYS L 159 65.06 67.63 -91.41
CA LYS L 159 65.65 66.83 -92.47
C LYS L 159 66.40 67.69 -93.48
N ASP L 160 65.77 68.75 -93.97
CA ASP L 160 66.40 69.62 -94.96
C ASP L 160 65.69 70.97 -94.92
N PRO L 161 66.32 72.01 -95.47
CA PRO L 161 65.68 73.34 -95.51
C PRO L 161 64.99 73.70 -96.82
N GLN L 162 64.89 72.79 -97.79
CA GLN L 162 64.36 73.18 -99.09
C GLN L 162 63.43 72.14 -99.71
N SER L 163 62.86 71.24 -98.93
CA SER L 163 61.89 70.31 -99.49
C SER L 163 60.64 71.06 -99.93
N PRO L 164 60.12 70.79 -101.12
CA PRO L 164 58.84 71.41 -101.52
C PRO L 164 57.72 71.04 -100.59
N LYS L 165 57.75 69.82 -100.05
CA LYS L 165 56.75 69.38 -99.09
C LYS L 165 56.71 70.31 -97.89
N ILE L 166 57.87 70.83 -97.49
CA ILE L 166 57.95 71.76 -96.36
C ILE L 166 57.13 73.00 -96.64
N GLU L 167 57.36 73.63 -97.80
CA GLU L 167 56.65 74.86 -98.12
C GLU L 167 55.16 74.60 -98.31
N VAL L 168 54.82 73.46 -98.88
CA VAL L 168 53.41 73.13 -99.09
C VAL L 168 52.69 72.98 -97.76
N LEU L 169 53.30 72.26 -96.81
CA LEU L 169 52.67 72.12 -95.49
C LEU L 169 52.70 73.42 -94.71
N GLU L 170 53.68 74.29 -94.94
CA GLU L 170 53.63 75.61 -94.31
C GLU L 170 52.46 76.41 -94.86
N GLN L 171 52.22 76.33 -96.17
CA GLN L 171 51.11 77.04 -96.78
C GLN L 171 49.77 76.48 -96.33
N GLU L 172 49.71 75.17 -96.09
CA GLU L 172 48.48 74.60 -95.54
C GLU L 172 48.34 74.91 -94.06
N LEU L 173 49.45 75.07 -93.34
CA LEU L 173 49.40 75.36 -91.92
C LEU L 173 49.00 76.80 -91.65
N VAL L 174 49.36 77.73 -92.54
CA VAL L 174 48.88 79.09 -92.35
C VAL L 174 47.37 79.17 -92.55
N ARG L 175 46.80 78.30 -93.40
CA ARG L 175 45.36 78.19 -93.50
C ARG L 175 44.77 77.53 -92.26
N ALA L 176 45.40 76.47 -91.79
CA ALA L 176 44.91 75.76 -90.61
C ALA L 176 44.94 76.65 -89.38
N GLU L 177 45.94 77.52 -89.28
CA GLU L 177 46.02 78.44 -88.15
C GLU L 177 44.86 79.43 -88.16
N ALA L 178 44.55 79.99 -89.33
CA ALA L 178 43.42 80.91 -89.41
C ALA L 178 42.10 80.21 -89.12
N GLU L 179 41.90 79.02 -89.67
CA GLU L 179 40.68 78.29 -89.40
C GLU L 179 40.59 77.89 -87.94
N SER L 180 41.72 77.57 -87.30
CA SER L 180 41.71 77.23 -85.89
C SER L 180 41.46 78.46 -85.03
N LEU L 181 41.96 79.63 -85.44
CA LEU L 181 41.66 80.87 -84.72
C LEU L 181 40.16 81.15 -84.77
N VAL L 182 39.56 81.03 -85.96
CA VAL L 182 38.13 81.24 -86.08
C VAL L 182 37.36 80.21 -85.26
N ALA L 183 37.80 78.95 -85.33
CA ALA L 183 37.14 77.88 -84.60
C ALA L 183 37.22 78.10 -83.09
N GLU L 184 38.37 78.55 -82.60
CA GLU L 184 38.52 78.79 -81.16
C GLU L 184 37.74 80.03 -80.73
N ALA L 185 37.67 81.06 -81.58
CA ALA L 185 36.86 82.22 -81.24
C ALA L 185 35.39 81.85 -81.11
N GLN L 186 34.87 81.13 -82.11
CA GLN L 186 33.48 80.71 -82.04
C GLN L 186 33.27 79.69 -80.92
N LEU L 187 34.28 78.87 -80.62
CA LEU L 187 34.19 77.92 -79.52
C LEU L 187 34.07 78.65 -78.19
N SER L 188 34.90 79.67 -77.98
CA SER L 188 34.80 80.46 -76.76
C SER L 188 33.45 81.15 -76.67
N ASN L 189 32.97 81.71 -77.78
CA ASN L 189 31.69 82.39 -77.76
C ASN L 189 30.55 81.43 -77.42
N ILE L 190 30.53 80.26 -78.06
CA ILE L 190 29.45 79.31 -77.83
C ILE L 190 29.55 78.72 -76.43
N THR L 191 30.77 78.47 -75.94
CA THR L 191 30.91 77.95 -74.59
C THR L 191 30.41 78.97 -73.57
N ARG L 192 30.79 80.24 -73.73
CA ARG L 192 30.31 81.25 -72.79
C ARG L 192 28.79 81.38 -72.84
N SER L 193 28.23 81.42 -74.05
CA SER L 193 26.78 81.57 -74.18
C SER L 193 26.04 80.39 -73.56
N LYS L 194 26.43 79.16 -73.95
CA LYS L 194 25.76 77.98 -73.43
C LYS L 194 25.94 77.87 -71.92
N LEU L 195 27.15 78.14 -71.43
CA LEU L 195 27.42 78.06 -70.00
C LEU L 195 26.53 79.03 -69.23
N ARG L 196 26.54 80.31 -69.64
CA ARG L 196 25.74 81.30 -68.93
C ARG L 196 24.25 80.97 -68.99
N ALA L 197 23.74 80.65 -70.18
CA ALA L 197 22.31 80.38 -70.32
C ALA L 197 21.91 79.16 -69.53
N ALA L 198 22.65 78.05 -69.68
CA ALA L 198 22.31 76.81 -69.01
C ALA L 198 22.35 76.96 -67.51
N PHE L 199 23.40 77.61 -66.98
CA PHE L 199 23.49 77.71 -65.53
C PHE L 199 22.55 78.75 -64.96
N ASN L 200 22.26 79.84 -65.70
CA ASN L 200 21.23 80.76 -65.24
C ASN L 200 19.87 80.08 -65.20
N TYR L 201 19.54 79.31 -66.23
CA TYR L 201 18.28 78.56 -66.22
C TYR L 201 18.27 77.52 -65.11
N GLN L 202 19.38 76.85 -64.88
CA GLN L 202 19.47 75.85 -63.82
C GLN L 202 19.27 76.48 -62.45
N PHE L 203 19.91 77.63 -62.21
CA PHE L 203 19.77 78.29 -60.93
C PHE L 203 18.37 78.87 -60.75
N ASP L 204 17.77 79.38 -61.82
CA ASP L 204 16.38 79.84 -61.73
C ASP L 204 15.45 78.67 -61.42
N SER L 205 15.67 77.53 -62.08
CA SER L 205 14.86 76.35 -61.79
C SER L 205 15.02 75.89 -60.35
N ILE L 206 16.26 75.84 -59.85
CA ILE L 206 16.46 75.34 -58.50
C ILE L 206 15.90 76.31 -57.48
N ILE L 207 16.04 77.62 -57.69
CA ILE L 207 15.48 78.57 -56.73
C ILE L 207 13.96 78.52 -56.78
N GLU L 208 13.37 78.38 -57.97
CA GLU L 208 11.93 78.26 -58.06
C GLU L 208 11.43 77.03 -57.33
N HIS L 209 12.01 75.87 -57.64
CA HIS L 209 11.58 74.63 -57.00
C HIS L 209 11.80 74.68 -55.49
N SER L 210 12.93 75.23 -55.06
CA SER L 210 13.24 75.26 -53.64
C SER L 210 12.33 76.21 -52.87
N GLU L 211 12.13 77.42 -53.39
CA GLU L 211 11.25 78.35 -52.70
C GLU L 211 9.82 77.84 -52.72
N LYS L 212 9.41 77.15 -53.79
CA LYS L 212 8.09 76.54 -53.84
C LYS L 212 7.95 75.46 -52.77
N ILE L 213 8.95 74.59 -52.64
CA ILE L 213 8.87 73.53 -51.65
C ILE L 213 8.94 74.10 -50.24
N ALA L 214 9.61 75.24 -50.08
CA ALA L 214 9.64 75.91 -48.79
C ALA L 214 8.29 76.53 -48.47
N LEU L 215 7.63 77.08 -49.49
CA LEU L 215 6.29 77.64 -49.33
C LEU L 215 5.33 76.52 -48.95
N ILE L 216 5.56 75.33 -49.49
CA ILE L 216 4.80 74.14 -49.13
C ILE L 216 5.08 73.72 -47.70
N ALA L 217 6.35 73.73 -47.29
CA ALA L 217 6.71 73.33 -45.94
C ALA L 217 6.13 74.27 -44.90
N GLY L 218 6.12 75.57 -45.19
CA GLY L 218 5.50 76.52 -44.27
C GLY L 218 4.01 76.27 -44.11
N TYR L 219 3.32 75.99 -45.22
CA TYR L 219 1.90 75.66 -45.14
C TYR L 219 1.68 74.38 -44.35
N GLY L 220 2.56 73.39 -44.54
CA GLY L 220 2.45 72.17 -43.77
C GLY L 220 2.67 72.40 -42.28
N LYS L 221 3.62 73.28 -41.94
CA LYS L 221 3.85 73.62 -40.54
C LYS L 221 2.61 74.30 -39.95
N ALA L 222 2.00 75.20 -40.71
CA ALA L 222 0.76 75.82 -40.24
C ALA L 222 -0.35 74.80 -40.08
N LEU L 223 -0.41 73.83 -41.00
CA LEU L 223 -1.45 72.80 -40.95
C LEU L 223 -1.27 71.88 -39.75
N LEU L 224 -0.01 71.62 -39.36
CA LEU L 224 0.24 70.72 -38.25
C LEU L 224 -0.33 71.24 -36.93
N GLU L 225 -0.67 72.53 -36.86
CA GLU L 225 -1.25 73.09 -35.65
C GLU L 225 -2.64 72.54 -35.38
N LEU L 226 -3.30 71.92 -36.36
CA LEU L 226 -4.68 71.49 -36.18
C LEU L 226 -4.79 70.39 -35.12
N LEU L 227 -3.91 69.40 -35.17
CA LEU L 227 -4.00 68.31 -34.20
C LEU L 227 -3.59 68.81 -32.82
N ASP L 228 -4.15 68.17 -31.79
CA ASP L 228 -3.89 68.54 -30.40
C ASP L 228 -2.86 67.58 -29.81
N ASP L 229 -1.77 68.14 -29.28
CA ASP L 229 -0.72 67.34 -28.68
C ASP L 229 -0.93 67.12 -27.18
N SER L 230 -2.01 67.64 -26.62
CA SER L 230 -2.26 67.45 -25.20
C SER L 230 -2.58 65.98 -24.91
N PRO L 231 -1.85 65.34 -24.01
CA PRO L 231 -2.11 63.93 -23.72
C PRO L 231 -3.48 63.74 -23.07
N VAL L 232 -4.07 62.58 -23.33
CA VAL L 232 -5.39 62.23 -22.79
C VAL L 232 -5.23 61.11 -21.77
N THR L 233 -5.90 61.25 -20.64
CA THR L 233 -5.84 60.23 -19.61
C THR L 233 -6.55 58.97 -20.08
N PRO L 234 -6.11 57.79 -19.61
CA PRO L 234 -6.82 56.55 -19.95
C PRO L 234 -8.25 56.58 -19.45
N GLY L 235 -9.14 55.97 -20.22
CA GLY L 235 -10.55 56.01 -19.89
C GLY L 235 -11.36 56.79 -20.90
N GLU L 236 -11.79 57.99 -20.50
CA GLU L 236 -12.62 58.82 -21.37
C GLU L 236 -11.87 59.22 -22.63
N THR L 237 -12.64 59.55 -23.66
CA THR L 237 -12.10 59.89 -24.98
C THR L 237 -12.24 61.38 -25.21
N ARG L 238 -11.21 61.97 -25.84
CA ARG L 238 -11.22 63.39 -26.12
C ARG L 238 -12.32 63.72 -27.13
N PRO L 239 -12.78 64.98 -27.15
CA PRO L 239 -13.83 65.37 -28.10
C PRO L 239 -13.40 65.14 -29.55
N ALA L 240 -14.38 64.83 -30.39
CA ALA L 240 -14.11 64.49 -31.77
C ALA L 240 -13.52 65.69 -32.52
N TYR L 241 -12.73 65.39 -33.54
CA TYR L 241 -12.05 66.40 -34.33
C TYR L 241 -12.97 66.87 -35.46
N ASP L 242 -13.32 68.16 -35.43
CA ASP L 242 -14.20 68.74 -36.44
C ASP L 242 -13.48 69.77 -37.31
N GLY L 243 -12.16 69.74 -37.33
CA GLY L 243 -11.40 70.72 -38.10
C GLY L 243 -11.17 70.31 -39.53
N TYR L 244 -12.10 69.54 -40.10
CA TYR L 244 -12.00 69.18 -41.51
C TYR L 244 -12.06 70.41 -42.40
N GLU L 245 -12.98 71.33 -42.09
CA GLU L 245 -13.11 72.54 -42.89
C GLU L 245 -11.85 73.39 -42.83
N ALA L 246 -11.23 73.49 -41.66
CA ALA L 246 -10.00 74.27 -41.54
C ALA L 246 -8.88 73.66 -42.36
N SER L 247 -8.73 72.34 -42.32
CA SER L 247 -7.69 71.69 -43.11
C SER L 247 -7.95 71.85 -44.61
N LYS L 248 -9.20 71.72 -45.03
CA LYS L 248 -9.51 71.89 -46.44
C LYS L 248 -9.28 73.33 -46.88
N GLN L 249 -9.58 74.30 -46.01
CA GLN L 249 -9.29 75.70 -46.32
C GLN L 249 -7.80 75.93 -46.43
N ILE L 250 -7.02 75.30 -45.56
CA ILE L 250 -5.56 75.44 -45.61
C ILE L 250 -5.03 74.89 -46.92
N ILE L 251 -5.50 73.70 -47.31
CA ILE L 251 -5.01 73.12 -48.56
C ILE L 251 -5.49 73.92 -49.76
N ILE L 252 -6.69 74.51 -49.69
CA ILE L 252 -7.18 75.34 -50.78
C ILE L 252 -6.31 76.59 -50.92
N ASP L 253 -5.99 77.23 -49.80
CA ASP L 253 -5.13 78.40 -49.84
C ASP L 253 -3.73 78.05 -50.33
N ALA L 254 -3.22 76.87 -49.94
CA ALA L 254 -1.94 76.42 -50.45
C ALA L 254 -1.98 76.22 -51.96
N GLU L 255 -3.05 75.63 -52.47
CA GLU L 255 -3.20 75.47 -53.92
C GLU L 255 -3.27 76.84 -54.61
N SER L 256 -4.00 77.78 -54.01
CA SER L 256 -4.13 79.11 -54.61
C SER L 256 -2.78 79.81 -54.68
N ALA L 257 -2.01 79.76 -53.59
CA ALA L 257 -0.68 80.37 -53.60
C ALA L 257 0.26 79.63 -54.53
N LEU L 258 0.07 78.31 -54.68
CA LEU L 258 0.88 77.54 -55.61
C LEU L 258 0.64 77.97 -57.04
N ASN L 259 -0.62 78.10 -57.43
CA ASN L 259 -0.95 78.52 -58.79
C ASN L 259 -0.57 79.98 -59.03
N GLU L 260 -0.71 80.82 -57.99
CA GLU L 260 -0.40 82.23 -58.12
C GLU L 260 1.10 82.50 -58.15
N TRP L 261 1.92 81.54 -57.74
CA TRP L 261 3.36 81.76 -57.67
C TRP L 261 3.93 82.08 -59.04
N THR L 262 4.78 83.10 -59.09
CA THR L 262 5.43 83.49 -60.32
C THR L 262 6.82 84.03 -59.99
N LEU L 263 7.65 84.16 -61.02
CA LEU L 263 9.00 84.67 -60.83
C LEU L 263 8.98 86.10 -60.28
N ASP L 264 7.99 86.90 -60.68
CA ASP L 264 7.85 88.23 -60.12
C ASP L 264 7.57 88.18 -58.63
N SER L 265 6.71 87.26 -58.20
CA SER L 265 6.38 87.10 -56.79
C SER L 265 7.39 86.18 -56.09
N ALA L 266 8.67 86.48 -56.27
CA ALA L 266 9.75 85.73 -55.63
C ALA L 266 10.14 86.48 -54.36
N GLN L 267 9.50 86.10 -53.25
CA GLN L 267 9.74 86.76 -51.98
C GLN L 267 11.12 86.49 -51.40
N VAL L 268 11.86 85.52 -51.96
CA VAL L 268 13.24 85.32 -51.54
C VAL L 268 14.09 86.44 -52.11
N LYS L 269 14.89 87.07 -51.25
CA LYS L 269 15.67 88.23 -51.68
C LYS L 269 17.10 88.15 -51.13
N PRO L 270 18.11 88.19 -52.00
CA PRO L 270 19.49 88.25 -51.53
C PRO L 270 19.84 89.65 -51.06
N THR L 271 21.02 89.76 -50.44
CA THR L 271 21.50 91.04 -49.95
C THR L 271 23.00 91.18 -50.15
N MET M 1 46.17 74.96 -44.86
CA MET M 1 45.17 75.85 -44.29
C MET M 1 45.07 77.14 -45.09
N HIS M 2 46.14 77.46 -45.81
CA HIS M 2 46.20 78.67 -46.62
C HIS M 2 45.52 78.51 -47.97
N ARG M 3 44.88 77.37 -48.21
CA ARG M 3 44.22 77.13 -49.49
C ARG M 3 43.06 78.09 -49.69
N THR M 4 42.83 78.47 -50.95
CA THR M 4 41.77 79.39 -51.30
C THR M 4 40.42 78.68 -51.23
N TYR M 5 39.36 79.44 -51.53
CA TYR M 5 37.99 78.91 -51.50
C TYR M 5 37.66 78.28 -52.85
N SER M 6 38.31 77.16 -53.11
CA SER M 6 38.11 76.41 -54.34
C SER M 6 38.10 74.92 -53.99
N LEU M 7 38.14 74.09 -55.02
CA LEU M 7 38.11 72.64 -54.83
C LEU M 7 39.51 72.04 -54.77
N ARG M 8 40.54 72.88 -54.86
CA ARG M 8 41.94 72.45 -54.91
C ARG M 8 42.63 72.83 -53.62
N ASN M 9 43.54 71.98 -53.17
CA ASN M 9 44.39 72.31 -52.02
C ASN M 9 45.58 73.14 -52.48
N SER M 10 45.27 74.30 -53.05
CA SER M 10 46.27 75.24 -53.54
C SER M 10 46.24 76.48 -52.65
N ARG M 11 47.36 76.76 -52.00
CA ARG M 11 47.44 77.91 -51.10
C ARG M 11 47.38 79.22 -51.89
N ALA M 12 46.80 80.22 -51.26
CA ALA M 12 46.72 81.55 -51.88
C ALA M 12 48.12 82.12 -52.02
N PRO M 13 48.52 82.55 -53.23
CA PRO M 13 49.88 83.07 -53.41
C PRO M 13 50.06 84.41 -52.70
N THR M 14 51.15 84.53 -51.96
CA THR M 14 51.50 85.77 -51.29
C THR M 14 52.20 86.71 -52.27
N ALA M 15 52.52 87.92 -51.78
CA ALA M 15 53.16 88.91 -52.65
C ALA M 15 54.50 88.40 -53.17
N SER M 16 55.21 87.59 -52.38
CA SER M 16 56.45 86.98 -52.86
C SER M 16 56.18 86.06 -54.04
N GLN M 17 55.09 85.29 -53.98
CA GLN M 17 54.76 84.39 -55.08
C GLN M 17 54.45 85.16 -56.36
N LEU M 18 53.75 86.29 -56.24
CA LEU M 18 53.52 87.13 -57.41
C LEU M 18 54.82 87.72 -57.92
N GLN M 19 55.72 88.13 -57.02
CA GLN M 19 57.00 88.70 -57.43
C GLN M 19 57.83 87.68 -58.20
N ASN M 20 57.97 86.46 -57.66
CA ASN M 20 58.68 85.39 -58.31
C ASN M 20 57.81 84.14 -58.28
N PRO M 21 57.55 83.51 -59.43
CA PRO M 21 56.63 82.37 -59.44
C PRO M 21 57.20 81.22 -58.64
N PRO M 22 56.35 80.41 -58.03
CA PRO M 22 56.85 79.27 -57.25
C PRO M 22 57.56 78.27 -58.15
N PRO M 23 58.59 77.61 -57.64
CA PRO M 23 59.30 76.61 -58.44
C PRO M 23 58.51 75.33 -58.55
N PRO M 24 58.84 74.47 -59.51
CA PRO M 24 58.15 73.18 -59.62
C PRO M 24 58.44 72.31 -58.40
N PRO M 25 57.56 71.33 -58.11
CA PRO M 25 57.77 70.49 -56.94
C PRO M 25 59.08 69.70 -57.03
N SER M 26 59.66 69.44 -55.87
CA SER M 26 60.97 68.79 -55.80
C SER M 26 60.91 67.39 -56.40
N THR M 27 62.00 67.00 -57.05
CA THR M 27 62.14 65.68 -57.65
C THR M 27 62.73 64.66 -56.67
N THR M 28 62.96 65.06 -55.42
CA THR M 28 63.55 64.16 -54.43
C THR M 28 62.51 63.28 -53.76
N LYS M 29 61.23 63.38 -54.14
CA LYS M 29 60.18 62.55 -53.57
C LYS M 29 60.42 61.09 -53.89
N GLY M 30 60.84 60.31 -52.89
CA GLY M 30 61.10 58.90 -53.11
C GLY M 30 59.90 58.02 -52.78
N ARG M 31 59.94 56.80 -53.31
CA ARG M 31 58.87 55.82 -53.08
C ARG M 31 59.16 55.14 -51.73
N PHE M 32 58.74 55.81 -50.67
CA PHE M 32 58.98 55.33 -49.32
C PHE M 32 57.91 55.89 -48.38
N PHE M 33 57.82 55.30 -47.20
CA PHE M 33 56.82 55.74 -46.22
C PHE M 33 57.07 57.17 -45.75
N GLY M 34 58.33 57.61 -45.75
CA GLY M 34 58.65 58.94 -45.27
C GLY M 34 58.75 59.07 -43.77
N LYS M 35 58.84 57.95 -43.05
CA LYS M 35 58.98 57.97 -41.59
C LYS M 35 60.26 57.28 -41.13
N GLY M 36 61.27 57.19 -42.01
CA GLY M 36 62.51 56.53 -41.66
C GLY M 36 62.47 55.03 -41.70
N GLY M 37 61.45 54.44 -42.32
CA GLY M 37 61.33 52.99 -42.39
C GLY M 37 60.74 52.40 -41.13
N LEU M 38 60.65 51.07 -41.14
CA LEU M 38 60.11 50.36 -39.98
C LEU M 38 61.03 50.49 -38.76
N ALA M 39 62.33 50.65 -38.98
CA ALA M 39 63.25 50.82 -37.86
C ALA M 39 62.95 52.10 -37.08
N TYR M 40 62.69 53.20 -37.79
CA TYR M 40 62.36 54.45 -37.14
C TYR M 40 60.88 54.56 -36.78
N SER M 41 60.04 53.70 -37.36
CA SER M 41 58.63 53.65 -36.99
C SER M 41 58.36 52.68 -35.84
N PHE M 42 59.37 51.91 -35.42
CA PHE M 42 59.21 51.05 -34.26
C PHE M 42 58.92 51.87 -33.01
N ARG M 43 59.62 53.00 -32.83
CA ARG M 43 59.35 53.88 -31.71
C ARG M 43 57.93 54.43 -31.77
N ARG M 44 57.49 54.84 -32.96
CA ARG M 44 56.13 55.37 -33.11
C ARG M 44 55.10 54.31 -32.76
N SER M 45 55.31 53.08 -33.21
CA SER M 45 54.39 52.00 -32.88
C SER M 45 54.40 51.71 -31.38
N ALA M 46 55.59 51.69 -30.77
CA ALA M 46 55.69 51.44 -29.34
C ALA M 46 55.06 52.56 -28.50
N ALA M 47 54.98 53.77 -29.06
CA ALA M 47 54.25 54.84 -28.37
C ALA M 47 52.78 54.48 -28.23
N GLY M 48 52.18 53.93 -29.28
CA GLY M 48 50.82 53.44 -29.22
C GLY M 48 50.75 52.01 -28.75
N ALA M 49 50.94 51.81 -27.45
CA ALA M 49 51.05 50.46 -26.88
C ALA M 49 50.46 50.50 -25.48
N PHE M 50 50.78 49.48 -24.68
CA PHE M 50 50.16 49.32 -23.37
C PHE M 50 50.62 50.42 -22.42
N GLY M 51 49.94 51.56 -22.47
CA GLY M 51 50.24 52.67 -21.59
C GLY M 51 49.05 53.04 -20.74
N PRO M 52 49.15 54.17 -20.04
CA PRO M 52 48.04 54.60 -19.17
C PRO M 52 46.85 55.14 -19.93
N GLU M 53 46.88 55.04 -21.27
CA GLU M 53 45.77 55.37 -22.17
C GLU M 53 45.41 56.85 -22.11
N LEU M 54 46.05 57.61 -21.23
CA LEU M 54 45.86 59.04 -21.12
C LEU M 54 47.03 59.82 -21.68
N SER M 55 48.24 59.53 -21.22
CA SER M 55 49.45 60.12 -21.77
C SER M 55 49.92 59.40 -23.02
N ARG M 56 49.12 58.47 -23.55
CA ARG M 56 49.49 57.78 -24.79
C ARG M 56 49.70 58.77 -25.92
N LYS M 57 48.76 59.70 -26.09
CA LYS M 57 48.93 60.73 -27.12
C LYS M 57 50.13 61.62 -26.82
N LEU M 58 50.29 62.00 -25.55
CA LEU M 58 51.41 62.88 -25.19
C LEU M 58 52.75 62.16 -25.33
N SER M 59 52.80 60.88 -24.93
CA SER M 59 54.04 60.11 -25.13
C SER M 59 54.33 59.94 -26.61
N GLN M 60 53.31 59.70 -27.42
CA GLN M 60 53.51 59.61 -28.86
C GLN M 60 54.05 60.92 -29.41
N LEU M 61 53.51 62.04 -28.94
CA LEU M 61 54.01 63.33 -29.39
C LEU M 61 55.47 63.52 -28.97
N VAL M 62 55.82 63.11 -27.75
CA VAL M 62 57.19 63.25 -27.28
C VAL M 62 58.14 62.42 -28.14
N LYS M 63 57.75 61.19 -28.47
CA LYS M 63 58.62 60.34 -29.26
C LYS M 63 58.71 60.83 -30.70
N ILE M 64 57.62 61.40 -31.22
CA ILE M 64 57.68 62.04 -32.53
C ILE M 64 58.62 63.24 -32.49
N GLU M 65 58.61 63.99 -31.40
CA GLU M 65 59.53 65.10 -31.26
C GLU M 65 60.96 64.60 -31.19
N LYS M 66 61.18 63.44 -30.58
CA LYS M 66 62.50 62.81 -30.60
C LYS M 66 62.92 62.47 -32.02
N ASN M 67 61.99 61.96 -32.83
CA ASN M 67 62.31 61.74 -34.24
C ASN M 67 62.65 63.05 -34.94
N VAL M 68 61.91 64.11 -34.62
CA VAL M 68 62.23 65.44 -35.16
C VAL M 68 63.65 65.81 -34.80
N LEU M 69 64.03 65.58 -33.54
CA LEU M 69 65.34 65.96 -33.07
C LEU M 69 66.42 65.16 -33.76
N ARG M 70 66.18 63.86 -33.95
CA ARG M 70 67.15 63.01 -34.62
C ARG M 70 67.34 63.44 -36.07
N SER M 71 66.25 63.73 -36.77
CA SER M 71 66.35 64.21 -38.15
C SER M 71 67.10 65.54 -38.22
N MET M 72 66.81 66.45 -37.29
CA MET M 72 67.51 67.74 -37.30
C MET M 72 68.99 67.55 -37.00
N GLU M 73 69.32 66.62 -36.10
CA GLU M 73 70.72 66.30 -35.84
C GLU M 73 71.39 65.73 -37.08
N LEU M 74 70.65 64.91 -37.83
CA LEU M 74 71.18 64.37 -39.07
C LEU M 74 71.46 65.45 -40.09
N THR M 75 70.58 66.45 -40.20
CA THR M 75 70.75 67.50 -41.20
C THR M 75 71.67 68.61 -40.73
N ALA M 76 72.05 68.64 -39.45
CA ALA M 76 72.99 69.66 -38.99
C ALA M 76 74.44 69.22 -39.22
N ASN M 77 74.80 68.05 -38.70
CA ASN M 77 76.15 67.54 -38.88
C ASN M 77 76.47 67.34 -40.36
N GLU M 78 75.53 66.77 -41.10
CA GLU M 78 75.78 66.52 -42.51
C GLU M 78 75.72 67.81 -43.34
N ARG M 79 75.00 68.83 -42.87
CA ARG M 79 75.11 70.15 -43.52
C ARG M 79 76.47 70.78 -43.29
N ARG M 80 77.02 70.67 -42.08
CA ARG M 80 78.36 71.20 -41.87
C ARG M 80 79.38 70.40 -42.67
N ASP M 81 79.12 69.11 -42.87
CA ASP M 81 79.92 68.33 -43.80
C ASP M 81 79.81 68.89 -45.21
N ALA M 82 78.61 69.29 -45.62
CA ALA M 82 78.42 69.90 -46.93
C ALA M 82 79.23 71.19 -47.06
N ALA M 83 79.25 72.00 -45.99
CA ALA M 83 80.04 73.22 -46.00
C ALA M 83 81.53 72.92 -46.14
N LYS M 84 82.01 71.91 -45.41
CA LYS M 84 83.41 71.50 -45.54
C LYS M 84 83.71 71.06 -46.97
N GLN M 85 82.80 70.28 -47.56
CA GLN M 85 82.99 69.82 -48.93
C GLN M 85 82.99 70.98 -49.91
N LEU M 86 82.15 72.00 -49.66
CA LEU M 86 82.13 73.17 -50.51
C LEU M 86 83.46 73.92 -50.45
N SER M 87 84.02 74.07 -49.25
CA SER M 87 85.33 74.69 -49.13
C SER M 87 86.40 73.88 -49.86
N ILE M 88 86.34 72.54 -49.72
CA ILE M 88 87.31 71.69 -50.39
C ILE M 88 87.20 71.85 -51.90
N TRP M 89 85.97 71.91 -52.42
CA TRP M 89 85.79 72.12 -53.85
C TRP M 89 86.31 73.47 -54.30
N GLY M 90 86.06 74.52 -53.50
CA GLY M 90 86.54 75.84 -53.85
C GLY M 90 88.02 76.04 -53.67
N LEU M 91 88.71 75.07 -53.06
CA LEU M 91 90.16 75.15 -52.90
C LEU M 91 90.83 75.45 -54.24
N GLU M 92 90.49 74.70 -55.28
CA GLU M 92 91.14 74.85 -56.59
C GLU M 92 90.18 75.59 -57.52
N ASN M 93 90.24 76.91 -57.46
CA ASN M 93 89.39 77.76 -58.30
C ASN M 93 90.02 79.15 -58.34
N ASP M 94 89.26 80.12 -58.85
CA ASP M 94 89.75 81.49 -58.89
C ASP M 94 89.90 82.04 -57.47
N ASP M 95 90.81 82.99 -57.31
CA ASP M 95 91.10 83.53 -55.99
C ASP M 95 89.87 84.17 -55.37
N ASP M 96 89.16 85.01 -56.15
CA ASP M 96 87.91 85.58 -55.65
C ASP M 96 86.89 84.50 -55.39
N VAL M 97 86.78 83.53 -56.30
CA VAL M 97 85.83 82.43 -56.11
C VAL M 97 86.20 81.63 -54.87
N SER M 98 87.49 81.34 -54.68
CA SER M 98 87.92 80.57 -53.52
C SER M 98 87.61 81.31 -52.22
N ASP M 99 87.92 82.60 -52.17
CA ASP M 99 87.67 83.38 -50.97
C ASP M 99 86.17 83.45 -50.68
N ILE M 100 85.36 83.73 -51.70
CA ILE M 100 83.94 83.89 -51.47
C ILE M 100 83.29 82.56 -51.08
N THR M 101 83.75 81.45 -51.66
CA THR M 101 83.18 80.16 -51.31
C THR M 101 83.63 79.72 -49.93
N ASP M 102 84.85 80.10 -49.51
CA ASP M 102 85.26 79.82 -48.14
C ASP M 102 84.42 80.62 -47.15
N LYS M 103 84.12 81.87 -47.49
CA LYS M 103 83.27 82.67 -46.61
C LYS M 103 81.84 82.12 -46.54
N LEU M 104 81.31 81.66 -47.69
CA LEU M 104 80.00 81.01 -47.65
C LEU M 104 80.05 79.72 -46.82
N GLY M 105 81.15 78.97 -46.92
CA GLY M 105 81.29 77.78 -46.10
C GLY M 105 81.31 78.09 -44.62
N VAL M 106 82.01 79.16 -44.23
CA VAL M 106 82.03 79.50 -42.81
C VAL M 106 80.67 80.02 -42.36
N LEU M 107 79.94 80.71 -43.24
CA LEU M 107 78.58 81.11 -42.89
C LEU M 107 77.68 79.91 -42.70
N ILE M 108 77.81 78.89 -43.55
CA ILE M 108 77.04 77.66 -43.39
C ILE M 108 77.45 76.94 -42.11
N TYR M 109 78.73 77.01 -41.74
CA TYR M 109 79.16 76.44 -40.47
C TYR M 109 78.49 77.15 -39.30
N GLU M 110 78.41 78.48 -39.37
CA GLU M 110 77.65 79.23 -38.37
C GLU M 110 76.21 78.77 -38.34
N VAL M 111 75.62 78.54 -39.52
CA VAL M 111 74.25 78.04 -39.60
C VAL M 111 74.11 76.72 -38.87
N SER M 112 75.05 75.81 -39.09
CA SER M 112 75.00 74.50 -38.44
C SER M 112 75.15 74.63 -36.93
N GLU M 113 76.03 75.52 -36.47
CA GLU M 113 76.19 75.72 -35.03
C GLU M 113 74.90 76.27 -34.41
N LEU M 114 74.27 77.24 -35.07
CA LEU M 114 72.99 77.74 -34.59
C LEU M 114 71.94 76.65 -34.61
N ASP M 115 71.99 75.77 -35.62
CA ASP M 115 71.07 74.63 -35.64
C ASP M 115 71.29 73.73 -34.45
N ASP M 116 72.55 73.49 -34.07
CA ASP M 116 72.83 72.65 -32.91
C ASP M 116 72.32 73.29 -31.63
N GLN M 117 72.49 74.61 -31.48
CA GLN M 117 71.93 75.30 -30.32
C GLN M 117 70.41 75.20 -30.30
N PHE M 118 69.78 75.37 -31.47
CA PHE M 118 68.33 75.19 -31.58
C PHE M 118 67.93 73.77 -31.20
N ILE M 119 68.77 72.79 -31.53
CA ILE M 119 68.51 71.41 -31.16
C ILE M 119 68.55 71.24 -29.64
N ASP M 120 69.52 71.88 -28.99
CA ASP M 120 69.57 71.80 -27.53
C ASP M 120 68.34 72.44 -26.90
N ARG M 121 67.91 73.59 -27.40
CA ARG M 121 66.70 74.21 -26.88
C ARG M 121 65.47 73.37 -27.19
N TYR M 122 65.48 72.70 -28.34
CA TYR M 122 64.42 71.75 -28.68
C TYR M 122 64.39 70.60 -27.68
N ASP M 123 65.56 70.15 -27.24
CA ASP M 123 65.61 69.09 -26.23
C ASP M 123 65.09 69.60 -24.90
N GLN M 124 65.33 70.88 -24.58
CA GLN M 124 64.70 71.46 -23.39
C GLN M 124 63.18 71.42 -23.50
N TYR M 125 62.65 71.80 -24.67
CA TYR M 125 61.21 71.72 -24.93
C TYR M 125 60.71 70.29 -24.76
N ARG M 126 61.43 69.33 -25.33
CA ARG M 126 61.03 67.93 -25.28
C ARG M 126 61.10 67.39 -23.85
N LEU M 127 62.05 67.87 -23.05
CA LEU M 127 62.15 67.44 -21.66
C LEU M 127 61.01 68.00 -20.83
N THR M 128 60.62 69.26 -21.09
CA THR M 128 59.44 69.80 -20.40
C THR M 128 58.20 69.01 -20.76
N LEU M 129 58.05 68.65 -22.04
CA LEU M 129 56.93 67.83 -22.45
C LEU M 129 57.00 66.44 -21.86
N LYS M 130 58.21 65.89 -21.68
CA LYS M 130 58.35 64.62 -20.99
C LYS M 130 57.87 64.72 -19.55
N SER M 131 58.21 65.83 -18.89
CA SER M 131 57.76 66.03 -17.51
C SER M 131 56.24 66.09 -17.44
N ILE M 132 55.62 66.84 -18.35
CA ILE M 132 54.16 66.94 -18.33
C ILE M 132 53.52 65.59 -18.66
N ARG M 133 54.12 64.85 -19.59
CA ARG M 133 53.63 63.51 -19.89
C ARG M 133 53.70 62.60 -18.68
N ASP M 134 54.80 62.68 -17.93
CA ASP M 134 54.98 61.77 -16.80
C ASP M 134 54.04 62.12 -15.65
N ILE M 135 53.80 63.41 -15.41
CA ILE M 135 52.86 63.75 -14.34
C ILE M 135 51.44 63.35 -14.75
N GLU M 136 51.10 63.52 -16.03
CA GLU M 136 49.78 63.09 -16.48
C GLU M 136 49.63 61.57 -16.37
N GLY M 137 50.68 60.82 -16.73
CA GLY M 137 50.63 59.38 -16.57
C GLY M 137 50.53 58.94 -15.12
N SER M 138 51.16 59.70 -14.22
CA SER M 138 51.06 59.38 -12.80
C SER M 138 49.69 59.73 -12.24
N VAL M 139 49.01 60.72 -12.82
CA VAL M 139 47.70 61.10 -12.31
C VAL M 139 46.58 60.27 -12.91
N GLN M 140 46.82 59.62 -14.05
CA GLN M 140 45.78 58.77 -14.65
C GLN M 140 45.29 57.64 -13.75
N PRO M 141 46.14 56.88 -13.05
CA PRO M 141 45.60 55.75 -12.26
C PRO M 141 44.59 56.16 -11.22
N SER M 142 44.62 57.41 -10.75
CA SER M 142 43.59 57.88 -9.84
C SER M 142 42.21 57.78 -10.48
N ARG M 143 42.06 58.33 -11.68
CA ARG M 143 40.77 58.26 -12.35
C ARG M 143 40.45 56.84 -12.81
N ASP M 144 41.48 56.04 -13.13
CA ASP M 144 41.23 54.65 -13.47
C ASP M 144 40.61 53.90 -12.29
N ARG M 145 41.20 54.08 -11.10
CA ARG M 145 40.65 53.47 -9.90
C ARG M 145 39.26 54.02 -9.58
N LYS M 146 39.05 55.31 -9.82
CA LYS M 146 37.72 55.89 -9.62
C LYS M 146 36.68 55.20 -10.49
N ASP M 147 37.00 55.01 -11.77
CA ASP M 147 36.07 54.37 -12.70
C ASP M 147 35.81 52.92 -12.26
N LYS M 148 36.87 52.20 -11.89
CA LYS M 148 36.70 50.82 -11.45
C LYS M 148 35.82 50.74 -10.20
N ILE M 149 36.04 51.65 -9.25
CA ILE M 149 35.29 51.64 -8.01
C ILE M 149 33.82 51.96 -8.27
N THR M 150 33.55 52.95 -9.12
CA THR M 150 32.15 53.29 -9.39
C THR M 150 31.44 52.16 -10.13
N ASP M 151 32.14 51.47 -11.04
CA ASP M 151 31.53 50.33 -11.71
C ASP M 151 31.22 49.21 -10.72
N LYS M 152 32.17 48.92 -9.82
CA LYS M 152 31.96 47.85 -8.86
C LYS M 152 30.85 48.20 -7.88
N ILE M 153 30.77 49.46 -7.45
CA ILE M 153 29.71 49.85 -6.52
C ILE M 153 28.35 49.84 -7.21
N ALA M 154 28.31 50.17 -8.51
CA ALA M 154 27.06 50.04 -9.25
C ALA M 154 26.61 48.59 -9.33
N TYR M 155 27.55 47.68 -9.60
CA TYR M 155 27.19 46.26 -9.64
C TYR M 155 26.72 45.78 -8.27
N LEU M 156 27.40 46.20 -7.21
CA LEU M 156 27.02 45.79 -5.86
C LEU M 156 25.65 46.33 -5.48
N LYS M 157 25.36 47.57 -5.89
CA LYS M 157 24.02 48.13 -5.70
C LYS M 157 22.98 47.32 -6.47
N TYR M 158 23.33 46.85 -7.67
CA TYR M 158 22.44 45.96 -8.41
C TYR M 158 22.17 44.69 -7.60
N LYS M 159 23.20 44.12 -6.99
CA LYS M 159 23.03 42.86 -6.28
C LYS M 159 22.09 43.00 -5.09
N ASP M 160 22.30 44.01 -4.25
CA ASP M 160 21.47 44.22 -3.06
C ASP M 160 21.61 45.67 -2.63
N PRO M 161 20.68 46.18 -1.83
CA PRO M 161 20.78 47.55 -1.32
C PRO M 161 21.36 47.71 0.08
N GLN M 162 21.88 46.64 0.71
CA GLN M 162 22.31 46.77 2.09
C GLN M 162 23.60 46.03 2.41
N SER M 163 24.41 45.70 1.40
CA SER M 163 25.70 45.08 1.70
C SER M 163 26.60 46.07 2.42
N PRO M 164 27.26 45.65 3.50
CA PRO M 164 28.24 46.54 4.14
C PRO M 164 29.36 46.94 3.21
N LYS M 165 29.74 46.04 2.30
CA LYS M 165 30.77 46.33 1.32
C LYS M 165 30.37 47.54 0.48
N ILE M 166 29.07 47.68 0.21
CA ILE M 166 28.58 48.81 -0.57
C ILE M 166 28.88 50.13 0.14
N GLU M 167 28.52 50.21 1.42
CA GLU M 167 28.74 51.45 2.15
C GLU M 167 30.22 51.73 2.34
N VAL M 168 31.01 50.67 2.53
CA VAL M 168 32.45 50.86 2.71
C VAL M 168 33.08 51.42 1.44
N LEU M 169 32.72 50.87 0.28
CA LEU M 169 33.25 51.40 -0.97
C LEU M 169 32.69 52.77 -1.30
N GLU M 170 31.46 53.08 -0.87
CA GLU M 170 30.98 54.45 -1.03
C GLU M 170 31.80 55.42 -0.18
N GLN M 171 32.14 55.01 1.04
CA GLN M 171 32.95 55.86 1.91
C GLN M 171 34.36 56.01 1.38
N GLU M 172 34.90 54.98 0.74
CA GLU M 172 36.20 55.12 0.11
C GLU M 172 36.11 55.92 -1.19
N LEU M 173 34.97 55.86 -1.88
CA LEU M 173 34.82 56.59 -3.13
C LEU M 173 34.63 58.08 -2.89
N VAL M 174 34.01 58.47 -1.78
CA VAL M 174 33.93 59.89 -1.49
C VAL M 174 35.31 60.46 -1.20
N ARG M 175 36.21 59.65 -0.63
CA ARG M 175 37.60 60.08 -0.49
C ARG M 175 38.31 60.12 -1.84
N ALA M 176 38.08 59.09 -2.67
CA ALA M 176 38.73 59.04 -3.97
C ALA M 176 38.28 60.19 -4.85
N GLU M 177 37.02 60.61 -4.73
CA GLU M 177 36.52 61.73 -5.51
C GLU M 177 37.22 63.03 -5.11
N ALA M 178 37.39 63.27 -3.81
CA ALA M 178 38.08 64.47 -3.37
C ALA M 178 39.55 64.45 -3.81
N GLU M 179 40.21 63.30 -3.65
CA GLU M 179 41.61 63.23 -4.07
C GLU M 179 41.73 63.37 -5.58
N SER M 180 40.76 62.87 -6.34
CA SER M 180 40.80 63.04 -7.79
C SER M 180 40.50 64.47 -8.19
N LEU M 181 39.64 65.16 -7.46
CA LEU M 181 39.41 66.57 -7.73
C LEU M 181 40.68 67.38 -7.49
N VAL M 182 41.37 67.12 -6.38
CA VAL M 182 42.62 67.81 -6.11
C VAL M 182 43.66 67.45 -7.18
N ALA M 183 43.73 66.17 -7.54
CA ALA M 183 44.70 65.73 -8.54
C ALA M 183 44.42 66.37 -9.90
N GLU M 184 43.15 66.48 -10.29
CA GLU M 184 42.84 67.09 -11.57
C GLU M 184 43.05 68.60 -11.55
N ALA M 185 42.79 69.25 -10.41
CA ALA M 185 43.08 70.68 -10.31
C ALA M 185 44.58 70.94 -10.46
N GLN M 186 45.40 70.20 -9.72
CA GLN M 186 46.84 70.38 -9.85
C GLN M 186 47.34 69.92 -11.21
N LEU M 187 46.68 68.92 -11.81
CA LEU M 187 47.05 68.48 -13.15
C LEU M 187 46.79 69.58 -14.17
N SER M 188 45.62 70.22 -14.09
CA SER M 188 45.33 71.33 -14.99
C SER M 188 46.32 72.47 -14.78
N ASN M 189 46.63 72.79 -13.52
CA ASN M 189 47.56 73.88 -13.25
C ASN M 189 48.94 73.57 -13.81
N ILE M 190 49.45 72.36 -13.57
CA ILE M 190 50.79 72.01 -14.03
C ILE M 190 50.83 71.90 -15.55
N THR M 191 49.75 71.39 -16.16
CA THR M 191 49.71 71.32 -17.62
C THR M 191 49.73 72.71 -18.23
N ARG M 192 48.92 73.62 -17.70
CA ARG M 192 48.91 74.98 -18.23
C ARG M 192 50.26 75.65 -18.05
N SER M 193 50.87 75.51 -16.87
CA SER M 193 52.15 76.15 -16.61
C SER M 193 53.24 75.59 -17.53
N LYS M 194 53.37 74.26 -17.57
CA LYS M 194 54.39 73.64 -18.41
C LYS M 194 54.15 73.96 -19.88
N LEU M 195 52.90 73.89 -20.33
CA LEU M 195 52.58 74.18 -21.72
C LEU M 195 52.98 75.60 -22.09
N ARG M 196 52.54 76.58 -21.30
CA ARG M 196 52.85 77.97 -21.61
C ARG M 196 54.35 78.22 -21.57
N ALA M 197 55.02 77.75 -20.51
CA ALA M 197 56.45 78.02 -20.38
C ALA M 197 57.24 77.35 -21.50
N ALA M 198 56.97 76.07 -21.75
CA ALA M 198 57.72 75.33 -22.76
C ALA M 198 57.50 75.92 -24.15
N PHE M 199 56.26 76.25 -24.49
CA PHE M 199 56.03 76.77 -25.84
C PHE M 199 56.47 78.22 -25.98
N ASN M 200 56.39 79.03 -24.93
CA ASN M 200 56.96 80.37 -25.01
C ASN M 200 58.47 80.31 -25.18
N TYR M 201 59.14 79.43 -24.43
CA TYR M 201 60.59 79.25 -24.60
C TYR M 201 60.91 78.71 -25.99
N GLN M 202 60.10 77.78 -26.49
CA GLN M 202 60.33 77.21 -27.81
C GLN M 202 60.18 78.26 -28.89
N PHE M 203 59.15 79.10 -28.79
CA PHE M 203 58.93 80.14 -29.78
C PHE M 203 60.01 81.22 -29.69
N ASP M 204 60.43 81.57 -28.48
CA ASP M 204 61.54 82.50 -28.34
C ASP M 204 62.82 81.95 -28.95
N SER M 205 63.09 80.66 -28.71
CA SER M 205 64.25 80.02 -29.31
C SER M 205 64.17 80.03 -30.83
N ILE M 206 63.02 79.68 -31.38
CA ILE M 206 62.93 79.59 -32.84
C ILE M 206 63.01 80.97 -33.46
N ILE M 207 62.41 81.99 -32.85
CA ILE M 207 62.49 83.32 -33.41
C ILE M 207 63.92 83.85 -33.30
N GLU M 208 64.61 83.56 -32.19
CA GLU M 208 65.99 83.98 -32.06
C GLU M 208 66.87 83.32 -33.11
N HIS M 209 66.79 82.00 -33.23
CA HIS M 209 67.60 81.29 -34.20
C HIS M 209 67.27 81.73 -35.62
N SER M 210 65.99 81.92 -35.92
CA SER M 210 65.60 82.27 -37.28
C SER M 210 66.02 83.68 -37.64
N GLU M 211 65.79 84.65 -36.75
CA GLU M 211 66.22 86.01 -37.05
C GLU M 211 67.73 86.11 -37.11
N LYS M 212 68.43 85.32 -36.30
CA LYS M 212 69.88 85.27 -36.38
C LYS M 212 70.35 84.72 -37.72
N ILE M 213 69.74 83.64 -38.18
CA ILE M 213 70.14 83.04 -39.45
C ILE M 213 69.76 83.96 -40.60
N ALA M 214 68.70 84.75 -40.43
CA ALA M 214 68.33 85.74 -41.44
C ALA M 214 69.33 86.89 -41.47
N LEU M 215 69.82 87.29 -40.29
CA LEU M 215 70.83 88.33 -40.18
C LEU M 215 72.11 87.84 -40.85
N ILE M 216 72.37 86.55 -40.73
CA ILE M 216 73.49 85.90 -41.40
C ILE M 216 73.30 85.89 -42.91
N ALA M 217 72.09 85.56 -43.37
CA ALA M 217 71.82 85.49 -44.80
C ALA M 217 71.93 86.87 -45.44
N GLY M 218 71.47 87.91 -44.75
CA GLY M 218 71.63 89.26 -45.28
C GLY M 218 73.08 89.65 -45.43
N TYR M 219 73.90 89.32 -44.43
CA TYR M 219 75.33 89.59 -44.52
C TYR M 219 75.96 88.81 -45.67
N GLY M 220 75.53 87.57 -45.85
CA GLY M 220 76.04 86.78 -46.98
C GLY M 220 75.64 87.38 -48.31
N LYS M 221 74.41 87.88 -48.41
CA LYS M 221 73.98 88.55 -49.63
C LYS M 221 74.82 89.79 -49.90
N ALA M 222 75.12 90.56 -48.87
CA ALA M 222 75.98 91.72 -49.04
C ALA M 222 77.39 91.30 -49.44
N LEU M 223 77.87 90.19 -48.88
CA LEU M 223 79.21 89.70 -49.19
C LEU M 223 79.30 89.21 -50.64
N LEU M 224 78.21 88.63 -51.16
CA LEU M 224 78.24 88.11 -52.52
C LEU M 224 78.47 89.19 -53.56
N GLU M 225 78.29 90.46 -53.20
CA GLU M 225 78.55 91.55 -54.13
C GLU M 225 80.02 91.70 -54.49
N LEU M 226 80.92 91.08 -53.72
CA LEU M 226 82.35 91.28 -53.94
C LEU M 226 82.79 90.72 -55.29
N LEU M 227 82.36 89.50 -55.62
CA LEU M 227 82.77 88.90 -56.88
C LEU M 227 82.11 89.61 -58.05
N ASP M 228 82.80 89.59 -59.19
CA ASP M 228 82.32 90.25 -60.40
C ASP M 228 81.69 89.22 -61.32
N ASP M 229 80.44 89.46 -61.71
CA ASP M 229 79.72 88.57 -62.60
C ASP M 229 79.88 88.92 -64.07
N SER M 230 80.66 89.95 -64.38
CA SER M 230 80.86 90.34 -65.76
C SER M 230 81.68 89.27 -66.49
N PRO M 231 81.19 88.73 -67.60
CA PRO M 231 81.95 87.70 -68.30
C PRO M 231 83.24 88.25 -68.89
N VAL M 232 84.24 87.39 -68.99
CA VAL M 232 85.55 87.74 -69.53
C VAL M 232 85.73 87.03 -70.86
N THR M 233 86.24 87.77 -71.84
CA THR M 233 86.49 87.18 -73.16
C THR M 233 87.65 86.20 -73.07
N PRO M 234 87.65 85.17 -73.91
CA PRO M 234 88.79 84.25 -73.94
C PRO M 234 90.07 84.97 -74.32
N GLY M 235 91.18 84.52 -73.75
CA GLY M 235 92.45 85.19 -73.96
C GLY M 235 92.97 85.87 -72.71
N GLU M 236 92.90 87.19 -72.68
CA GLU M 236 93.41 87.96 -71.55
C GLU M 236 92.65 87.61 -70.27
N THR M 237 93.31 87.86 -69.14
CA THR M 237 92.77 87.54 -67.82
C THR M 237 92.35 88.82 -67.11
N ARG M 238 91.23 88.74 -66.39
CA ARG M 238 90.73 89.89 -65.66
C ARG M 238 91.69 90.28 -64.54
N PRO M 239 91.65 91.54 -64.09
CA PRO M 239 92.54 91.97 -63.01
C PRO M 239 92.33 91.16 -61.74
N ALA M 240 93.41 90.99 -60.99
CA ALA M 240 93.38 90.15 -59.81
C ALA M 240 92.45 90.73 -58.75
N TYR M 241 91.90 89.84 -57.92
CA TYR M 241 90.94 90.22 -56.89
C TYR M 241 91.69 90.62 -55.63
N ASP M 242 91.53 91.87 -55.22
CA ASP M 242 92.19 92.41 -54.03
C ASP M 242 91.21 92.75 -52.92
N GLY M 243 90.00 92.22 -52.99
CA GLY M 243 88.99 92.54 -52.00
C GLY M 243 89.03 91.65 -50.77
N TYR M 244 90.22 91.15 -50.43
CA TYR M 244 90.36 90.35 -49.22
C TYR M 244 90.02 91.16 -47.98
N GLU M 245 90.49 92.41 -47.92
CA GLU M 245 90.23 93.25 -46.77
C GLU M 245 88.73 93.54 -46.63
N ALA M 246 88.04 93.76 -47.75
CA ALA M 246 86.60 94.01 -47.69
C ALA M 246 85.85 92.80 -47.16
N SER M 247 86.21 91.61 -47.64
CA SER M 247 85.55 90.40 -47.15
C SER M 247 85.83 90.16 -45.68
N LYS M 248 87.07 90.38 -45.24
CA LYS M 248 87.39 90.21 -43.83
C LYS M 248 86.65 91.23 -42.98
N GLN M 249 86.52 92.46 -43.47
CA GLN M 249 85.75 93.46 -42.74
C GLN M 249 84.28 93.08 -42.65
N ILE M 250 83.74 92.51 -43.73
CA ILE M 250 82.35 92.07 -43.72
C ILE M 250 82.14 90.97 -42.68
N ILE M 251 83.06 89.99 -42.66
CA ILE M 251 82.92 88.90 -41.70
C ILE M 251 83.14 89.41 -40.28
N ILE M 252 84.02 90.39 -40.09
CA ILE M 252 84.24 90.96 -38.76
C ILE M 252 82.98 91.67 -38.28
N ASP M 253 82.35 92.45 -39.16
CA ASP M 253 81.13 93.15 -38.79
C ASP M 253 80.00 92.15 -38.52
N ALA M 254 79.95 91.06 -39.29
CA ALA M 254 78.97 90.02 -39.04
C ALA M 254 79.18 89.38 -37.67
N GLU M 255 80.44 89.11 -37.31
CA GLU M 255 80.73 88.58 -35.98
C GLU M 255 80.33 89.57 -34.90
N SER M 256 80.61 90.85 -35.12
CA SER M 256 80.27 91.87 -34.12
C SER M 256 78.77 91.94 -33.90
N ALA M 257 78.00 91.96 -34.99
CA ALA M 257 76.54 91.98 -34.86
C ALA M 257 76.02 90.69 -34.27
N LEU M 258 76.69 89.57 -34.55
CA LEU M 258 76.31 88.29 -33.97
C LEU M 258 76.46 88.31 -32.46
N ASN M 259 77.62 88.76 -31.97
CA ASN M 259 77.85 88.83 -30.53
C ASN M 259 76.97 89.88 -29.87
N GLU M 260 76.71 90.99 -30.57
CA GLU M 260 75.91 92.06 -30.02
C GLU M 260 74.42 91.72 -29.99
N TRP M 261 73.99 90.71 -30.74
CA TRP M 261 72.57 90.38 -30.82
C TRP M 261 72.03 90.01 -29.44
N THR M 262 70.86 90.55 -29.12
CA THR M 262 70.19 90.26 -27.86
C THR M 262 68.68 90.31 -28.09
N LEU M 263 67.94 89.78 -27.12
CA LEU M 263 66.49 89.79 -27.22
C LEU M 263 65.94 91.21 -27.28
N ASP M 264 66.58 92.15 -26.59
CA ASP M 264 66.16 93.54 -26.68
C ASP M 264 66.34 94.07 -28.10
N SER M 265 67.45 93.74 -28.74
CA SER M 265 67.72 94.16 -30.12
C SER M 265 67.08 93.20 -31.12
N ALA M 266 65.79 92.93 -30.94
CA ALA M 266 65.03 92.06 -31.84
C ALA M 266 64.31 92.97 -32.83
N GLN M 267 64.96 93.24 -33.96
CA GLN M 267 64.40 94.14 -34.96
C GLN M 267 63.19 93.55 -35.67
N VAL M 268 62.91 92.26 -35.51
CA VAL M 268 61.68 91.69 -36.03
C VAL M 268 60.51 92.17 -35.19
N LYS M 269 59.48 92.69 -35.85
CA LYS M 269 58.35 93.26 -35.13
C LYS M 269 57.02 92.83 -35.74
N PRO M 270 56.14 92.21 -34.97
CA PRO M 270 54.79 91.89 -35.48
C PRO M 270 53.91 93.13 -35.49
N THR M 271 52.75 92.97 -36.11
CA THR M 271 51.78 94.06 -36.20
C THR M 271 50.36 93.55 -36.05
N MET N 1 84.11 77.86 -35.37
CA MET N 1 84.90 79.02 -35.76
C MET N 1 84.76 80.13 -34.72
N HIS N 2 83.66 80.09 -33.98
CA HIS N 2 83.37 81.09 -32.96
C HIS N 2 84.09 80.82 -31.66
N ARG N 3 84.95 79.81 -31.61
CA ARG N 3 85.66 79.47 -30.39
C ARG N 3 86.61 80.60 -29.98
N THR N 4 86.77 80.77 -28.68
CA THR N 4 87.64 81.81 -28.14
C THR N 4 89.11 81.42 -28.30
N TYR N 5 89.99 82.30 -27.84
CA TYR N 5 91.43 82.07 -27.94
C TYR N 5 91.91 81.28 -26.73
N SER N 6 91.49 80.02 -26.69
CA SER N 6 91.86 79.11 -25.61
C SER N 6 92.17 77.75 -26.23
N LEU N 7 92.32 76.74 -25.38
CA LEU N 7 92.63 75.39 -25.83
C LEU N 7 91.38 74.55 -26.02
N ARG N 8 90.20 75.13 -25.81
CA ARG N 8 88.92 74.43 -25.87
C ARG N 8 88.15 74.89 -27.09
N ASN N 9 87.42 73.97 -27.71
CA ASN N 9 86.51 74.33 -28.79
C ASN N 9 85.17 74.81 -28.21
N SER N 10 85.26 75.89 -27.43
CA SER N 10 84.10 76.50 -26.80
C SER N 10 83.87 77.86 -27.44
N ARG N 11 82.70 78.03 -28.06
CA ARG N 11 82.37 79.28 -28.73
C ARG N 11 82.19 80.40 -27.72
N ALA N 12 82.54 81.60 -28.13
CA ALA N 12 82.36 82.78 -27.28
C ALA N 12 80.87 83.02 -27.06
N PRO N 13 80.42 83.13 -25.81
CA PRO N 13 78.98 83.33 -25.56
C PRO N 13 78.52 84.71 -26.02
N THR N 14 77.41 84.74 -26.75
CA THR N 14 76.82 85.99 -27.19
C THR N 14 75.96 86.58 -26.07
N ALA N 15 75.40 87.76 -26.33
CA ALA N 15 74.58 88.42 -25.31
C ALA N 15 73.39 87.56 -24.92
N SER N 16 72.83 86.79 -25.86
CA SER N 16 71.75 85.88 -25.53
C SER N 16 72.22 84.82 -24.53
N GLN N 17 73.44 84.31 -24.71
CA GLN N 17 73.95 83.31 -23.79
C GLN N 17 74.12 83.87 -22.38
N LEU N 18 74.58 85.12 -22.28
CA LEU N 18 74.66 85.76 -20.97
C LEU N 18 73.27 85.97 -20.39
N GLN N 19 72.30 86.35 -21.22
CA GLN N 19 70.94 86.56 -20.73
C GLN N 19 70.34 85.27 -20.19
N ASN N 20 70.45 84.18 -20.94
CA ASN N 20 69.97 82.88 -20.51
C ASN N 20 71.08 81.85 -20.76
N PRO N 21 71.47 81.10 -19.75
CA PRO N 21 72.60 80.18 -19.93
C PRO N 21 72.26 79.10 -20.94
N PRO N 22 73.26 78.61 -21.67
CA PRO N 22 72.98 77.56 -22.65
C PRO N 22 72.50 76.29 -21.98
N PRO N 23 71.62 75.54 -22.61
CA PRO N 23 71.13 74.29 -22.02
C PRO N 23 72.18 73.19 -22.14
N PRO N 24 72.04 72.12 -21.37
CA PRO N 24 72.97 70.99 -21.48
C PRO N 24 72.85 70.32 -22.83
N PRO N 25 73.90 69.63 -23.28
CA PRO N 25 73.84 68.98 -24.60
C PRO N 25 72.72 67.95 -24.68
N SER N 26 72.18 67.79 -25.89
CA SER N 26 71.04 66.92 -26.10
C SER N 26 71.39 65.48 -25.78
N THR N 27 70.41 64.76 -25.23
CA THR N 27 70.55 63.35 -24.89
C THR N 27 70.16 62.44 -26.04
N THR N 28 69.84 62.99 -27.21
CA THR N 28 69.43 62.21 -28.36
C THR N 28 70.61 61.68 -29.17
N LYS N 29 71.83 61.97 -28.73
CA LYS N 29 73.02 61.49 -29.42
C LYS N 29 73.10 59.97 -29.39
N GLY N 30 72.83 59.32 -30.52
CA GLY N 30 72.86 57.87 -30.57
C GLY N 30 74.20 57.34 -31.02
N ARG N 31 74.43 56.05 -30.73
CA ARG N 31 75.65 55.37 -31.12
C ARG N 31 75.49 54.91 -32.57
N PHE N 32 75.76 55.84 -33.49
CA PHE N 32 75.59 55.58 -34.90
C PHE N 32 76.52 56.50 -35.69
N PHE N 33 76.71 56.17 -36.97
CA PHE N 33 77.58 56.97 -37.82
C PHE N 33 77.03 58.38 -38.03
N GLY N 34 75.72 58.56 -37.98
CA GLY N 34 75.13 59.86 -38.21
C GLY N 34 74.97 60.24 -39.67
N LYS N 35 75.11 59.28 -40.60
CA LYS N 35 74.94 59.54 -42.02
C LYS N 35 73.82 58.71 -42.62
N GLY N 36 72.86 58.26 -41.80
CA GLY N 36 71.78 57.44 -42.29
C GLY N 36 72.13 55.98 -42.52
N GLY N 37 73.25 55.51 -42.01
CA GLY N 37 73.66 54.14 -42.19
C GLY N 37 74.34 53.91 -43.53
N LEU N 38 74.69 52.65 -43.77
CA LEU N 38 75.34 52.29 -45.03
C LEU N 38 74.41 52.46 -46.22
N ALA N 39 73.10 52.31 -46.00
CA ALA N 39 72.15 52.50 -47.09
C ALA N 39 72.18 53.93 -47.61
N TYR N 40 72.21 54.91 -46.71
CA TYR N 40 72.28 56.31 -47.11
C TYR N 40 73.69 56.77 -47.40
N SER N 41 74.70 56.01 -46.98
CA SER N 41 76.09 56.31 -47.33
C SER N 41 76.53 55.65 -48.63
N PHE N 42 75.68 54.78 -49.20
CA PHE N 42 76.00 54.20 -50.50
C PHE N 42 76.10 55.27 -51.57
N ARG N 43 75.19 56.25 -51.54
CA ARG N 43 75.26 57.35 -52.49
C ARG N 43 76.54 58.17 -52.29
N ARG N 44 76.90 58.44 -51.03
CA ARG N 44 78.13 59.19 -50.76
C ARG N 44 79.35 58.44 -51.27
N SER N 45 79.40 57.13 -51.06
CA SER N 45 80.51 56.34 -51.58
C SER N 45 80.54 56.33 -53.10
N ALA N 46 79.37 56.19 -53.73
CA ALA N 46 79.30 56.20 -55.18
C ALA N 46 79.67 57.54 -55.79
N ALA N 47 79.52 58.62 -55.01
CA ALA N 47 80.00 59.92 -55.48
C ALA N 47 81.52 59.90 -55.65
N GLY N 48 82.23 59.30 -54.71
CA GLY N 48 83.66 59.12 -54.82
C GLY N 48 84.01 57.84 -55.55
N ALA N 49 83.84 57.84 -56.87
CA ALA N 49 83.99 56.64 -57.67
C ALA N 49 84.55 57.04 -59.03
N PHE N 50 84.43 56.15 -60.02
CA PHE N 50 85.05 56.36 -61.31
C PHE N 50 84.36 57.51 -62.06
N GLY N 51 84.80 58.73 -61.78
CA GLY N 51 84.27 59.89 -62.45
C GLY N 51 85.35 60.66 -63.19
N PRO N 52 85.02 61.85 -63.67
CA PRO N 52 85.99 62.65 -64.42
C PRO N 52 87.06 63.27 -63.54
N GLU N 53 87.07 62.92 -62.25
CA GLU N 53 88.10 63.29 -61.28
C GLU N 53 88.16 64.80 -61.06
N LEU N 54 87.37 65.55 -61.80
CA LEU N 54 87.27 67.00 -61.63
C LEU N 54 85.97 67.41 -60.97
N SER N 55 84.83 66.96 -61.50
CA SER N 55 83.55 67.19 -60.88
C SER N 55 83.24 66.18 -59.79
N ARG N 56 84.22 65.34 -59.43
CA ARG N 56 84.02 64.38 -58.35
C ARG N 56 83.63 65.08 -57.05
N LYS N 57 84.36 66.13 -56.69
CA LYS N 57 84.01 66.89 -55.50
C LYS N 57 82.65 67.56 -55.65
N LEU N 58 82.38 68.14 -56.84
CA LEU N 58 81.12 68.82 -57.05
C LEU N 58 79.95 67.84 -57.08
N SER N 59 80.15 66.67 -57.70
CA SER N 59 79.10 65.65 -57.68
C SER N 59 78.86 65.13 -56.27
N GLN N 60 79.93 64.97 -55.49
CA GLN N 60 79.78 64.57 -54.10
C GLN N 60 78.99 65.62 -53.33
N LEU N 61 79.28 66.90 -53.57
CA LEU N 61 78.53 67.96 -52.90
C LEU N 61 77.07 67.92 -53.30
N VAL N 62 76.80 67.68 -54.59
CA VAL N 62 75.41 67.62 -55.06
C VAL N 62 74.67 66.48 -54.39
N LYS N 63 75.30 65.31 -54.29
CA LYS N 63 74.63 64.17 -53.69
C LYS N 63 74.46 64.36 -52.19
N ILE N 64 75.42 65.04 -51.54
CA ILE N 64 75.26 65.40 -50.14
C ILE N 64 74.11 66.36 -49.97
N GLU N 65 73.95 67.29 -50.91
CA GLU N 65 72.82 68.21 -50.87
C GLU N 65 71.50 67.45 -51.06
N LYS N 66 71.53 66.39 -51.88
CA LYS N 66 70.36 65.53 -51.99
C LYS N 66 70.03 64.85 -50.67
N ASN N 67 71.05 64.40 -49.95
CA ASN N 67 70.82 63.86 -48.61
C ASN N 67 70.23 64.92 -47.69
N VAL N 68 70.73 66.15 -47.79
CA VAL N 68 70.17 67.26 -47.03
C VAL N 68 68.68 67.40 -47.34
N LEU N 69 68.34 67.34 -48.62
CA LEU N 69 66.97 67.54 -49.05
C LEU N 69 66.09 66.41 -48.56
N ARG N 70 66.59 65.17 -48.61
CA ARG N 70 65.82 64.04 -48.11
C ARG N 70 65.57 64.14 -46.62
N SER N 71 66.59 64.52 -45.85
CA SER N 71 66.41 64.70 -44.42
C SER N 71 65.42 65.81 -44.10
N MET N 72 65.49 66.92 -44.85
CA MET N 72 64.55 68.02 -44.62
C MET N 72 63.13 67.60 -44.98
N GLU N 73 62.98 66.80 -46.04
CA GLU N 73 61.68 66.27 -46.39
C GLU N 73 61.16 65.35 -45.29
N LEU N 74 62.06 64.57 -44.69
CA LEU N 74 61.67 63.71 -43.58
C LEU N 74 61.19 64.51 -42.39
N THR N 75 61.86 65.63 -42.08
CA THR N 75 61.49 66.42 -40.91
C THR N 75 60.36 67.39 -41.18
N ALA N 76 59.96 67.58 -42.44
CA ALA N 76 58.82 68.46 -42.72
C ALA N 76 57.51 67.71 -42.62
N ASN N 77 57.38 66.60 -43.35
CA ASN N 77 56.15 65.81 -43.30
C ASN N 77 55.91 65.28 -41.89
N GLU N 78 56.96 64.79 -41.24
CA GLU N 78 56.78 64.22 -39.91
C GLU N 78 56.59 65.32 -38.86
N ARG N 79 57.09 66.54 -39.11
CA ARG N 79 56.73 67.66 -38.24
C ARG N 79 55.25 68.04 -38.38
N ARG N 80 54.73 68.05 -39.60
CA ARG N 80 53.30 68.32 -39.74
C ARG N 80 52.47 67.20 -39.12
N ASP N 81 53.00 65.97 -39.15
CA ASP N 81 52.38 64.88 -38.40
C ASP N 81 52.40 65.18 -36.91
N ALA N 82 53.51 65.74 -36.41
CA ALA N 82 53.58 66.12 -35.00
C ALA N 82 52.54 67.19 -34.66
N ALA N 83 52.34 68.14 -35.56
CA ALA N 83 51.31 69.16 -35.34
C ALA N 83 49.92 68.54 -35.30
N LYS N 84 49.64 67.62 -36.21
CA LYS N 84 48.35 66.92 -36.18
C LYS N 84 48.17 66.17 -34.88
N GLN N 85 49.23 65.49 -34.41
CA GLN N 85 49.15 64.76 -33.16
C GLN N 85 48.94 65.71 -31.98
N LEU N 86 49.55 66.88 -32.02
CA LEU N 86 49.34 67.87 -30.96
C LEU N 86 47.89 68.32 -30.91
N SER N 87 47.29 68.57 -32.08
CA SER N 87 45.88 68.94 -32.11
C SER N 87 45.01 67.80 -31.57
N ILE N 88 45.33 66.56 -31.95
CA ILE N 88 44.57 65.42 -31.48
C ILE N 88 44.67 65.31 -29.96
N TRP N 89 45.87 65.53 -29.41
CA TRP N 89 46.03 65.50 -27.96
C TRP N 89 45.25 66.62 -27.29
N GLY N 90 45.27 67.81 -27.87
CA GLY N 90 44.54 68.92 -27.29
C GLY N 90 43.05 68.86 -27.47
N LEU N 91 42.57 67.90 -28.27
CA LEU N 91 41.12 67.71 -28.43
C LEU N 91 40.41 67.62 -27.08
N GLU N 92 40.92 66.77 -26.18
CA GLU N 92 40.29 66.54 -24.89
C GLU N 92 41.08 67.27 -23.81
N ASN N 93 40.76 68.55 -23.62
CA ASN N 93 41.42 69.38 -22.63
C ASN N 93 40.54 70.59 -22.34
N ASP N 94 41.09 71.57 -21.65
CA ASP N 94 40.34 72.79 -21.37
C ASP N 94 40.06 73.54 -22.67
N ASP N 95 38.96 74.31 -22.66
CA ASP N 95 38.55 75.01 -23.87
C ASP N 95 39.63 75.99 -24.34
N ASP N 96 40.17 76.79 -23.41
CA ASP N 96 41.25 77.69 -23.76
C ASP N 96 42.49 76.90 -24.19
N VAL N 97 42.80 75.82 -23.48
CA VAL N 97 43.94 74.99 -23.84
C VAL N 97 43.72 74.38 -25.23
N SER N 98 42.51 73.87 -25.48
CA SER N 98 42.24 73.25 -26.78
C SER N 98 42.37 74.27 -27.90
N ASP N 99 41.80 75.46 -27.72
CA ASP N 99 41.87 76.49 -28.76
C ASP N 99 43.32 76.91 -29.00
N ILE N 100 44.07 77.15 -27.93
CA ILE N 100 45.44 77.64 -28.09
C ILE N 100 46.32 76.56 -28.70
N THR N 101 46.11 75.30 -28.34
CA THR N 101 46.93 74.24 -28.92
C THR N 101 46.55 73.97 -30.37
N ASP N 102 45.28 74.17 -30.74
CA ASP N 102 44.91 74.07 -32.14
C ASP N 102 45.55 75.19 -32.95
N LYS N 103 45.61 76.39 -32.37
CA LYS N 103 46.27 77.50 -33.08
C LYS N 103 47.77 77.26 -33.21
N LEU N 104 48.40 76.72 -32.16
CA LEU N 104 49.81 76.36 -32.28
C LEU N 104 50.00 75.27 -33.33
N GLY N 105 49.09 74.31 -33.40
CA GLY N 105 49.18 73.29 -34.43
C GLY N 105 49.07 73.85 -35.83
N VAL N 106 48.16 74.81 -36.03
CA VAL N 106 48.05 75.39 -37.36
C VAL N 106 49.27 76.25 -37.69
N LEU N 107 49.86 76.90 -36.67
CA LEU N 107 51.10 77.63 -36.90
C LEU N 107 52.23 76.67 -37.30
N ILE N 108 52.32 75.52 -36.64
CA ILE N 108 53.32 74.53 -37.02
C ILE N 108 53.04 73.99 -38.42
N TYR N 109 51.77 73.86 -38.80
CA TYR N 109 51.44 73.47 -40.17
C TYR N 109 51.93 74.50 -41.17
N GLU N 110 51.75 75.79 -40.85
CA GLU N 110 52.33 76.84 -41.68
C GLU N 110 53.84 76.69 -41.76
N VAL N 111 54.48 76.37 -40.64
CA VAL N 111 55.91 76.16 -40.60
C VAL N 111 56.31 75.05 -41.56
N SER N 112 55.56 73.94 -41.55
CA SER N 112 55.88 72.81 -42.42
C SER N 112 55.67 73.18 -43.89
N GLU N 113 54.63 73.95 -44.19
CA GLU N 113 54.42 74.38 -45.57
C GLU N 113 55.55 75.28 -46.05
N LEU N 114 55.98 76.21 -45.21
CA LEU N 114 57.14 77.04 -45.56
C LEU N 114 58.39 76.20 -45.71
N ASP N 115 58.53 75.15 -44.90
CA ASP N 115 59.65 74.25 -45.05
C ASP N 115 59.61 73.55 -46.41
N ASP N 116 58.42 73.13 -46.85
CA ASP N 116 58.29 72.49 -48.15
C ASP N 116 58.65 73.46 -49.28
N GLN N 117 58.21 74.71 -49.18
CA GLN N 117 58.60 75.69 -50.18
C GLN N 117 60.11 75.91 -50.18
N PHE N 118 60.71 75.98 -48.99
CA PHE N 118 62.16 76.08 -48.88
C PHE N 118 62.83 74.87 -49.51
N ILE N 119 62.21 73.69 -49.38
CA ILE N 119 62.74 72.48 -50.00
C ILE N 119 62.71 72.59 -51.52
N ASP N 120 61.62 73.14 -52.06
CA ASP N 120 61.56 73.32 -53.52
C ASP N 120 62.64 74.30 -54.00
N ARG N 121 62.83 75.40 -53.27
CA ARG N 121 63.89 76.34 -53.65
C ARG N 121 65.27 75.72 -53.47
N TYR N 122 65.41 74.86 -52.46
CA TYR N 122 66.64 74.09 -52.29
C TYR N 122 66.89 73.18 -53.47
N ASP N 123 65.83 72.59 -54.01
CA ASP N 123 65.98 71.76 -55.20
C ASP N 123 66.36 72.60 -56.41
N GLN N 124 65.87 73.83 -56.48
CA GLN N 124 66.35 74.74 -57.53
C GLN N 124 67.85 74.99 -57.39
N TYR N 125 68.30 75.24 -56.17
CA TYR N 125 69.73 75.41 -55.91
C TYR N 125 70.51 74.17 -56.31
N ARG N 126 70.01 72.99 -55.95
CA ARG N 126 70.69 71.74 -56.26
C ARG N 126 70.69 71.48 -57.76
N LEU N 127 69.66 71.89 -58.48
CA LEU N 127 69.63 71.71 -59.91
C LEU N 127 70.62 72.64 -60.60
N THR N 128 70.75 73.88 -60.12
CA THR N 128 71.78 74.75 -60.66
C THR N 128 73.18 74.18 -60.42
N LEU N 129 73.39 73.63 -59.23
CA LEU N 129 74.68 72.99 -58.95
C LEU N 129 74.87 71.73 -59.80
N LYS N 130 73.79 71.01 -60.10
CA LYS N 130 73.90 69.88 -61.02
C LYS N 130 74.32 70.35 -62.40
N SER N 131 73.76 71.46 -62.87
CA SER N 131 74.15 72.00 -64.16
C SER N 131 75.62 72.38 -64.18
N ILE N 132 76.09 73.05 -63.13
CA ILE N 132 77.50 73.44 -63.11
C ILE N 132 78.40 72.22 -63.02
N ARG N 133 77.98 71.20 -62.26
CA ARG N 133 78.73 69.96 -62.18
C ARG N 133 78.82 69.30 -63.55
N ASP N 134 77.73 69.29 -64.30
CA ASP N 134 77.72 68.59 -65.58
C ASP N 134 78.55 69.32 -66.62
N ILE N 135 78.51 70.67 -66.62
CA ILE N 135 79.36 71.38 -67.58
C ILE N 135 80.82 71.20 -67.23
N GLU N 136 81.15 71.20 -65.93
CA GLU N 136 82.54 70.96 -65.53
C GLU N 136 82.99 69.55 -65.92
N GLY N 137 82.13 68.55 -65.73
CA GLY N 137 82.45 67.21 -66.15
C GLY N 137 82.61 67.08 -67.65
N SER N 138 81.84 67.85 -68.41
CA SER N 138 81.98 67.81 -69.87
C SER N 138 83.24 68.53 -70.32
N VAL N 139 83.71 69.51 -69.55
CA VAL N 139 84.91 70.24 -69.96
C VAL N 139 86.18 69.55 -69.49
N GLN N 140 86.10 68.67 -68.49
CA GLN N 140 87.30 67.96 -68.04
C GLN N 140 88.00 67.13 -69.12
N PRO N 141 87.30 66.36 -69.97
CA PRO N 141 88.04 65.53 -70.94
C PRO N 141 88.94 66.32 -71.87
N SER N 142 88.65 67.60 -72.09
CA SER N 142 89.55 68.43 -72.89
C SER N 142 90.93 68.49 -72.24
N ARG N 143 90.99 68.83 -70.96
CA ARG N 143 92.28 68.89 -70.27
C ARG N 143 92.88 67.50 -70.08
N ASP N 144 92.04 66.48 -69.94
CA ASP N 144 92.57 65.11 -69.85
C ASP N 144 93.31 64.75 -71.14
N ARG N 145 92.68 65.02 -72.29
CA ARG N 145 93.31 64.77 -73.57
C ARG N 145 94.56 65.62 -73.75
N LYS N 146 94.52 66.87 -73.28
CA LYS N 146 95.69 67.73 -73.33
C LYS N 146 96.86 67.12 -72.58
N ASP N 147 96.61 66.63 -71.36
CA ASP N 147 97.66 66.02 -70.56
C ASP N 147 98.20 64.77 -71.24
N LYS N 148 97.31 63.93 -71.76
CA LYS N 148 97.74 62.72 -72.45
C LYS N 148 98.60 63.06 -73.66
N ILE N 149 98.19 64.06 -74.43
CA ILE N 149 98.91 64.43 -75.64
C ILE N 149 100.29 64.99 -75.29
N THR N 150 100.37 65.83 -74.26
CA THR N 150 101.67 66.39 -73.91
C THR N 150 102.60 65.31 -73.37
N ASP N 151 102.08 64.34 -72.62
CA ASP N 151 102.91 63.24 -72.16
C ASP N 151 103.42 62.41 -73.34
N LYS N 152 102.54 62.10 -74.29
CA LYS N 152 102.94 61.29 -75.44
C LYS N 152 103.95 62.04 -76.31
N ILE N 153 103.77 63.35 -76.49
CA ILE N 153 104.71 64.10 -77.32
C ILE N 153 106.05 64.24 -76.60
N ALA N 154 106.04 64.32 -75.27
CA ALA N 154 107.31 64.32 -74.54
C ALA N 154 108.04 62.99 -74.71
N TYR N 155 107.32 61.88 -74.64
CA TYR N 155 107.95 60.59 -74.85
C TYR N 155 108.49 60.46 -76.27
N LEU N 156 107.71 60.93 -77.25
CA LEU N 156 108.15 60.85 -78.65
C LEU N 156 109.38 61.73 -78.88
N LYS N 157 109.42 62.91 -78.25
CA LYS N 157 110.62 63.74 -78.30
C LYS N 157 111.81 63.03 -77.67
N TYR N 158 111.58 62.30 -76.59
CA TYR N 158 112.64 61.47 -76.01
C TYR N 158 113.15 60.46 -77.03
N LYS N 159 112.24 59.81 -77.75
CA LYS N 159 112.66 58.77 -78.68
C LYS N 159 113.54 59.32 -79.81
N ASP N 160 113.10 60.39 -80.45
CA ASP N 160 113.86 60.98 -81.55
C ASP N 160 113.42 62.42 -81.72
N PRO N 161 114.22 63.25 -82.41
CA PRO N 161 113.84 64.65 -82.64
C PRO N 161 113.21 64.94 -84.00
N GLN N 162 112.92 63.93 -84.82
CA GLN N 162 112.46 64.22 -86.17
C GLN N 162 111.32 63.30 -86.64
N SER N 163 110.62 62.64 -85.74
CA SER N 163 109.47 61.84 -86.17
C SER N 163 108.38 62.75 -86.72
N PRO N 164 107.80 62.41 -87.87
CA PRO N 164 106.65 63.19 -88.37
C PRO N 164 105.49 63.17 -87.40
N LYS N 165 105.31 62.06 -86.69
CA LYS N 165 104.26 61.96 -85.69
C LYS N 165 104.41 63.04 -84.63
N ILE N 166 105.67 63.39 -84.31
CA ILE N 166 105.94 64.44 -83.31
C ILE N 166 105.36 65.77 -83.79
N GLU N 167 105.68 66.16 -85.02
CA GLU N 167 105.21 67.44 -85.51
C GLU N 167 103.70 67.45 -85.69
N VAL N 168 103.13 66.31 -86.08
CA VAL N 168 101.69 66.24 -86.25
C VAL N 168 100.97 66.41 -84.91
N LEU N 169 101.45 65.74 -83.87
CA LEU N 169 100.85 65.91 -82.56
C LEU N 169 101.12 67.28 -81.97
N GLU N 170 102.25 67.91 -82.31
CA GLU N 170 102.45 69.30 -81.88
C GLU N 170 101.44 70.22 -82.55
N GLN N 171 101.18 69.98 -83.84
CA GLN N 171 100.20 70.80 -84.56
C GLN N 171 98.79 70.56 -84.03
N GLU N 172 98.49 69.34 -83.62
CA GLU N 172 97.18 69.10 -83.00
C GLU N 172 97.13 69.64 -81.58
N LEU N 173 98.27 69.69 -80.88
CA LEU N 173 98.30 70.19 -79.51
C LEU N 173 98.17 71.70 -79.47
N VAL N 174 98.69 72.40 -80.48
CA VAL N 174 98.48 73.85 -80.49
C VAL N 174 97.00 74.17 -80.71
N ARG N 175 96.28 73.32 -81.43
CA ARG N 175 94.83 73.47 -81.53
C ARG N 175 94.15 73.12 -80.21
N ALA N 176 94.58 72.03 -79.59
CA ALA N 176 93.99 71.60 -78.32
C ALA N 176 94.21 72.65 -77.23
N GLU N 177 95.35 73.32 -77.25
CA GLU N 177 95.63 74.36 -76.26
C GLU N 177 94.68 75.54 -76.43
N ALA N 178 94.44 75.97 -77.67
CA ALA N 178 93.51 77.07 -77.89
C ALA N 178 92.10 76.67 -77.51
N GLU N 179 91.67 75.47 -77.89
CA GLU N 179 90.33 75.03 -77.52
C GLU N 179 90.19 74.87 -76.02
N SER N 180 91.26 74.44 -75.32
CA SER N 180 91.22 74.32 -73.88
C SER N 180 91.21 75.68 -73.21
N LEU N 181 91.92 76.66 -73.78
CA LEU N 181 91.86 78.02 -73.26
C LEU N 181 90.45 78.58 -73.36
N VAL N 182 89.82 78.40 -74.52
CA VAL N 182 88.44 78.86 -74.68
C VAL N 182 87.51 78.12 -73.73
N ALA N 183 87.71 76.80 -73.61
CA ALA N 183 86.87 75.99 -72.74
C ALA N 183 87.02 76.41 -71.29
N GLU N 184 88.25 76.70 -70.85
CA GLU N 184 88.45 77.11 -69.46
C GLU N 184 87.94 78.53 -69.21
N ALA N 185 88.05 79.42 -70.20
CA ALA N 185 87.47 80.75 -70.04
C ALA N 185 85.96 80.68 -69.88
N GLN N 186 85.29 79.94 -70.77
CA GLN N 186 83.85 79.79 -70.64
C GLN N 186 83.47 79.01 -69.40
N LEU N 187 84.32 78.07 -68.97
CA LEU N 187 84.07 77.31 -67.75
C LEU N 187 84.12 78.23 -66.54
N SER N 188 85.14 79.11 -66.48
CA SER N 188 85.21 80.06 -65.38
C SER N 188 84.01 80.99 -65.40
N ASN N 189 83.63 81.47 -66.58
CA ASN N 189 82.49 82.38 -66.68
C ASN N 189 81.21 81.71 -66.20
N ILE N 190 80.95 80.49 -66.68
CA ILE N 190 79.72 79.80 -66.32
C ILE N 190 79.73 79.40 -64.84
N THR N 191 80.89 79.01 -64.31
CA THR N 191 80.96 78.68 -62.90
C THR N 191 80.68 79.90 -62.03
N ARG N 192 81.27 81.04 -62.37
CA ARG N 192 81.02 82.25 -61.60
C ARG N 192 79.56 82.65 -61.68
N SER N 193 78.98 82.62 -62.88
CA SER N 193 77.59 83.02 -63.05
C SER N 193 76.65 82.10 -62.28
N LYS N 194 76.79 80.79 -62.48
CA LYS N 194 75.93 79.83 -61.80
C LYS N 194 76.12 79.91 -60.29
N LEU N 195 77.36 80.02 -59.83
CA LEU N 195 77.63 80.09 -58.41
C LEU N 195 76.96 81.31 -57.79
N ARG N 196 77.19 82.49 -58.37
CA ARG N 196 76.61 83.71 -57.82
C ARG N 196 75.08 83.66 -57.85
N ALA N 197 74.51 83.27 -58.99
CA ALA N 197 73.05 83.27 -59.10
C ALA N 197 72.44 82.26 -58.14
N ALA N 198 72.96 81.03 -58.13
CA ALA N 198 72.39 79.99 -57.29
C ALA N 198 72.51 80.34 -55.81
N PHE N 199 73.66 80.85 -55.37
CA PHE N 199 73.80 81.14 -53.96
C PHE N 199 73.08 82.42 -53.55
N ASN N 200 72.98 83.40 -54.44
CA ASN N 200 72.15 84.56 -54.14
C ASN N 200 70.69 84.17 -54.01
N TYR N 201 70.20 83.32 -54.91
CA TYR N 201 68.83 82.85 -54.81
C TYR N 201 68.64 81.99 -53.56
N GLN N 202 69.63 81.17 -53.23
CA GLN N 202 69.54 80.33 -52.04
C GLN N 202 69.48 81.18 -50.78
N PHE N 203 70.33 82.21 -50.70
CA PHE N 203 70.33 83.06 -49.53
C PHE N 203 69.08 83.90 -49.44
N ASP N 204 68.56 84.37 -50.58
CA ASP N 204 67.29 85.09 -50.56
C ASP N 204 66.17 84.17 -50.10
N SER N 205 66.15 82.93 -50.57
CA SER N 205 65.15 81.97 -50.14
C SER N 205 65.25 81.70 -48.64
N ILE N 206 66.46 81.50 -48.13
CA ILE N 206 66.59 81.17 -46.72
C ILE N 206 66.24 82.36 -45.85
N ILE N 207 66.62 83.58 -46.26
CA ILE N 207 66.26 84.74 -45.45
C ILE N 207 64.76 84.97 -45.49
N GLU N 208 64.13 84.78 -46.66
CA GLU N 208 62.69 84.92 -46.75
C GLU N 208 61.98 83.92 -45.84
N HIS N 209 62.33 82.64 -45.98
CA HIS N 209 61.69 81.61 -45.17
C HIS N 209 61.94 81.83 -43.69
N SER N 210 63.16 82.22 -43.32
CA SER N 210 63.50 82.39 -41.92
C SER N 210 62.81 83.60 -41.31
N GLU N 211 62.82 84.74 -42.00
CA GLU N 211 62.14 85.91 -41.47
C GLU N 211 60.64 85.68 -41.43
N LYS N 212 60.09 84.93 -42.38
CA LYS N 212 58.68 84.58 -42.35
C LYS N 212 58.36 83.71 -41.14
N ILE N 213 59.18 82.70 -40.88
CA ILE N 213 58.93 81.82 -39.74
C ILE N 213 59.12 82.57 -38.44
N ALA N 214 60.01 83.57 -38.43
CA ALA N 214 60.19 84.40 -37.25
C ALA N 214 58.97 85.30 -37.04
N LEU N 215 58.41 85.82 -38.12
CA LEU N 215 57.20 86.63 -38.07
C LEU N 215 56.06 85.78 -37.53
N ILE N 216 56.06 84.50 -37.89
CA ILE N 216 55.09 83.54 -37.38
C ILE N 216 55.31 83.27 -35.89
N ALA N 217 56.57 83.11 -35.48
CA ALA N 217 56.88 82.84 -34.07
C ALA N 217 56.51 84.03 -33.19
N GLY N 218 56.73 85.25 -33.67
CA GLY N 218 56.31 86.42 -32.91
C GLY N 218 54.81 86.48 -32.72
N TYR N 219 54.06 86.18 -33.78
CA TYR N 219 52.60 86.14 -33.67
C TYR N 219 52.17 85.05 -32.71
N GLY N 220 52.83 83.90 -32.74
CA GLY N 220 52.52 82.84 -31.79
C GLY N 220 52.80 83.24 -30.36
N LYS N 221 53.91 83.95 -30.14
CA LYS N 221 54.22 84.45 -28.80
C LYS N 221 53.15 85.43 -28.32
N ALA N 222 52.70 86.31 -29.22
CA ALA N 222 51.60 87.22 -28.86
C ALA N 222 50.33 86.46 -28.56
N LEU N 223 50.06 85.40 -29.33
CA LEU N 223 48.86 84.59 -29.14
C LEU N 223 48.89 83.84 -27.82
N LEU N 224 50.07 83.40 -27.39
CA LEU N 224 50.18 82.64 -26.15
C LEU N 224 49.74 83.44 -24.93
N GLU N 225 49.66 84.77 -25.05
CA GLU N 225 49.21 85.59 -23.94
C GLU N 225 47.74 85.37 -23.59
N LEU N 226 46.97 84.75 -24.49
CA LEU N 226 45.54 84.61 -24.26
C LEU N 226 45.24 83.72 -23.06
N LEU N 227 45.91 82.58 -22.95
CA LEU N 227 45.65 81.68 -21.82
C LEU N 227 46.16 82.29 -20.52
N ASP N 228 45.52 81.92 -19.42
CA ASP N 228 45.87 82.43 -18.10
C ASP N 228 46.71 81.39 -17.37
N ASP N 229 47.89 81.80 -16.92
CA ASP N 229 48.79 80.92 -16.19
C ASP N 229 48.58 80.95 -14.69
N SER N 230 47.61 81.74 -14.21
CA SER N 230 47.36 81.81 -12.78
C SER N 230 46.78 80.49 -12.30
N PRO N 231 47.40 79.85 -11.29
CA PRO N 231 46.87 78.58 -10.80
C PRO N 231 45.51 78.75 -10.15
N VAL N 232 44.70 77.69 -10.23
CA VAL N 232 43.36 77.67 -9.67
C VAL N 232 43.34 76.70 -8.50
N THR N 233 42.72 77.13 -7.40
CA THR N 233 42.59 76.28 -6.24
C THR N 233 41.66 75.10 -6.52
N PRO N 234 41.89 73.96 -5.88
CA PRO N 234 40.95 72.84 -6.05
C PRO N 234 39.56 73.21 -5.57
N GLY N 235 38.56 72.66 -6.25
CA GLY N 235 37.18 73.01 -5.94
C GLY N 235 36.52 73.79 -7.06
N GLU N 236 36.32 75.09 -6.84
CA GLU N 236 35.64 75.93 -7.82
C GLU N 236 36.43 75.99 -9.13
N THR N 237 35.72 76.31 -10.21
CA THR N 237 36.28 76.35 -11.55
C THR N 237 36.43 77.79 -12.00
N ARG N 238 37.53 78.08 -12.69
CA ARG N 238 37.79 79.42 -13.19
C ARG N 238 36.75 79.81 -14.24
N PRO N 239 36.53 81.11 -14.45
CA PRO N 239 35.55 81.54 -15.45
C PRO N 239 35.91 81.04 -16.84
N ALA N 240 34.87 80.80 -17.63
CA ALA N 240 35.05 80.21 -18.96
C ALA N 240 35.83 81.15 -19.87
N TYR N 241 36.54 80.57 -20.83
CA TYR N 241 37.39 81.31 -21.75
C TYR N 241 36.55 81.78 -22.94
N ASP N 242 36.45 83.10 -23.11
CA ASP N 242 35.67 83.70 -24.19
C ASP N 242 36.54 84.43 -25.19
N GLY N 243 37.84 84.16 -25.20
CA GLY N 243 38.75 84.84 -26.09
C GLY N 243 38.87 84.20 -27.46
N TYR N 244 37.80 83.55 -27.91
CA TYR N 244 37.81 82.97 -29.25
C TYR N 244 37.96 84.05 -30.31
N GLU N 245 37.25 85.17 -30.15
CA GLU N 245 37.31 86.24 -31.12
C GLU N 245 38.72 86.85 -31.17
N ALA N 246 39.37 86.99 -30.01
CA ALA N 246 40.72 87.53 -30.00
C ALA N 246 41.70 86.62 -30.72
N SER N 247 41.59 85.30 -30.49
CA SER N 247 42.48 84.37 -31.16
C SER N 247 42.23 84.36 -32.67
N LYS N 248 40.96 84.40 -33.08
CA LYS N 248 40.66 84.43 -34.50
C LYS N 248 41.16 85.73 -35.14
N GLN N 249 41.05 86.85 -34.43
CA GLN N 249 41.59 88.10 -34.94
C GLN N 249 43.11 88.04 -35.07
N ILE N 250 43.78 87.40 -34.10
CA ILE N 250 45.22 87.26 -34.16
C ILE N 250 45.62 86.42 -35.37
N ILE N 251 44.93 85.31 -35.60
CA ILE N 251 45.27 84.47 -36.74
C ILE N 251 44.93 85.17 -38.05
N ILE N 252 43.87 85.98 -38.07
CA ILE N 252 43.52 86.73 -39.28
C ILE N 252 44.59 87.75 -39.58
N ASP N 253 45.07 88.47 -38.56
CA ASP N 253 46.13 89.45 -38.78
C ASP N 253 47.43 88.76 -39.19
N ALA N 254 47.71 87.59 -38.64
CA ALA N 254 48.87 86.83 -39.06
C ALA N 254 48.78 86.43 -40.53
N GLU N 255 47.60 85.98 -40.96
CA GLU N 255 47.40 85.65 -42.37
C GLU N 255 47.57 86.89 -43.25
N SER N 256 47.04 88.02 -42.80
CA SER N 256 47.15 89.25 -43.58
C SER N 256 48.59 89.68 -43.74
N ALA N 257 49.37 89.65 -42.66
CA ALA N 257 50.78 89.98 -42.75
C ALA N 257 51.55 88.94 -43.55
N LEU N 258 51.12 87.69 -43.51
CA LEU N 258 51.75 86.65 -44.30
C LEU N 258 51.57 86.90 -45.79
N ASN N 259 50.35 87.20 -46.20
CA ASN N 259 50.08 87.48 -47.61
C ASN N 259 50.71 88.80 -48.04
N GLU N 260 50.75 89.79 -47.16
CA GLU N 260 51.33 91.08 -47.48
C GLU N 260 52.84 91.06 -47.54
N TRP N 261 53.47 90.04 -46.98
CA TRP N 261 54.93 89.99 -46.94
C TRP N 261 55.53 89.99 -48.34
N THR N 262 56.55 90.82 -48.53
CA THR N 262 57.25 90.90 -49.80
C THR N 262 58.71 91.21 -49.54
N LEU N 263 59.53 91.02 -50.57
CA LEU N 263 60.96 91.30 -50.44
C LEU N 263 61.21 92.77 -50.11
N ASP N 264 60.38 93.67 -50.62
CA ASP N 264 60.51 95.08 -50.27
C ASP N 264 60.26 95.29 -48.78
N SER N 265 59.24 94.63 -48.23
CA SER N 265 58.92 94.72 -46.81
C SER N 265 59.75 93.74 -45.99
N ALA N 266 61.07 93.78 -46.19
CA ALA N 266 62.00 92.93 -45.45
C ALA N 266 62.54 93.77 -44.29
N GLN N 267 61.87 93.68 -43.14
CA GLN N 267 62.25 94.48 -41.98
C GLN N 267 63.56 94.02 -41.36
N VAL N 268 64.10 92.87 -41.76
CA VAL N 268 65.42 92.47 -41.31
C VAL N 268 66.46 93.31 -42.03
N LYS N 269 67.38 93.90 -41.26
CA LYS N 269 68.36 94.81 -41.84
C LYS N 269 69.75 94.55 -41.28
N PRO N 270 70.73 94.28 -42.14
CA PRO N 270 72.11 94.14 -41.67
C PRO N 270 72.73 95.51 -41.41
N THR N 271 73.91 95.48 -40.80
CA THR N 271 74.63 96.71 -40.50
C THR N 271 76.14 96.53 -40.70
#